data_1WPL
#
_entry.id   1WPL
#
_cell.length_a   121.720
_cell.length_b   109.670
_cell.length_c   130.270
_cell.angle_alpha   90.00
_cell.angle_beta   97.85
_cell.angle_gamma   90.00
#
_symmetry.space_group_name_H-M   'P 1 21 1'
#
loop_
_entity.id
_entity.type
_entity.pdbx_description
1 polymer 'GTP cyclohydrolase I'
2 polymer 'GTP cyclohydrolase I feedback regulatory protein'
3 non-polymer 'ZINC ION'
4 non-polymer 7,8-DIHYDROBIOPTERIN
5 non-polymer TRIPHOSPHATE
6 non-polymer 'SODIUM ION'
7 water water
#
loop_
_entity_poly.entity_id
_entity_poly.type
_entity_poly.pdbx_seq_one_letter_code
_entity_poly.pdbx_strand_id
1 'polypeptide(L)'
;GFPERELPRPGASRPAEKSRPPEAKGAQPADAWKAGRPRSEEDNELNLPNLAAAYSSILRSLGEDPQRQGLLKTPWRAAT
AMQFFTKGYQETISDVLNDAIFDEDHDEMVIVKDIDMFSMCEHHLVPFVGRVHIGYLPNKQVLGLSKLARIVEIYSRRLQ
VQERLTKQIAVAITEALQPAGVGVVIEATHMCMVMRGVQKMNSKTVTSTMLGVFREDPKTREEFLTLIRS
;
A,B,C,D,E,F,G,H,I,J
2 'polypeptide(L)'
;MPYLLISTQIRMEVGPTMVGDEHSDPELMQQLGASKRRVLGNNFYEYYVNDPPRIVLDKLECRGFRVLSMTGVGQTLVWC
LHKE
;
K,L,M,N,O,P,Q,R,S,T
#
# COMPACT_ATOMS: atom_id res chain seq x y z
N ARG A 37 24.42 -13.16 40.62
CA ARG A 37 24.15 -11.70 40.86
C ARG A 37 24.25 -10.92 39.55
N PRO A 38 23.37 -9.93 39.35
CA PRO A 38 23.38 -9.12 38.13
C PRO A 38 24.62 -8.23 38.04
N ARG A 39 24.92 -7.75 36.82
CA ARG A 39 26.07 -6.88 36.59
C ARG A 39 25.76 -5.54 37.26
N SER A 40 26.78 -4.75 37.58
CA SER A 40 26.53 -3.47 38.24
C SER A 40 27.27 -2.32 37.57
N GLU A 41 26.90 -1.08 37.91
CA GLU A 41 27.54 0.10 37.35
C GLU A 41 29.03 0.12 37.68
N GLU A 42 29.39 -0.46 38.82
CA GLU A 42 30.79 -0.53 39.23
C GLU A 42 31.51 -1.50 38.31
N ASP A 43 30.85 -2.61 37.99
CA ASP A 43 31.44 -3.62 37.10
C ASP A 43 31.74 -3.01 35.74
N ASN A 44 30.86 -2.12 35.30
CA ASN A 44 31.04 -1.48 34.00
C ASN A 44 32.22 -0.53 34.00
N GLU A 45 32.41 0.18 35.11
CA GLU A 45 33.55 1.10 35.20
C GLU A 45 34.86 0.33 35.18
N LEU A 46 34.95 -0.70 36.02
CA LEU A 46 36.16 -1.49 36.09
C LEU A 46 36.51 -2.13 34.76
N ASN A 47 35.49 -2.64 34.07
CA ASN A 47 35.71 -3.33 32.79
C ASN A 47 35.78 -2.45 31.53
N LEU A 48 35.36 -1.20 31.65
CA LEU A 48 35.38 -0.30 30.49
C LEU A 48 36.76 -0.22 29.85
N PRO A 49 37.83 -0.04 30.66
CA PRO A 49 39.17 0.05 30.09
C PRO A 49 39.58 -1.19 29.29
N ASN A 50 39.31 -2.38 29.83
CA ASN A 50 39.67 -3.61 29.12
C ASN A 50 38.93 -3.72 27.79
N LEU A 51 37.65 -3.37 27.79
CA LEU A 51 36.84 -3.42 26.58
C LEU A 51 37.47 -2.49 25.55
N ALA A 52 37.63 -1.22 25.95
CA ALA A 52 38.25 -0.21 25.10
C ALA A 52 39.58 -0.72 24.54
N ALA A 53 40.36 -1.37 25.40
CA ALA A 53 41.66 -1.92 25.00
C ALA A 53 41.48 -3.00 23.94
N ALA A 54 40.47 -3.84 24.13
CA ALA A 54 40.20 -4.93 23.20
C ALA A 54 39.76 -4.40 21.85
N TYR A 55 38.93 -3.35 21.86
CA TYR A 55 38.44 -2.76 20.62
C TYR A 55 39.57 -2.06 19.89
N SER A 56 40.45 -1.43 20.66
CA SER A 56 41.59 -0.74 20.07
C SER A 56 42.44 -1.81 19.37
N SER A 57 42.61 -2.93 20.03
CA SER A 57 43.38 -4.01 19.45
C SER A 57 42.76 -4.48 18.13
N ILE A 58 41.43 -4.57 18.11
CA ILE A 58 40.68 -5.04 16.94
C ILE A 58 40.90 -4.10 15.76
N LEU A 59 40.89 -2.80 16.04
CA LEU A 59 41.09 -1.83 14.99
C LEU A 59 42.43 -2.10 14.31
N ARG A 60 43.50 -2.29 15.09
CA ARG A 60 44.81 -2.56 14.51
C ARG A 60 44.82 -3.89 13.78
N SER A 61 44.18 -4.89 14.35
CA SER A 61 44.16 -6.21 13.73
C SER A 61 43.35 -6.23 12.42
N LEU A 62 42.60 -5.16 12.16
CA LEU A 62 41.80 -5.09 10.94
C LEU A 62 42.54 -4.35 9.83
N GLY A 63 43.57 -3.62 10.22
CA GLY A 63 44.36 -2.88 9.25
C GLY A 63 44.18 -1.37 9.39
N GLU A 64 43.39 -0.95 10.37
CA GLU A 64 43.16 0.47 10.56
C GLU A 64 44.17 1.12 11.48
N ASP A 65 44.15 2.44 11.51
CA ASP A 65 45.05 3.19 12.36
C ASP A 65 44.21 3.80 13.46
N PRO A 66 44.35 3.29 14.69
CA PRO A 66 43.59 3.79 15.85
C PRO A 66 43.87 5.24 16.18
N GLN A 67 44.88 5.80 15.52
CA GLN A 67 45.26 7.19 15.75
C GLN A 67 44.50 8.13 14.81
N ARG A 68 44.08 7.59 13.67
CA ARG A 68 43.34 8.33 12.67
C ARG A 68 42.24 9.16 13.36
N GLN A 69 42.05 10.39 12.89
CA GLN A 69 41.06 11.31 13.46
C GLN A 69 39.73 10.72 13.95
N GLY A 70 38.92 10.21 13.03
CA GLY A 70 37.63 9.65 13.42
C GLY A 70 37.62 8.29 14.08
N LEU A 71 38.79 7.81 14.52
CA LEU A 71 38.87 6.51 15.15
C LEU A 71 39.42 6.63 16.56
N LEU A 72 39.83 7.84 16.93
CA LEU A 72 40.40 8.07 18.26
C LEU A 72 39.51 7.61 19.40
N LYS A 73 38.35 8.22 19.53
CA LYS A 73 37.44 7.87 20.60
C LYS A 73 36.65 6.58 20.33
N THR A 74 36.93 5.92 19.21
CA THR A 74 36.19 4.71 18.88
C THR A 74 36.28 3.61 19.95
N PRO A 75 37.49 3.26 20.40
CA PRO A 75 37.60 2.21 21.42
C PRO A 75 36.65 2.38 22.61
N TRP A 76 36.39 3.63 23.01
CA TRP A 76 35.51 3.86 24.14
C TRP A 76 34.06 3.84 23.72
N ARG A 77 33.77 4.45 22.57
CA ARG A 77 32.39 4.49 22.09
C ARG A 77 31.89 3.10 21.81
N ALA A 78 32.76 2.26 21.26
CA ALA A 78 32.40 0.89 20.95
C ALA A 78 32.16 0.12 22.25
N ALA A 79 33.04 0.29 23.21
CA ALA A 79 32.90 -0.39 24.49
C ALA A 79 31.60 0.02 25.17
N THR A 80 31.40 1.33 25.32
CA THR A 80 30.20 1.85 25.96
C THR A 80 28.93 1.34 25.29
N ALA A 81 28.97 1.29 23.97
CA ALA A 81 27.83 0.82 23.18
C ALA A 81 27.59 -0.67 23.43
N MET A 82 28.66 -1.46 23.45
CA MET A 82 28.52 -2.89 23.68
C MET A 82 28.03 -3.16 25.09
N GLN A 83 28.31 -2.25 26.02
CA GLN A 83 27.84 -2.43 27.40
C GLN A 83 26.36 -2.13 27.44
N PHE A 84 25.93 -1.14 26.66
CA PHE A 84 24.54 -0.76 26.60
C PHE A 84 23.71 -1.87 25.96
N PHE A 85 24.26 -2.48 24.91
CA PHE A 85 23.58 -3.56 24.20
C PHE A 85 23.40 -4.75 25.13
N THR A 86 24.25 -4.85 26.14
CA THR A 86 24.16 -5.97 27.07
C THR A 86 23.72 -5.59 28.49
N LYS A 87 23.07 -4.44 28.62
CA LYS A 87 22.61 -3.97 29.91
C LYS A 87 21.55 -4.86 30.56
N GLY A 88 21.13 -5.90 29.86
CA GLY A 88 20.12 -6.77 30.40
C GLY A 88 20.69 -7.61 31.53
N TYR A 89 21.99 -7.84 31.47
CA TYR A 89 22.66 -8.63 32.48
C TYR A 89 22.64 -7.93 33.84
N GLN A 90 22.53 -6.61 33.86
CA GLN A 90 22.53 -5.92 35.14
C GLN A 90 21.15 -5.75 35.74
N GLU A 91 20.19 -6.54 35.28
CA GLU A 91 18.82 -6.50 35.78
C GLU A 91 18.34 -7.92 36.02
N THR A 92 17.36 -8.08 36.91
CA THR A 92 16.83 -9.41 37.17
C THR A 92 15.30 -9.39 37.09
N ILE A 93 14.76 -10.39 36.40
CA ILE A 93 13.32 -10.48 36.21
C ILE A 93 12.56 -10.36 37.52
N SER A 94 13.20 -10.82 38.60
CA SER A 94 12.61 -10.79 39.94
C SER A 94 11.94 -9.46 40.24
N ASP A 95 12.66 -8.36 39.99
CA ASP A 95 12.13 -7.04 40.26
C ASP A 95 10.79 -6.80 39.58
N VAL A 96 10.82 -6.89 38.25
CA VAL A 96 9.64 -6.69 37.42
C VAL A 96 8.56 -7.76 37.64
N LEU A 97 8.98 -9.00 37.82
CA LEU A 97 8.06 -10.14 38.06
C LEU A 97 7.40 -10.11 39.45
N ASN A 98 7.60 -9.00 40.19
CA ASN A 98 7.00 -8.84 41.52
C ASN A 98 5.98 -7.70 41.58
N ASP A 99 5.57 -7.23 40.40
CA ASP A 99 4.60 -6.15 40.32
C ASP A 99 3.31 -6.61 39.63
N ALA A 100 3.01 -7.90 39.81
CA ALA A 100 1.81 -8.51 39.26
C ALA A 100 0.69 -8.01 40.15
N ILE A 101 -0.52 -7.92 39.62
CA ILE A 101 -1.66 -7.43 40.40
C ILE A 101 -2.84 -8.41 40.34
N PHE A 102 -3.50 -8.62 41.48
CA PHE A 102 -4.63 -9.54 41.50
C PHE A 102 -5.84 -8.91 40.80
N ASP A 103 -6.46 -9.70 39.93
CA ASP A 103 -7.60 -9.24 39.16
C ASP A 103 -8.16 -10.42 38.36
N GLU A 104 -9.35 -10.87 38.73
CA GLU A 104 -9.99 -11.99 38.04
C GLU A 104 -11.28 -11.47 37.43
N ASP A 105 -11.32 -10.17 37.18
CA ASP A 105 -12.50 -9.53 36.63
C ASP A 105 -12.33 -9.15 35.17
N HIS A 106 -11.13 -9.35 34.64
CA HIS A 106 -10.86 -8.99 33.25
C HIS A 106 -10.53 -10.16 32.37
N ASP A 107 -11.53 -11.01 32.14
CA ASP A 107 -11.42 -12.19 31.30
C ASP A 107 -11.49 -11.76 29.83
N GLU A 108 -10.35 -11.34 29.30
CA GLU A 108 -10.23 -10.87 27.93
C GLU A 108 -8.78 -11.05 27.51
N MET A 109 -8.52 -11.04 26.22
CA MET A 109 -7.16 -11.22 25.73
C MET A 109 -6.43 -9.89 25.72
N VAL A 110 -5.23 -9.90 26.27
CA VAL A 110 -4.41 -8.71 26.36
C VAL A 110 -3.21 -8.91 25.45
N ILE A 111 -3.00 -7.95 24.56
CA ILE A 111 -1.90 -8.04 23.62
C ILE A 111 -1.15 -6.71 23.53
N VAL A 112 0.17 -6.83 23.46
CA VAL A 112 1.02 -5.68 23.29
C VAL A 112 1.87 -6.10 22.09
N LYS A 113 1.54 -5.57 20.93
CA LYS A 113 2.26 -5.91 19.71
C LYS A 113 3.21 -4.82 19.26
N ASP A 114 4.09 -5.19 18.34
CA ASP A 114 5.05 -4.27 17.75
C ASP A 114 6.01 -3.65 18.75
N ILE A 115 6.45 -4.47 19.70
CA ILE A 115 7.42 -4.00 20.67
C ILE A 115 8.76 -4.07 19.94
N ASP A 116 9.40 -2.93 19.75
CA ASP A 116 10.69 -2.89 19.07
C ASP A 116 11.71 -3.60 19.90
N MET A 117 12.54 -4.41 19.26
CA MET A 117 13.55 -5.09 20.02
C MET A 117 14.88 -5.17 19.27
N PHE A 118 15.94 -4.93 20.04
CA PHE A 118 17.26 -4.94 19.49
C PHE A 118 18.10 -5.85 20.36
N SER A 119 18.76 -6.82 19.72
CA SER A 119 19.58 -7.75 20.46
C SER A 119 20.88 -8.05 19.70
N MET A 120 21.74 -8.85 20.32
CA MET A 120 23.03 -9.24 19.73
C MET A 120 23.07 -10.75 19.67
N CYS A 121 23.34 -11.32 18.50
CA CYS A 121 23.42 -12.78 18.43
C CYS A 121 24.73 -13.19 19.10
N GLU A 122 24.64 -14.18 19.99
CA GLU A 122 25.82 -14.63 20.73
C GLU A 122 26.84 -15.33 19.87
N HIS A 123 26.44 -15.79 18.70
CA HIS A 123 27.34 -16.51 17.82
C HIS A 123 28.36 -15.63 17.09
N HIS A 124 27.92 -14.48 16.58
CA HIS A 124 28.82 -13.59 15.84
C HIS A 124 28.94 -12.20 16.44
N LEU A 125 28.16 -11.91 17.47
CA LEU A 125 28.20 -10.61 18.09
C LEU A 125 27.79 -9.51 17.12
N VAL A 126 26.82 -9.83 16.26
CA VAL A 126 26.28 -8.88 15.30
C VAL A 126 24.85 -8.76 15.80
N PRO A 127 24.23 -7.58 15.66
CA PRO A 127 22.87 -7.50 16.17
C PRO A 127 21.76 -8.03 15.28
N PHE A 128 20.69 -8.53 15.91
CA PHE A 128 19.53 -8.96 15.15
C PHE A 128 18.41 -8.10 15.71
N VAL A 129 17.62 -7.50 14.82
CA VAL A 129 16.56 -6.60 15.25
C VAL A 129 15.22 -6.91 14.64
N GLY A 130 14.16 -6.50 15.32
CA GLY A 130 12.82 -6.76 14.83
C GLY A 130 11.77 -6.38 15.85
N ARG A 131 10.68 -7.16 15.90
CA ARG A 131 9.60 -6.85 16.84
C ARG A 131 9.12 -8.05 17.63
N VAL A 132 8.55 -7.77 18.79
CA VAL A 132 8.02 -8.83 19.64
C VAL A 132 6.54 -8.60 19.83
N HIS A 133 5.77 -9.68 19.77
CA HIS A 133 4.34 -9.59 19.95
C HIS A 133 3.97 -10.49 21.10
N ILE A 134 3.34 -9.90 22.11
CA ILE A 134 2.96 -10.66 23.29
C ILE A 134 1.46 -10.65 23.54
N GLY A 135 0.95 -11.79 23.97
CA GLY A 135 -0.46 -11.89 24.27
C GLY A 135 -0.71 -12.88 25.39
N TYR A 136 -1.75 -12.66 26.18
CA TYR A 136 -2.09 -13.60 27.23
C TYR A 136 -3.53 -13.49 27.64
N LEU A 137 -4.01 -14.56 28.27
CA LEU A 137 -5.36 -14.67 28.77
C LEU A 137 -5.11 -14.86 30.26
N PRO A 138 -5.52 -13.90 31.08
CA PRO A 138 -5.31 -14.02 32.52
C PRO A 138 -6.24 -14.97 33.27
N ASN A 139 -5.80 -15.41 34.44
CA ASN A 139 -6.63 -16.25 35.29
C ASN A 139 -7.03 -15.30 36.40
N LYS A 140 -6.16 -15.14 37.39
CA LYS A 140 -6.47 -14.25 38.50
C LYS A 140 -5.51 -13.08 38.60
N GLN A 141 -4.38 -13.16 37.90
CA GLN A 141 -3.40 -12.07 37.95
C GLN A 141 -3.11 -11.42 36.60
N VAL A 142 -2.93 -10.11 36.64
CA VAL A 142 -2.65 -9.31 35.46
C VAL A 142 -1.27 -8.64 35.64
N LEU A 143 -0.73 -8.09 34.55
CA LEU A 143 0.58 -7.43 34.57
C LEU A 143 0.44 -6.09 33.86
N GLY A 144 1.10 -5.05 34.37
CA GLY A 144 1.01 -3.74 33.74
C GLY A 144 1.60 -3.81 32.34
N LEU A 145 0.93 -3.17 31.38
CA LEU A 145 1.39 -3.18 29.99
C LEU A 145 2.86 -2.81 29.81
N SER A 146 3.29 -1.72 30.45
CA SER A 146 4.67 -1.30 30.30
C SER A 146 5.62 -2.36 30.84
N LYS A 147 5.15 -3.15 31.80
CA LYS A 147 5.97 -4.21 32.41
C LYS A 147 6.26 -5.33 31.42
N LEU A 148 5.32 -5.58 30.51
CA LEU A 148 5.51 -6.62 29.50
C LEU A 148 6.69 -6.21 28.64
N ALA A 149 6.73 -4.94 28.27
CA ALA A 149 7.82 -4.42 27.46
C ALA A 149 9.15 -4.51 28.21
N ARG A 150 9.13 -4.22 29.50
CA ARG A 150 10.36 -4.28 30.27
C ARG A 150 10.92 -5.69 30.32
N ILE A 151 10.04 -6.69 30.25
CA ILE A 151 10.50 -8.07 30.26
C ILE A 151 11.29 -8.29 28.98
N VAL A 152 10.80 -7.73 27.88
CA VAL A 152 11.48 -7.87 26.61
C VAL A 152 12.87 -7.22 26.68
N GLU A 153 12.96 -6.02 27.26
CA GLU A 153 14.23 -5.33 27.37
C GLU A 153 15.29 -6.04 28.20
N ILE A 154 14.87 -6.65 29.31
CA ILE A 154 15.80 -7.36 30.18
C ILE A 154 16.47 -8.54 29.49
N TYR A 155 15.71 -9.27 28.68
CA TYR A 155 16.25 -10.43 27.99
C TYR A 155 16.84 -10.17 26.62
N SER A 156 16.30 -9.19 25.91
CA SER A 156 16.80 -8.91 24.57
C SER A 156 18.15 -8.21 24.61
N ARG A 157 18.34 -7.41 25.65
CA ARG A 157 19.57 -6.66 25.85
C ARG A 157 20.70 -7.54 26.41
N ARG A 158 20.99 -8.65 25.72
CA ARG A 158 22.03 -9.61 26.13
C ARG A 158 22.57 -10.32 24.90
N LEU A 159 23.57 -11.18 25.06
CA LEU A 159 24.05 -11.91 23.88
C LEU A 159 22.95 -12.96 23.82
N GLN A 160 22.34 -13.14 22.66
CA GLN A 160 21.22 -14.07 22.58
C GLN A 160 21.13 -15.00 21.41
N VAL A 161 20.05 -15.77 21.43
CA VAL A 161 19.67 -16.72 20.39
C VAL A 161 18.18 -16.43 20.35
N GLN A 162 17.62 -16.18 19.16
CA GLN A 162 16.21 -15.83 19.12
C GLN A 162 15.26 -16.79 19.85
N GLU A 163 15.49 -18.10 19.74
CA GLU A 163 14.64 -19.10 20.38
C GLU A 163 14.64 -18.98 21.89
N ARG A 164 15.82 -18.78 22.48
CA ARG A 164 15.92 -18.63 23.92
C ARG A 164 15.20 -17.36 24.35
N LEU A 165 15.48 -16.26 23.68
CA LEU A 165 14.84 -14.99 23.99
C LEU A 165 13.32 -15.18 24.07
N THR A 166 12.76 -15.78 23.02
CA THR A 166 11.32 -16.03 22.96
C THR A 166 10.82 -16.78 24.18
N LYS A 167 11.44 -17.91 24.47
CA LYS A 167 11.04 -18.72 25.61
C LYS A 167 11.17 -17.98 26.95
N GLN A 168 12.26 -17.25 27.13
CA GLN A 168 12.48 -16.51 28.37
C GLN A 168 11.38 -15.50 28.61
N ILE A 169 10.91 -14.86 27.54
CA ILE A 169 9.86 -13.86 27.68
C ILE A 169 8.56 -14.56 28.08
N ALA A 170 8.26 -15.65 27.39
CA ALA A 170 7.07 -16.44 27.66
C ALA A 170 7.07 -17.01 29.08
N VAL A 171 8.18 -17.61 29.48
CA VAL A 171 8.30 -18.18 30.81
C VAL A 171 8.14 -17.12 31.89
N ALA A 172 8.68 -15.93 31.66
CA ALA A 172 8.58 -14.88 32.66
C ALA A 172 7.11 -14.56 32.91
N ILE A 173 6.38 -14.31 31.83
CA ILE A 173 4.96 -13.99 31.91
C ILE A 173 4.19 -15.14 32.54
N THR A 174 4.57 -16.36 32.20
CA THR A 174 3.90 -17.52 32.76
C THR A 174 4.07 -17.59 34.28
N GLU A 175 5.32 -17.54 34.74
CA GLU A 175 5.61 -17.62 36.16
C GLU A 175 5.10 -16.44 36.97
N ALA A 176 5.00 -15.27 36.35
CA ALA A 176 4.53 -14.09 37.07
C ALA A 176 3.01 -14.01 37.21
N LEU A 177 2.28 -14.61 36.26
CA LEU A 177 0.83 -14.55 36.24
C LEU A 177 0.03 -15.86 36.31
N GLN A 178 0.65 -17.00 36.00
CA GLN A 178 -0.08 -18.27 35.99
C GLN A 178 -1.31 -18.00 35.16
N PRO A 179 -1.14 -17.58 33.91
CA PRO A 179 -2.30 -17.28 33.08
C PRO A 179 -2.94 -18.51 32.44
N ALA A 180 -4.12 -18.31 31.86
CA ALA A 180 -4.81 -19.39 31.18
C ALA A 180 -3.97 -19.79 29.96
N GLY A 181 -3.26 -18.81 29.41
CA GLY A 181 -2.42 -19.04 28.26
C GLY A 181 -1.58 -17.82 27.94
N VAL A 182 -0.60 -18.01 27.07
CA VAL A 182 0.26 -16.91 26.66
C VAL A 182 0.88 -17.21 25.29
N GLY A 183 1.09 -16.15 24.51
CA GLY A 183 1.70 -16.28 23.21
C GLY A 183 2.78 -15.24 23.01
N VAL A 184 3.89 -15.65 22.42
CA VAL A 184 4.98 -14.73 22.15
C VAL A 184 5.55 -15.04 20.77
N VAL A 185 5.56 -14.02 19.92
CA VAL A 185 6.08 -14.15 18.57
C VAL A 185 7.15 -13.10 18.36
N ILE A 186 8.27 -13.53 17.79
CA ILE A 186 9.35 -12.61 17.53
C ILE A 186 9.73 -12.67 16.06
N GLU A 187 9.72 -11.51 15.41
CA GLU A 187 10.08 -11.38 14.01
C GLU A 187 11.30 -10.49 13.98
N ALA A 188 12.40 -11.00 13.44
CA ALA A 188 13.61 -10.22 13.41
C ALA A 188 14.52 -10.52 12.24
N THR A 189 15.35 -9.55 11.92
CA THR A 189 16.33 -9.67 10.85
C THR A 189 17.64 -9.88 11.55
N HIS A 190 18.36 -10.95 11.15
CA HIS A 190 19.67 -11.23 11.72
C HIS A 190 20.70 -10.69 10.75
N MET A 191 21.41 -9.65 11.17
CA MET A 191 22.42 -9.01 10.35
C MET A 191 23.51 -9.95 9.87
N CYS A 192 23.78 -11.00 10.65
CA CYS A 192 24.82 -11.97 10.29
C CYS A 192 24.37 -12.88 9.16
N MET A 193 23.13 -12.70 8.71
CA MET A 193 22.59 -13.51 7.61
C MET A 193 22.33 -12.62 6.41
N VAL A 194 22.34 -11.32 6.64
CA VAL A 194 22.11 -10.34 5.58
C VAL A 194 23.46 -9.80 5.09
N MET A 195 24.27 -9.33 6.04
CA MET A 195 25.58 -8.76 5.76
C MET A 195 26.67 -9.80 5.48
N ARG A 196 26.39 -11.08 5.71
CA ARG A 196 27.41 -12.10 5.48
C ARG A 196 26.83 -13.52 5.36
N GLY A 197 27.73 -14.50 5.38
CA GLY A 197 27.32 -15.89 5.30
C GLY A 197 26.44 -16.17 4.12
N VAL A 198 25.23 -16.67 4.38
CA VAL A 198 24.26 -16.98 3.33
C VAL A 198 23.80 -15.74 2.58
N GLN A 199 24.09 -14.58 3.17
CA GLN A 199 23.73 -13.28 2.61
C GLN A 199 22.34 -13.23 1.96
N LYS A 200 21.32 -13.42 2.77
CA LYS A 200 19.96 -13.39 2.27
C LYS A 200 19.28 -12.12 2.80
N MET A 201 19.26 -11.08 1.98
CA MET A 201 18.59 -9.84 2.38
C MET A 201 17.13 -10.22 2.33
N ASN A 202 16.25 -9.38 2.87
CA ASN A 202 14.81 -9.68 2.85
C ASN A 202 14.44 -10.81 3.81
N SER A 203 15.38 -11.71 4.06
CA SER A 203 15.18 -12.84 4.94
C SER A 203 14.86 -12.47 6.38
N LYS A 204 13.91 -13.16 6.99
CA LYS A 204 13.55 -12.90 8.37
C LYS A 204 13.32 -14.18 9.17
N THR A 205 13.61 -14.13 10.44
CA THR A 205 13.43 -15.26 11.33
C THR A 205 12.27 -14.99 12.28
N VAL A 206 11.30 -15.89 12.30
CA VAL A 206 10.15 -15.74 13.19
C VAL A 206 10.12 -16.94 14.13
N THR A 207 9.96 -16.66 15.41
CA THR A 207 9.89 -17.69 16.43
C THR A 207 8.56 -17.49 17.15
N SER A 208 7.88 -18.59 17.45
CA SER A 208 6.60 -18.49 18.09
C SER A 208 6.36 -19.49 19.21
N THR A 209 6.02 -18.96 20.39
CA THR A 209 5.75 -19.79 21.54
C THR A 209 4.29 -19.64 21.93
N MET A 210 3.58 -20.77 21.94
CA MET A 210 2.17 -20.79 22.29
C MET A 210 2.02 -21.70 23.49
N LEU A 211 1.53 -21.15 24.61
CA LEU A 211 1.37 -21.93 25.84
C LEU A 211 -0.07 -21.92 26.33
N GLY A 212 -0.44 -22.97 27.05
CA GLY A 212 -1.78 -23.02 27.59
C GLY A 212 -2.89 -22.99 26.55
N VAL A 213 -3.94 -22.23 26.82
CA VAL A 213 -5.04 -22.15 25.89
C VAL A 213 -4.61 -21.62 24.52
N PHE A 214 -3.48 -20.90 24.48
CA PHE A 214 -3.00 -20.40 23.20
C PHE A 214 -2.56 -21.58 22.34
N ARG A 215 -2.21 -22.68 22.99
CA ARG A 215 -1.82 -23.85 22.23
C ARG A 215 -2.99 -24.81 21.98
N GLU A 216 -3.80 -25.03 23.03
CA GLU A 216 -4.93 -25.93 22.99
C GLU A 216 -6.12 -25.49 22.15
N ASP A 217 -6.59 -24.26 22.35
CA ASP A 217 -7.77 -23.74 21.66
C ASP A 217 -7.48 -23.07 20.31
N PRO A 218 -8.03 -23.63 19.22
CA PRO A 218 -7.80 -23.06 17.89
C PRO A 218 -8.41 -21.67 17.74
N LYS A 219 -9.49 -21.42 18.45
CA LYS A 219 -10.14 -20.12 18.39
C LYS A 219 -9.22 -19.08 19.00
N THR A 220 -8.63 -19.44 20.14
CA THR A 220 -7.74 -18.54 20.83
C THR A 220 -6.50 -18.19 20.01
N ARG A 221 -5.78 -19.21 19.54
CA ARG A 221 -4.57 -18.99 18.77
C ARG A 221 -4.84 -18.19 17.51
N GLU A 222 -5.92 -18.53 16.82
CA GLU A 222 -6.21 -17.79 15.60
C GLU A 222 -6.48 -16.30 15.89
N GLU A 223 -7.12 -16.02 17.03
CA GLU A 223 -7.43 -14.65 17.40
C GLU A 223 -6.17 -13.82 17.65
N PHE A 224 -5.27 -14.37 18.46
CA PHE A 224 -4.02 -13.70 18.78
C PHE A 224 -3.25 -13.41 17.48
N LEU A 225 -3.10 -14.44 16.66
CA LEU A 225 -2.41 -14.34 15.38
C LEU A 225 -3.04 -13.28 14.48
N THR A 226 -4.35 -13.07 14.57
CA THR A 226 -4.99 -12.07 13.73
C THR A 226 -4.81 -10.68 14.28
N LEU A 227 -5.02 -10.55 15.58
CA LEU A 227 -4.92 -9.26 16.24
C LEU A 227 -3.50 -8.68 16.26
N ILE A 228 -2.48 -9.52 16.05
CA ILE A 228 -1.13 -9.00 16.07
C ILE A 228 -0.67 -8.61 14.66
N ARG A 229 -1.48 -8.92 13.65
CA ARG A 229 -1.15 -8.60 12.26
C ARG A 229 -1.25 -7.12 11.89
N SER A 230 -0.68 -6.79 10.73
CA SER A 230 -0.66 -5.43 10.16
C SER A 230 -1.12 -4.33 11.13
N ARG B 37 29.92 -38.61 -6.26
CA ARG B 37 30.81 -37.56 -5.68
C ARG B 37 30.44 -36.18 -6.20
N PRO B 38 30.55 -35.15 -5.34
CA PRO B 38 30.22 -33.78 -5.76
C PRO B 38 31.18 -33.24 -6.81
N ARG B 39 30.75 -32.19 -7.53
CA ARG B 39 31.56 -31.56 -8.55
C ARG B 39 32.70 -30.87 -7.81
N SER B 40 33.80 -30.57 -8.50
CA SER B 40 34.93 -29.91 -7.84
C SER B 40 35.44 -28.71 -8.61
N GLU B 41 36.29 -27.92 -7.97
CA GLU B 41 36.87 -26.76 -8.61
C GLU B 41 37.70 -27.19 -9.82
N GLU B 42 38.34 -28.36 -9.72
CA GLU B 42 39.14 -28.87 -10.82
C GLU B 42 38.22 -29.16 -12.01
N ASP B 43 37.10 -29.83 -11.74
CA ASP B 43 36.13 -30.17 -12.76
C ASP B 43 35.71 -28.91 -13.52
N ASN B 44 35.52 -27.81 -12.78
CA ASN B 44 35.10 -26.56 -13.40
C ASN B 44 36.18 -25.99 -14.32
N GLU B 45 37.44 -26.25 -13.99
CA GLU B 45 38.54 -25.76 -14.82
C GLU B 45 38.64 -26.57 -16.11
N LEU B 46 38.56 -27.88 -15.98
CA LEU B 46 38.67 -28.75 -17.14
C LEU B 46 37.50 -28.52 -18.09
N ASN B 47 36.31 -28.32 -17.53
CA ASN B 47 35.12 -28.13 -18.34
C ASN B 47 34.81 -26.72 -18.83
N LEU B 48 35.47 -25.72 -18.26
CA LEU B 48 35.21 -24.34 -18.67
C LEU B 48 35.39 -24.10 -20.17
N PRO B 49 36.48 -24.61 -20.77
CA PRO B 49 36.68 -24.39 -22.21
C PRO B 49 35.56 -24.98 -23.06
N ASN B 50 35.12 -26.20 -22.75
CA ASN B 50 34.05 -26.82 -23.53
C ASN B 50 32.79 -25.99 -23.42
N LEU B 51 32.51 -25.49 -22.22
CA LEU B 51 31.33 -24.67 -22.00
C LEU B 51 31.48 -23.44 -22.88
N ALA B 52 32.63 -22.78 -22.75
CA ALA B 52 32.90 -21.59 -23.54
C ALA B 52 32.73 -21.89 -25.03
N ALA B 53 33.23 -23.03 -25.46
CA ALA B 53 33.13 -23.44 -26.86
C ALA B 53 31.68 -23.60 -27.27
N ALA B 54 30.88 -24.20 -26.40
CA ALA B 54 29.46 -24.45 -26.66
C ALA B 54 28.65 -23.16 -26.77
N TYR B 55 28.93 -22.21 -25.89
CA TYR B 55 28.24 -20.93 -25.90
C TYR B 55 28.64 -20.13 -27.13
N SER B 56 29.90 -20.26 -27.52
CA SER B 56 30.38 -19.55 -28.70
C SER B 56 29.65 -20.13 -29.91
N SER B 57 29.44 -21.44 -29.89
CA SER B 57 28.74 -22.08 -30.97
C SER B 57 27.30 -21.59 -31.03
N ILE B 58 26.70 -21.43 -29.85
CA ILE B 58 25.31 -20.96 -29.74
C ILE B 58 25.17 -19.58 -30.35
N LEU B 59 26.12 -18.71 -30.06
CA LEU B 59 26.10 -17.36 -30.60
C LEU B 59 26.03 -17.37 -32.12
N ARG B 60 26.89 -18.17 -32.75
CA ARG B 60 26.87 -18.26 -34.21
C ARG B 60 25.54 -18.83 -34.69
N SER B 61 25.09 -19.91 -34.07
CA SER B 61 23.83 -20.53 -34.48
C SER B 61 22.60 -19.63 -34.32
N LEU B 62 22.74 -18.55 -33.57
CA LEU B 62 21.62 -17.63 -33.35
C LEU B 62 21.62 -16.52 -34.39
N GLY B 63 22.76 -16.37 -35.06
CA GLY B 63 22.86 -15.34 -36.08
C GLY B 63 23.77 -14.20 -35.68
N GLU B 64 24.34 -14.28 -34.48
CA GLU B 64 25.25 -13.23 -33.99
C GLU B 64 26.70 -13.46 -34.43
N ASP B 65 27.51 -12.43 -34.22
CA ASP B 65 28.90 -12.47 -34.55
C ASP B 65 29.68 -12.49 -33.25
N PRO B 66 30.23 -13.66 -32.90
CA PRO B 66 31.00 -13.83 -31.67
C PRO B 66 32.23 -12.93 -31.60
N GLN B 67 32.55 -12.31 -32.73
CA GLN B 67 33.71 -11.41 -32.80
C GLN B 67 33.33 -9.99 -32.38
N ARG B 68 32.07 -9.64 -32.61
CA ARG B 68 31.52 -8.33 -32.27
C ARG B 68 31.97 -7.89 -30.87
N GLN B 69 32.37 -6.63 -30.73
CA GLN B 69 32.88 -6.08 -29.47
C GLN B 69 32.28 -6.59 -28.17
N GLY B 70 31.00 -6.32 -27.96
CA GLY B 70 30.36 -6.74 -26.72
C GLY B 70 29.98 -8.20 -26.61
N LEU B 71 30.53 -9.04 -27.47
CA LEU B 71 30.22 -10.46 -27.47
C LEU B 71 31.50 -11.29 -27.36
N LEU B 72 32.65 -10.63 -27.39
CA LEU B 72 33.95 -11.30 -27.31
C LEU B 72 34.14 -12.21 -26.10
N LYS B 73 33.99 -11.64 -24.91
CA LYS B 73 34.18 -12.39 -23.68
C LYS B 73 32.89 -13.11 -23.24
N THR B 74 31.86 -13.04 -24.07
CA THR B 74 30.61 -13.67 -23.69
C THR B 74 30.70 -15.16 -23.43
N PRO B 75 31.31 -15.92 -24.34
CA PRO B 75 31.39 -17.36 -24.10
C PRO B 75 31.95 -17.73 -22.73
N TRP B 76 32.88 -16.94 -22.20
CA TRP B 76 33.45 -17.27 -20.90
C TRP B 76 32.56 -16.77 -19.77
N ARG B 77 31.96 -15.60 -19.95
CA ARG B 77 31.08 -15.05 -18.92
C ARG B 77 29.81 -15.88 -18.77
N ALA B 78 29.32 -16.39 -19.89
CA ALA B 78 28.12 -17.23 -19.88
C ALA B 78 28.45 -18.57 -19.21
N ALA B 79 29.59 -19.14 -19.57
CA ALA B 79 30.00 -20.41 -19.00
C ALA B 79 30.18 -20.26 -17.52
N THR B 80 30.96 -19.26 -17.11
CA THR B 80 31.22 -19.04 -15.69
C THR B 80 29.92 -18.85 -14.91
N ALA B 81 29.02 -18.08 -15.49
CA ALA B 81 27.72 -17.80 -14.89
C ALA B 81 26.94 -19.09 -14.72
N MET B 82 26.94 -19.92 -15.75
CA MET B 82 26.20 -21.16 -15.69
C MET B 82 26.77 -22.10 -14.63
N GLN B 83 28.08 -22.06 -14.41
CA GLN B 83 28.70 -22.92 -13.43
C GLN B 83 28.30 -22.45 -12.05
N PHE B 84 28.12 -21.15 -11.90
CA PHE B 84 27.74 -20.58 -10.62
C PHE B 84 26.28 -20.94 -10.29
N PHE B 85 25.42 -20.87 -11.31
CA PHE B 85 24.02 -21.20 -11.16
C PHE B 85 23.87 -22.67 -10.75
N THR B 86 24.87 -23.48 -11.08
CA THR B 86 24.82 -24.90 -10.76
C THR B 86 25.86 -25.35 -9.73
N LYS B 87 26.36 -24.42 -8.94
CA LYS B 87 27.35 -24.73 -7.93
C LYS B 87 26.84 -25.63 -6.80
N GLY B 88 25.55 -25.93 -6.81
CA GLY B 88 24.99 -26.78 -5.78
C GLY B 88 25.47 -28.21 -5.94
N TYR B 89 25.80 -28.58 -7.18
CA TYR B 89 26.29 -29.92 -7.47
C TYR B 89 27.65 -30.21 -6.82
N GLN B 90 28.40 -29.15 -6.49
CA GLN B 90 29.70 -29.37 -5.86
C GLN B 90 29.66 -29.33 -4.34
N GLU B 91 28.46 -29.52 -3.79
CA GLU B 91 28.26 -29.54 -2.34
C GLU B 91 27.34 -30.72 -2.02
N THR B 92 27.47 -31.25 -0.82
CA THR B 92 26.63 -32.37 -0.39
C THR B 92 25.92 -32.03 0.92
N ILE B 93 24.63 -32.36 1.00
CA ILE B 93 23.84 -32.06 2.18
C ILE B 93 24.47 -32.64 3.46
N SER B 94 25.21 -33.73 3.31
CA SER B 94 25.86 -34.39 4.44
C SER B 94 26.56 -33.39 5.34
N ASP B 95 27.45 -32.58 4.77
CA ASP B 95 28.20 -31.60 5.52
C ASP B 95 27.30 -30.77 6.44
N VAL B 96 26.35 -30.05 5.84
CA VAL B 96 25.42 -29.19 6.57
C VAL B 96 24.51 -29.96 7.51
N LEU B 97 24.05 -31.10 7.05
CA LEU B 97 23.15 -31.97 7.81
C LEU B 97 23.82 -32.62 9.04
N ASN B 98 25.07 -32.28 9.30
CA ASN B 98 25.78 -32.85 10.44
C ASN B 98 26.05 -31.81 11.52
N ASP B 99 25.47 -30.64 11.38
CA ASP B 99 25.68 -29.58 12.35
C ASP B 99 24.42 -29.33 13.17
N ALA B 100 23.63 -30.40 13.32
CA ALA B 100 22.39 -30.39 14.10
C ALA B 100 22.78 -30.38 15.58
N ILE B 101 22.01 -29.68 16.40
CA ILE B 101 22.36 -29.60 17.81
C ILE B 101 21.26 -30.18 18.69
N PHE B 102 21.62 -30.86 19.77
CA PHE B 102 20.62 -31.41 20.65
C PHE B 102 20.04 -30.27 21.46
N ASP B 103 18.72 -30.26 21.58
CA ASP B 103 18.01 -29.23 22.32
C ASP B 103 16.52 -29.58 22.36
N GLU B 104 16.04 -29.95 23.55
CA GLU B 104 14.63 -30.31 23.72
C GLU B 104 13.97 -29.34 24.69
N ASP B 105 14.55 -28.16 24.82
CA ASP B 105 14.04 -27.14 25.73
C ASP B 105 13.33 -26.01 24.99
N HIS B 106 13.37 -26.04 23.66
CA HIS B 106 12.75 -24.98 22.88
C HIS B 106 11.58 -25.44 22.05
N ASP B 107 10.49 -25.75 22.73
CA ASP B 107 9.26 -26.20 22.09
C ASP B 107 8.53 -24.95 21.59
N GLU B 108 8.85 -24.56 20.37
CA GLU B 108 8.27 -23.39 19.74
C GLU B 108 8.47 -23.53 18.25
N MET B 109 7.66 -22.81 17.47
CA MET B 109 7.79 -22.88 16.03
C MET B 109 8.89 -21.96 15.54
N VAL B 110 9.77 -22.51 14.72
CA VAL B 110 10.88 -21.77 14.16
C VAL B 110 10.63 -21.57 12.67
N ILE B 111 10.64 -20.31 12.25
CA ILE B 111 10.42 -19.99 10.86
C ILE B 111 11.50 -19.06 10.31
N VAL B 112 11.92 -19.36 9.08
CA VAL B 112 12.86 -18.53 8.37
C VAL B 112 12.15 -18.29 7.05
N LYS B 113 11.60 -17.09 6.89
CA LYS B 113 10.86 -16.75 5.69
C LYS B 113 11.58 -15.77 4.77
N ASP B 114 11.09 -15.66 3.56
CA ASP B 114 11.63 -14.74 2.55
C ASP B 114 13.07 -15.00 2.17
N ILE B 115 13.43 -16.27 2.10
CA ILE B 115 14.77 -16.65 1.71
C ILE B 115 14.77 -16.51 0.19
N ASP B 116 15.62 -15.64 -0.32
CA ASP B 116 15.71 -15.44 -1.77
C ASP B 116 16.26 -16.70 -2.39
N MET B 117 15.68 -17.10 -3.52
CA MET B 117 16.16 -18.29 -4.17
C MET B 117 16.13 -18.10 -5.69
N PHE B 118 17.22 -18.54 -6.32
CA PHE B 118 17.38 -18.43 -7.75
C PHE B 118 17.76 -19.80 -8.24
N SER B 119 17.02 -20.30 -9.21
CA SER B 119 17.29 -21.61 -9.73
C SER B 119 17.14 -21.61 -11.26
N MET B 120 17.49 -22.74 -11.88
CA MET B 120 17.37 -22.89 -13.33
C MET B 120 16.43 -24.06 -13.59
N CYS B 121 15.39 -23.86 -14.38
CA CYS B 121 14.51 -25.01 -14.64
C CYS B 121 15.27 -25.92 -15.59
N GLU B 122 15.27 -27.23 -15.29
CA GLU B 122 15.99 -28.21 -16.10
C GLU B 122 15.41 -28.42 -17.49
N HIS B 123 14.16 -28.04 -17.68
CA HIS B 123 13.49 -28.21 -18.96
C HIS B 123 13.91 -27.23 -20.06
N HIS B 124 14.14 -25.97 -19.72
CA HIS B 124 14.53 -24.99 -20.72
C HIS B 124 15.82 -24.25 -20.40
N LEU B 125 16.38 -24.52 -19.23
CA LEU B 125 17.62 -23.87 -18.80
C LEU B 125 17.45 -22.36 -18.75
N VAL B 126 16.27 -21.94 -18.31
CA VAL B 126 15.95 -20.54 -18.12
C VAL B 126 15.74 -20.49 -16.60
N PRO B 127 16.08 -19.37 -15.95
CA PRO B 127 15.87 -19.37 -14.50
C PRO B 127 14.48 -19.12 -13.97
N PHE B 128 14.21 -19.65 -12.78
CA PHE B 128 12.95 -19.39 -12.08
C PHE B 128 13.39 -18.87 -10.72
N VAL B 129 12.80 -17.76 -10.30
CA VAL B 129 13.21 -17.11 -9.08
C VAL B 129 12.06 -16.76 -8.15
N GLY B 130 12.36 -16.66 -6.86
CA GLY B 130 11.33 -16.33 -5.91
C GLY B 130 11.80 -16.43 -4.48
N ARG B 131 10.94 -16.90 -3.59
CA ARG B 131 11.30 -17.03 -2.19
C ARG B 131 10.95 -18.38 -1.59
N VAL B 132 11.66 -18.76 -0.55
CA VAL B 132 11.36 -20.01 0.13
C VAL B 132 11.04 -19.69 1.58
N HIS B 133 10.02 -20.36 2.11
CA HIS B 133 9.61 -20.16 3.49
C HIS B 133 9.69 -21.50 4.18
N ILE B 134 10.49 -21.55 5.24
CA ILE B 134 10.69 -22.78 6.00
C ILE B 134 10.23 -22.66 7.42
N GLY B 135 9.67 -23.74 7.93
CA GLY B 135 9.20 -23.75 9.30
C GLY B 135 9.28 -25.14 9.87
N TYR B 136 9.48 -25.25 11.18
CA TYR B 136 9.51 -26.56 11.81
C TYR B 136 9.25 -26.46 13.32
N LEU B 137 8.88 -27.60 13.88
CA LEU B 137 8.59 -27.75 15.31
C LEU B 137 9.58 -28.84 15.69
N PRO B 138 10.54 -28.49 16.54
CA PRO B 138 11.53 -29.48 16.93
C PRO B 138 11.07 -30.50 17.95
N ASN B 139 11.78 -31.61 17.99
CA ASN B 139 11.54 -32.66 18.97
C ASN B 139 12.68 -32.51 19.95
N LYS B 140 13.84 -33.05 19.58
CA LYS B 140 15.03 -32.98 20.42
C LYS B 140 16.21 -32.32 19.74
N GLN B 141 16.09 -32.08 18.44
CA GLN B 141 17.18 -31.46 17.70
C GLN B 141 16.80 -30.17 16.97
N VAL B 142 17.73 -29.23 16.98
CA VAL B 142 17.55 -27.93 16.34
C VAL B 142 18.62 -27.75 15.27
N LEU B 143 18.44 -26.75 14.41
CA LEU B 143 19.38 -26.47 13.33
C LEU B 143 19.62 -24.98 13.29
N GLY B 144 20.87 -24.57 13.07
CA GLY B 144 21.18 -23.16 13.00
C GLY B 144 20.40 -22.48 11.89
N LEU B 145 19.89 -21.28 12.17
CA LEU B 145 19.10 -20.54 11.19
C LEU B 145 19.80 -20.38 9.84
N SER B 146 21.09 -20.05 9.85
CA SER B 146 21.81 -19.88 8.61
C SER B 146 21.97 -21.20 7.86
N LYS B 147 21.94 -22.31 8.61
CA LYS B 147 22.07 -23.64 8.01
C LYS B 147 20.83 -24.00 7.21
N LEU B 148 19.68 -23.50 7.65
CA LEU B 148 18.45 -23.76 6.91
C LEU B 148 18.61 -23.15 5.54
N ALA B 149 19.10 -21.91 5.51
CA ALA B 149 19.30 -21.20 4.25
C ALA B 149 20.27 -21.95 3.36
N ARG B 150 21.35 -22.46 3.94
CA ARG B 150 22.34 -23.18 3.13
C ARG B 150 21.73 -24.42 2.48
N ILE B 151 20.71 -24.99 3.10
CA ILE B 151 20.05 -26.15 2.52
C ILE B 151 19.35 -25.69 1.24
N VAL B 152 18.77 -24.50 1.29
CA VAL B 152 18.09 -23.96 0.11
C VAL B 152 19.07 -23.69 -1.03
N GLU B 153 20.26 -23.19 -0.70
CA GLU B 153 21.27 -22.89 -1.71
C GLU B 153 21.80 -24.15 -2.38
N ILE B 154 22.05 -25.19 -1.59
CA ILE B 154 22.58 -26.43 -2.12
C ILE B 154 21.71 -27.05 -3.19
N TYR B 155 20.39 -27.04 -2.97
CA TYR B 155 19.46 -27.62 -3.92
C TYR B 155 18.94 -26.66 -4.98
N SER B 156 18.78 -25.40 -4.64
CA SER B 156 18.27 -24.44 -5.63
C SER B 156 19.28 -24.17 -6.73
N ARG B 157 20.56 -24.18 -6.36
CA ARG B 157 21.65 -23.95 -7.29
C ARG B 157 21.96 -25.20 -8.14
N ARG B 158 20.97 -25.70 -8.87
CA ARG B 158 21.12 -26.88 -9.73
C ARG B 158 20.08 -26.78 -10.83
N LEU B 159 20.08 -27.71 -11.76
CA LEU B 159 19.04 -27.68 -12.78
C LEU B 159 17.89 -28.31 -11.99
N GLN B 160 16.74 -27.63 -11.92
CA GLN B 160 15.65 -28.15 -11.09
C GLN B 160 14.24 -28.15 -11.65
N VAL B 161 13.35 -28.60 -10.77
CA VAL B 161 11.91 -28.64 -11.01
C VAL B 161 11.43 -28.13 -9.66
N GLN B 162 10.53 -27.16 -9.63
CA GLN B 162 10.11 -26.62 -8.33
C GLN B 162 9.62 -27.64 -7.31
N GLU B 163 8.88 -28.64 -7.76
CA GLU B 163 8.38 -29.66 -6.85
C GLU B 163 9.51 -30.44 -6.19
N ARG B 164 10.50 -30.84 -6.97
CA ARG B 164 11.62 -31.58 -6.41
C ARG B 164 12.37 -30.71 -5.43
N LEU B 165 12.64 -29.46 -5.80
CA LEU B 165 13.36 -28.55 -4.93
C LEU B 165 12.67 -28.44 -3.57
N THR B 166 11.36 -28.29 -3.58
CA THR B 166 10.60 -28.18 -2.35
C THR B 166 10.77 -29.42 -1.49
N LYS B 167 10.57 -30.58 -2.10
CA LYS B 167 10.69 -31.83 -1.38
C LYS B 167 12.09 -32.06 -0.79
N GLN B 168 13.12 -31.80 -1.58
CA GLN B 168 14.48 -32.01 -1.11
C GLN B 168 14.80 -31.18 0.10
N ILE B 169 14.30 -29.94 0.12
CA ILE B 169 14.56 -29.05 1.24
C ILE B 169 13.89 -29.64 2.47
N ALA B 170 12.64 -30.04 2.30
CA ALA B 170 11.84 -30.62 3.37
C ALA B 170 12.45 -31.90 3.88
N VAL B 171 12.84 -32.78 2.97
CA VAL B 171 13.43 -34.05 3.37
C VAL B 171 14.74 -33.87 4.11
N ALA B 172 15.52 -32.86 3.73
CA ALA B 172 16.78 -32.63 4.39
C ALA B 172 16.52 -32.27 5.84
N ILE B 173 15.66 -31.28 6.06
CA ILE B 173 15.35 -30.84 7.41
C ILE B 173 14.80 -31.98 8.25
N THR B 174 14.00 -32.83 7.61
CA THR B 174 13.40 -33.96 8.30
C THR B 174 14.45 -34.94 8.77
N GLU B 175 15.33 -35.35 7.85
CA GLU B 175 16.37 -36.31 8.17
C GLU B 175 17.44 -35.77 9.10
N ALA B 176 17.61 -34.45 9.13
CA ALA B 176 18.62 -33.87 10.00
C ALA B 176 18.11 -33.63 11.41
N LEU B 177 16.81 -33.44 11.55
CA LEU B 177 16.22 -33.12 12.85
C LEU B 177 15.16 -34.05 13.43
N GLN B 178 14.52 -34.91 12.62
CA GLN B 178 13.45 -35.76 13.13
C GLN B 178 12.49 -34.85 13.91
N PRO B 179 12.05 -33.77 13.28
CA PRO B 179 11.14 -32.86 13.99
C PRO B 179 9.70 -33.35 14.16
N ALA B 180 8.94 -32.65 14.99
CA ALA B 180 7.54 -32.97 15.19
C ALA B 180 6.84 -32.70 13.86
N GLY B 181 7.37 -31.74 13.11
CA GLY B 181 6.80 -31.40 11.81
C GLY B 181 7.64 -30.36 11.10
N VAL B 182 7.36 -30.16 9.82
CA VAL B 182 8.07 -29.19 9.02
C VAL B 182 7.24 -28.72 7.83
N GLY B 183 7.38 -27.45 7.49
CA GLY B 183 6.66 -26.91 6.37
C GLY B 183 7.61 -26.16 5.47
N VAL B 184 7.42 -26.31 4.15
CA VAL B 184 8.25 -25.63 3.18
C VAL B 184 7.37 -25.15 2.05
N VAL B 185 7.38 -23.84 1.83
CA VAL B 185 6.60 -23.23 0.77
C VAL B 185 7.54 -22.48 -0.16
N ILE B 186 7.33 -22.64 -1.45
CA ILE B 186 8.15 -21.94 -2.42
C ILE B 186 7.28 -21.17 -3.43
N GLU B 187 7.56 -19.87 -3.54
CA GLU B 187 6.84 -19.00 -4.47
C GLU B 187 7.86 -18.48 -5.47
N ALA B 188 7.63 -18.74 -6.74
CA ALA B 188 8.57 -18.32 -7.76
C ALA B 188 7.96 -18.00 -9.10
N THR B 189 8.71 -17.24 -9.88
CA THR B 189 8.29 -16.85 -11.22
C THR B 189 9.16 -17.66 -12.19
N HIS B 190 8.52 -18.41 -13.07
CA HIS B 190 9.28 -19.19 -14.02
C HIS B 190 9.40 -18.35 -15.30
N MET B 191 10.62 -17.91 -15.60
CA MET B 191 10.86 -17.08 -16.78
C MET B 191 10.40 -17.74 -18.07
N CYS B 192 10.46 -19.07 -18.13
CA CYS B 192 10.04 -19.77 -19.35
C CYS B 192 8.53 -19.76 -19.53
N MET B 193 7.82 -19.15 -18.58
CA MET B 193 6.37 -19.05 -18.65
C MET B 193 5.96 -17.59 -18.83
N VAL B 194 6.91 -16.69 -18.55
CA VAL B 194 6.67 -15.26 -18.68
C VAL B 194 7.22 -14.75 -20.02
N MET B 195 8.47 -15.12 -20.30
CA MET B 195 9.17 -14.72 -21.51
C MET B 195 8.81 -15.54 -22.74
N ARG B 196 8.07 -16.63 -22.57
CA ARG B 196 7.72 -17.48 -23.72
C ARG B 196 6.57 -18.42 -23.43
N GLY B 197 6.33 -19.33 -24.38
CA GLY B 197 5.27 -20.31 -24.24
C GLY B 197 3.90 -19.71 -23.98
N VAL B 198 3.32 -20.03 -22.82
CA VAL B 198 2.01 -19.52 -22.42
C VAL B 198 2.05 -18.02 -22.14
N GLN B 199 3.27 -17.49 -22.04
CA GLN B 199 3.56 -16.08 -21.78
C GLN B 199 2.59 -15.38 -20.84
N LYS B 200 2.54 -15.86 -19.60
CA LYS B 200 1.67 -15.30 -18.59
C LYS B 200 2.53 -14.50 -17.61
N MET B 201 2.56 -13.19 -17.78
CA MET B 201 3.32 -12.35 -16.86
C MET B 201 2.46 -12.40 -15.61
N ASN B 202 2.95 -11.88 -14.49
CA ASN B 202 2.18 -11.88 -13.24
C ASN B 202 2.01 -13.28 -12.65
N SER B 203 2.04 -14.29 -13.52
CA SER B 203 1.86 -15.68 -13.09
C SER B 203 2.94 -16.19 -12.15
N LYS B 204 2.53 -16.89 -11.10
CA LYS B 204 3.47 -17.45 -10.13
C LYS B 204 3.13 -18.87 -9.75
N THR B 205 4.17 -19.66 -9.50
CA THR B 205 4.02 -21.05 -9.11
C THR B 205 4.33 -21.22 -7.64
N VAL B 206 3.38 -21.75 -6.88
CA VAL B 206 3.59 -21.97 -5.45
C VAL B 206 3.53 -23.46 -5.17
N THR B 207 4.54 -23.96 -4.47
CA THR B 207 4.60 -25.37 -4.11
C THR B 207 4.70 -25.41 -2.58
N SER B 208 3.92 -26.28 -1.95
CA SER B 208 3.92 -26.36 -0.50
C SER B 208 3.98 -27.79 0.06
N THR B 209 4.93 -28.02 0.95
CA THR B 209 5.07 -29.33 1.58
C THR B 209 4.84 -29.19 3.08
N MET B 210 3.89 -29.97 3.57
CA MET B 210 3.52 -29.98 4.98
C MET B 210 3.75 -31.39 5.52
N LEU B 211 4.64 -31.52 6.49
CA LEU B 211 4.95 -32.83 7.05
C LEU B 211 4.71 -32.89 8.55
N GLY B 212 4.42 -34.09 9.06
CA GLY B 212 4.20 -34.26 10.48
C GLY B 212 3.03 -33.46 11.01
N VAL B 213 3.23 -32.76 12.12
CA VAL B 213 2.16 -31.97 12.73
C VAL B 213 1.74 -30.80 11.85
N PHE B 214 2.59 -30.41 10.91
CA PHE B 214 2.20 -29.32 10.02
C PHE B 214 1.08 -29.83 9.14
N ARG B 215 1.04 -31.14 8.92
CA ARG B 215 -0.04 -31.70 8.11
C ARG B 215 -1.25 -32.12 8.94
N GLU B 216 -1.00 -32.76 10.07
CA GLU B 216 -2.05 -33.27 10.94
C GLU B 216 -2.85 -32.21 11.70
N ASP B 217 -2.15 -31.30 12.36
CA ASP B 217 -2.78 -30.26 13.19
C ASP B 217 -3.20 -29.00 12.44
N PRO B 218 -4.51 -28.70 12.41
CA PRO B 218 -4.97 -27.51 11.70
C PRO B 218 -4.48 -26.21 12.33
N LYS B 219 -4.30 -26.21 13.65
CA LYS B 219 -3.81 -25.03 14.36
C LYS B 219 -2.36 -24.77 13.98
N THR B 220 -1.57 -25.83 13.84
CA THR B 220 -0.17 -25.71 13.47
C THR B 220 -0.02 -25.12 12.06
N ARG B 221 -0.65 -25.74 11.08
CA ARG B 221 -0.55 -25.30 9.71
C ARG B 221 -1.06 -23.88 9.52
N GLU B 222 -2.16 -23.56 10.15
CA GLU B 222 -2.68 -22.22 9.99
C GLU B 222 -1.71 -21.18 10.55
N GLU B 223 -1.05 -21.52 11.64
CA GLU B 223 -0.09 -20.63 12.28
C GLU B 223 1.10 -20.34 11.34
N PHE B 224 1.67 -21.41 10.79
CA PHE B 224 2.80 -21.29 9.89
C PHE B 224 2.43 -20.42 8.70
N LEU B 225 1.30 -20.74 8.08
CA LEU B 225 0.80 -20.00 6.94
C LEU B 225 0.57 -18.52 7.24
N THR B 226 0.22 -18.20 8.48
CA THR B 226 0.01 -16.80 8.84
C THR B 226 1.33 -16.10 9.09
N LEU B 227 2.19 -16.72 9.87
CA LEU B 227 3.47 -16.14 10.20
C LEU B 227 4.43 -15.93 9.02
N ILE B 228 4.22 -16.62 7.91
CA ILE B 228 5.10 -16.43 6.76
C ILE B 228 4.55 -15.37 5.82
N ARG B 229 3.36 -14.87 6.10
CA ARG B 229 2.70 -13.85 5.28
C ARG B 229 3.28 -12.46 5.43
N SER B 230 2.98 -11.62 4.43
CA SER B 230 3.39 -10.23 4.32
C SER B 230 4.54 -9.78 5.22
N ARG C 37 -15.67 -31.73 -34.24
CA ARG C 37 -14.30 -31.35 -34.70
C ARG C 37 -13.99 -29.89 -34.38
N PRO C 38 -12.74 -29.60 -33.99
CA PRO C 38 -12.34 -28.23 -33.66
C PRO C 38 -12.29 -27.35 -34.90
N ARG C 39 -12.40 -26.04 -34.71
CA ARG C 39 -12.35 -25.07 -35.81
C ARG C 39 -10.96 -25.14 -36.43
N SER C 40 -10.82 -24.74 -37.69
CA SER C 40 -9.52 -24.81 -38.37
C SER C 40 -9.16 -23.50 -39.04
N GLU C 41 -7.88 -23.37 -39.40
CA GLU C 41 -7.39 -22.16 -40.08
C GLU C 41 -8.14 -21.95 -41.39
N GLU C 42 -8.54 -23.04 -42.03
CA GLU C 42 -9.29 -22.95 -43.28
C GLU C 42 -10.63 -22.31 -42.97
N ASP C 43 -11.27 -22.80 -41.91
CA ASP C 43 -12.56 -22.28 -41.50
C ASP C 43 -12.49 -20.77 -41.28
N ASN C 44 -11.40 -20.33 -40.66
CA ASN C 44 -11.24 -18.91 -40.41
C ASN C 44 -11.14 -18.11 -41.70
N GLU C 45 -10.47 -18.65 -42.70
CA GLU C 45 -10.35 -17.95 -43.98
C GLU C 45 -11.69 -17.83 -44.68
N LEU C 46 -12.43 -18.94 -44.74
CA LEU C 46 -13.73 -18.95 -45.40
C LEU C 46 -14.73 -18.04 -44.73
N ASN C 47 -14.65 -17.95 -43.41
CA ASN C 47 -15.59 -17.14 -42.67
C ASN C 47 -15.19 -15.70 -42.42
N LEU C 48 -13.93 -15.36 -42.65
CA LEU C 48 -13.47 -14.00 -42.42
C LEU C 48 -14.29 -12.97 -43.21
N PRO C 49 -14.57 -13.23 -44.49
CA PRO C 49 -15.35 -12.25 -45.25
C PRO C 49 -16.75 -12.03 -44.67
N ASN C 50 -17.42 -13.11 -44.27
CA ASN C 50 -18.76 -12.96 -43.71
C ASN C 50 -18.70 -12.15 -42.44
N LEU C 51 -17.71 -12.41 -41.60
CA LEU C 51 -17.56 -11.66 -40.35
C LEU C 51 -17.38 -10.19 -40.72
N ALA C 52 -16.40 -9.91 -41.56
CA ALA C 52 -16.12 -8.54 -41.99
C ALA C 52 -17.40 -7.89 -42.51
N ALA C 53 -18.19 -8.63 -43.27
CA ALA C 53 -19.42 -8.07 -43.83
C ALA C 53 -20.39 -7.73 -42.72
N ALA C 54 -20.44 -8.58 -41.70
CA ALA C 54 -21.35 -8.36 -40.58
C ALA C 54 -20.96 -7.12 -39.80
N TYR C 55 -19.67 -6.98 -39.52
CA TYR C 55 -19.19 -5.82 -38.79
C TYR C 55 -19.39 -4.55 -39.60
N SER C 56 -19.20 -4.65 -40.92
CA SER C 56 -19.40 -3.49 -41.78
C SER C 56 -20.84 -3.05 -41.70
N SER C 57 -21.73 -4.02 -41.62
CA SER C 57 -23.16 -3.76 -41.50
C SER C 57 -23.45 -3.11 -40.16
N ILE C 58 -22.83 -3.61 -39.09
CA ILE C 58 -23.05 -3.08 -37.76
C ILE C 58 -22.67 -1.61 -37.72
N LEU C 59 -21.52 -1.28 -38.33
CA LEU C 59 -21.08 0.10 -38.36
C LEU C 59 -22.17 0.99 -38.94
N ARG C 60 -22.73 0.59 -40.08
CA ARG C 60 -23.80 1.38 -40.69
C ARG C 60 -25.02 1.47 -39.79
N SER C 61 -25.42 0.35 -39.21
CA SER C 61 -26.60 0.31 -38.36
C SER C 61 -26.44 1.14 -37.09
N LEU C 62 -25.20 1.48 -36.74
CA LEU C 62 -24.95 2.29 -35.56
C LEU C 62 -25.03 3.76 -35.88
N GLY C 63 -24.88 4.09 -37.17
CA GLY C 63 -24.94 5.47 -37.61
C GLY C 63 -23.60 5.99 -38.10
N GLU C 64 -22.58 5.13 -38.11
CA GLU C 64 -21.25 5.51 -38.57
C GLU C 64 -21.10 5.36 -40.06
N ASP C 65 -20.02 5.91 -40.59
CA ASP C 65 -19.72 5.83 -42.01
C ASP C 65 -18.55 4.89 -42.20
N PRO C 66 -18.81 3.69 -42.71
CA PRO C 66 -17.75 2.70 -42.94
C PRO C 66 -16.66 3.17 -43.89
N GLN C 67 -16.92 4.30 -44.55
CA GLN C 67 -15.97 4.86 -45.50
C GLN C 67 -14.97 5.79 -44.82
N ARG C 68 -15.40 6.39 -43.73
CA ARG C 68 -14.59 7.30 -42.93
C ARG C 68 -13.16 6.75 -42.71
N GLN C 69 -12.16 7.60 -42.84
CA GLN C 69 -10.77 7.19 -42.70
C GLN C 69 -10.45 6.09 -41.67
N GLY C 70 -10.62 6.41 -40.39
CA GLY C 70 -10.30 5.44 -39.35
C GLY C 70 -11.23 4.24 -39.18
N LEU C 71 -12.14 4.05 -40.14
CA LEU C 71 -13.10 2.95 -40.07
C LEU C 71 -13.02 2.03 -41.27
N LEU C 72 -12.13 2.35 -42.22
CA LEU C 72 -11.99 1.52 -43.41
C LEU C 72 -11.64 0.07 -43.13
N LYS C 73 -10.48 -0.16 -42.53
CA LYS C 73 -10.07 -1.52 -42.26
C LYS C 73 -10.76 -2.14 -41.04
N THR C 74 -11.62 -1.37 -40.36
CA THR C 74 -12.26 -1.90 -39.17
C THR C 74 -12.98 -3.23 -39.34
N PRO C 75 -13.82 -3.36 -40.38
CA PRO C 75 -14.52 -4.64 -40.57
C PRO C 75 -13.61 -5.87 -40.54
N TRP C 76 -12.39 -5.73 -41.02
CA TRP C 76 -11.46 -6.84 -41.04
C TRP C 76 -10.76 -6.98 -39.70
N ARG C 77 -10.40 -5.85 -39.11
CA ARG C 77 -9.71 -5.86 -37.82
C ARG C 77 -10.60 -6.40 -36.71
N ALA C 78 -11.88 -6.03 -36.74
CA ALA C 78 -12.84 -6.49 -35.75
C ALA C 78 -13.03 -7.98 -35.93
N ALA C 79 -13.17 -8.41 -37.17
CA ALA C 79 -13.38 -9.81 -37.49
C ALA C 79 -12.21 -10.65 -37.04
N THR C 80 -11.01 -10.23 -37.42
CA THR C 80 -9.81 -10.95 -37.04
C THR C 80 -9.68 -11.01 -35.54
N ALA C 81 -10.02 -9.90 -34.90
CA ALA C 81 -9.96 -9.80 -33.44
C ALA C 81 -10.91 -10.80 -32.79
N MET C 82 -12.13 -10.86 -33.30
CA MET C 82 -13.13 -11.76 -32.76
C MET C 82 -12.74 -13.24 -32.96
N GLN C 83 -12.02 -13.53 -34.03
CA GLN C 83 -11.61 -14.91 -34.28
C GLN C 83 -10.54 -15.30 -33.29
N PHE C 84 -9.69 -14.34 -32.93
CA PHE C 84 -8.61 -14.58 -31.97
C PHE C 84 -9.17 -14.79 -30.57
N PHE C 85 -10.19 -14.00 -30.22
CA PHE C 85 -10.84 -14.10 -28.91
C PHE C 85 -11.52 -15.47 -28.76
N THR C 86 -11.86 -16.09 -29.88
CA THR C 86 -12.52 -17.40 -29.86
C THR C 86 -11.66 -18.54 -30.40
N LYS C 87 -10.35 -18.34 -30.44
CA LYS C 87 -9.43 -19.35 -30.96
C LYS C 87 -9.40 -20.63 -30.11
N GLY C 88 -10.11 -20.64 -28.99
CA GLY C 88 -10.14 -21.82 -28.15
C GLY C 88 -10.92 -22.93 -28.82
N TYR C 89 -11.85 -22.55 -29.68
CA TYR C 89 -12.67 -23.52 -30.40
C TYR C 89 -11.84 -24.35 -31.37
N GLN C 90 -10.69 -23.84 -31.79
CA GLN C 90 -9.90 -24.62 -32.74
C GLN C 90 -8.87 -25.53 -32.06
N GLU C 91 -9.07 -25.77 -30.78
CA GLU C 91 -8.18 -26.64 -30.02
C GLU C 91 -9.03 -27.62 -29.23
N THR C 92 -8.43 -28.74 -28.84
CA THR C 92 -9.17 -29.71 -28.05
C THR C 92 -8.33 -30.11 -26.85
N ILE C 93 -8.98 -30.20 -25.70
CA ILE C 93 -8.27 -30.53 -24.46
C ILE C 93 -7.49 -31.84 -24.60
N SER C 94 -7.98 -32.73 -25.45
CA SER C 94 -7.34 -34.02 -25.70
C SER C 94 -5.84 -33.93 -25.86
N ASP C 95 -5.39 -33.06 -26.76
CA ASP C 95 -3.95 -32.87 -27.00
C ASP C 95 -3.20 -32.62 -25.69
N VAL C 96 -3.52 -31.52 -25.03
CA VAL C 96 -2.90 -31.10 -23.77
C VAL C 96 -3.10 -32.08 -22.62
N LEU C 97 -4.31 -32.65 -22.51
CA LEU C 97 -4.65 -33.62 -21.47
C LEU C 97 -3.97 -35.00 -21.68
N ASN C 98 -3.06 -35.07 -22.67
CA ASN C 98 -2.33 -36.31 -22.97
C ASN C 98 -0.83 -36.17 -22.69
N ASP C 99 -0.47 -35.15 -21.91
CA ASP C 99 0.93 -34.93 -21.56
C ASP C 99 1.11 -34.97 -20.04
N ALA C 100 0.29 -35.81 -19.40
CA ALA C 100 0.32 -36.01 -17.96
C ALA C 100 1.54 -36.90 -17.72
N ILE C 101 2.18 -36.76 -16.57
CA ILE C 101 3.37 -37.56 -16.27
C ILE C 101 3.19 -38.35 -14.95
N PHE C 102 3.63 -39.60 -14.94
CA PHE C 102 3.50 -40.42 -13.74
C PHE C 102 4.53 -39.94 -12.71
N ASP C 103 4.06 -39.74 -11.49
CA ASP C 103 4.91 -39.28 -10.40
C ASP C 103 4.10 -39.28 -9.12
N GLU C 104 4.45 -40.18 -8.21
CA GLU C 104 3.75 -40.32 -6.93
C GLU C 104 4.72 -39.99 -5.81
N ASP C 105 5.80 -39.30 -6.18
CA ASP C 105 6.86 -38.94 -5.25
C ASP C 105 6.75 -37.51 -4.77
N HIS C 106 5.82 -36.74 -5.37
CA HIS C 106 5.67 -35.34 -4.99
C HIS C 106 4.35 -35.00 -4.32
N ASP C 107 4.18 -35.50 -3.10
CA ASP C 107 2.97 -35.26 -2.31
C ASP C 107 3.06 -33.87 -1.69
N GLU C 108 2.64 -32.88 -2.47
CA GLU C 108 2.68 -31.49 -2.05
C GLU C 108 1.65 -30.74 -2.86
N MET C 109 1.24 -29.58 -2.37
CA MET C 109 0.25 -28.80 -3.10
C MET C 109 0.91 -27.97 -4.17
N VAL C 110 0.36 -28.07 -5.38
CA VAL C 110 0.88 -27.33 -6.51
C VAL C 110 -0.10 -26.24 -6.89
N ILE C 111 0.38 -25.01 -6.93
CA ILE C 111 -0.45 -23.87 -7.25
C ILE C 111 0.17 -22.97 -8.32
N VAL C 112 -0.65 -22.57 -9.27
CA VAL C 112 -0.22 -21.64 -10.31
C VAL C 112 -1.28 -20.57 -10.19
N LYS C 113 -0.92 -19.46 -9.54
CA LYS C 113 -1.84 -18.36 -9.34
C LYS C 113 -1.61 -17.18 -10.28
N ASP C 114 -2.59 -16.28 -10.34
CA ASP C 114 -2.52 -15.08 -11.16
C ASP C 114 -2.34 -15.29 -12.64
N ILE C 115 -3.01 -16.30 -13.18
CA ILE C 115 -2.96 -16.59 -14.60
C ILE C 115 -3.91 -15.59 -15.21
N ASP C 116 -3.39 -14.75 -16.10
CA ASP C 116 -4.24 -13.76 -16.74
C ASP C 116 -5.18 -14.44 -17.68
N MET C 117 -6.45 -14.04 -17.64
CA MET C 117 -7.43 -14.63 -18.54
C MET C 117 -8.34 -13.56 -19.12
N PHE C 118 -8.63 -13.73 -20.40
CA PHE C 118 -9.46 -12.81 -21.15
C PHE C 118 -10.48 -13.65 -21.86
N SER C 119 -11.75 -13.35 -21.65
CA SER C 119 -12.82 -14.11 -22.27
C SER C 119 -13.91 -13.17 -22.77
N MET C 120 -14.89 -13.74 -23.45
CA MET C 120 -16.01 -13.00 -23.99
C MET C 120 -17.28 -13.59 -23.41
N CYS C 121 -18.15 -12.79 -22.79
CA CYS C 121 -19.37 -13.38 -22.26
C CYS C 121 -20.28 -13.68 -23.44
N GLU C 122 -20.87 -14.88 -23.44
CA GLU C 122 -21.73 -15.30 -24.53
C GLU C 122 -23.06 -14.58 -24.56
N HIS C 123 -23.39 -13.88 -23.48
CA HIS C 123 -24.65 -13.18 -23.43
C HIS C 123 -24.68 -11.86 -24.19
N HIS C 124 -23.61 -11.06 -24.07
CA HIS C 124 -23.54 -9.76 -24.75
C HIS C 124 -22.36 -9.63 -25.70
N LEU C 125 -21.49 -10.63 -25.72
CA LEU C 125 -20.32 -10.56 -26.60
C LEU C 125 -19.44 -9.37 -26.24
N VAL C 126 -19.30 -9.13 -24.94
CA VAL C 126 -18.44 -8.07 -24.41
C VAL C 126 -17.46 -8.89 -23.58
N PRO C 127 -16.17 -8.49 -23.54
CA PRO C 127 -15.25 -9.31 -22.75
C PRO C 127 -15.25 -9.18 -21.24
N PHE C 128 -14.90 -10.26 -20.55
CA PHE C 128 -14.77 -10.23 -19.10
C PHE C 128 -13.34 -10.69 -18.87
N VAL C 129 -12.60 -9.95 -18.05
CA VAL C 129 -11.20 -10.26 -17.82
C VAL C 129 -10.82 -10.30 -16.36
N GLY C 130 -9.78 -11.07 -16.06
CA GLY C 130 -9.32 -11.19 -14.70
C GLY C 130 -8.22 -12.23 -14.56
N ARG C 131 -8.22 -12.95 -13.46
CA ARG C 131 -7.21 -13.96 -13.20
C ARG C 131 -7.78 -15.29 -12.77
N VAL C 132 -7.01 -16.34 -13.01
CA VAL C 132 -7.42 -17.68 -12.62
C VAL C 132 -6.36 -18.23 -11.68
N HIS C 133 -6.83 -18.88 -10.61
CA HIS C 133 -5.93 -19.48 -9.64
C HIS C 133 -6.24 -20.98 -9.59
N ILE C 134 -5.20 -21.78 -9.86
CA ILE C 134 -5.35 -23.23 -9.88
C ILE C 134 -4.46 -23.88 -8.83
N GLY C 135 -4.98 -24.93 -8.22
CA GLY C 135 -4.24 -25.66 -7.21
C GLY C 135 -4.69 -27.10 -7.22
N TYR C 136 -3.80 -28.02 -6.88
CA TYR C 136 -4.15 -29.43 -6.83
C TYR C 136 -3.17 -30.19 -5.95
N LEU C 137 -3.60 -31.38 -5.54
CA LEU C 137 -2.83 -32.28 -4.72
C LEU C 137 -2.82 -33.53 -5.57
N PRO C 138 -1.66 -33.92 -6.05
CA PRO C 138 -1.60 -35.11 -6.89
C PRO C 138 -1.70 -36.42 -6.14
N ASN C 139 -1.99 -37.48 -6.89
CA ASN C 139 -2.06 -38.84 -6.37
C ASN C 139 -0.84 -39.46 -7.03
N LYS C 140 -1.02 -39.95 -8.25
CA LYS C 140 0.09 -40.58 -8.96
C LYS C 140 0.52 -39.86 -10.22
N GLN C 141 -0.26 -38.89 -10.67
CA GLN C 141 0.08 -38.17 -11.89
C GLN C 141 0.17 -36.67 -11.68
N VAL C 142 1.09 -36.05 -12.41
CA VAL C 142 1.32 -34.62 -12.33
C VAL C 142 1.15 -34.03 -13.74
N LEU C 143 1.11 -32.70 -13.81
CA LEU C 143 0.93 -32.02 -15.08
C LEU C 143 1.93 -30.88 -15.12
N GLY C 144 2.52 -30.62 -16.28
CA GLY C 144 3.48 -29.53 -16.40
C GLY C 144 2.84 -28.20 -16.12
N LEU C 145 3.52 -27.35 -15.36
CA LEU C 145 2.99 -26.03 -15.00
C LEU C 145 2.43 -25.21 -16.17
N SER C 146 3.15 -25.15 -17.28
CA SER C 146 2.67 -24.40 -18.43
C SER C 146 1.39 -25.02 -18.97
N LYS C 147 1.28 -26.34 -18.89
CA LYS C 147 0.08 -27.03 -19.38
C LYS C 147 -1.18 -26.57 -18.64
N LEU C 148 -1.03 -26.21 -17.37
CA LEU C 148 -2.18 -25.73 -16.60
C LEU C 148 -2.69 -24.45 -17.22
N ALA C 149 -1.77 -23.58 -17.60
CA ALA C 149 -2.15 -22.31 -18.20
C ALA C 149 -2.79 -22.55 -19.57
N ARG C 150 -2.30 -23.54 -20.30
CA ARG C 150 -2.86 -23.84 -21.61
C ARG C 150 -4.29 -24.30 -21.50
N ILE C 151 -4.62 -24.97 -20.40
CA ILE C 151 -5.99 -25.41 -20.19
C ILE C 151 -6.85 -24.16 -20.05
N VAL C 152 -6.34 -23.14 -19.35
CA VAL C 152 -7.08 -21.90 -19.18
C VAL C 152 -7.36 -21.22 -20.52
N GLU C 153 -6.34 -21.18 -21.38
CA GLU C 153 -6.47 -20.56 -22.69
C GLU C 153 -7.45 -21.23 -23.62
N ILE C 154 -7.43 -22.56 -23.66
CA ILE C 154 -8.33 -23.27 -24.55
C ILE C 154 -9.79 -22.98 -24.24
N TYR C 155 -10.13 -22.92 -22.95
CA TYR C 155 -11.50 -22.66 -22.54
C TYR C 155 -11.89 -21.21 -22.42
N SER C 156 -10.97 -20.36 -21.99
CA SER C 156 -11.30 -18.94 -21.81
C SER C 156 -11.50 -18.22 -23.14
N ARG C 157 -10.77 -18.69 -24.15
CA ARG C 157 -10.80 -18.14 -25.50
C ARG C 157 -11.99 -18.66 -26.31
N ARG C 158 -13.21 -18.50 -25.77
CA ARG C 158 -14.46 -18.94 -26.40
C ARG C 158 -15.55 -18.03 -25.87
N LEU C 159 -16.78 -18.20 -26.37
CA LEU C 159 -17.88 -17.39 -25.84
C LEU C 159 -18.17 -18.12 -24.54
N GLN C 160 -18.17 -17.42 -23.42
CA GLN C 160 -18.35 -18.10 -22.14
C GLN C 160 -19.30 -17.54 -21.11
N VAL C 161 -19.31 -18.25 -19.99
CA VAL C 161 -20.08 -17.92 -18.81
C VAL C 161 -19.06 -18.28 -17.75
N GLN C 162 -18.74 -17.35 -16.86
CA GLN C 162 -17.70 -17.63 -15.86
C GLN C 162 -17.82 -18.96 -15.10
N GLU C 163 -19.05 -19.37 -14.74
CA GLU C 163 -19.22 -20.62 -14.02
C GLU C 163 -18.81 -21.82 -14.86
N ARG C 164 -19.18 -21.81 -16.13
CA ARG C 164 -18.82 -22.91 -17.01
C ARG C 164 -17.30 -22.97 -17.17
N LEU C 165 -16.70 -21.82 -17.44
CA LEU C 165 -15.25 -21.75 -17.60
C LEU C 165 -14.55 -22.38 -16.41
N THR C 166 -14.94 -21.98 -15.20
CA THR C 166 -14.34 -22.48 -13.99
C THR C 166 -14.41 -24.00 -13.92
N LYS C 167 -15.62 -24.54 -14.10
CA LYS C 167 -15.83 -25.98 -14.07
C LYS C 167 -15.00 -26.72 -15.12
N GLN C 168 -15.02 -26.24 -16.36
CA GLN C 168 -14.28 -26.89 -17.42
C GLN C 168 -12.80 -27.03 -17.08
N ILE C 169 -12.23 -25.96 -16.53
CA ILE C 169 -10.83 -26.01 -16.15
C ILE C 169 -10.60 -27.09 -15.09
N ALA C 170 -11.46 -27.11 -14.08
CA ALA C 170 -11.38 -28.07 -12.99
C ALA C 170 -11.58 -29.51 -13.47
N VAL C 171 -12.57 -29.71 -14.32
CA VAL C 171 -12.84 -31.04 -14.84
C VAL C 171 -11.69 -31.52 -15.71
N ALA C 172 -11.06 -30.62 -16.44
CA ALA C 172 -9.95 -31.01 -17.28
C ALA C 172 -8.84 -31.58 -16.41
N ILE C 173 -8.46 -30.83 -15.39
CA ILE C 173 -7.41 -31.23 -14.46
C ILE C 173 -7.76 -32.52 -13.73
N THR C 174 -9.04 -32.66 -13.40
CA THR C 174 -9.51 -33.85 -12.71
C THR C 174 -9.36 -35.09 -13.59
N GLU C 175 -9.87 -35.02 -14.81
CA GLU C 175 -9.80 -36.15 -15.72
C GLU C 175 -8.41 -36.46 -16.22
N ALA C 176 -7.52 -35.47 -16.21
CA ALA C 176 -6.17 -35.71 -16.69
C ALA C 176 -5.27 -36.33 -15.62
N LEU C 177 -5.51 -35.97 -14.36
CA LEU C 177 -4.67 -36.42 -13.27
C LEU C 177 -5.25 -37.33 -12.20
N GLN C 178 -6.58 -37.39 -12.08
CA GLN C 178 -7.20 -38.17 -11.01
C GLN C 178 -6.51 -37.74 -9.73
N PRO C 179 -6.51 -36.44 -9.43
CA PRO C 179 -5.84 -35.99 -8.21
C PRO C 179 -6.63 -36.20 -6.92
N ALA C 180 -5.94 -36.08 -5.79
CA ALA C 180 -6.55 -36.20 -4.49
C ALA C 180 -7.54 -35.05 -4.35
N GLY C 181 -7.25 -33.95 -5.04
CA GLY C 181 -8.12 -32.80 -4.98
C GLY C 181 -7.65 -31.69 -5.91
N VAL C 182 -8.55 -30.74 -6.16
CA VAL C 182 -8.24 -29.63 -7.03
C VAL C 182 -9.10 -28.42 -6.71
N GLY C 183 -8.50 -27.24 -6.83
CA GLY C 183 -9.20 -26.00 -6.60
C GLY C 183 -8.99 -25.05 -7.75
N VAL C 184 -10.04 -24.34 -8.13
CA VAL C 184 -9.95 -23.37 -9.22
C VAL C 184 -10.78 -22.16 -8.83
N VAL C 185 -10.14 -21.00 -8.83
CA VAL C 185 -10.84 -19.78 -8.48
C VAL C 185 -10.66 -18.82 -9.65
N ILE C 186 -11.71 -18.06 -9.97
CA ILE C 186 -11.62 -17.09 -11.03
C ILE C 186 -12.20 -15.77 -10.56
N GLU C 187 -11.41 -14.72 -10.69
CA GLU C 187 -11.81 -13.39 -10.29
C GLU C 187 -11.73 -12.57 -11.57
N ALA C 188 -12.86 -12.03 -12.00
CA ALA C 188 -12.88 -11.25 -13.22
C ALA C 188 -13.84 -10.06 -13.18
N THR C 189 -13.66 -9.15 -14.12
CA THR C 189 -14.51 -7.98 -14.24
C THR C 189 -15.28 -8.18 -15.52
N HIS C 190 -16.60 -8.13 -15.41
CA HIS C 190 -17.46 -8.29 -16.58
C HIS C 190 -17.79 -6.90 -17.11
N MET C 191 -17.25 -6.57 -18.28
CA MET C 191 -17.45 -5.27 -18.88
C MET C 191 -18.92 -4.92 -19.10
N CYS C 192 -19.75 -5.92 -19.30
CA CYS C 192 -21.18 -5.70 -19.54
C CYS C 192 -21.91 -5.31 -18.25
N MET C 193 -21.18 -5.28 -17.15
CA MET C 193 -21.74 -4.91 -15.85
C MET C 193 -21.14 -3.58 -15.39
N VAL C 194 -20.03 -3.21 -16.01
CA VAL C 194 -19.34 -1.97 -15.67
C VAL C 194 -19.71 -0.87 -16.69
N MET C 195 -19.67 -1.24 -17.96
CA MET C 195 -19.96 -0.32 -19.06
C MET C 195 -21.44 -0.15 -19.35
N ARG C 196 -22.28 -1.00 -18.77
CA ARG C 196 -23.72 -0.92 -19.02
C ARG C 196 -24.54 -1.64 -17.97
N GLY C 197 -25.84 -1.76 -18.25
CA GLY C 197 -26.75 -2.43 -17.34
C GLY C 197 -26.78 -1.88 -15.93
N VAL C 198 -26.38 -2.70 -14.96
CA VAL C 198 -26.35 -2.30 -13.55
C VAL C 198 -25.27 -1.27 -13.33
N GLN C 199 -24.35 -1.18 -14.29
CA GLN C 199 -23.22 -0.26 -14.29
C GLN C 199 -22.54 -0.11 -12.93
N LYS C 200 -21.99 -1.22 -12.46
CA LYS C 200 -21.30 -1.22 -11.18
C LYS C 200 -19.79 -1.33 -11.44
N MET C 201 -19.10 -0.19 -11.39
CA MET C 201 -17.66 -0.20 -11.58
C MET C 201 -17.17 -0.81 -10.27
N ASN C 202 -15.90 -1.20 -10.19
CA ASN C 202 -15.37 -1.78 -8.95
C ASN C 202 -15.87 -3.19 -8.72
N SER C 203 -17.05 -3.49 -9.27
CA SER C 203 -17.67 -4.80 -9.10
C SER C 203 -16.91 -5.96 -9.72
N LYS C 204 -16.74 -7.05 -8.97
CA LYS C 204 -16.05 -8.23 -9.47
C LYS C 204 -16.78 -9.52 -9.16
N THR C 205 -16.71 -10.47 -10.09
CA THR C 205 -17.35 -11.76 -9.95
C THR C 205 -16.29 -12.80 -9.64
N VAL C 206 -16.49 -13.56 -8.58
CA VAL C 206 -15.53 -14.58 -8.22
C VAL C 206 -16.26 -15.91 -8.24
N THR C 207 -15.66 -16.91 -8.86
CA THR C 207 -16.25 -18.24 -8.94
C THR C 207 -15.21 -19.21 -8.39
N SER C 208 -15.65 -20.13 -7.55
CA SER C 208 -14.73 -21.07 -6.93
C SER C 208 -15.17 -22.53 -6.94
N THR C 209 -14.32 -23.38 -7.45
CA THR C 209 -14.59 -24.80 -7.52
C THR C 209 -13.61 -25.57 -6.65
N MET C 210 -14.13 -26.24 -5.63
CA MET C 210 -13.31 -27.03 -4.73
C MET C 210 -13.69 -28.49 -4.88
N LEU C 211 -12.74 -29.34 -5.26
CA LEU C 211 -13.02 -30.75 -5.46
C LEU C 211 -12.15 -31.67 -4.61
N GLY C 212 -12.67 -32.85 -4.28
CA GLY C 212 -11.90 -33.79 -3.49
C GLY C 212 -11.49 -33.25 -2.14
N VAL C 213 -10.25 -33.50 -1.76
CA VAL C 213 -9.74 -33.03 -0.48
C VAL C 213 -9.83 -31.52 -0.33
N PHE C 214 -9.85 -30.79 -1.45
CA PHE C 214 -9.95 -29.33 -1.38
C PHE C 214 -11.32 -28.99 -0.80
N ARG C 215 -12.28 -29.88 -1.00
CA ARG C 215 -13.60 -29.63 -0.45
C ARG C 215 -13.79 -30.24 0.94
N GLU C 216 -13.29 -31.47 1.12
CA GLU C 216 -13.43 -32.21 2.37
C GLU C 216 -12.59 -31.71 3.53
N ASP C 217 -11.30 -31.48 3.26
CA ASP C 217 -10.38 -31.06 4.32
C ASP C 217 -10.28 -29.55 4.56
N PRO C 218 -10.64 -29.11 5.77
CA PRO C 218 -10.58 -27.67 6.05
C PRO C 218 -9.15 -27.13 6.02
N LYS C 219 -8.18 -27.97 6.37
CA LYS C 219 -6.79 -27.54 6.39
C LYS C 219 -6.33 -27.27 4.96
N THR C 220 -6.68 -28.21 4.07
CA THR C 220 -6.33 -28.10 2.67
C THR C 220 -6.90 -26.84 2.02
N ARG C 221 -8.21 -26.64 2.13
CA ARG C 221 -8.85 -25.48 1.52
C ARG C 221 -8.30 -24.19 2.06
N GLU C 222 -8.12 -24.12 3.36
CA GLU C 222 -7.61 -22.90 3.92
C GLU C 222 -6.21 -22.58 3.38
N GLU C 223 -5.37 -23.58 3.23
CA GLU C 223 -4.02 -23.41 2.71
C GLU C 223 -4.05 -22.84 1.28
N PHE C 224 -4.84 -23.47 0.40
CA PHE C 224 -4.96 -23.05 -0.97
C PHE C 224 -5.37 -21.59 -1.02
N LEU C 225 -6.44 -21.28 -0.33
CA LEU C 225 -6.97 -19.92 -0.27
C LEU C 225 -5.96 -18.90 0.24
N THR C 226 -5.05 -19.30 1.12
CA THR C 226 -4.05 -18.37 1.64
C THR C 226 -2.90 -18.20 0.66
N LEU C 227 -2.42 -19.31 0.12
CA LEU C 227 -1.31 -19.28 -0.81
C LEU C 227 -1.61 -18.59 -2.13
N ILE C 228 -2.89 -18.40 -2.46
CA ILE C 228 -3.20 -17.74 -3.71
C ILE C 228 -3.43 -16.25 -3.51
N ARG C 229 -3.44 -15.82 -2.25
CA ARG C 229 -3.64 -14.41 -1.89
C ARG C 229 -2.47 -13.49 -2.20
N SER C 230 -2.77 -12.19 -2.21
CA SER C 230 -1.83 -11.09 -2.46
C SER C 230 -0.49 -11.47 -3.07
N ARG D 37 -48.96 -1.92 -4.21
CA ARG D 37 -48.53 -1.63 -5.62
C ARG D 37 -47.32 -0.72 -5.60
N PRO D 38 -46.36 -0.96 -6.51
CA PRO D 38 -45.15 -0.14 -6.57
C PRO D 38 -45.44 1.28 -7.06
N ARG D 39 -44.58 2.22 -6.68
CA ARG D 39 -44.74 3.62 -7.08
C ARG D 39 -44.67 3.67 -8.60
N SER D 40 -45.19 4.74 -9.21
CA SER D 40 -45.17 4.87 -10.67
C SER D 40 -44.68 6.24 -11.13
N GLU D 41 -44.37 6.34 -12.43
CA GLU D 41 -43.90 7.60 -13.00
C GLU D 41 -44.98 8.66 -12.84
N GLU D 42 -46.25 8.24 -12.91
CA GLU D 42 -47.35 9.17 -12.75
C GLU D 42 -47.32 9.72 -11.33
N ASP D 43 -47.14 8.82 -10.37
CA ASP D 43 -47.08 9.21 -8.97
C ASP D 43 -46.01 10.26 -8.76
N ASN D 44 -44.87 10.09 -9.43
CA ASN D 44 -43.77 11.04 -9.30
C ASN D 44 -44.12 12.41 -9.84
N GLU D 45 -44.88 12.43 -10.93
CA GLU D 45 -45.27 13.71 -11.52
C GLU D 45 -46.23 14.46 -10.62
N LEU D 46 -47.24 13.74 -10.10
CA LEU D 46 -48.23 14.36 -9.23
C LEU D 46 -47.61 14.88 -7.95
N ASN D 47 -46.66 14.11 -7.41
CA ASN D 47 -46.00 14.46 -6.15
C ASN D 47 -44.80 15.40 -6.23
N LEU D 48 -44.26 15.61 -7.43
CA LEU D 48 -43.11 16.48 -7.57
C LEU D 48 -43.38 17.87 -7.02
N PRO D 49 -44.51 18.48 -7.38
CA PRO D 49 -44.78 19.84 -6.87
C PRO D 49 -44.81 19.94 -5.34
N ASN D 50 -45.39 18.95 -4.68
CA ASN D 50 -45.45 18.97 -3.22
C ASN D 50 -44.06 18.85 -2.64
N LEU D 51 -43.25 17.96 -3.21
CA LEU D 51 -41.88 17.80 -2.73
C LEU D 51 -41.16 19.13 -2.89
N ALA D 52 -41.22 19.69 -4.10
CA ALA D 52 -40.57 20.95 -4.38
C ALA D 52 -41.02 22.01 -3.39
N ALA D 53 -42.32 22.03 -3.10
CA ALA D 53 -42.88 23.00 -2.16
C ALA D 53 -42.30 22.82 -0.77
N ALA D 54 -42.15 21.56 -0.36
CA ALA D 54 -41.60 21.25 0.95
C ALA D 54 -40.14 21.65 1.06
N TYR D 55 -39.36 21.40 0.03
CA TYR D 55 -37.95 21.75 0.06
C TYR D 55 -37.79 23.26 0.05
N SER D 56 -38.68 23.92 -0.69
CA SER D 56 -38.64 25.38 -0.76
C SER D 56 -38.92 25.92 0.63
N SER D 57 -39.82 25.28 1.34
CA SER D 57 -40.17 25.67 2.68
C SER D 57 -38.98 25.48 3.59
N ILE D 58 -38.28 24.36 3.40
CA ILE D 58 -37.12 24.02 4.23
C ILE D 58 -36.04 25.08 4.07
N LEU D 59 -35.84 25.56 2.84
CA LEU D 59 -34.84 26.59 2.63
C LEU D 59 -35.14 27.83 3.48
N ARG D 60 -36.39 28.28 3.48
CA ARG D 60 -36.75 29.44 4.28
C ARG D 60 -36.58 29.16 5.77
N SER D 61 -37.04 28.00 6.21
CA SER D 61 -36.92 27.66 7.62
C SER D 61 -35.49 27.54 8.11
N LEU D 62 -34.54 27.42 7.19
CA LEU D 62 -33.13 27.30 7.56
C LEU D 62 -32.48 28.67 7.61
N GLY D 63 -33.15 29.66 7.04
CA GLY D 63 -32.62 31.01 7.04
C GLY D 63 -32.12 31.45 5.68
N GLU D 64 -32.25 30.59 4.69
CA GLU D 64 -31.80 30.91 3.34
C GLU D 64 -32.87 31.65 2.58
N ASP D 65 -32.48 32.18 1.44
CA ASP D 65 -33.38 32.93 0.58
C ASP D 65 -33.58 32.11 -0.68
N PRO D 66 -34.75 31.48 -0.82
CA PRO D 66 -35.06 30.65 -1.99
C PRO D 66 -35.00 31.42 -3.31
N GLN D 67 -34.88 32.74 -3.22
CA GLN D 67 -34.82 33.57 -4.41
C GLN D 67 -33.39 33.73 -4.90
N ARG D 68 -32.45 33.66 -3.96
CA ARG D 68 -31.02 33.77 -4.23
C ARG D 68 -30.65 32.98 -5.48
N GLN D 69 -29.82 33.57 -6.34
CA GLN D 69 -29.42 32.94 -7.61
C GLN D 69 -29.21 31.42 -7.62
N GLY D 70 -28.24 30.93 -6.86
CA GLY D 70 -27.96 29.50 -6.86
C GLY D 70 -28.94 28.60 -6.11
N LEU D 71 -30.04 29.17 -5.65
CA LEU D 71 -31.03 28.39 -4.89
C LEU D 71 -32.39 28.32 -5.59
N LEU D 72 -32.51 29.03 -6.71
CA LEU D 72 -33.76 29.06 -7.45
C LEU D 72 -34.32 27.72 -7.85
N LYS D 73 -33.55 26.94 -8.60
CA LYS D 73 -34.02 25.64 -9.05
C LYS D 73 -33.80 24.52 -8.03
N THR D 74 -33.31 24.90 -6.85
CA THR D 74 -33.04 23.89 -5.83
C THR D 74 -34.25 23.08 -5.39
N PRO D 75 -35.38 23.73 -5.13
CA PRO D 75 -36.57 22.97 -4.71
C PRO D 75 -36.93 21.83 -5.66
N TRP D 76 -36.66 21.99 -6.94
CA TRP D 76 -36.98 20.95 -7.90
C TRP D 76 -35.86 19.95 -8.03
N ARG D 77 -34.63 20.42 -7.95
CA ARG D 77 -33.48 19.53 -8.05
C ARG D 77 -33.41 18.61 -6.85
N ALA D 78 -33.70 19.16 -5.69
CA ALA D 78 -33.69 18.39 -4.47
C ALA D 78 -34.81 17.33 -4.52
N ALA D 79 -35.99 17.74 -4.95
CA ALA D 79 -37.12 16.84 -5.05
C ALA D 79 -36.83 15.71 -6.02
N THR D 80 -36.35 16.06 -7.21
CA THR D 80 -36.04 15.08 -8.23
C THR D 80 -34.98 14.10 -7.75
N ALA D 81 -34.01 14.64 -7.01
CA ALA D 81 -32.92 13.85 -6.46
C ALA D 81 -33.44 12.86 -5.45
N MET D 82 -34.31 13.33 -4.55
CA MET D 82 -34.88 12.49 -3.53
C MET D 82 -35.73 11.39 -4.14
N GLN D 83 -36.43 11.69 -5.24
CA GLN D 83 -37.25 10.68 -5.88
C GLN D 83 -36.39 9.60 -6.49
N PHE D 84 -35.21 9.99 -6.99
CA PHE D 84 -34.28 9.06 -7.58
C PHE D 84 -33.69 8.18 -6.48
N PHE D 85 -33.34 8.79 -5.35
CA PHE D 85 -32.78 8.03 -4.25
C PHE D 85 -33.78 6.97 -3.75
N THR D 86 -35.07 7.19 -3.97
CA THR D 86 -36.08 6.26 -3.50
C THR D 86 -36.80 5.52 -4.64
N LYS D 87 -36.18 5.47 -5.80
CA LYS D 87 -36.78 4.80 -6.96
C LYS D 87 -36.99 3.30 -6.78
N GLY D 88 -36.49 2.75 -5.68
CA GLY D 88 -36.65 1.33 -5.45
C GLY D 88 -38.11 1.00 -5.18
N TYR D 89 -38.84 1.96 -4.65
CA TYR D 89 -40.25 1.75 -4.35
C TYR D 89 -41.07 1.50 -5.61
N GLN D 90 -40.61 1.99 -6.76
CA GLN D 90 -41.39 1.79 -7.96
C GLN D 90 -41.04 0.50 -8.72
N GLU D 91 -40.38 -0.41 -8.02
CA GLU D 91 -40.01 -1.70 -8.60
C GLU D 91 -40.36 -2.80 -7.62
N THR D 92 -40.56 -4.01 -8.13
CA THR D 92 -40.89 -5.12 -7.25
C THR D 92 -39.98 -6.31 -7.54
N ILE D 93 -39.45 -6.92 -6.48
CA ILE D 93 -38.53 -8.04 -6.62
C ILE D 93 -39.10 -9.14 -7.53
N SER D 94 -40.42 -9.29 -7.53
CA SER D 94 -41.11 -10.28 -8.35
C SER D 94 -40.53 -10.36 -9.75
N ASP D 95 -40.45 -9.21 -10.41
CA ASP D 95 -39.92 -9.15 -11.77
C ASP D 95 -38.57 -9.85 -11.88
N VAL D 96 -37.61 -9.34 -11.13
CA VAL D 96 -36.25 -9.87 -11.15
C VAL D 96 -36.15 -11.29 -10.60
N LEU D 97 -36.94 -11.58 -9.59
CA LEU D 97 -36.96 -12.87 -8.95
C LEU D 97 -37.60 -13.98 -9.81
N ASN D 98 -37.97 -13.65 -11.04
CA ASN D 98 -38.60 -14.64 -11.94
C ASN D 98 -37.69 -15.00 -13.10
N ASP D 99 -36.44 -14.55 -13.05
CA ASP D 99 -35.50 -14.83 -14.13
C ASP D 99 -34.42 -15.81 -13.68
N ALA D 100 -34.81 -16.69 -12.77
CA ALA D 100 -33.92 -17.71 -12.26
C ALA D 100 -33.82 -18.76 -13.35
N ILE D 101 -32.69 -19.45 -13.43
CA ILE D 101 -32.49 -20.45 -14.46
C ILE D 101 -32.12 -21.80 -13.87
N PHE D 102 -32.67 -22.88 -14.41
CA PHE D 102 -32.35 -24.19 -13.89
C PHE D 102 -30.94 -24.59 -14.32
N ASP D 103 -30.18 -25.11 -13.36
CA ASP D 103 -28.81 -25.51 -13.61
C ASP D 103 -28.28 -26.18 -12.35
N GLU D 104 -28.06 -27.49 -12.42
CA GLU D 104 -27.55 -28.23 -11.27
C GLU D 104 -26.19 -28.81 -11.62
N ASP D 105 -25.56 -28.24 -12.65
CA ASP D 105 -24.26 -28.71 -13.11
C ASP D 105 -23.13 -27.82 -12.64
N HIS D 106 -23.45 -26.70 -12.01
CA HIS D 106 -22.42 -25.78 -11.56
C HIS D 106 -22.27 -25.67 -10.06
N ASP D 107 -21.80 -26.75 -9.45
CA ASP D 107 -21.61 -26.80 -8.02
C ASP D 107 -20.32 -26.06 -7.68
N GLU D 108 -20.44 -24.77 -7.43
CA GLU D 108 -19.29 -23.94 -7.11
C GLU D 108 -19.80 -22.68 -6.46
N MET D 109 -18.93 -21.98 -5.74
CA MET D 109 -19.34 -20.75 -5.10
C MET D 109 -19.32 -19.57 -6.06
N VAL D 110 -20.44 -18.85 -6.11
CA VAL D 110 -20.57 -17.69 -6.98
C VAL D 110 -20.58 -16.45 -6.08
N ILE D 111 -19.73 -15.50 -6.41
CA ILE D 111 -19.62 -14.29 -5.60
C ILE D 111 -19.58 -13.06 -6.50
N VAL D 112 -20.29 -12.03 -6.09
CA VAL D 112 -20.27 -10.76 -6.79
C VAL D 112 -19.94 -9.81 -5.66
N LYS D 113 -18.70 -9.34 -5.65
CA LYS D 113 -18.25 -8.45 -4.60
C LYS D 113 -18.05 -7.01 -5.06
N ASP D 114 -17.99 -6.11 -4.09
CA ASP D 114 -17.75 -4.70 -4.37
C ASP D 114 -18.85 -4.03 -5.16
N ILE D 115 -20.08 -4.41 -4.89
CA ILE D 115 -21.22 -3.81 -5.56
C ILE D 115 -21.48 -2.48 -4.86
N ASP D 116 -21.27 -1.38 -5.56
CA ASP D 116 -21.48 -0.04 -5.00
C ASP D 116 -22.92 0.12 -4.62
N MET D 117 -23.17 0.63 -3.42
CA MET D 117 -24.53 0.83 -3.03
C MET D 117 -24.67 2.16 -2.31
N PHE D 118 -25.77 2.84 -2.60
CA PHE D 118 -26.03 4.12 -2.02
C PHE D 118 -27.45 4.07 -1.50
N SER D 119 -27.64 4.41 -0.24
CA SER D 119 -28.97 4.39 0.34
C SER D 119 -29.22 5.62 1.21
N MET D 120 -30.42 5.72 1.77
CA MET D 120 -30.78 6.84 2.62
C MET D 120 -31.26 6.25 3.93
N CYS D 121 -30.65 6.63 5.06
CA CYS D 121 -31.13 6.09 6.31
C CYS D 121 -32.50 6.69 6.58
N GLU D 122 -33.45 5.85 6.98
CA GLU D 122 -34.82 6.30 7.24
C GLU D 122 -34.93 7.16 8.49
N HIS D 123 -33.92 7.09 9.35
CA HIS D 123 -33.93 7.86 10.59
C HIS D 123 -33.63 9.34 10.45
N HIS D 124 -32.66 9.71 9.60
CA HIS D 124 -32.32 11.12 9.42
C HIS D 124 -32.42 11.60 7.99
N LEU D 125 -32.71 10.69 7.07
CA LEU D 125 -32.83 11.06 5.67
C LEU D 125 -31.51 11.64 5.15
N VAL D 126 -30.42 11.03 5.59
CA VAL D 126 -29.08 11.41 5.16
C VAL D 126 -28.59 10.10 4.53
N PRO D 127 -27.78 10.16 3.47
CA PRO D 127 -27.36 8.87 2.91
C PRO D 127 -26.27 8.06 3.59
N PHE D 128 -26.32 6.75 3.41
CA PHE D 128 -25.26 5.89 3.91
C PHE D 128 -24.80 5.13 2.66
N VAL D 129 -23.49 5.13 2.43
CA VAL D 129 -22.94 4.52 1.23
C VAL D 129 -21.80 3.54 1.49
N GLY D 130 -21.66 2.59 0.60
CA GLY D 130 -20.61 1.61 0.78
C GLY D 130 -20.66 0.54 -0.29
N ARG D 131 -20.40 -0.69 0.12
CA ARG D 131 -20.39 -1.82 -0.82
C ARG D 131 -21.11 -3.05 -0.30
N VAL D 132 -21.62 -3.85 -1.22
CA VAL D 132 -22.32 -5.08 -0.88
C VAL D 132 -21.58 -6.27 -1.49
N HIS D 133 -21.43 -7.33 -0.71
CA HIS D 133 -20.76 -8.53 -1.19
C HIS D 133 -21.74 -9.69 -1.08
N ILE D 134 -22.01 -10.31 -2.22
CA ILE D 134 -22.96 -11.42 -2.29
C ILE D 134 -22.32 -12.71 -2.73
N GLY D 135 -22.73 -13.78 -2.07
CA GLY D 135 -22.20 -15.09 -2.40
C GLY D 135 -23.23 -16.17 -2.18
N TYR D 136 -23.21 -17.20 -3.02
CA TYR D 136 -24.14 -18.30 -2.83
C TYR D 136 -23.62 -19.59 -3.43
N LEU D 137 -24.19 -20.69 -2.98
CA LEU D 137 -23.85 -22.03 -3.44
C LEU D 137 -25.20 -22.51 -3.96
N PRO D 138 -25.28 -22.75 -5.27
CA PRO D 138 -26.56 -23.19 -5.81
C PRO D 138 -26.89 -24.64 -5.58
N ASN D 139 -28.18 -24.94 -5.69
CA ASN D 139 -28.68 -26.30 -5.58
C ASN D 139 -29.00 -26.64 -7.03
N LYS D 140 -30.19 -26.25 -7.49
CA LYS D 140 -30.58 -26.55 -8.85
C LYS D 140 -30.82 -25.31 -9.67
N GLN D 141 -30.86 -24.15 -9.02
CA GLN D 141 -31.11 -22.92 -9.73
C GLN D 141 -30.01 -21.87 -9.56
N VAL D 142 -29.76 -21.12 -10.63
CA VAL D 142 -28.75 -20.09 -10.64
C VAL D 142 -29.43 -18.77 -11.02
N LEU D 143 -28.73 -17.66 -10.79
CA LEU D 143 -29.27 -16.34 -11.09
C LEU D 143 -28.21 -15.57 -11.86
N GLY D 144 -28.61 -14.81 -12.87
CA GLY D 144 -27.66 -14.04 -13.64
C GLY D 144 -26.94 -13.04 -12.76
N LEU D 145 -25.63 -12.89 -12.98
CA LEU D 145 -24.80 -11.98 -12.19
C LEU D 145 -25.36 -10.56 -12.10
N SER D 146 -25.74 -9.98 -13.23
CA SER D 146 -26.29 -8.64 -13.21
C SER D 146 -27.58 -8.58 -12.40
N LYS D 147 -28.32 -9.69 -12.37
CA LYS D 147 -29.58 -9.77 -11.62
C LYS D 147 -29.36 -9.64 -10.12
N LEU D 148 -28.22 -10.11 -9.64
CA LEU D 148 -27.91 -10.01 -8.23
C LEU D 148 -27.77 -8.54 -7.89
N ALA D 149 -27.07 -7.80 -8.74
CA ALA D 149 -26.86 -6.39 -8.52
C ALA D 149 -28.18 -5.64 -8.54
N ARG D 150 -29.10 -6.05 -9.42
CA ARG D 150 -30.40 -5.38 -9.49
C ARG D 150 -31.21 -5.58 -8.21
N ILE D 151 -30.94 -6.67 -7.50
CA ILE D 151 -31.64 -6.92 -6.25
C ILE D 151 -31.13 -5.89 -5.26
N VAL D 152 -29.84 -5.61 -5.30
CA VAL D 152 -29.28 -4.63 -4.38
C VAL D 152 -29.88 -3.24 -4.66
N GLU D 153 -30.03 -2.89 -5.93
CA GLU D 153 -30.58 -1.57 -6.31
C GLU D 153 -32.04 -1.36 -5.92
N ILE D 154 -32.85 -2.40 -6.04
CA ILE D 154 -34.25 -2.29 -5.70
C ILE D 154 -34.46 -1.96 -4.22
N TYR D 155 -33.70 -2.62 -3.35
CA TYR D 155 -33.82 -2.41 -1.92
C TYR D 155 -32.97 -1.27 -1.35
N SER D 156 -31.82 -1.00 -1.94
CA SER D 156 -30.99 0.06 -1.40
C SER D 156 -31.56 1.44 -1.71
N ARG D 157 -32.22 1.53 -2.86
CA ARG D 157 -32.83 2.76 -3.33
C ARG D 157 -34.18 3.02 -2.64
N ARG D 158 -34.18 3.05 -1.32
CA ARG D 158 -35.38 3.29 -0.51
C ARG D 158 -34.90 3.91 0.79
N LEU D 159 -35.83 4.27 1.68
CA LEU D 159 -35.41 4.81 2.97
C LEU D 159 -35.09 3.49 3.68
N GLN D 160 -33.90 3.37 4.24
CA GLN D 160 -33.53 2.12 4.85
C GLN D 160 -32.87 2.11 6.20
N VAL D 161 -32.51 0.90 6.60
CA VAL D 161 -31.80 0.59 7.84
C VAL D 161 -30.89 -0.48 7.31
N GLN D 162 -29.59 -0.38 7.57
CA GLN D 162 -28.66 -1.36 7.03
C GLN D 162 -28.99 -2.83 7.30
N GLU D 163 -29.44 -3.16 8.51
CA GLU D 163 -29.80 -4.53 8.83
C GLU D 163 -30.95 -5.06 7.97
N ARG D 164 -31.96 -4.24 7.77
CA ARG D 164 -33.08 -4.66 6.94
C ARG D 164 -32.62 -4.85 5.49
N LEU D 165 -31.87 -3.89 4.96
CA LEU D 165 -31.36 -3.99 3.61
C LEU D 165 -30.61 -5.31 3.39
N THR D 166 -29.74 -5.65 4.33
CA THR D 166 -28.96 -6.86 4.25
C THR D 166 -29.86 -8.09 4.18
N LYS D 167 -30.83 -8.16 5.08
CA LYS D 167 -31.75 -9.29 5.12
C LYS D 167 -32.58 -9.40 3.85
N GLN D 168 -33.14 -8.28 3.40
CA GLN D 168 -33.97 -8.27 2.19
C GLN D 168 -33.23 -8.83 1.00
N ILE D 169 -31.96 -8.46 0.85
CA ILE D 169 -31.15 -8.95 -0.26
C ILE D 169 -30.97 -10.45 -0.14
N ALA D 170 -30.66 -10.91 1.07
CA ALA D 170 -30.45 -12.32 1.35
C ALA D 170 -31.71 -13.14 1.13
N VAL D 171 -32.83 -12.63 1.63
CA VAL D 171 -34.10 -13.33 1.50
C VAL D 171 -34.52 -13.45 0.04
N ALA D 172 -34.28 -12.39 -0.73
CA ALA D 172 -34.62 -12.40 -2.13
C ALA D 172 -33.89 -13.52 -2.85
N ILE D 173 -32.57 -13.60 -2.66
CA ILE D 173 -31.75 -14.63 -3.28
C ILE D 173 -32.19 -16.02 -2.83
N THR D 174 -32.54 -16.13 -1.56
CA THR D 174 -32.98 -17.40 -1.02
C THR D 174 -34.28 -17.86 -1.69
N GLU D 175 -35.28 -17.00 -1.68
CA GLU D 175 -36.57 -17.35 -2.28
C GLU D 175 -36.51 -17.55 -3.79
N ALA D 176 -35.57 -16.91 -4.47
CA ALA D 176 -35.48 -17.05 -5.91
C ALA D 176 -34.72 -18.29 -6.36
N LEU D 177 -33.79 -18.75 -5.53
CA LEU D 177 -32.95 -19.89 -5.88
C LEU D 177 -33.00 -21.14 -5.01
N GLN D 178 -33.47 -21.05 -3.76
CA GLN D 178 -33.48 -22.21 -2.85
C GLN D 178 -32.06 -22.76 -2.85
N PRO D 179 -31.06 -21.91 -2.58
CA PRO D 179 -29.69 -22.40 -2.60
C PRO D 179 -29.27 -23.22 -1.41
N ALA D 180 -28.11 -23.85 -1.54
CA ALA D 180 -27.53 -24.61 -0.45
C ALA D 180 -27.16 -23.60 0.65
N GLY D 181 -26.82 -22.38 0.23
CA GLY D 181 -26.48 -21.35 1.17
C GLY D 181 -26.30 -20.02 0.48
N VAL D 182 -26.23 -18.98 1.30
CA VAL D 182 -26.03 -17.63 0.79
C VAL D 182 -25.43 -16.72 1.84
N GLY D 183 -24.60 -15.79 1.38
CA GLY D 183 -24.00 -14.84 2.29
C GLY D 183 -24.13 -13.44 1.73
N VAL D 184 -24.36 -12.48 2.61
CA VAL D 184 -24.46 -11.11 2.18
C VAL D 184 -23.79 -10.25 3.24
N VAL D 185 -22.82 -9.46 2.81
CA VAL D 185 -22.11 -8.57 3.72
C VAL D 185 -22.22 -7.17 3.17
N ILE D 186 -22.51 -6.22 4.06
CA ILE D 186 -22.60 -4.82 3.64
C ILE D 186 -21.71 -3.94 4.50
N GLU D 187 -20.85 -3.18 3.84
CA GLU D 187 -19.94 -2.30 4.52
C GLU D 187 -20.27 -0.91 4.03
N ALA D 188 -20.61 -0.02 4.96
CA ALA D 188 -20.98 1.32 4.57
C ALA D 188 -20.66 2.37 5.61
N THR D 189 -20.65 3.62 5.16
CA THR D 189 -20.40 4.77 6.00
C THR D 189 -21.71 5.52 6.12
N HIS D 190 -22.17 5.73 7.34
CA HIS D 190 -23.41 6.45 7.56
C HIS D 190 -23.07 7.91 7.79
N MET D 191 -23.51 8.78 6.89
CA MET D 191 -23.23 10.21 7.00
C MET D 191 -23.76 10.83 8.28
N CYS D 192 -24.84 10.27 8.81
CA CYS D 192 -25.44 10.80 10.04
C CYS D 192 -24.62 10.45 11.26
N MET D 193 -23.53 9.71 11.07
CA MET D 193 -22.64 9.33 12.15
C MET D 193 -21.28 10.00 11.96
N VAL D 194 -21.04 10.49 10.74
CA VAL D 194 -19.79 11.17 10.43
C VAL D 194 -19.97 12.69 10.49
N MET D 195 -21.04 13.17 9.84
CA MET D 195 -21.36 14.60 9.78
C MET D 195 -22.04 15.17 11.01
N ARG D 196 -22.50 14.31 11.92
CA ARG D 196 -23.20 14.80 13.10
C ARG D 196 -23.22 13.76 14.20
N GLY D 197 -24.03 14.02 15.22
CA GLY D 197 -24.18 13.10 16.34
C GLY D 197 -22.88 12.71 17.02
N VAL D 198 -22.56 11.41 16.98
CA VAL D 198 -21.33 10.89 17.58
C VAL D 198 -20.10 11.37 16.82
N GLN D 199 -20.35 11.86 15.60
CA GLN D 199 -19.32 12.37 14.71
C GLN D 199 -18.03 11.56 14.71
N LYS D 200 -18.15 10.30 14.31
CA LYS D 200 -17.00 9.42 14.23
C LYS D 200 -16.63 9.24 12.78
N MET D 201 -15.65 10.01 12.30
CA MET D 201 -15.20 9.86 10.93
C MET D 201 -14.47 8.54 10.96
N ASN D 202 -14.14 7.99 9.79
CA ASN D 202 -13.42 6.70 9.75
C ASN D 202 -14.30 5.52 10.13
N SER D 203 -15.35 5.80 10.90
CA SER D 203 -16.28 4.78 11.36
C SER D 203 -17.11 4.12 10.26
N LYS D 204 -17.21 2.79 10.33
CA LYS D 204 -17.98 2.04 9.36
C LYS D 204 -18.86 0.98 9.99
N THR D 205 -20.02 0.74 9.38
CA THR D 205 -20.96 -0.26 9.86
C THR D 205 -20.97 -1.44 8.91
N VAL D 206 -20.69 -2.62 9.44
CA VAL D 206 -20.68 -3.82 8.63
C VAL D 206 -21.79 -4.75 9.12
N THR D 207 -22.63 -5.21 8.19
CA THR D 207 -23.71 -6.13 8.52
C THR D 207 -23.49 -7.42 7.74
N SER D 208 -23.67 -8.56 8.38
CA SER D 208 -23.43 -9.81 7.69
C SER D 208 -24.47 -10.90 7.90
N THR D 209 -25.02 -11.39 6.80
CA THR D 209 -26.02 -12.44 6.86
C THR D 209 -25.48 -13.71 6.22
N MET D 210 -25.47 -14.79 7.00
CA MET D 210 -24.98 -16.09 6.56
C MET D 210 -26.13 -17.09 6.68
N LEU D 211 -26.52 -17.70 5.57
CA LEU D 211 -27.63 -18.64 5.59
C LEU D 211 -27.24 -19.99 5.06
N GLY D 212 -27.96 -21.03 5.47
CA GLY D 212 -27.66 -22.36 5.00
C GLY D 212 -26.24 -22.82 5.28
N VAL D 213 -25.59 -23.41 4.29
CA VAL D 213 -24.24 -23.90 4.45
C VAL D 213 -23.23 -22.81 4.78
N PHE D 214 -23.54 -21.57 4.43
CA PHE D 214 -22.61 -20.48 4.72
C PHE D 214 -22.60 -20.31 6.22
N ARG D 215 -23.68 -20.71 6.89
CA ARG D 215 -23.71 -20.62 8.34
C ARG D 215 -23.21 -21.89 9.03
N GLU D 216 -23.62 -23.04 8.50
CA GLU D 216 -23.27 -24.33 9.07
C GLU D 216 -21.83 -24.79 8.89
N ASP D 217 -21.33 -24.68 7.66
CA ASP D 217 -19.98 -25.15 7.33
C ASP D 217 -18.89 -24.10 7.53
N PRO D 218 -17.90 -24.37 8.39
CA PRO D 218 -16.84 -23.39 8.61
C PRO D 218 -15.97 -23.20 7.36
N LYS D 219 -15.79 -24.26 6.58
CA LYS D 219 -14.98 -24.17 5.38
C LYS D 219 -15.64 -23.23 4.40
N THR D 220 -16.96 -23.35 4.29
CA THR D 220 -17.72 -22.50 3.38
C THR D 220 -17.63 -21.02 3.73
N ARG D 221 -17.93 -20.71 4.99
CA ARG D 221 -17.93 -19.33 5.44
C ARG D 221 -16.56 -18.69 5.34
N GLU D 222 -15.53 -19.42 5.77
CA GLU D 222 -14.20 -18.87 5.70
C GLU D 222 -13.81 -18.58 4.24
N GLU D 223 -14.24 -19.41 3.30
CA GLU D 223 -13.93 -19.21 1.88
C GLU D 223 -14.56 -17.91 1.34
N PHE D 224 -15.84 -17.74 1.62
CA PHE D 224 -16.59 -16.58 1.19
C PHE D 224 -15.90 -15.32 1.73
N LEU D 225 -15.68 -15.33 3.03
CA LEU D 225 -15.04 -14.22 3.69
C LEU D 225 -13.66 -13.88 3.12
N THR D 226 -12.94 -14.88 2.61
CA THR D 226 -11.61 -14.63 2.06
C THR D 226 -11.73 -14.11 0.67
N LEU D 227 -12.55 -14.77 -0.13
CA LEU D 227 -12.73 -14.39 -1.50
C LEU D 227 -13.35 -13.00 -1.71
N ILE D 228 -14.00 -12.43 -0.69
CA ILE D 228 -14.58 -11.11 -0.86
C ILE D 228 -13.63 -10.00 -0.40
N ARG D 229 -12.49 -10.40 0.17
CA ARG D 229 -11.49 -9.46 0.65
C ARG D 229 -10.65 -8.78 -0.45
N SER D 230 -10.02 -7.67 -0.04
CA SER D 230 -9.14 -6.84 -0.88
C SER D 230 -9.25 -7.05 -2.39
N ARG E 37 -24.05 9.57 41.87
CA ARG E 37 -24.65 10.53 40.89
C ARG E 37 -23.57 11.05 39.93
N PRO E 38 -23.94 11.27 38.65
CA PRO E 38 -23.00 11.76 37.64
C PRO E 38 -22.55 13.21 37.90
N ARG E 39 -21.40 13.59 37.35
CA ARG E 39 -20.87 14.95 37.50
C ARG E 39 -21.82 15.89 36.76
N SER E 40 -21.84 17.16 37.15
CA SER E 40 -22.75 18.11 36.50
C SER E 40 -22.04 19.38 36.02
N GLU E 41 -22.73 20.16 35.19
CA GLU E 41 -22.16 21.41 34.69
C GLU E 41 -21.85 22.34 35.85
N GLU E 42 -22.66 22.25 36.91
CA GLU E 42 -22.45 23.08 38.09
C GLU E 42 -21.15 22.69 38.77
N ASP E 43 -20.94 21.39 38.89
CA ASP E 43 -19.71 20.87 39.48
C ASP E 43 -18.50 21.39 38.72
N ASN E 44 -18.60 21.42 37.39
CA ASN E 44 -17.50 21.89 36.56
C ASN E 44 -17.19 23.35 36.81
N GLU E 45 -18.24 24.14 37.05
CA GLU E 45 -18.04 25.57 37.31
C GLU E 45 -17.38 25.80 38.66
N LEU E 46 -17.85 25.08 39.67
CA LEU E 46 -17.28 25.23 41.00
C LEU E 46 -15.83 24.79 41.05
N ASN E 47 -15.53 23.69 40.38
CA ASN E 47 -14.18 23.15 40.39
C ASN E 47 -13.17 23.75 39.43
N LEU E 48 -13.65 24.42 38.38
CA LEU E 48 -12.74 24.99 37.39
C LEU E 48 -11.64 25.85 38.01
N PRO E 49 -11.99 26.74 38.95
CA PRO E 49 -10.93 27.55 39.54
C PRO E 49 -9.82 26.73 40.21
N ASN E 50 -10.20 25.71 40.96
CA ASN E 50 -9.19 24.89 41.63
C ASN E 50 -8.33 24.17 40.61
N LEU E 51 -8.94 23.69 39.54
CA LEU E 51 -8.19 23.01 38.49
C LEU E 51 -7.19 24.00 37.90
N ALA E 52 -7.68 25.17 37.52
CA ALA E 52 -6.83 26.20 36.97
C ALA E 52 -5.69 26.54 37.95
N ALA E 53 -6.02 26.60 39.23
CA ALA E 53 -5.02 26.90 40.26
C ALA E 53 -3.94 25.83 40.30
N ALA E 54 -4.36 24.57 40.21
CA ALA E 54 -3.44 23.45 40.25
C ALA E 54 -2.53 23.42 39.03
N TYR E 55 -3.07 23.73 37.84
CA TYR E 55 -2.27 23.75 36.63
C TYR E 55 -1.30 24.91 36.67
N SER E 56 -1.74 26.02 37.27
CA SER E 56 -0.89 27.19 37.38
C SER E 56 0.28 26.83 38.28
N SER E 57 -0.01 26.09 39.33
CA SER E 57 1.02 25.65 40.23
C SER E 57 2.01 24.73 39.50
N ILE E 58 1.48 23.86 38.64
CA ILE E 58 2.29 22.92 37.88
C ILE E 58 3.27 23.65 36.99
N LEU E 59 2.80 24.73 36.37
CA LEU E 59 3.67 25.53 35.51
C LEU E 59 4.86 26.07 36.28
N ARG E 60 4.62 26.60 37.47
CA ARG E 60 5.73 27.11 38.26
C ARG E 60 6.65 25.98 38.67
N SER E 61 6.09 24.86 39.11
CA SER E 61 6.91 23.73 39.57
C SER E 61 7.75 23.09 38.47
N LEU E 62 7.44 23.42 37.22
CA LEU E 62 8.16 22.88 36.07
C LEU E 62 9.31 23.77 35.65
N GLY E 63 9.30 24.99 36.16
CA GLY E 63 10.35 25.92 35.83
C GLY E 63 9.92 26.97 34.82
N GLU E 64 8.62 26.98 34.50
CA GLU E 64 8.10 27.95 33.55
C GLU E 64 7.62 29.17 34.27
N ASP E 65 7.32 30.21 33.49
CA ASP E 65 6.82 31.46 34.02
C ASP E 65 5.36 31.60 33.59
N PRO E 66 4.42 31.39 34.52
CA PRO E 66 2.98 31.48 34.23
C PRO E 66 2.56 32.83 33.67
N GLN E 67 3.45 33.81 33.77
CA GLN E 67 3.15 35.16 33.28
C GLN E 67 3.50 35.29 31.82
N ARG E 68 4.47 34.50 31.38
CA ARG E 68 4.91 34.49 30.00
C ARG E 68 3.71 34.56 29.05
N GLN E 69 3.83 35.35 27.98
CA GLN E 69 2.74 35.53 27.03
C GLN E 69 1.87 34.32 26.66
N GLY E 70 2.48 33.31 26.04
CA GLY E 70 1.71 32.14 25.63
C GLY E 70 1.32 31.17 26.72
N LEU E 71 1.47 31.56 27.98
CA LEU E 71 1.14 30.66 29.07
C LEU E 71 0.10 31.27 29.98
N LEU E 72 -0.29 32.51 29.72
CA LEU E 72 -1.27 33.22 30.55
C LEU E 72 -2.58 32.49 30.72
N LYS E 73 -3.26 32.19 29.62
CA LYS E 73 -4.53 31.51 29.68
C LYS E 73 -4.40 29.99 29.78
N THR E 74 -3.17 29.49 29.88
CA THR E 74 -2.99 28.04 29.93
C THR E 74 -3.70 27.35 31.09
N PRO E 75 -3.59 27.89 32.30
CA PRO E 75 -4.26 27.28 33.45
C PRO E 75 -5.74 26.99 33.22
N TRP E 76 -6.41 27.88 32.49
CA TRP E 76 -7.82 27.66 32.23
C TRP E 76 -8.06 26.73 31.05
N ARG E 77 -7.22 26.83 30.03
CA ARG E 77 -7.35 25.97 28.85
C ARG E 77 -7.07 24.53 29.21
N ALA E 78 -6.04 24.34 30.03
CA ALA E 78 -5.67 23.00 30.47
C ALA E 78 -6.79 22.38 31.33
N ALA E 79 -7.33 23.16 32.26
CA ALA E 79 -8.39 22.70 33.14
C ALA E 79 -9.63 22.34 32.32
N THR E 80 -10.04 23.24 31.46
CA THR E 80 -11.20 23.02 30.61
C THR E 80 -11.00 21.79 29.74
N ALA E 81 -9.78 21.63 29.23
CA ALA E 81 -9.46 20.48 28.40
C ALA E 81 -9.59 19.20 29.22
N MET E 82 -9.03 19.22 30.43
CA MET E 82 -9.07 18.05 31.29
C MET E 82 -10.51 17.70 31.66
N GLN E 83 -11.37 18.70 31.82
CA GLN E 83 -12.78 18.41 32.15
C GLN E 83 -13.49 17.79 30.95
N PHE E 84 -13.07 18.14 29.75
CA PHE E 84 -13.66 17.59 28.55
C PHE E 84 -13.23 16.14 28.39
N PHE E 85 -11.95 15.87 28.64
CA PHE E 85 -11.40 14.53 28.53
C PHE E 85 -12.07 13.58 29.50
N THR E 86 -12.66 14.12 30.56
CA THR E 86 -13.32 13.32 31.58
C THR E 86 -14.83 13.58 31.68
N LYS E 87 -15.43 14.06 30.59
CA LYS E 87 -16.86 14.35 30.58
C LYS E 87 -17.73 13.09 30.67
N GLY E 88 -17.10 11.91 30.63
CA GLY E 88 -17.86 10.69 30.69
C GLY E 88 -18.49 10.48 32.06
N TYR E 89 -17.86 11.09 33.07
CA TYR E 89 -18.34 10.99 34.43
C TYR E 89 -19.67 11.70 34.60
N GLN E 90 -20.00 12.64 33.72
CA GLN E 90 -21.26 13.36 33.88
C GLN E 90 -22.40 12.75 33.08
N GLU E 91 -22.22 11.50 32.70
CA GLU E 91 -23.23 10.77 31.94
C GLU E 91 -23.35 9.39 32.58
N THR E 92 -24.52 8.77 32.43
CA THR E 92 -24.73 7.45 32.98
C THR E 92 -25.27 6.51 31.90
N ILE E 93 -24.72 5.31 31.82
CA ILE E 93 -25.11 4.36 30.79
C ILE E 93 -26.61 4.15 30.74
N SER E 94 -27.25 4.28 31.91
CA SER E 94 -28.71 4.12 32.05
C SER E 94 -29.48 4.78 30.92
N ASP E 95 -29.23 6.06 30.72
CA ASP E 95 -29.91 6.82 29.68
C ASP E 95 -29.86 6.11 28.32
N VAL E 96 -28.64 5.94 27.81
CA VAL E 96 -28.43 5.28 26.53
C VAL E 96 -28.89 3.82 26.53
N LEU E 97 -28.65 3.12 27.63
CA LEU E 97 -29.03 1.70 27.78
C LEU E 97 -30.55 1.47 27.87
N ASN E 98 -31.33 2.54 27.68
CA ASN E 98 -32.79 2.44 27.74
C ASN E 98 -33.46 2.69 26.38
N ASP E 99 -32.65 2.74 25.32
CA ASP E 99 -33.17 2.97 23.98
C ASP E 99 -32.94 1.75 23.10
N ALA E 100 -33.06 0.57 23.71
CA ALA E 100 -32.92 -0.71 23.02
C ALA E 100 -34.26 -0.92 22.34
N ILE E 101 -34.28 -1.57 21.19
CA ILE E 101 -35.52 -1.78 20.47
C ILE E 101 -35.80 -3.26 20.24
N PHE E 102 -37.05 -3.68 20.41
CA PHE E 102 -37.37 -5.10 20.23
C PHE E 102 -37.30 -5.40 18.74
N ASP E 103 -36.66 -6.51 18.40
CA ASP E 103 -36.50 -6.94 17.02
C ASP E 103 -35.80 -8.31 16.95
N GLU E 104 -36.58 -9.35 16.63
CA GLU E 104 -36.03 -10.70 16.55
C GLU E 104 -36.09 -11.17 15.10
N ASP E 105 -36.19 -10.19 14.20
CA ASP E 105 -36.27 -10.49 12.78
C ASP E 105 -34.95 -10.29 12.08
N HIS E 106 -33.97 -9.75 12.80
CA HIS E 106 -32.68 -9.49 12.18
C HIS E 106 -31.53 -10.35 12.70
N ASP E 107 -31.56 -11.63 12.35
CA ASP E 107 -30.54 -12.58 12.74
C ASP E 107 -29.31 -12.45 11.82
N GLU E 108 -28.46 -11.48 12.15
CA GLU E 108 -27.26 -11.22 11.37
C GLU E 108 -26.27 -10.51 12.26
N MET E 109 -24.99 -10.56 11.89
CA MET E 109 -23.97 -9.91 12.70
C MET E 109 -23.92 -8.42 12.43
N VAL E 110 -23.91 -7.65 13.51
CA VAL E 110 -23.85 -6.20 13.39
C VAL E 110 -22.52 -5.72 13.90
N ILE E 111 -21.80 -5.00 13.08
CA ILE E 111 -20.49 -4.51 13.47
C ILE E 111 -20.32 -3.03 13.20
N VAL E 112 -19.74 -2.34 14.17
CA VAL E 112 -19.43 -0.94 14.00
C VAL E 112 -17.93 -0.91 14.28
N LYS E 113 -17.15 -0.79 13.23
CA LYS E 113 -15.71 -0.76 13.36
C LYS E 113 -15.08 0.61 13.18
N ASP E 114 -13.82 0.72 13.60
CA ASP E 114 -13.06 1.96 13.49
C ASP E 114 -13.67 3.16 14.22
N ILE E 115 -14.18 2.91 15.42
CA ILE E 115 -14.73 3.99 16.21
C ILE E 115 -13.54 4.68 16.87
N ASP E 116 -13.30 5.93 16.52
CA ASP E 116 -12.18 6.67 17.11
C ASP E 116 -12.42 6.79 18.58
N MET E 117 -11.36 6.62 19.36
CA MET E 117 -11.52 6.74 20.79
C MET E 117 -10.30 7.39 21.40
N PHE E 118 -10.56 8.29 22.34
CA PHE E 118 -9.52 9.03 23.00
C PHE E 118 -9.77 8.95 24.49
N SER E 119 -8.79 8.43 25.22
CA SER E 119 -8.94 8.32 26.66
C SER E 119 -7.70 8.79 27.40
N MET E 120 -7.76 8.76 28.72
CA MET E 120 -6.64 9.17 29.55
C MET E 120 -6.28 8.01 30.46
N CYS E 121 -5.04 7.56 30.47
CA CYS E 121 -4.71 6.45 31.38
C CYS E 121 -4.73 7.04 32.78
N GLU E 122 -5.35 6.30 33.71
CA GLU E 122 -5.45 6.78 35.09
C GLU E 122 -4.13 6.77 35.83
N HIS E 123 -3.17 6.03 35.31
CA HIS E 123 -1.87 5.92 35.93
C HIS E 123 -0.96 7.14 35.78
N HIS E 124 -0.88 7.69 34.57
CA HIS E 124 -0.03 8.84 34.32
C HIS E 124 -0.74 10.08 33.84
N LEU E 125 -2.05 9.96 33.62
CA LEU E 125 -2.85 11.09 33.16
C LEU E 125 -2.33 11.59 31.81
N VAL E 126 -1.88 10.66 30.98
CA VAL E 126 -1.40 10.95 29.65
C VAL E 126 -2.43 10.22 28.77
N PRO E 127 -2.79 10.77 27.62
CA PRO E 127 -3.78 10.03 26.84
C PRO E 127 -3.34 8.81 26.04
N PHE E 128 -4.28 7.87 25.86
CA PHE E 128 -4.04 6.72 25.03
C PHE E 128 -5.16 6.77 23.99
N VAL E 129 -4.78 6.69 22.73
CA VAL E 129 -5.73 6.82 21.64
C VAL E 129 -5.67 5.70 20.63
N GLY E 130 -6.81 5.43 20.01
CA GLY E 130 -6.86 4.36 19.02
C GLY E 130 -8.25 4.16 18.48
N ARG E 131 -8.63 2.90 18.25
CA ARG E 131 -9.93 2.56 17.70
C ARG E 131 -10.62 1.43 18.43
N VAL E 132 -11.96 1.44 18.39
CA VAL E 132 -12.74 0.41 19.01
C VAL E 132 -13.60 -0.28 17.96
N HIS E 133 -13.62 -1.60 18.01
CA HIS E 133 -14.41 -2.39 17.09
C HIS E 133 -15.43 -3.17 17.90
N ILE E 134 -16.70 -2.97 17.58
CA ILE E 134 -17.79 -3.63 18.29
C ILE E 134 -18.59 -4.49 17.35
N GLY E 135 -19.00 -5.66 17.85
CA GLY E 135 -19.81 -6.55 17.06
C GLY E 135 -20.75 -7.35 17.96
N TYR E 136 -21.93 -7.68 17.46
CA TYR E 136 -22.84 -8.50 18.23
C TYR E 136 -23.82 -9.24 17.34
N LEU E 137 -24.43 -10.26 17.94
CA LEU E 137 -25.42 -11.12 17.29
C LEU E 137 -26.62 -10.96 18.20
N PRO E 138 -27.67 -10.34 17.71
CA PRO E 138 -28.84 -10.15 18.56
C PRO E 138 -29.72 -11.38 18.80
N ASN E 139 -30.55 -11.29 19.82
CA ASN E 139 -31.50 -12.34 20.15
C ASN E 139 -32.84 -11.71 19.79
N LYS E 140 -33.37 -10.89 20.70
CA LYS E 140 -34.65 -10.25 20.43
C LYS E 140 -34.55 -8.74 20.45
N GLN E 141 -33.44 -8.22 20.95
CA GLN E 141 -33.27 -6.76 21.01
C GLN E 141 -32.07 -6.25 20.22
N VAL E 142 -32.25 -5.06 19.65
CA VAL E 142 -31.22 -4.42 18.86
C VAL E 142 -30.94 -3.04 19.44
N LEU E 143 -29.80 -2.46 19.08
CA LEU E 143 -29.40 -1.15 19.55
C LEU E 143 -29.05 -0.29 18.36
N GLY E 144 -29.42 0.99 18.40
CA GLY E 144 -29.12 1.88 17.30
C GLY E 144 -27.62 2.02 17.12
N LEU E 145 -27.17 2.01 15.87
CA LEU E 145 -25.74 2.12 15.57
C LEU E 145 -25.03 3.27 16.28
N SER E 146 -25.60 4.45 16.25
CA SER E 146 -24.99 5.61 16.90
C SER E 146 -24.90 5.41 18.41
N LYS E 147 -25.85 4.68 18.96
CA LYS E 147 -25.87 4.41 20.40
C LYS E 147 -24.65 3.60 20.82
N LEU E 148 -24.20 2.70 19.95
CA LEU E 148 -23.04 1.88 20.26
C LEU E 148 -21.86 2.79 20.45
N ALA E 149 -21.76 3.80 19.61
CA ALA E 149 -20.67 4.75 19.68
C ALA E 149 -20.78 5.57 20.95
N ARG E 150 -21.99 5.94 21.32
CA ARG E 150 -22.14 6.73 22.52
C ARG E 150 -21.67 5.95 23.75
N ILE E 151 -21.81 4.63 23.72
CA ILE E 151 -21.36 3.79 24.83
C ILE E 151 -19.85 3.92 24.95
N VAL E 152 -19.17 3.97 23.82
CA VAL E 152 -17.72 4.12 23.82
C VAL E 152 -17.35 5.48 24.40
N GLU E 153 -18.08 6.52 24.03
CA GLU E 153 -17.77 7.87 24.51
C GLU E 153 -17.94 8.06 26.00
N ILE E 154 -18.99 7.48 26.59
CA ILE E 154 -19.25 7.61 28.02
C ILE E 154 -18.12 7.01 28.85
N TYR E 155 -17.65 5.83 28.45
CA TYR E 155 -16.58 5.16 29.18
C TYR E 155 -15.15 5.55 28.82
N SER E 156 -14.92 5.97 27.59
CA SER E 156 -13.56 6.34 27.21
C SER E 156 -13.17 7.73 27.75
N ARG E 157 -14.14 8.61 27.91
CA ARG E 157 -13.84 9.95 28.40
C ARG E 157 -13.86 9.97 29.93
N ARG E 158 -12.92 9.22 30.50
CA ARG E 158 -12.74 9.10 31.94
C ARG E 158 -11.28 8.71 32.14
N LEU E 159 -10.82 8.66 33.38
CA LEU E 159 -9.45 8.24 33.63
C LEU E 159 -9.64 6.73 33.52
N GLN E 160 -8.89 6.09 32.63
CA GLN E 160 -9.07 4.67 32.40
C GLN E 160 -7.86 3.74 32.37
N VAL E 161 -8.19 2.48 32.14
CA VAL E 161 -7.25 1.38 31.98
C VAL E 161 -7.86 0.68 30.78
N GLN E 162 -7.07 0.36 29.76
CA GLN E 162 -7.66 -0.23 28.57
C GLN E 162 -8.52 -1.47 28.77
N GLU E 163 -8.12 -2.34 29.69
CA GLU E 163 -8.89 -3.56 29.94
C GLU E 163 -10.26 -3.25 30.52
N ARG E 164 -10.31 -2.29 31.44
CA ARG E 164 -11.58 -1.93 32.05
C ARG E 164 -12.50 -1.34 31.01
N LEU E 165 -11.98 -0.37 30.24
CA LEU E 165 -12.78 0.27 29.20
C LEU E 165 -13.40 -0.80 28.30
N THR E 166 -12.60 -1.77 27.88
CA THR E 166 -13.08 -2.84 27.01
C THR E 166 -14.25 -3.57 27.60
N LYS E 167 -14.09 -4.05 28.82
CA LYS E 167 -15.14 -4.79 29.52
C LYS E 167 -16.41 -3.94 29.73
N GLN E 168 -16.25 -2.69 30.13
CA GLN E 168 -17.40 -1.84 30.36
C GLN E 168 -18.25 -1.68 29.12
N ILE E 169 -17.58 -1.57 27.98
CA ILE E 169 -18.29 -1.43 26.72
C ILE E 169 -19.07 -2.72 26.46
N ALA E 170 -18.38 -3.83 26.57
CA ALA E 170 -18.95 -5.15 26.37
C ALA E 170 -20.13 -5.42 27.29
N VAL E 171 -19.93 -5.11 28.57
CA VAL E 171 -20.96 -5.32 29.57
C VAL E 171 -22.20 -4.49 29.33
N ALA E 172 -22.00 -3.26 28.87
CA ALA E 172 -23.13 -2.39 28.60
C ALA E 172 -23.98 -2.99 27.51
N ILE E 173 -23.34 -3.40 26.42
CA ILE E 173 -24.06 -3.99 25.29
C ILE E 173 -24.76 -5.27 25.71
N THR E 174 -24.09 -6.06 26.55
CA THR E 174 -24.67 -7.31 27.01
C THR E 174 -25.93 -7.06 27.84
N GLU E 175 -25.84 -6.19 28.82
CA GLU E 175 -26.97 -5.89 29.69
C GLU E 175 -28.11 -5.16 29.01
N ALA E 176 -27.82 -4.45 27.94
CA ALA E 176 -28.88 -3.71 27.28
C ALA E 176 -29.63 -4.54 26.25
N LEU E 177 -28.95 -5.54 25.69
CA LEU E 177 -29.52 -6.38 24.64
C LEU E 177 -29.68 -7.87 24.87
N GLN E 178 -29.03 -8.43 25.89
CA GLN E 178 -29.09 -9.88 26.12
C GLN E 178 -28.86 -10.53 24.76
N PRO E 179 -27.76 -10.21 24.10
CA PRO E 179 -27.51 -10.81 22.78
C PRO E 179 -27.02 -12.24 22.84
N ALA E 180 -26.98 -12.86 21.67
CA ALA E 180 -26.50 -14.22 21.53
C ALA E 180 -24.98 -14.18 21.78
N GLY E 181 -24.37 -13.05 21.48
CA GLY E 181 -22.95 -12.89 21.66
C GLY E 181 -22.52 -11.47 21.37
N VAL E 182 -21.31 -11.12 21.75
CA VAL E 182 -20.81 -9.78 21.51
C VAL E 182 -19.29 -9.80 21.53
N GLY E 183 -18.69 -8.93 20.73
CA GLY E 183 -17.25 -8.85 20.69
C GLY E 183 -16.79 -7.40 20.72
N VAL E 184 -15.75 -7.13 21.49
CA VAL E 184 -15.21 -5.77 21.59
C VAL E 184 -13.69 -5.81 21.53
N VAL E 185 -13.11 -5.14 20.54
CA VAL E 185 -11.67 -5.10 20.39
C VAL E 185 -11.19 -3.65 20.43
N ILE E 186 -10.14 -3.40 21.19
CA ILE E 186 -9.60 -2.05 21.24
C ILE E 186 -8.13 -2.03 20.90
N GLU E 187 -7.76 -1.20 19.95
CA GLU E 187 -6.37 -1.05 19.53
C GLU E 187 -6.02 0.40 19.86
N ALA E 188 -5.00 0.60 20.67
CA ALA E 188 -4.64 1.96 21.03
C ALA E 188 -3.18 2.17 21.33
N THR E 189 -2.75 3.42 21.20
CA THR E 189 -1.37 3.77 21.45
C THR E 189 -1.33 4.51 22.77
N HIS E 190 -0.56 4.00 23.71
CA HIS E 190 -0.44 4.64 25.02
C HIS E 190 0.73 5.58 24.98
N MET E 191 0.45 6.87 25.04
CA MET E 191 1.50 7.89 25.00
C MET E 191 2.50 7.75 26.13
N CYS E 192 2.10 7.15 27.24
CA CYS E 192 3.01 6.99 28.36
C CYS E 192 3.99 5.85 28.13
N MET E 193 3.87 5.18 26.98
CA MET E 193 4.76 4.08 26.61
C MET E 193 5.58 4.48 25.39
N VAL E 194 5.13 5.55 24.73
CA VAL E 194 5.82 6.05 23.54
C VAL E 194 6.69 7.26 23.93
N MET E 195 6.09 8.21 24.63
CA MET E 195 6.76 9.42 25.07
C MET E 195 7.66 9.24 26.28
N ARG E 196 7.57 8.10 26.95
CA ARG E 196 8.37 7.88 28.15
C ARG E 196 8.45 6.41 28.57
N GLY E 197 9.03 6.19 29.75
CA GLY E 197 9.17 4.84 30.25
C GLY E 197 9.94 3.91 29.33
N VAL E 198 9.26 2.86 28.86
CA VAL E 198 9.87 1.88 27.95
C VAL E 198 10.17 2.52 26.59
N GLN E 199 9.51 3.64 26.32
CA GLN E 199 9.68 4.40 25.09
C GLN E 199 9.70 3.54 23.82
N LYS E 200 8.62 2.80 23.61
CA LYS E 200 8.49 1.97 22.43
C LYS E 200 7.53 2.62 21.46
N MET E 201 8.06 3.30 20.45
CA MET E 201 7.19 3.91 19.46
C MET E 201 6.69 2.71 18.68
N ASN E 202 5.73 2.89 17.79
CA ASN E 202 5.19 1.78 16.98
C ASN E 202 4.39 0.79 17.81
N SER E 203 4.69 0.72 19.09
CA SER E 203 4.01 -0.19 20.01
C SER E 203 2.52 0.11 20.19
N LYS E 204 1.71 -0.95 20.18
CA LYS E 204 0.26 -0.82 20.35
C LYS E 204 -0.32 -1.89 21.28
N THR E 205 -1.33 -1.49 22.05
CA THR E 205 -1.99 -2.38 22.99
C THR E 205 -3.36 -2.77 22.45
N VAL E 206 -3.59 -4.07 22.33
CA VAL E 206 -4.87 -4.55 21.83
C VAL E 206 -5.53 -5.37 22.94
N THR E 207 -6.79 -5.07 23.22
CA THR E 207 -7.57 -5.79 24.23
C THR E 207 -8.76 -6.34 23.50
N SER E 208 -9.15 -7.56 23.82
CA SER E 208 -10.25 -8.18 23.12
C SER E 208 -11.18 -8.98 24.04
N THR E 209 -12.48 -8.67 23.96
CA THR E 209 -13.47 -9.37 24.76
C THR E 209 -14.46 -10.08 23.87
N MET E 210 -14.57 -11.39 24.08
CA MET E 210 -15.46 -12.21 23.28
C MET E 210 -16.44 -12.84 24.24
N LEU E 211 -17.73 -12.57 24.04
CA LEU E 211 -18.75 -13.11 24.90
C LEU E 211 -19.79 -13.90 24.12
N GLY E 212 -20.42 -14.86 24.80
CA GLY E 212 -21.44 -15.68 24.17
C GLY E 212 -20.95 -16.46 22.98
N VAL E 213 -21.72 -16.44 21.90
CA VAL E 213 -21.37 -17.19 20.70
C VAL E 213 -20.08 -16.71 20.07
N PHE E 214 -19.68 -15.47 20.40
CA PHE E 214 -18.43 -14.93 19.89
C PHE E 214 -17.27 -15.71 20.53
N ARG E 215 -17.52 -16.26 21.72
CA ARG E 215 -16.50 -17.07 22.36
C ARG E 215 -16.62 -18.56 22.02
N GLU E 216 -17.83 -19.09 22.04
CA GLU E 216 -18.06 -20.51 21.79
C GLU E 216 -17.86 -20.96 20.34
N ASP E 217 -18.49 -20.27 19.40
CA ASP E 217 -18.42 -20.65 18.00
C ASP E 217 -17.20 -20.12 17.25
N PRO E 218 -16.37 -21.02 16.71
CA PRO E 218 -15.19 -20.60 15.97
C PRO E 218 -15.54 -19.87 14.66
N LYS E 219 -16.66 -20.25 14.05
CA LYS E 219 -17.11 -19.62 12.82
C LYS E 219 -17.44 -18.17 13.09
N THR E 220 -18.18 -17.95 14.18
CA THR E 220 -18.58 -16.61 14.58
C THR E 220 -17.39 -15.67 14.87
N ARG E 221 -16.46 -16.10 15.71
CA ARG E 221 -15.32 -15.28 16.08
C ARG E 221 -14.44 -14.96 14.91
N GLU E 222 -14.24 -15.94 14.03
CA GLU E 222 -13.39 -15.73 12.87
C GLU E 222 -14.00 -14.71 11.93
N GLU E 223 -15.32 -14.75 11.79
CA GLU E 223 -16.04 -13.81 10.94
C GLU E 223 -15.90 -12.38 11.47
N PHE E 224 -16.17 -12.18 12.76
CA PHE E 224 -16.05 -10.86 13.38
C PHE E 224 -14.64 -10.31 13.18
N LEU E 225 -13.66 -11.13 13.52
CA LEU E 225 -12.26 -10.77 13.38
C LEU E 225 -11.85 -10.43 11.93
N THR E 226 -12.52 -11.02 10.94
CA THR E 226 -12.21 -10.73 9.54
C THR E 226 -12.87 -9.46 9.07
N LEU E 227 -14.16 -9.35 9.37
CA LEU E 227 -14.94 -8.20 8.98
C LEU E 227 -14.49 -6.89 9.62
N ILE E 228 -13.74 -6.94 10.72
CA ILE E 228 -13.29 -5.70 11.35
C ILE E 228 -11.90 -5.28 10.83
N ARG E 229 -11.31 -6.13 10.00
CA ARG E 229 -10.00 -5.88 9.43
C ARG E 229 -9.99 -4.84 8.32
N SER E 230 -8.78 -4.35 8.03
CA SER E 230 -8.50 -3.34 7.00
C SER E 230 -9.73 -2.58 6.47
N ARG F 37 19.75 30.00 33.60
CA ARG F 37 20.39 28.68 33.92
C ARG F 37 19.39 27.53 33.72
N PRO F 38 19.88 26.38 33.20
CA PRO F 38 18.99 25.24 32.98
C PRO F 38 18.47 24.61 34.28
N ARG F 39 17.37 23.88 34.18
CA ARG F 39 16.78 23.20 35.32
C ARG F 39 17.79 22.15 35.78
N SER F 40 17.69 21.70 37.03
CA SER F 40 18.64 20.69 37.53
C SER F 40 17.92 19.55 38.24
N GLU F 41 18.66 18.46 38.46
CA GLU F 41 18.11 17.30 39.14
C GLU F 41 17.61 17.68 40.54
N GLU F 42 18.29 18.65 41.16
CA GLU F 42 17.90 19.12 42.49
C GLU F 42 16.56 19.84 42.42
N ASP F 43 16.39 20.65 41.38
CA ASP F 43 15.14 21.39 41.18
C ASP F 43 14.00 20.40 41.06
N ASN F 44 14.24 19.29 40.36
CA ASN F 44 13.20 18.30 40.18
C ASN F 44 12.81 17.66 41.51
N GLU F 45 13.79 17.41 42.37
CA GLU F 45 13.50 16.82 43.67
C GLU F 45 12.70 17.77 44.57
N LEU F 46 13.07 19.04 44.57
CA LEU F 46 12.38 20.02 45.39
C LEU F 46 10.95 20.25 44.88
N ASN F 47 10.79 20.27 43.55
CA ASN F 47 9.50 20.51 42.92
C ASN F 47 8.61 19.31 42.67
N LEU F 48 9.19 18.12 42.76
CA LEU F 48 8.39 16.93 42.54
C LEU F 48 7.20 16.92 43.49
N PRO F 49 7.42 17.17 44.79
CA PRO F 49 6.25 17.16 45.66
C PRO F 49 5.15 18.14 45.21
N ASN F 50 5.52 19.39 44.95
CA ASN F 50 4.51 20.37 44.56
C ASN F 50 3.69 19.93 43.36
N LEU F 51 4.36 19.29 42.40
CA LEU F 51 3.68 18.77 41.22
C LEU F 51 2.70 17.69 41.67
N ALA F 52 3.21 16.69 42.37
CA ALA F 52 2.37 15.62 42.86
C ALA F 52 1.17 16.17 43.61
N ALA F 53 1.38 17.21 44.43
CA ALA F 53 0.27 17.78 45.20
C ALA F 53 -0.76 18.41 44.28
N ALA F 54 -0.29 19.03 43.21
CA ALA F 54 -1.19 19.66 42.26
C ALA F 54 -2.03 18.61 41.53
N TYR F 55 -1.38 17.53 41.11
CA TYR F 55 -2.08 16.47 40.40
C TYR F 55 -3.11 15.78 41.31
N SER F 56 -2.78 15.67 42.59
CA SER F 56 -3.70 15.06 43.55
C SER F 56 -4.91 15.97 43.62
N SER F 57 -4.64 17.28 43.62
CA SER F 57 -5.69 18.27 43.69
C SER F 57 -6.59 18.15 42.47
N ILE F 58 -5.95 17.98 41.31
CA ILE F 58 -6.66 17.86 40.05
C ILE F 58 -7.60 16.65 40.07
N LEU F 59 -7.11 15.52 40.59
CA LEU F 59 -7.94 14.34 40.67
C LEU F 59 -9.23 14.62 41.44
N ARG F 60 -9.13 15.21 42.62
CA ARG F 60 -10.34 15.51 43.37
C ARG F 60 -11.24 16.48 42.62
N SER F 61 -10.64 17.53 42.06
CA SER F 61 -11.42 18.54 41.33
C SER F 61 -12.14 17.99 40.11
N LEU F 62 -11.73 16.82 39.64
CA LEU F 62 -12.36 16.20 38.48
C LEU F 62 -13.50 15.30 38.93
N GLY F 63 -13.52 14.99 40.22
CA GLY F 63 -14.56 14.14 40.76
C GLY F 63 -14.08 12.76 41.12
N GLU F 64 -12.80 12.49 40.89
CA GLU F 64 -12.21 11.19 41.20
C GLU F 64 -11.77 11.09 42.65
N ASP F 65 -11.50 9.87 43.09
CA ASP F 65 -11.09 9.59 44.45
C ASP F 65 -9.62 9.21 44.42
N PRO F 66 -8.75 10.13 44.85
CA PRO F 66 -7.30 9.90 44.88
C PRO F 66 -6.89 8.75 45.78
N GLN F 67 -7.83 8.21 46.55
CA GLN F 67 -7.54 7.10 47.42
C GLN F 67 -7.75 5.79 46.67
N ARG F 68 -8.65 5.83 45.69
CA ARG F 68 -8.96 4.67 44.87
C ARG F 68 -7.68 3.89 44.50
N GLN F 69 -7.76 2.57 44.54
CA GLN F 69 -6.62 1.70 44.24
C GLN F 69 -5.70 2.15 43.11
N GLY F 70 -6.22 2.16 41.88
CA GLY F 70 -5.40 2.53 40.74
C GLY F 70 -5.04 3.99 40.57
N LEU F 71 -5.39 4.79 41.56
CA LEU F 71 -5.10 6.21 41.51
C LEU F 71 -4.13 6.67 42.60
N LEU F 72 -3.78 5.76 43.52
CA LEU F 72 -2.87 6.11 44.62
C LEU F 72 -1.55 6.69 44.22
N LYS F 73 -0.84 6.00 43.33
CA LYS F 73 0.48 6.46 42.88
C LYS F 73 0.42 7.41 41.71
N THR F 74 -0.79 7.70 41.25
CA THR F 74 -0.90 8.59 40.11
C THR F 74 -0.28 9.97 40.32
N PRO F 75 -0.55 10.64 41.45
CA PRO F 75 0.06 11.96 41.61
C PRO F 75 1.59 11.97 41.39
N TRP F 76 2.28 10.91 41.80
CA TRP F 76 3.73 10.90 41.60
C TRP F 76 4.09 10.51 40.18
N ARG F 77 3.33 9.60 39.60
CA ARG F 77 3.60 9.15 38.24
C ARG F 77 3.32 10.26 37.23
N ALA F 78 2.26 11.01 37.46
CA ALA F 78 1.88 12.10 36.58
C ALA F 78 2.93 13.18 36.67
N ALA F 79 3.40 13.46 37.89
CA ALA F 79 4.42 14.48 38.09
C ALA F 79 5.72 14.04 37.44
N THR F 80 6.15 12.82 37.71
CA THR F 80 7.39 12.32 37.15
C THR F 80 7.34 12.36 35.63
N ALA F 81 6.17 12.03 35.09
CA ALA F 81 5.97 12.03 33.64
C ALA F 81 6.08 13.44 33.08
N MET F 82 5.41 14.39 33.72
CA MET F 82 5.45 15.77 33.26
C MET F 82 6.85 16.33 33.30
N GLN F 83 7.64 15.90 34.29
CA GLN F 83 9.01 16.38 34.38
C GLN F 83 9.85 15.82 33.25
N PHE F 84 9.55 14.60 32.85
CA PHE F 84 10.29 13.97 31.77
C PHE F 84 9.95 14.67 30.46
N PHE F 85 8.66 14.95 30.27
CA PHE F 85 8.16 15.61 29.08
C PHE F 85 8.78 17.00 28.92
N THR F 86 9.24 17.57 30.03
CA THR F 86 9.84 18.89 29.99
C THR F 86 11.33 18.91 30.34
N LYS F 87 11.99 17.76 30.22
CA LYS F 87 13.41 17.65 30.55
C LYS F 87 14.33 18.47 29.66
N GLY F 88 13.78 19.07 28.61
CA GLY F 88 14.62 19.87 27.73
C GLY F 88 15.08 21.17 28.37
N TYR F 89 14.35 21.59 29.40
CA TYR F 89 14.67 22.81 30.12
C TYR F 89 15.97 22.64 30.91
N GLN F 90 16.31 21.41 31.29
CA GLN F 90 17.52 21.19 32.07
C GLN F 90 18.75 20.95 31.20
N GLU F 91 18.66 21.34 29.93
CA GLU F 91 19.77 21.18 29.01
C GLU F 91 19.92 22.48 28.24
N THR F 92 21.13 22.75 27.75
CA THR F 92 21.36 23.96 27.00
C THR F 92 22.00 23.60 25.65
N ILE F 93 21.53 24.25 24.60
CA ILE F 93 22.02 23.99 23.25
C ILE F 93 23.53 24.17 23.15
N SER F 94 24.08 25.06 23.97
CA SER F 94 25.51 25.35 24.01
C SER F 94 26.35 24.08 23.96
N ASP F 95 26.04 23.15 24.87
CA ASP F 95 26.77 21.88 24.95
C ASP F 95 26.89 21.18 23.60
N VAL F 96 25.73 20.82 23.04
CA VAL F 96 25.66 20.13 21.75
C VAL F 96 26.17 20.97 20.56
N LEU F 97 25.88 22.26 20.59
CA LEU F 97 26.29 23.19 19.54
C LEU F 97 27.81 23.44 19.52
N ASN F 98 28.54 22.81 20.44
CA ASN F 98 29.99 22.99 20.51
C ASN F 98 30.75 21.76 20.00
N ASP F 99 30.01 20.81 19.45
CA ASP F 99 30.65 19.59 18.95
C ASP F 99 30.63 19.55 17.43
N ALA F 100 30.70 20.73 16.82
CA ALA F 100 30.71 20.84 15.37
C ALA F 100 32.12 20.43 14.96
N ILE F 101 32.29 19.96 13.73
CA ILE F 101 33.61 19.55 13.27
C ILE F 101 33.97 20.22 11.97
N PHE F 102 35.21 20.66 11.82
CA PHE F 102 35.62 21.31 10.58
C PHE F 102 35.72 20.26 9.48
N ASP F 103 35.12 20.57 8.33
CA ASP F 103 35.12 19.68 7.18
C ASP F 103 34.52 20.41 5.99
N GLU F 104 35.35 20.71 5.00
CA GLU F 104 34.89 21.40 3.80
C GLU F 104 35.08 20.48 2.61
N ASP F 105 35.18 19.20 2.89
CA ASP F 105 35.40 18.20 1.85
C ASP F 105 34.15 17.41 1.51
N HIS F 106 33.05 17.68 2.22
CA HIS F 106 31.84 16.95 1.97
C HIS F 106 30.70 17.80 1.49
N ASP F 107 30.83 18.27 0.25
CA ASP F 107 29.82 19.11 -0.36
C ASP F 107 28.68 18.22 -0.86
N GLU F 108 27.79 17.89 0.06
CA GLU F 108 26.64 17.04 -0.26
C GLU F 108 25.52 17.33 0.71
N MET F 109 24.30 16.99 0.33
CA MET F 109 23.19 17.24 1.22
C MET F 109 23.07 16.11 2.24
N VAL F 110 22.93 16.53 3.49
CA VAL F 110 22.81 15.61 4.59
C VAL F 110 21.42 15.74 5.16
N ILE F 111 20.72 14.62 5.21
CA ILE F 111 19.37 14.60 5.74
C ILE F 111 19.23 13.54 6.84
N VAL F 112 18.47 13.87 7.86
CA VAL F 112 18.15 12.94 8.92
C VAL F 112 16.64 13.08 9.01
N LYS F 113 15.95 12.09 8.47
CA LYS F 113 14.49 12.11 8.44
C LYS F 113 13.81 11.16 9.41
N ASP F 114 12.51 11.39 9.59
CA ASP F 114 11.69 10.57 10.44
C ASP F 114 12.16 10.50 11.88
N ILE F 115 12.63 11.64 12.40
CA ILE F 115 13.06 11.69 13.79
C ILE F 115 11.79 11.78 14.61
N ASP F 116 11.52 10.77 15.43
CA ASP F 116 10.30 10.78 16.24
C ASP F 116 10.37 11.92 17.23
N MET F 117 9.28 12.66 17.38
CA MET F 117 9.31 13.76 18.32
C MET F 117 8.00 13.84 19.11
N PHE F 118 8.14 14.06 20.41
CA PHE F 118 7.00 14.13 21.31
C PHE F 118 7.12 15.41 22.09
N SER F 119 6.09 16.24 22.04
CA SER F 119 6.13 17.50 22.74
C SER F 119 4.78 17.78 23.41
N MET F 120 4.73 18.87 24.17
CA MET F 120 3.52 19.27 24.88
C MET F 120 3.14 20.67 24.43
N CYS F 121 1.92 20.86 23.95
CA CYS F 121 1.57 22.21 23.54
C CYS F 121 1.42 23.06 24.80
N GLU F 122 2.00 24.26 24.78
CA GLU F 122 1.96 25.12 25.94
C GLU F 122 0.58 25.70 26.25
N HIS F 123 -0.30 25.67 25.25
CA HIS F 123 -1.64 26.21 25.41
C HIS F 123 -2.59 25.34 26.25
N HIS F 124 -2.58 24.03 26.02
CA HIS F 124 -3.46 23.12 26.76
C HIS F 124 -2.74 22.06 27.58
N LEU F 125 -1.43 21.97 27.44
CA LEU F 125 -0.65 20.99 28.17
C LEU F 125 -1.09 19.59 27.78
N VAL F 126 -1.39 19.41 26.50
CA VAL F 126 -1.77 18.11 25.95
C VAL F 126 -0.62 17.88 24.95
N PRO F 127 -0.20 16.62 24.76
CA PRO F 127 0.90 16.47 23.82
C PRO F 127 0.61 16.52 22.34
N PHE F 128 1.61 16.89 21.54
CA PHE F 128 1.47 16.84 20.09
C PHE F 128 2.67 16.03 19.66
N VAL F 129 2.44 15.02 18.82
CA VAL F 129 3.52 14.13 18.41
C VAL F 129 3.60 13.96 16.91
N GLY F 130 4.75 13.52 16.43
CA GLY F 130 4.95 13.35 15.00
C GLY F 130 6.41 13.15 14.65
N ARG F 131 6.84 13.66 13.51
CA ARG F 131 8.23 13.50 13.07
C ARG F 131 8.90 14.78 12.62
N VAL F 132 10.22 14.82 12.73
CA VAL F 132 10.98 15.99 12.30
C VAL F 132 11.92 15.55 11.18
N HIS F 133 12.07 16.39 10.16
CA HIS F 133 12.96 16.09 9.04
C HIS F 133 13.95 17.23 8.91
N ILE F 134 15.23 16.90 9.04
CA ILE F 134 16.27 17.90 8.96
C ILE F 134 17.18 17.66 7.79
N GLY F 135 17.61 18.75 7.17
CA GLY F 135 18.53 18.64 6.06
C GLY F 135 19.38 19.89 5.98
N TYR F 136 20.64 19.73 5.60
CA TYR F 136 21.50 20.89 5.45
C TYR F 136 22.59 20.66 4.42
N LEU F 137 23.16 21.75 3.93
CA LEU F 137 24.23 21.72 2.95
C LEU F 137 25.33 22.44 3.69
N PRO F 138 26.44 21.74 3.98
CA PRO F 138 27.53 22.38 4.70
C PRO F 138 28.42 23.32 3.91
N ASN F 139 29.11 24.19 4.63
CA ASN F 139 30.07 25.10 4.06
C ASN F 139 31.40 24.51 4.52
N LYS F 140 31.80 24.84 5.74
CA LYS F 140 33.05 24.32 6.27
C LYS F 140 32.88 23.47 7.53
N GLN F 141 31.69 23.49 8.12
CA GLN F 141 31.47 22.70 9.32
C GLN F 141 30.32 21.71 9.21
N VAL F 142 30.53 20.55 9.81
CA VAL F 142 29.56 19.47 9.80
C VAL F 142 29.17 19.13 11.25
N LEU F 143 28.07 18.41 11.42
CA LEU F 143 27.60 18.04 12.74
C LEU F 143 27.31 16.54 12.76
N GLY F 144 27.61 15.88 13.88
CA GLY F 144 27.36 14.45 14.00
C GLY F 144 25.87 14.15 13.89
N LEU F 145 25.54 13.16 13.07
CA LEU F 145 24.15 12.78 12.85
C LEU F 145 23.30 12.65 14.13
N SER F 146 23.86 12.04 15.18
CA SER F 146 23.12 11.87 16.42
C SER F 146 22.90 13.21 17.13
N LYS F 147 23.83 14.15 16.92
CA LYS F 147 23.74 15.49 17.50
C LYS F 147 22.53 16.25 16.96
N LEU F 148 22.20 16.00 15.70
CA LEU F 148 21.06 16.66 15.10
C LEU F 148 19.84 16.23 15.89
N ALA F 149 19.72 14.93 16.13
CA ALA F 149 18.59 14.39 16.87
C ALA F 149 18.52 14.96 18.28
N ARG F 150 19.67 15.16 18.92
CA ARG F 150 19.71 15.73 20.27
C ARG F 150 19.21 17.17 20.26
N ILE F 151 19.40 17.88 19.16
CA ILE F 151 18.90 19.23 19.09
C ILE F 151 17.37 19.18 19.16
N VAL F 152 16.79 18.21 18.45
CA VAL F 152 15.34 18.01 18.44
C VAL F 152 14.81 17.67 19.83
N GLU F 153 15.56 16.86 20.59
CA GLU F 153 15.12 16.48 21.94
C GLU F 153 15.17 17.64 22.93
N ILE F 154 16.21 18.44 22.86
CA ILE F 154 16.34 19.57 23.77
C ILE F 154 15.19 20.57 23.66
N TYR F 155 14.72 20.83 22.45
CA TYR F 155 13.64 21.77 22.24
C TYR F 155 12.24 21.18 22.25
N SER F 156 12.10 19.92 21.84
CA SER F 156 10.77 19.31 21.79
C SER F 156 10.28 18.92 23.18
N ARG F 157 11.20 18.63 24.08
CA ARG F 157 10.81 18.27 25.44
C ARG F 157 10.72 19.52 26.29
N ARG F 158 9.71 20.32 26.00
CA ARG F 158 9.42 21.57 26.69
C ARG F 158 7.97 21.91 26.36
N LEU F 159 7.42 22.92 27.01
CA LEU F 159 6.06 23.30 26.67
C LEU F 159 6.31 24.05 25.35
N GLN F 160 5.63 23.66 24.27
CA GLN F 160 5.89 24.30 22.99
C GLN F 160 4.73 24.73 22.12
N VAL F 161 5.12 25.27 20.97
CA VAL F 161 4.24 25.72 19.90
C VAL F 161 5.02 25.19 18.70
N GLN F 162 4.36 24.47 17.81
CA GLN F 162 5.08 23.89 16.68
C GLN F 162 5.94 24.85 15.85
N GLU F 163 5.49 26.08 15.63
CA GLU F 163 6.28 27.01 14.83
C GLU F 163 7.57 27.37 15.54
N ARG F 164 7.50 27.57 16.85
CA ARG F 164 8.70 27.92 17.59
C ARG F 164 9.65 26.74 17.58
N LEU F 165 9.13 25.54 17.87
CA LEU F 165 9.98 24.35 17.86
C LEU F 165 10.79 24.24 16.55
N THR F 166 10.11 24.40 15.41
CA THR F 166 10.73 24.32 14.10
C THR F 166 11.87 25.33 13.98
N LYS F 167 11.57 26.59 14.23
CA LYS F 167 12.57 27.64 14.16
C LYS F 167 13.78 27.38 15.04
N GLN F 168 13.55 27.02 16.30
CA GLN F 168 14.65 26.76 17.23
C GLN F 168 15.58 25.67 16.73
N ILE F 169 15.02 24.64 16.14
CA ILE F 169 15.86 23.56 15.61
C ILE F 169 16.70 24.11 14.46
N ALA F 170 16.05 24.85 13.57
CA ALA F 170 16.73 25.43 12.41
C ALA F 170 17.80 26.43 12.81
N VAL F 171 17.47 27.32 13.75
CA VAL F 171 18.43 28.32 14.20
C VAL F 171 19.63 27.66 14.86
N ALA F 172 19.39 26.58 15.59
CA ALA F 172 20.47 25.90 16.26
C ALA F 172 21.48 25.42 15.23
N ILE F 173 20.99 24.72 14.22
CA ILE F 173 21.85 24.19 13.16
C ILE F 173 22.55 25.31 12.41
N THR F 174 21.86 26.41 12.19
CA THR F 174 22.46 27.52 11.48
C THR F 174 23.62 28.08 12.29
N GLU F 175 23.36 28.42 13.54
CA GLU F 175 24.39 28.99 14.40
C GLU F 175 25.56 28.07 14.71
N ALA F 176 25.35 26.77 14.65
CA ALA F 176 26.42 25.83 14.97
C ALA F 176 27.30 25.50 13.76
N LEU F 177 26.72 25.62 12.56
CA LEU F 177 27.43 25.26 11.34
C LEU F 177 27.67 26.35 10.28
N GLN F 178 26.89 27.43 10.30
CA GLN F 178 27.03 28.45 9.26
C GLN F 178 26.95 27.70 7.94
N PRO F 179 25.89 26.89 7.73
CA PRO F 179 25.78 26.14 6.48
C PRO F 179 25.33 26.95 5.27
N ALA F 180 25.46 26.35 4.10
CA ALA F 180 25.02 26.99 2.87
C ALA F 180 23.51 27.15 2.99
N GLY F 181 22.89 26.16 3.62
CA GLY F 181 21.46 26.22 3.82
C GLY F 181 21.00 25.12 4.76
N VAL F 182 19.73 25.20 5.16
CA VAL F 182 19.18 24.19 6.05
C VAL F 182 17.67 24.15 5.90
N GLY F 183 17.11 22.96 6.09
CA GLY F 183 15.68 22.80 5.99
C GLY F 183 15.17 21.99 7.17
N VAL F 184 14.04 22.40 7.73
CA VAL F 184 13.45 21.68 8.85
C VAL F 184 11.95 21.58 8.67
N VAL F 185 11.45 20.36 8.63
CA VAL F 185 10.04 20.11 8.45
C VAL F 185 9.52 19.27 9.61
N ILE F 186 8.40 19.69 10.17
CA ILE F 186 7.80 18.95 11.27
C ILE F 186 6.36 18.62 10.94
N GLU F 187 6.03 17.34 11.06
CA GLU F 187 4.68 16.84 10.81
C GLU F 187 4.21 16.22 12.11
N ALA F 188 3.11 16.73 12.64
CA ALA F 188 2.62 16.23 13.91
C ALA F 188 1.10 16.29 14.08
N THR F 189 0.64 15.51 15.04
CA THR F 189 -0.77 15.46 15.38
C THR F 189 -0.91 16.15 16.71
N HIS F 190 -1.78 17.14 16.78
CA HIS F 190 -1.99 17.84 18.03
C HIS F 190 -3.20 17.23 18.70
N MET F 191 -2.98 16.55 19.83
CA MET F 191 -4.04 15.90 20.57
C MET F 191 -5.16 16.83 20.99
N CYS F 192 -4.85 18.11 21.14
CA CYS F 192 -5.86 19.06 21.56
C CYS F 192 -6.78 19.45 20.40
N MET F 193 -6.49 18.93 19.22
CA MET F 193 -7.29 19.22 18.05
C MET F 193 -8.02 17.96 17.61
N VAL F 194 -7.58 16.83 18.15
CA VAL F 194 -8.19 15.54 17.82
C VAL F 194 -9.14 15.08 18.94
N MET F 195 -8.66 15.17 20.17
CA MET F 195 -9.44 14.76 21.35
C MET F 195 -10.46 15.80 21.81
N ARG F 196 -10.33 17.04 21.34
CA ARG F 196 -11.24 18.10 21.75
C ARG F 196 -11.30 19.22 20.72
N GLY F 197 -11.92 20.33 21.14
CA GLY F 197 -12.05 21.49 20.28
C GLY F 197 -12.70 21.20 18.95
N VAL F 198 -11.97 21.56 17.88
CA VAL F 198 -12.45 21.33 16.51
C VAL F 198 -12.62 19.83 16.22
N GLN F 199 -12.00 19.01 17.07
CA GLN F 199 -12.03 17.55 16.98
C GLN F 199 -11.91 16.99 15.57
N LYS F 200 -10.80 17.30 14.93
CA LYS F 200 -10.55 16.82 13.58
C LYS F 200 -9.53 15.70 13.63
N MET F 201 -10.00 14.46 13.61
CA MET F 201 -9.09 13.32 13.61
C MET F 201 -8.48 13.38 12.22
N ASN F 202 -7.42 12.62 11.98
CA ASN F 202 -6.78 12.62 10.66
C ASN F 202 -5.99 13.89 10.40
N SER F 203 -6.41 14.98 11.05
CA SER F 203 -5.79 16.29 10.91
C SER F 203 -4.33 16.35 11.35
N LYS F 204 -3.47 16.92 10.51
CA LYS F 204 -2.07 17.07 10.87
C LYS F 204 -1.54 18.48 10.60
N THR F 205 -0.61 18.91 11.43
CA THR F 205 -0.01 20.23 11.29
C THR F 205 1.42 20.07 10.80
N VAL F 206 1.74 20.74 9.69
CA VAL F 206 3.07 20.68 9.12
C VAL F 206 3.68 22.07 9.12
N THR F 207 4.90 22.18 9.63
CA THR F 207 5.60 23.45 9.66
C THR F 207 6.92 23.24 8.93
N SER F 208 7.29 24.21 8.10
CA SER F 208 8.51 24.06 7.32
C SER F 208 9.38 25.31 7.29
N THR F 209 10.64 25.15 7.64
CA THR F 209 11.60 26.25 7.62
C THR F 209 12.71 25.95 6.62
N MET F 210 12.83 26.84 5.64
CA MET F 210 13.82 26.72 4.59
C MET F 210 14.72 27.95 4.67
N LEU F 211 16.02 27.72 4.90
CA LEU F 211 16.98 28.81 5.03
C LEU F 211 18.12 28.69 4.03
N GLY F 212 18.69 29.83 3.66
CA GLY F 212 19.81 29.83 2.74
C GLY F 212 19.50 29.30 1.36
N VAL F 213 20.35 28.41 0.86
CA VAL F 213 20.15 27.86 -0.46
C VAL F 213 18.92 26.98 -0.52
N PHE F 214 18.44 26.54 0.65
CA PHE F 214 17.24 25.72 0.67
C PHE F 214 16.06 26.60 0.29
N ARG F 215 16.15 27.89 0.60
CA ARG F 215 15.09 28.81 0.21
C ARG F 215 15.28 29.40 -1.19
N GLU F 216 16.52 29.78 -1.52
CA GLU F 216 16.87 30.40 -2.80
C GLU F 216 16.83 29.50 -4.02
N ASP F 217 17.49 28.35 -3.94
CA ASP F 217 17.60 27.43 -5.05
C ASP F 217 16.45 26.43 -5.19
N PRO F 218 15.68 26.51 -6.29
CA PRO F 218 14.57 25.59 -6.48
C PRO F 218 15.01 24.12 -6.56
N LYS F 219 16.19 23.89 -7.12
CA LYS F 219 16.71 22.53 -7.27
C LYS F 219 17.00 21.97 -5.89
N THR F 220 17.56 22.79 -5.03
CA THR F 220 17.89 22.36 -3.68
C THR F 220 16.64 21.99 -2.88
N ARG F 221 15.69 22.91 -2.79
CA ARG F 221 14.49 22.67 -2.01
C ARG F 221 13.69 21.47 -2.50
N GLU F 222 13.61 21.31 -3.81
CA GLU F 222 12.87 20.21 -4.36
C GLU F 222 13.53 18.88 -4.00
N GLU F 223 14.86 18.86 -3.95
CA GLU F 223 15.62 17.67 -3.63
C GLU F 223 15.38 17.20 -2.20
N PHE F 224 15.47 18.14 -1.27
CA PHE F 224 15.26 17.87 0.15
C PHE F 224 13.84 17.32 0.33
N LEU F 225 12.87 18.04 -0.24
CA LEU F 225 11.48 17.66 -0.15
C LEU F 225 11.21 16.27 -0.71
N THR F 226 11.99 15.83 -1.69
CA THR F 226 11.78 14.51 -2.27
C THR F 226 12.42 13.45 -1.41
N LEU F 227 13.67 13.70 -1.04
CA LEU F 227 14.42 12.77 -0.25
C LEU F 227 13.85 12.52 1.14
N ILE F 228 12.99 13.41 1.65
CA ILE F 228 12.43 13.20 2.98
C ILE F 228 11.10 12.47 2.91
N ARG F 229 10.59 12.29 1.70
CA ARG F 229 9.33 11.60 1.47
C ARG F 229 9.38 10.10 1.72
N SER F 230 8.19 9.51 1.77
CA SER F 230 7.95 8.07 1.97
C SER F 230 9.16 7.24 2.37
N ARG G 37 -27.40 39.65 10.22
CA ARG G 37 -27.15 38.99 11.54
C ARG G 37 -27.13 37.47 11.41
N PRO G 38 -26.33 36.79 12.23
CA PRO G 38 -26.24 35.33 12.20
C PRO G 38 -27.47 34.65 12.81
N ARG G 39 -27.74 33.42 12.39
CA ARG G 39 -28.88 32.64 12.88
C ARG G 39 -28.67 32.43 14.37
N SER G 40 -29.73 32.18 15.12
CA SER G 40 -29.60 31.98 16.56
C SER G 40 -30.31 30.73 17.05
N GLU G 41 -30.03 30.34 18.29
CA GLU G 41 -30.67 29.17 18.88
C GLU G 41 -32.19 29.36 18.94
N GLU G 42 -32.64 30.59 19.13
CA GLU G 42 -34.06 30.88 19.19
C GLU G 42 -34.66 30.64 17.81
N ASP G 43 -33.94 31.09 16.78
CA ASP G 43 -34.39 30.90 15.41
C ASP G 43 -34.61 29.42 15.11
N ASN G 44 -33.71 28.58 15.63
CA ASN G 44 -33.82 27.13 15.41
C ASN G 44 -35.04 26.54 16.09
N GLU G 45 -35.38 27.03 17.28
CA GLU G 45 -36.55 26.53 17.97
C GLU G 45 -37.82 26.92 17.21
N LEU G 46 -37.93 28.20 16.82
CA LEU G 46 -39.11 28.66 16.11
C LEU G 46 -39.32 27.94 14.81
N ASN G 47 -38.23 27.70 14.09
CA ASN G 47 -38.35 27.05 12.80
C ASN G 47 -38.38 25.54 12.81
N LEU G 48 -37.98 24.92 13.92
CA LEU G 48 -37.96 23.47 13.98
C LEU G 48 -39.27 22.82 13.54
N PRO G 49 -40.41 23.28 14.07
CA PRO G 49 -41.69 22.68 13.68
C PRO G 49 -41.97 22.72 12.18
N ASN G 50 -41.73 23.85 11.55
CA ASN G 50 -41.97 23.94 10.12
C ASN G 50 -41.09 22.96 9.36
N LEU G 51 -39.83 22.84 9.77
CA LEU G 51 -38.91 21.92 9.12
C LEU G 51 -39.47 20.51 9.26
N ALA G 52 -39.76 20.11 10.49
CA ALA G 52 -40.30 18.79 10.75
C ALA G 52 -41.56 18.57 9.91
N ALA G 53 -42.41 19.58 9.85
CA ALA G 53 -43.64 19.48 9.08
C ALA G 53 -43.31 19.26 7.61
N ALA G 54 -42.30 19.94 7.11
CA ALA G 54 -41.90 19.81 5.72
C ALA G 54 -41.38 18.43 5.43
N TYR G 55 -40.54 17.92 6.32
CA TYR G 55 -39.97 16.59 6.15
C TYR G 55 -41.04 15.51 6.25
N SER G 56 -42.06 15.78 7.06
CA SER G 56 -43.14 14.84 7.20
C SER G 56 -43.89 14.82 5.86
N SER G 57 -44.08 16.01 5.29
CA SER G 57 -44.77 16.12 4.02
C SER G 57 -43.98 15.36 2.95
N ILE G 58 -42.65 15.52 2.95
CA ILE G 58 -41.80 14.86 1.97
C ILE G 58 -41.98 13.33 2.04
N LEU G 59 -42.01 12.79 3.25
CA LEU G 59 -42.19 11.36 3.44
C LEU G 59 -43.46 10.91 2.72
N ARG G 60 -44.57 11.59 2.96
CA ARG G 60 -45.81 11.19 2.29
C ARG G 60 -45.69 11.31 0.77
N SER G 61 -45.10 12.41 0.31
CA SER G 61 -44.97 12.64 -1.11
C SER G 61 -44.08 11.60 -1.78
N LEU G 62 -43.30 10.88 -1.00
CA LEU G 62 -42.41 9.87 -1.57
C LEU G 62 -43.11 8.52 -1.65
N GLY G 63 -44.22 8.38 -0.92
CA GLY G 63 -44.96 7.13 -0.92
C GLY G 63 -44.82 6.37 0.38
N GLU G 64 -44.10 6.93 1.33
CA GLU G 64 -43.90 6.28 2.62
C GLU G 64 -45.04 6.61 3.58
N ASP G 65 -45.06 5.89 4.70
CA ASP G 65 -46.07 6.11 5.71
C ASP G 65 -45.39 6.72 6.93
N PRO G 66 -45.61 8.02 7.17
CA PRO G 66 -44.99 8.70 8.32
C PRO G 66 -45.33 8.08 9.66
N GLN G 67 -46.35 7.22 9.69
CA GLN G 67 -46.79 6.58 10.92
C GLN G 67 -45.97 5.33 11.21
N ARG G 68 -45.45 4.73 10.15
CA ARG G 68 -44.63 3.53 10.24
C ARG G 68 -43.65 3.65 11.43
N GLN G 69 -43.40 2.54 12.10
CA GLN G 69 -42.52 2.54 13.27
C GLN G 69 -41.23 3.34 13.16
N GLY G 70 -40.32 2.90 12.30
CA GLY G 70 -39.04 3.58 12.16
C GLY G 70 -39.03 4.92 11.44
N LEU G 71 -40.20 5.50 11.23
CA LEU G 71 -40.29 6.78 10.54
C LEU G 71 -40.96 7.84 11.41
N LEU G 72 -41.44 7.43 12.60
CA LEU G 72 -42.13 8.34 13.50
C LEU G 72 -41.35 9.57 13.92
N LYS G 73 -40.14 9.37 14.43
CA LYS G 73 -39.32 10.49 14.86
C LYS G 73 -38.46 11.04 13.75
N THR G 74 -38.67 10.56 12.53
CA THR G 74 -37.86 11.02 11.41
C THR G 74 -38.01 12.52 11.12
N PRO G 75 -39.24 13.02 11.03
CA PRO G 75 -39.35 14.45 10.74
C PRO G 75 -38.52 15.34 11.67
N TRP G 76 -38.42 15.00 12.95
CA TRP G 76 -37.64 15.81 13.88
C TRP G 76 -36.16 15.56 13.76
N ARG G 77 -35.79 14.30 13.53
CA ARG G 77 -34.38 13.96 13.41
C ARG G 77 -33.82 14.57 12.14
N ALA G 78 -34.58 14.50 11.05
CA ALA G 78 -34.13 15.06 9.79
C ALA G 78 -33.97 16.58 9.93
N ALA G 79 -34.96 17.22 10.52
CA ALA G 79 -34.94 18.66 10.68
C ALA G 79 -33.78 19.10 11.56
N THR G 80 -33.60 18.41 12.67
CA THR G 80 -32.51 18.72 13.59
C THR G 80 -31.15 18.55 12.91
N ALA G 81 -31.05 17.49 12.12
CA ALA G 81 -29.82 17.19 11.40
C ALA G 81 -29.52 18.28 10.39
N MET G 82 -30.55 18.69 9.66
CA MET G 82 -30.39 19.71 8.64
C MET G 82 -29.98 21.03 9.27
N GLN G 83 -30.40 21.26 10.50
CA GLN G 83 -30.04 22.50 11.18
C GLN G 83 -28.58 22.42 11.59
N PHE G 84 -28.13 21.23 11.96
CA PHE G 84 -26.74 21.03 12.34
C PHE G 84 -25.81 21.17 11.13
N PHE G 85 -26.25 20.64 9.99
CA PHE G 85 -25.48 20.72 8.76
C PHE G 85 -25.34 22.18 8.31
N THR G 86 -26.27 23.03 8.73
CA THR G 86 -26.22 24.44 8.34
C THR G 86 -25.93 25.39 9.51
N LYS G 87 -25.30 24.87 10.56
CA LYS G 87 -25.00 25.67 11.75
C LYS G 87 -23.96 26.75 11.53
N GLY G 88 -23.41 26.79 10.32
CA GLY G 88 -22.41 27.79 10.00
C GLY G 88 -23.05 29.16 9.88
N TYR G 89 -24.31 29.18 9.53
CA TYR G 89 -25.04 30.44 9.40
C TYR G 89 -25.21 31.13 10.74
N GLN G 90 -25.06 30.42 11.86
CA GLN G 90 -25.24 31.06 13.15
C GLN G 90 -23.92 31.52 13.78
N GLU G 91 -22.90 31.63 12.93
CA GLU G 91 -21.58 32.07 13.37
C GLU G 91 -21.08 33.10 12.36
N THR G 92 -20.22 34.01 12.81
CA THR G 92 -19.68 35.00 11.92
C THR G 92 -18.16 34.98 12.02
N ILE G 93 -17.50 35.06 10.87
CA ILE G 93 -16.05 35.00 10.83
C ILE G 93 -15.41 36.06 11.72
N SER G 94 -16.13 37.16 11.93
CA SER G 94 -15.66 38.27 12.75
C SER G 94 -15.08 37.79 14.07
N ASP G 95 -15.83 36.95 14.78
CA ASP G 95 -15.37 36.43 16.07
C ASP G 95 -13.97 35.80 15.96
N VAL G 96 -13.89 34.73 15.18
CA VAL G 96 -12.65 34.00 14.97
C VAL G 96 -11.54 34.84 14.30
N LEU G 97 -11.91 35.67 13.33
CA LEU G 97 -10.96 36.52 12.61
C LEU G 97 -10.41 37.68 13.49
N ASN G 98 -10.73 37.65 14.79
CA ASN G 98 -10.25 38.68 15.73
C ASN G 98 -9.29 38.11 16.78
N ASP G 99 -8.81 36.90 16.53
CA ASP G 99 -7.88 36.25 17.46
C ASP G 99 -6.53 36.00 16.80
N ALA G 100 -6.17 36.94 15.92
CA ALA G 100 -4.91 36.92 15.19
C ALA G 100 -3.87 37.42 16.19
N ILE G 101 -2.64 36.95 16.08
CA ILE G 101 -1.60 37.36 17.02
C ILE G 101 -0.40 37.94 16.27
N PHE G 102 0.18 39.01 16.80
CA PHE G 102 1.33 39.64 16.15
C PHE G 102 2.58 38.78 16.36
N ASP G 103 3.28 38.51 15.28
CA ASP G 103 4.48 37.68 15.33
C ASP G 103 5.13 37.69 13.97
N GLU G 104 6.29 38.35 13.88
CA GLU G 104 7.04 38.47 12.63
C GLU G 104 8.36 37.72 12.78
N ASP G 105 8.38 36.80 13.74
CA ASP G 105 9.57 36.03 14.05
C ASP G 105 9.49 34.62 13.50
N HIS G 106 8.34 34.25 12.95
CA HIS G 106 8.19 32.89 12.43
C HIS G 106 8.01 32.84 10.94
N ASP G 107 9.09 33.14 10.23
CA ASP G 107 9.09 33.12 8.77
C ASP G 107 9.24 31.68 8.28
N GLU G 108 8.13 30.96 8.27
CA GLU G 108 8.13 29.57 7.84
C GLU G 108 6.74 29.23 7.33
N MET G 109 6.62 28.15 6.55
CA MET G 109 5.32 27.77 6.03
C MET G 109 4.54 26.97 7.06
N VAL G 110 3.31 27.40 7.29
CA VAL G 110 2.44 26.74 8.24
C VAL G 110 1.34 26.05 7.46
N ILE G 111 1.22 24.75 7.65
CA ILE G 111 0.20 23.99 6.96
C ILE G 111 -0.62 23.18 7.94
N VAL G 112 -1.93 23.12 7.70
CA VAL G 112 -2.84 22.30 8.48
C VAL G 112 -3.56 21.49 7.40
N LYS G 113 -3.18 20.24 7.24
CA LYS G 113 -3.76 19.39 6.22
C LYS G 113 -4.74 18.35 6.72
N ASP G 114 -5.45 17.75 5.77
CA ASP G 114 -6.40 16.71 6.10
C ASP G 114 -7.50 17.13 7.10
N ILE G 115 -8.02 18.33 6.94
CA ILE G 115 -9.09 18.81 7.80
C ILE G 115 -10.39 18.22 7.27
N ASP G 116 -11.02 17.33 8.02
CA ASP G 116 -12.27 16.73 7.55
C ASP G 116 -13.32 17.80 7.32
N MET G 117 -14.03 17.72 6.21
CA MET G 117 -15.05 18.70 5.97
C MET G 117 -16.30 18.09 5.38
N PHE G 118 -17.44 18.50 5.92
CA PHE G 118 -18.71 17.99 5.49
C PHE G 118 -19.58 19.18 5.16
N SER G 119 -20.17 19.18 3.96
CA SER G 119 -21.01 20.28 3.55
C SER G 119 -22.18 19.75 2.73
N MET G 120 -23.13 20.63 2.42
CA MET G 120 -24.31 20.29 1.63
C MET G 120 -24.29 21.11 0.35
N CYS G 121 -24.42 20.47 -0.81
CA CYS G 121 -24.43 21.27 -2.02
C CYS G 121 -25.76 22.03 -2.06
N GLU G 122 -25.73 23.31 -2.42
CA GLU G 122 -26.96 24.11 -2.45
C GLU G 122 -27.87 23.75 -3.61
N HIS G 123 -27.32 23.08 -4.61
CA HIS G 123 -28.11 22.71 -5.76
C HIS G 123 -29.08 21.58 -5.54
N HIS G 124 -28.65 20.53 -4.83
CA HIS G 124 -29.52 19.37 -4.59
C HIS G 124 -29.77 19.06 -3.12
N LEU G 125 -29.08 19.78 -2.23
CA LEU G 125 -29.22 19.55 -0.80
C LEU G 125 -28.78 18.14 -0.44
N VAL G 126 -27.73 17.69 -1.13
CA VAL G 126 -27.14 16.38 -0.88
C VAL G 126 -25.75 16.75 -0.38
N PRO G 127 -25.18 15.99 0.56
CA PRO G 127 -23.86 16.42 1.01
C PRO G 127 -22.65 16.07 0.17
N PHE G 128 -21.62 16.92 0.25
CA PHE G 128 -20.37 16.62 -0.41
C PHE G 128 -19.36 16.64 0.71
N VAL G 129 -18.51 15.62 0.76
CA VAL G 129 -17.55 15.51 1.84
C VAL G 129 -16.14 15.26 1.35
N GLY G 130 -15.18 15.58 2.21
CA GLY G 130 -13.79 15.38 1.84
C GLY G 130 -12.85 16.07 2.81
N ARG G 131 -11.74 16.58 2.30
CA ARG G 131 -10.75 17.22 3.14
C ARG G 131 -10.32 18.59 2.64
N VAL G 132 -9.88 19.43 3.57
CA VAL G 132 -9.40 20.75 3.23
C VAL G 132 -7.95 20.85 3.67
N HIS G 133 -7.11 21.45 2.83
CA HIS G 133 -5.70 21.62 3.15
C HIS G 133 -5.41 23.12 3.07
N ILE G 134 -4.89 23.67 4.17
CA ILE G 134 -4.59 25.08 4.24
C ILE G 134 -3.13 25.32 4.50
N GLY G 135 -2.60 26.34 3.87
CA GLY G 135 -1.20 26.70 4.07
C GLY G 135 -1.01 28.19 3.90
N TYR G 136 -0.08 28.75 4.67
CA TYR G 136 0.21 30.17 4.53
C TYR G 136 1.63 30.51 4.97
N LEU G 137 2.07 31.69 4.55
CA LEU G 137 3.39 32.19 4.88
C LEU G 137 3.03 33.51 5.52
N PRO G 138 3.29 33.66 6.81
CA PRO G 138 2.97 34.90 7.52
C PRO G 138 3.90 36.07 7.24
N ASN G 139 3.38 37.26 7.50
CA ASN G 139 4.17 38.47 7.36
C ASN G 139 4.41 38.83 8.80
N LYS G 140 3.49 39.58 9.40
CA LYS G 140 3.64 39.98 10.79
C LYS G 140 2.62 39.35 11.73
N GLN G 141 1.58 38.73 11.19
CA GLN G 141 0.55 38.11 12.01
C GLN G 141 0.39 36.61 11.77
N VAL G 142 0.07 35.90 12.85
CA VAL G 142 -0.13 34.45 12.83
C VAL G 142 -1.53 34.13 13.37
N LEU G 143 -2.00 32.92 13.12
CA LEU G 143 -3.32 32.49 13.55
C LEU G 143 -3.22 31.14 14.24
N GLY G 144 -3.97 30.95 15.33
CA GLY G 144 -3.93 29.68 16.04
C GLY G 144 -4.33 28.54 15.14
N LEU G 145 -3.60 27.43 15.21
CA LEU G 145 -3.89 26.26 14.35
C LEU G 145 -5.34 25.80 14.40
N SER G 146 -5.93 25.76 15.59
CA SER G 146 -7.32 25.34 15.74
C SER G 146 -8.27 26.35 15.07
N LYS G 147 -7.89 27.62 15.08
CA LYS G 147 -8.69 28.68 14.47
C LYS G 147 -8.82 28.47 12.96
N LEU G 148 -7.78 27.91 12.35
CA LEU G 148 -7.84 27.65 10.91
C LEU G 148 -8.98 26.67 10.64
N ALA G 149 -9.04 25.61 11.46
CA ALA G 149 -10.08 24.61 11.30
C ALA G 149 -11.46 25.21 11.54
N ARG G 150 -11.58 26.11 12.52
CA ARG G 150 -12.87 26.70 12.78
C ARG G 150 -13.35 27.53 11.60
N ILE G 151 -12.42 28.06 10.82
CA ILE G 151 -12.79 28.84 9.64
C ILE G 151 -13.43 27.89 8.65
N VAL G 152 -12.90 26.67 8.58
CA VAL G 152 -13.43 25.67 7.69
C VAL G 152 -14.84 25.26 8.13
N GLU G 153 -15.06 25.16 9.43
CA GLU G 153 -16.38 24.79 9.94
C GLU G 153 -17.46 25.84 9.71
N ILE G 154 -17.12 27.10 9.89
CA ILE G 154 -18.10 28.17 9.72
C ILE G 154 -18.67 28.23 8.31
N TYR G 155 -17.81 28.05 7.31
CA TYR G 155 -18.25 28.12 5.93
C TYR G 155 -18.73 26.81 5.32
N SER G 156 -18.17 25.70 5.76
CA SER G 156 -18.55 24.40 5.20
C SER G 156 -19.94 23.97 5.67
N ARG G 157 -20.31 24.36 6.88
CA ARG G 157 -21.63 23.99 7.40
C ARG G 157 -22.67 25.02 6.95
N ARG G 158 -22.89 25.05 5.66
CA ARG G 158 -23.86 25.94 5.02
C ARG G 158 -24.19 25.30 3.69
N LEU G 159 -25.20 25.81 3.01
CA LEU G 159 -25.54 25.26 1.69
C LEU G 159 -24.45 25.89 0.86
N GLN G 160 -23.64 25.06 0.20
CA GLN G 160 -22.50 25.57 -0.55
C GLN G 160 -22.29 25.10 -1.96
N VAL G 161 -21.20 25.63 -2.52
CA VAL G 161 -20.69 25.31 -3.85
C VAL G 161 -19.22 25.20 -3.51
N GLN G 162 -18.56 24.13 -3.93
CA GLN G 162 -17.14 23.98 -3.58
C GLN G 162 -16.22 25.16 -3.87
N GLU G 163 -16.42 25.81 -5.01
CA GLU G 163 -15.56 26.93 -5.38
C GLU G 163 -15.72 28.09 -4.41
N ARG G 164 -16.94 28.37 -4.00
CA ARG G 164 -17.17 29.45 -3.06
C ARG G 164 -16.56 29.11 -1.71
N LEU G 165 -16.81 27.89 -1.23
CA LEU G 165 -16.25 27.47 0.04
C LEU G 165 -14.73 27.66 0.07
N THR G 166 -14.06 27.29 -1.01
CA THR G 166 -12.62 27.41 -1.10
C THR G 166 -12.19 28.86 -0.96
N LYS G 167 -12.79 29.73 -1.76
CA LYS G 167 -12.46 31.15 -1.73
C LYS G 167 -12.73 31.77 -0.36
N GLN G 168 -13.89 31.50 0.23
CA GLN G 168 -14.23 32.07 1.54
C GLN G 168 -13.19 31.74 2.59
N ILE G 169 -12.69 30.51 2.58
CA ILE G 169 -11.67 30.11 3.55
C ILE G 169 -10.40 30.91 3.29
N ALA G 170 -10.00 30.96 2.03
CA ALA G 170 -8.80 31.70 1.64
C ALA G 170 -8.91 33.19 1.97
N VAL G 171 -10.04 33.79 1.61
CA VAL G 171 -10.25 35.21 1.88
C VAL G 171 -10.22 35.48 3.37
N ALA G 172 -10.78 34.57 4.16
CA ALA G 172 -10.79 34.77 5.61
C ALA G 172 -9.38 34.87 6.14
N ILE G 173 -8.54 33.90 5.77
CA ILE G 173 -7.15 33.88 6.21
C ILE G 173 -6.40 35.11 5.71
N THR G 174 -6.70 35.51 4.48
CA THR G 174 -6.05 36.67 3.89
C THR G 174 -6.34 37.91 4.70
N GLU G 175 -7.63 38.20 4.88
CA GLU G 175 -8.07 39.37 5.63
C GLU G 175 -7.71 39.40 7.11
N ALA G 176 -7.55 38.23 7.72
CA ALA G 176 -7.20 38.19 9.13
C ALA G 176 -5.70 38.33 9.38
N LEU G 177 -4.88 37.90 8.42
CA LEU G 177 -3.44 37.94 8.58
C LEU G 177 -2.61 38.79 7.63
N GLN G 178 -3.14 39.16 6.47
CA GLN G 178 -2.33 39.91 5.49
C GLN G 178 -1.03 39.13 5.33
N PRO G 179 -1.11 37.83 5.03
CA PRO G 179 0.10 37.02 4.87
C PRO G 179 0.83 37.24 3.55
N ALA G 180 2.05 36.72 3.47
CA ALA G 180 2.86 36.80 2.26
C ALA G 180 2.15 36.00 1.17
N GLY G 181 1.42 34.97 1.62
CA GLY G 181 0.70 34.12 0.69
C GLY G 181 -0.12 33.09 1.43
N VAL G 182 -1.04 32.45 0.71
CA VAL G 182 -1.88 31.45 1.30
C VAL G 182 -2.37 30.46 0.24
N GLY G 183 -2.51 29.21 0.64
CA GLY G 183 -2.99 28.19 -0.28
C GLY G 183 -4.15 27.40 0.35
N VAL G 184 -5.16 27.10 -0.45
CA VAL G 184 -6.28 26.34 0.08
C VAL G 184 -6.71 25.32 -0.97
N VAL G 185 -6.66 24.05 -0.61
CA VAL G 185 -7.06 23.01 -1.53
C VAL G 185 -8.16 22.18 -0.91
N ILE G 186 -9.23 21.94 -1.67
CA ILE G 186 -10.30 21.13 -1.15
C ILE G 186 -10.54 19.95 -2.07
N GLU G 187 -10.58 18.75 -1.47
CA GLU G 187 -10.81 17.52 -2.22
C GLU G 187 -12.05 16.88 -1.62
N ALA G 188 -13.10 16.72 -2.43
CA ALA G 188 -14.32 16.14 -1.92
C ALA G 188 -15.09 15.29 -2.91
N THR G 189 -16.00 14.49 -2.37
CA THR G 189 -16.85 13.64 -3.16
C THR G 189 -18.24 14.26 -3.08
N HIS G 190 -18.83 14.52 -4.23
CA HIS G 190 -20.16 15.11 -4.28
C HIS G 190 -21.17 13.97 -4.46
N MET G 191 -21.92 13.66 -3.41
CA MET G 191 -22.90 12.58 -3.46
C MET G 191 -23.90 12.70 -4.60
N CYS G 192 -24.18 13.92 -5.04
CA CYS G 192 -25.14 14.12 -6.12
C CYS G 192 -24.53 13.78 -7.48
N MET G 193 -23.27 13.35 -7.47
CA MET G 193 -22.60 12.96 -8.70
C MET G 193 -22.29 11.46 -8.68
N VAL G 194 -22.35 10.88 -7.48
CA VAL G 194 -22.07 9.46 -7.28
C VAL G 194 -23.38 8.68 -7.21
N MET G 195 -24.30 9.17 -6.36
CA MET G 195 -25.59 8.54 -6.16
C MET G 195 -26.61 8.83 -7.24
N ARG G 196 -26.33 9.80 -8.11
CA ARG G 196 -27.28 10.15 -9.17
C ARG G 196 -26.59 10.91 -10.29
N GLY G 197 -27.41 11.46 -11.19
CA GLY G 197 -26.90 12.22 -12.32
C GLY G 197 -25.93 11.42 -13.16
N VAL G 198 -24.74 11.97 -13.35
CA VAL G 198 -23.68 11.32 -14.13
C VAL G 198 -23.24 9.99 -13.50
N GLN G 199 -23.60 9.83 -12.23
CA GLN G 199 -23.28 8.63 -11.44
C GLN G 199 -21.86 8.11 -11.66
N LYS G 200 -20.89 8.94 -11.30
CA LYS G 200 -19.49 8.59 -11.42
C LYS G 200 -18.93 8.32 -10.03
N MET G 201 -18.88 7.05 -9.65
CA MET G 201 -18.31 6.69 -8.37
C MET G 201 -16.83 6.95 -8.60
N ASN G 202 -16.04 6.95 -7.53
CA ASN G 202 -14.59 7.20 -7.68
C ASN G 202 -14.27 8.65 -7.99
N SER G 203 -15.21 9.33 -8.66
CA SER G 203 -15.06 10.72 -9.05
C SER G 203 -14.87 11.70 -7.89
N LYS G 204 -13.88 12.58 -8.00
CA LYS G 204 -13.62 13.57 -6.95
C LYS G 204 -13.39 14.96 -7.52
N THR G 205 -13.83 15.97 -6.78
CA THR G 205 -13.69 17.35 -7.20
C THR G 205 -12.65 18.05 -6.35
N VAL G 206 -11.65 18.61 -7.00
CA VAL G 206 -10.61 19.31 -6.28
C VAL G 206 -10.63 20.79 -6.70
N THR G 207 -10.56 21.69 -5.73
CA THR G 207 -10.57 23.11 -5.98
C THR G 207 -9.32 23.67 -5.31
N SER G 208 -8.63 24.57 -5.99
CA SER G 208 -7.39 25.10 -5.44
C SER G 208 -7.22 26.60 -5.57
N THR G 209 -6.97 27.26 -4.44
CA THR G 209 -6.73 28.68 -4.43
C THR G 209 -5.33 28.96 -3.95
N MET G 210 -4.57 29.63 -4.80
CA MET G 210 -3.20 30.00 -4.49
C MET G 210 -3.13 31.52 -4.53
N LEU G 211 -2.80 32.13 -3.41
CA LEU G 211 -2.72 33.59 -3.34
C LEU G 211 -1.33 34.09 -2.95
N GLY G 212 -1.01 35.29 -3.41
CA GLY G 212 0.27 35.88 -3.07
C GLY G 212 1.44 35.05 -3.54
N VAL G 213 2.42 34.87 -2.67
CA VAL G 213 3.61 34.11 -3.00
C VAL G 213 3.30 32.67 -3.38
N PHE G 214 2.16 32.15 -2.92
CA PHE G 214 1.82 30.78 -3.28
C PHE G 214 1.55 30.74 -4.76
N ARG G 215 1.13 31.88 -5.31
CA ARG G 215 0.88 31.93 -6.74
C ARG G 215 2.10 32.39 -7.55
N GLU G 216 2.85 33.35 -7.03
CA GLU G 216 4.00 33.88 -7.73
C GLU G 216 5.22 32.98 -7.74
N ASP G 217 5.60 32.49 -6.57
CA ASP G 217 6.81 31.68 -6.43
C ASP G 217 6.63 30.19 -6.70
N PRO G 218 7.31 29.68 -7.73
CA PRO G 218 7.19 28.25 -8.05
C PRO G 218 7.73 27.36 -6.95
N LYS G 219 8.73 27.82 -6.22
CA LYS G 219 9.31 27.03 -5.14
C LYS G 219 8.30 26.89 -4.00
N THR G 220 7.63 27.99 -3.68
CA THR G 220 6.63 28.02 -2.63
C THR G 220 5.44 27.10 -2.91
N ARG G 221 4.85 27.23 -4.09
CA ARG G 221 3.70 26.42 -4.44
C ARG G 221 4.02 24.95 -4.48
N GLU G 222 5.16 24.61 -5.06
CA GLU G 222 5.56 23.22 -5.17
C GLU G 222 5.76 22.60 -3.80
N GLU G 223 6.22 23.41 -2.84
CA GLU G 223 6.46 22.95 -1.47
C GLU G 223 5.14 22.62 -0.77
N PHE G 224 4.20 23.57 -0.81
CA PHE G 224 2.90 23.39 -0.20
C PHE G 224 2.26 22.15 -0.77
N LEU G 225 2.28 22.04 -2.09
CA LEU G 225 1.70 20.91 -2.80
C LEU G 225 2.35 19.58 -2.38
N THR G 226 3.62 19.59 -2.00
CA THR G 226 4.26 18.35 -1.62
C THR G 226 3.97 18.01 -0.19
N LEU G 227 4.08 19.01 0.68
CA LEU G 227 3.84 18.81 2.10
C LEU G 227 2.41 18.44 2.46
N ILE G 228 1.46 18.67 1.57
CA ILE G 228 0.08 18.32 1.87
C ILE G 228 -0.30 16.96 1.33
N ARG G 229 0.62 16.33 0.62
CA ARG G 229 0.42 15.00 0.03
C ARG G 229 0.52 13.86 1.04
N SER G 230 0.00 12.71 0.61
CA SER G 230 -0.01 11.44 1.36
C SER G 230 0.28 11.55 2.85
N ARG H 37 -27.23 15.74 -37.86
CA ARG H 37 -28.25 15.50 -36.78
C ARG H 37 -27.90 14.26 -35.95
N PRO H 38 -28.08 14.35 -34.62
CA PRO H 38 -27.78 13.23 -33.71
C PRO H 38 -28.70 12.03 -33.93
N ARG H 39 -28.23 10.85 -33.54
CA ARG H 39 -29.03 9.61 -33.68
C ARG H 39 -30.25 9.77 -32.78
N SER H 40 -31.30 8.99 -33.02
CA SER H 40 -32.52 9.11 -32.20
C SER H 40 -33.04 7.76 -31.74
N GLU H 41 -33.96 7.78 -30.79
CA GLU H 41 -34.55 6.55 -30.27
C GLU H 41 -35.24 5.78 -31.40
N GLU H 42 -35.80 6.50 -32.36
CA GLU H 42 -36.47 5.86 -33.48
C GLU H 42 -35.43 5.11 -34.32
N ASP H 43 -34.28 5.77 -34.52
CA ASP H 43 -33.21 5.18 -35.29
C ASP H 43 -32.78 3.86 -34.68
N ASN H 44 -32.74 3.81 -33.35
CA ASN H 44 -32.33 2.60 -32.65
C ASN H 44 -33.34 1.47 -32.83
N GLU H 45 -34.62 1.80 -32.92
CA GLU H 45 -35.64 0.78 -33.12
C GLU H 45 -35.58 0.20 -34.54
N LEU H 46 -35.48 1.08 -35.52
CA LEU H 46 -35.41 0.63 -36.90
C LEU H 46 -34.16 -0.21 -37.15
N ASN H 47 -33.05 0.20 -36.54
CA ASN H 47 -31.79 -0.51 -36.75
C ASN H 47 -31.50 -1.71 -35.85
N LEU H 48 -32.24 -1.86 -34.76
CA LEU H 48 -32.03 -2.97 -33.85
C LEU H 48 -32.06 -4.33 -34.56
N PRO H 49 -33.07 -4.57 -35.41
CA PRO H 49 -33.16 -5.86 -36.12
C PRO H 49 -31.93 -6.16 -36.99
N ASN H 50 -31.44 -5.17 -37.71
CA ASN H 50 -30.27 -5.39 -38.55
C ASN H 50 -29.06 -5.72 -37.70
N LEU H 51 -28.91 -5.03 -36.57
CA LEU H 51 -27.81 -5.28 -35.66
C LEU H 51 -27.94 -6.72 -35.19
N ALA H 52 -29.09 -7.03 -34.63
CA ALA H 52 -29.36 -8.36 -34.15
C ALA H 52 -29.03 -9.39 -35.24
N ALA H 53 -29.44 -9.10 -36.47
CA ALA H 53 -29.19 -10.00 -37.57
C ALA H 53 -27.69 -10.18 -37.80
N ALA H 54 -26.96 -9.07 -37.74
CA ALA H 54 -25.51 -9.11 -37.96
C ALA H 54 -24.79 -9.95 -36.92
N TYR H 55 -25.16 -9.74 -35.65
CA TYR H 55 -24.55 -10.48 -34.56
C TYR H 55 -24.88 -11.96 -34.63
N SER H 56 -26.09 -12.27 -35.07
CA SER H 56 -26.50 -13.66 -35.19
C SER H 56 -25.61 -14.28 -36.26
N SER H 57 -25.35 -13.52 -37.32
CA SER H 57 -24.50 -13.99 -38.40
C SER H 57 -23.09 -14.25 -37.89
N ILE H 58 -22.62 -13.35 -37.04
CA ILE H 58 -21.28 -13.48 -36.47
C ILE H 58 -21.15 -14.76 -35.66
N LEU H 59 -22.19 -15.07 -34.87
CA LEU H 59 -22.19 -16.27 -34.06
C LEU H 59 -21.97 -17.48 -34.96
N ARG H 60 -22.76 -17.60 -36.03
CA ARG H 60 -22.58 -18.73 -36.94
C ARG H 60 -21.20 -18.76 -37.59
N SER H 61 -20.73 -17.60 -38.01
CA SER H 61 -19.42 -17.49 -38.66
C SER H 61 -18.25 -17.83 -37.75
N LEU H 62 -18.50 -17.85 -36.44
CA LEU H 62 -17.45 -18.16 -35.48
C LEU H 62 -17.42 -19.65 -35.17
N GLY H 63 -18.50 -20.35 -35.52
CA GLY H 63 -18.58 -21.78 -35.27
C GLY H 63 -19.57 -22.16 -34.19
N GLU H 64 -20.23 -21.16 -33.61
CA GLU H 64 -21.20 -21.39 -32.56
C GLU H 64 -22.58 -21.69 -33.12
N ASP H 65 -23.46 -22.15 -32.24
CA ASP H 65 -24.82 -22.49 -32.61
C ASP H 65 -25.76 -21.46 -31.98
N PRO H 66 -26.26 -20.52 -32.79
CA PRO H 66 -27.17 -19.47 -32.30
C PRO H 66 -28.43 -20.00 -31.64
N GLN H 67 -28.68 -21.31 -31.80
CA GLN H 67 -29.88 -21.92 -31.22
C GLN H 67 -29.61 -22.37 -29.79
N ARG H 68 -28.34 -22.65 -29.52
CA ARG H 68 -27.87 -23.09 -28.20
C ARG H 68 -28.54 -22.25 -27.08
N GLN H 69 -28.93 -22.90 -26.00
CA GLN H 69 -29.61 -22.22 -24.89
C GLN H 69 -29.10 -20.84 -24.52
N GLY H 70 -27.85 -20.76 -24.09
CA GLY H 70 -27.31 -19.47 -23.66
C GLY H 70 -26.96 -18.46 -24.74
N LEU H 71 -27.30 -18.76 -25.98
CA LEU H 71 -26.98 -17.87 -27.09
C LEU H 71 -28.24 -17.34 -27.81
N LEU H 72 -29.40 -17.87 -27.45
CA LEU H 72 -30.64 -17.45 -28.07
C LEU H 72 -30.88 -15.96 -28.11
N LYS H 73 -30.91 -15.32 -26.95
CA LYS H 73 -31.16 -13.89 -26.90
C LYS H 73 -29.91 -13.05 -27.16
N THR H 74 -28.77 -13.71 -27.37
CA THR H 74 -27.53 -12.97 -27.55
C THR H 74 -27.57 -11.92 -28.65
N PRO H 75 -28.08 -12.27 -29.83
CA PRO H 75 -28.13 -11.26 -30.89
C PRO H 75 -28.78 -9.94 -30.47
N TRP H 76 -29.83 -10.01 -29.66
CA TRP H 76 -30.49 -8.79 -29.24
C TRP H 76 -29.78 -8.12 -28.11
N ARG H 77 -29.19 -8.92 -27.23
CA ARG H 77 -28.48 -8.37 -26.10
C ARG H 77 -27.21 -7.67 -26.56
N ALA H 78 -26.51 -8.30 -27.50
CA ALA H 78 -25.28 -7.75 -28.07
C ALA H 78 -25.59 -6.46 -28.83
N ALA H 79 -26.67 -6.48 -29.61
CA ALA H 79 -27.10 -5.30 -30.35
C ALA H 79 -27.44 -4.15 -29.41
N THR H 80 -28.31 -4.43 -28.46
CA THR H 80 -28.71 -3.41 -27.49
C THR H 80 -27.50 -2.83 -26.78
N ALA H 81 -26.58 -3.72 -26.41
CA ALA H 81 -25.37 -3.30 -25.71
C ALA H 81 -24.53 -2.38 -26.58
N MET H 82 -24.31 -2.77 -27.82
CA MET H 82 -23.51 -1.95 -28.72
C MET H 82 -24.15 -0.58 -28.92
N GLN H 83 -25.47 -0.52 -28.92
CA GLN H 83 -26.16 0.75 -29.08
C GLN H 83 -25.92 1.63 -27.86
N PHE H 84 -25.85 0.99 -26.70
CA PHE H 84 -25.61 1.71 -25.46
C PHE H 84 -24.19 2.27 -25.43
N PHE H 85 -23.24 1.46 -25.86
CA PHE H 85 -21.84 1.87 -25.90
C PHE H 85 -21.66 3.06 -26.84
N THR H 86 -22.54 3.19 -27.84
CA THR H 86 -22.42 4.31 -28.79
C THR H 86 -23.54 5.35 -28.68
N LYS H 87 -24.15 5.46 -27.51
CA LYS H 87 -25.23 6.40 -27.29
C LYS H 87 -24.82 7.86 -27.34
N GLY H 88 -23.52 8.12 -27.46
CA GLY H 88 -23.06 9.50 -27.51
C GLY H 88 -23.43 10.14 -28.83
N TYR H 89 -23.64 9.32 -29.85
CA TYR H 89 -24.00 9.81 -31.17
C TYR H 89 -25.39 10.43 -31.14
N GLN H 90 -26.19 10.10 -30.14
CA GLN H 90 -27.54 10.65 -30.07
C GLN H 90 -27.64 11.86 -29.16
N GLU H 91 -26.51 12.50 -28.93
CA GLU H 91 -26.45 13.70 -28.12
C GLU H 91 -25.52 14.68 -28.80
N THR H 92 -25.73 15.96 -28.56
CA THR H 92 -24.89 16.98 -29.16
C THR H 92 -24.36 17.93 -28.08
N ILE H 93 -23.05 18.17 -28.11
CA ILE H 93 -22.39 19.02 -27.14
C ILE H 93 -23.09 20.37 -26.95
N SER H 94 -23.72 20.85 -28.01
CA SER H 94 -24.44 22.14 -27.97
C SER H 94 -25.28 22.26 -26.71
N ASP H 95 -26.14 21.26 -26.47
CA ASP H 95 -27.02 21.26 -25.30
C ASP H 95 -26.26 21.60 -24.03
N VAL H 96 -25.32 20.73 -23.67
CA VAL H 96 -24.50 20.88 -22.47
C VAL H 96 -23.61 22.13 -22.48
N LEU H 97 -23.07 22.44 -23.64
CA LEU H 97 -22.19 23.59 -23.82
C LEU H 97 -22.93 24.93 -23.72
N ASN H 98 -24.24 24.89 -23.45
CA ASN H 98 -25.04 26.11 -23.31
C ASN H 98 -25.48 26.38 -21.88
N ASP H 99 -24.92 25.62 -20.94
CA ASP H 99 -25.27 25.77 -19.54
C ASP H 99 -24.08 26.31 -18.76
N ALA H 100 -23.31 27.18 -19.43
CA ALA H 100 -22.16 27.81 -18.84
C ALA H 100 -22.73 28.96 -18.02
N ILE H 101 -22.03 29.38 -16.98
CA ILE H 101 -22.53 30.46 -16.13
C ILE H 101 -21.48 31.55 -16.00
N PHE H 102 -21.91 32.80 -16.01
CA PHE H 102 -20.97 33.90 -15.87
C PHE H 102 -20.53 34.00 -14.40
N ASP H 103 -19.23 34.07 -14.18
CA ASP H 103 -18.66 34.15 -12.84
C ASP H 103 -17.16 34.44 -12.99
N GLU H 104 -16.75 35.63 -12.57
CA GLU H 104 -15.35 36.04 -12.65
C GLU H 104 -14.82 36.28 -11.25
N ASP H 105 -15.50 35.70 -10.27
CA ASP H 105 -15.14 35.85 -8.87
C ASP H 105 -14.42 34.64 -8.30
N HIS H 106 -14.31 33.59 -9.10
CA HIS H 106 -13.66 32.40 -8.61
C HIS H 106 -12.40 32.04 -9.35
N ASP H 107 -11.36 32.83 -9.07
CA ASP H 107 -10.06 32.62 -9.68
C ASP H 107 -9.36 31.53 -8.91
N GLU H 108 -9.60 30.30 -9.33
CA GLU H 108 -9.00 29.15 -8.67
C GLU H 108 -9.05 27.97 -9.63
N MET H 109 -8.20 26.97 -9.40
CA MET H 109 -8.19 25.84 -10.26
C MET H 109 -9.28 24.84 -9.87
N VAL H 110 -10.07 24.46 -10.87
CA VAL H 110 -11.15 23.51 -10.67
C VAL H 110 -10.76 22.22 -11.36
N ILE H 111 -10.82 21.13 -10.61
CA ILE H 111 -10.47 19.83 -11.15
C ILE H 111 -11.53 18.79 -10.81
N VAL H 112 -11.84 17.94 -11.78
CA VAL H 112 -12.76 16.84 -11.56
C VAL H 112 -11.92 15.66 -12.03
N LYS H 113 -11.40 14.88 -11.09
CA LYS H 113 -10.56 13.75 -11.43
C LYS H 113 -11.21 12.40 -11.23
N ASP H 114 -10.59 11.38 -11.81
CA ASP H 114 -11.06 10.00 -11.68
C ASP H 114 -12.46 9.77 -12.25
N ILE H 115 -12.75 10.41 -13.37
CA ILE H 115 -14.04 10.22 -14.01
C ILE H 115 -13.98 8.90 -14.79
N ASP H 116 -14.78 7.92 -14.39
CA ASP H 116 -14.77 6.64 -15.08
C ASP H 116 -15.20 6.82 -16.53
N MET H 117 -14.47 6.20 -17.45
CA MET H 117 -14.84 6.34 -18.84
C MET H 117 -14.66 5.01 -19.55
N PHE H 118 -15.67 4.67 -20.34
CA PHE H 118 -15.69 3.41 -21.10
C PHE H 118 -15.97 3.77 -22.53
N SER H 119 -15.11 3.32 -23.43
CA SER H 119 -15.29 3.62 -24.83
C SER H 119 -14.96 2.40 -25.67
N MET H 120 -15.22 2.49 -26.97
CA MET H 120 -14.93 1.43 -27.91
C MET H 120 -13.91 1.92 -28.92
N CYS H 121 -12.81 1.19 -29.13
CA CYS H 121 -11.85 1.67 -30.11
C CYS H 121 -12.48 1.42 -31.48
N GLU H 122 -12.41 2.42 -32.35
CA GLU H 122 -13.00 2.32 -33.70
C GLU H 122 -12.26 1.36 -34.59
N HIS H 123 -11.02 1.05 -34.24
CA HIS H 123 -10.22 0.15 -35.05
C HIS H 123 -10.63 -1.32 -34.93
N HIS H 124 -10.86 -1.81 -33.72
CA HIS H 124 -11.23 -3.22 -33.54
C HIS H 124 -12.60 -3.45 -32.91
N LEU H 125 -13.26 -2.38 -32.50
CA LEU H 125 -14.56 -2.51 -31.88
C LEU H 125 -14.47 -3.30 -30.59
N VAL H 126 -13.38 -3.08 -29.85
CA VAL H 126 -13.16 -3.70 -28.57
C VAL H 126 -13.12 -2.48 -27.65
N PRO H 127 -13.58 -2.60 -26.40
CA PRO H 127 -13.55 -1.42 -25.55
C PRO H 127 -12.23 -1.06 -24.88
N PHE H 128 -12.01 0.23 -24.65
CA PHE H 128 -10.83 0.67 -23.90
C PHE H 128 -11.43 1.47 -22.74
N VAL H 129 -10.96 1.18 -21.55
CA VAL H 129 -11.51 1.79 -20.35
C VAL H 129 -10.46 2.37 -19.44
N GLY H 130 -10.85 3.34 -18.64
CA GLY H 130 -9.91 3.97 -17.74
C GLY H 130 -10.55 5.16 -17.06
N ARG H 131 -9.77 6.22 -16.87
CA ARG H 131 -10.27 7.43 -16.21
C ARG H 131 -9.90 8.70 -16.93
N VAL H 132 -10.68 9.75 -16.69
CA VAL H 132 -10.41 11.04 -17.31
C VAL H 132 -10.25 12.08 -16.21
N HIS H 133 -9.27 12.95 -16.37
CA HIS H 133 -9.01 13.99 -15.39
C HIS H 133 -9.07 15.33 -16.10
N ILE H 134 -9.95 16.18 -15.61
CA ILE H 134 -10.16 17.49 -16.19
C ILE H 134 -9.82 18.58 -15.20
N GLY H 135 -9.20 19.64 -15.70
CA GLY H 135 -8.87 20.75 -14.84
C GLY H 135 -8.93 22.02 -15.67
N TYR H 136 -9.30 23.12 -15.05
CA TYR H 136 -9.33 24.39 -15.78
C TYR H 136 -9.22 25.59 -14.86
N LEU H 137 -8.83 26.72 -15.44
CA LEU H 137 -8.69 27.97 -14.72
C LEU H 137 -9.67 28.88 -15.48
N PRO H 138 -10.72 29.35 -14.81
CA PRO H 138 -11.69 30.19 -15.48
C PRO H 138 -11.28 31.63 -15.66
N ASN H 139 -11.93 32.29 -16.62
CA ASN H 139 -11.72 33.71 -16.89
C ASN H 139 -12.96 34.37 -16.34
N LYS H 140 -14.03 34.34 -17.11
CA LYS H 140 -15.28 34.92 -16.69
C LYS H 140 -16.41 33.91 -16.64
N GLN H 141 -16.18 32.72 -17.18
CA GLN H 141 -17.22 31.70 -17.17
C GLN H 141 -16.84 30.40 -16.49
N VAL H 142 -17.84 29.78 -15.87
CA VAL H 142 -17.66 28.53 -15.15
C VAL H 142 -18.64 27.51 -15.69
N LEU H 143 -18.41 26.24 -15.36
CA LEU H 143 -19.29 25.17 -15.81
C LEU H 143 -19.61 24.29 -14.61
N GLY H 144 -20.84 23.79 -14.53
CA GLY H 144 -21.22 22.92 -13.43
C GLY H 144 -20.39 21.64 -13.44
N LEU H 145 -19.94 21.21 -12.27
CA LEU H 145 -19.11 20.01 -12.15
C LEU H 145 -19.67 18.75 -12.84
N SER H 146 -20.97 18.53 -12.75
CA SER H 146 -21.58 17.36 -13.40
C SER H 146 -21.52 17.51 -14.92
N LYS H 147 -21.67 18.74 -15.39
CA LYS H 147 -21.61 19.06 -16.82
C LYS H 147 -20.27 18.67 -17.44
N LEU H 148 -19.19 18.78 -16.66
CA LEU H 148 -17.90 18.37 -17.16
C LEU H 148 -17.95 16.88 -17.44
N ALA H 149 -18.53 16.13 -16.50
CA ALA H 149 -18.65 14.69 -16.65
C ALA H 149 -19.50 14.32 -17.85
N ARG H 150 -20.58 15.06 -18.09
CA ARG H 150 -21.43 14.75 -19.22
C ARG H 150 -20.67 14.90 -20.54
N ILE H 151 -19.75 15.88 -20.59
CA ILE H 151 -18.96 16.09 -21.80
C ILE H 151 -18.19 14.81 -22.07
N VAL H 152 -17.61 14.24 -21.02
CA VAL H 152 -16.86 13.00 -21.16
C VAL H 152 -17.77 11.89 -21.69
N GLU H 153 -19.00 11.83 -21.20
CA GLU H 153 -19.93 10.79 -21.64
C GLU H 153 -20.35 10.90 -23.10
N ILE H 154 -20.62 12.11 -23.55
CA ILE H 154 -21.05 12.30 -24.92
C ILE H 154 -20.01 11.85 -25.94
N TYR H 155 -18.74 12.12 -25.67
CA TYR H 155 -17.69 11.74 -26.60
C TYR H 155 -17.13 10.32 -26.42
N SER H 156 -17.08 9.86 -25.18
CA SER H 156 -16.53 8.54 -24.92
C SER H 156 -17.43 7.41 -25.39
N ARG H 157 -18.75 7.65 -25.39
CA ARG H 157 -19.67 6.61 -25.85
C ARG H 157 -19.91 6.73 -27.34
N ARG H 158 -18.85 6.41 -28.10
CA ARG H 158 -18.86 6.45 -29.54
C ARG H 158 -17.71 5.56 -29.94
N LEU H 159 -17.53 5.32 -31.22
CA LEU H 159 -16.40 4.52 -31.66
C LEU H 159 -15.29 5.58 -31.60
N GLN H 160 -14.21 5.30 -30.87
CA GLN H 160 -13.18 6.31 -30.70
C GLN H 160 -11.72 5.95 -30.85
N VAL H 161 -10.90 6.98 -30.70
CA VAL H 161 -9.44 6.90 -30.71
C VAL H 161 -9.13 7.74 -29.47
N GLN H 162 -8.28 7.24 -28.58
CA GLN H 162 -8.01 7.98 -27.36
C GLN H 162 -7.58 9.44 -27.55
N GLU H 163 -6.69 9.69 -28.52
CA GLU H 163 -6.23 11.04 -28.80
C GLU H 163 -7.36 11.97 -29.19
N ARG H 164 -8.26 11.48 -30.02
CA ARG H 164 -9.38 12.30 -30.46
C ARG H 164 -10.27 12.61 -29.27
N LEU H 165 -10.61 11.57 -28.51
CA LEU H 165 -11.47 11.73 -27.34
C LEU H 165 -10.95 12.81 -26.40
N THR H 166 -9.64 12.79 -26.18
CA THR H 166 -9.00 13.76 -25.30
C THR H 166 -9.17 15.18 -25.82
N LYS H 167 -8.85 15.37 -27.10
CA LYS H 167 -8.97 16.67 -27.71
C LYS H 167 -10.41 17.17 -27.70
N GLN H 168 -11.35 16.31 -28.07
CA GLN H 168 -12.75 16.72 -28.09
C GLN H 168 -13.23 17.24 -26.75
N ILE H 169 -12.82 16.56 -25.68
CA ILE H 169 -13.19 16.98 -24.32
C ILE H 169 -12.58 18.35 -24.05
N ALA H 170 -11.29 18.50 -24.29
CA ALA H 170 -10.62 19.77 -24.08
C ALA H 170 -11.20 20.91 -24.91
N VAL H 171 -11.46 20.64 -26.20
CA VAL H 171 -12.02 21.65 -27.10
C VAL H 171 -13.40 22.10 -26.62
N ALA H 172 -14.21 21.15 -26.18
CA ALA H 172 -15.53 21.49 -25.72
C ALA H 172 -15.41 22.46 -24.57
N ILE H 173 -14.59 22.13 -23.58
CA ILE H 173 -14.44 23.01 -22.43
C ILE H 173 -13.93 24.38 -22.85
N THR H 174 -12.98 24.38 -23.78
CA THR H 174 -12.41 25.63 -24.26
C THR H 174 -13.47 26.51 -24.91
N GLU H 175 -14.25 25.95 -25.84
CA GLU H 175 -15.29 26.71 -26.52
C GLU H 175 -16.46 27.12 -25.64
N ALA H 176 -16.71 26.39 -24.56
CA ALA H 176 -17.82 26.74 -23.70
C ALA H 176 -17.47 27.77 -22.64
N LEU H 177 -16.20 27.83 -22.27
CA LEU H 177 -15.78 28.73 -21.22
C LEU H 177 -14.74 29.79 -21.54
N GLN H 178 -14.00 29.64 -22.64
CA GLN H 178 -12.94 30.60 -22.96
C GLN H 178 -12.10 30.75 -21.69
N PRO H 179 -11.62 29.65 -21.13
CA PRO H 179 -10.85 29.71 -19.90
C PRO H 179 -9.42 30.19 -20.09
N ALA H 180 -8.78 30.52 -18.97
CA ALA H 180 -7.39 30.95 -18.98
C ALA H 180 -6.55 29.75 -19.45
N GLY H 181 -7.04 28.56 -19.12
CA GLY H 181 -6.36 27.33 -19.51
C GLY H 181 -7.17 26.10 -19.16
N VAL H 182 -6.79 24.97 -19.71
CA VAL H 182 -7.48 23.73 -19.43
C VAL H 182 -6.56 22.54 -19.62
N GLY H 183 -6.79 21.51 -18.82
CA GLY H 183 -5.99 20.32 -18.92
C GLY H 183 -6.87 19.08 -18.93
N VAL H 184 -6.54 18.11 -19.76
CA VAL H 184 -7.30 16.88 -19.83
C VAL H 184 -6.32 15.72 -19.99
N VAL H 185 -6.41 14.77 -19.08
CA VAL H 185 -5.55 13.59 -19.09
C VAL H 185 -6.43 12.35 -19.08
N ILE H 186 -6.15 11.41 -19.97
CA ILE H 186 -6.92 10.17 -20.01
C ILE H 186 -5.99 9.00 -19.86
N GLU H 187 -6.31 8.12 -18.91
CA GLU H 187 -5.50 6.95 -18.66
C GLU H 187 -6.42 5.77 -18.86
N ALA H 188 -6.09 4.91 -19.83
CA ALA H 188 -6.96 3.79 -20.11
C ALA H 188 -6.24 2.52 -20.51
N THR H 189 -6.96 1.41 -20.46
CA THR H 189 -6.43 0.14 -20.86
C THR H 189 -7.17 -0.22 -22.14
N HIS H 190 -6.43 -0.51 -23.20
CA HIS H 190 -7.04 -0.89 -24.46
C HIS H 190 -7.05 -2.40 -24.50
N MET H 191 -8.24 -2.99 -24.48
CA MET H 191 -8.42 -4.44 -24.51
C MET H 191 -7.84 -5.10 -25.75
N CYS H 192 -7.74 -4.35 -26.84
CA CYS H 192 -7.22 -4.89 -28.08
C CYS H 192 -5.70 -5.01 -28.03
N MET H 193 -5.11 -4.51 -26.95
CA MET H 193 -3.66 -4.57 -26.77
C MET H 193 -3.30 -5.56 -25.64
N VAL H 194 -4.30 -5.92 -24.85
CA VAL H 194 -4.12 -6.85 -23.74
C VAL H 194 -4.58 -8.25 -24.12
N MET H 195 -5.78 -8.31 -24.70
CA MET H 195 -6.38 -9.57 -25.11
C MET H 195 -5.86 -10.09 -26.44
N ARG H 196 -5.10 -9.27 -27.18
CA ARG H 196 -4.59 -9.69 -28.49
C ARG H 196 -3.41 -8.84 -28.96
N GLY H 197 -3.05 -9.02 -30.23
CA GLY H 197 -1.96 -8.27 -30.82
C GLY H 197 -0.67 -8.39 -30.02
N VAL H 198 -0.15 -7.24 -29.59
CA VAL H 198 1.09 -7.19 -28.81
C VAL H 198 0.93 -7.88 -27.45
N GLN H 199 -0.33 -8.07 -27.04
CA GLN H 199 -0.70 -8.72 -25.79
C GLN H 199 0.12 -8.30 -24.57
N LYS H 200 0.09 -7.00 -24.29
CA LYS H 200 0.84 -6.46 -23.17
C LYS H 200 -0.13 -6.16 -22.03
N MET H 201 -0.23 -7.07 -21.07
CA MET H 201 -1.12 -6.84 -19.94
C MET H 201 -0.37 -5.76 -19.17
N ASN H 202 -1.04 -5.15 -18.19
CA ASN H 202 -0.40 -4.09 -17.38
C ASN H 202 -0.25 -2.80 -18.18
N SER H 203 -0.13 -2.94 -19.49
CA SER H 203 0.05 -1.81 -20.38
C SER H 203 -1.08 -0.78 -20.34
N LYS H 204 -0.73 0.50 -20.31
CA LYS H 204 -1.74 1.55 -20.29
C LYS H 204 -1.36 2.71 -21.20
N THR H 205 -2.37 3.35 -21.78
CA THR H 205 -2.19 4.47 -22.67
C THR H 205 -2.63 5.77 -22.01
N VAL H 206 -1.72 6.72 -21.88
CA VAL H 206 -2.04 7.99 -21.27
C VAL H 206 -1.93 9.09 -22.32
N THR H 207 -2.97 9.91 -22.43
CA THR H 207 -2.99 11.01 -23.37
C THR H 207 -3.21 12.26 -22.58
N SER H 208 -2.46 13.32 -22.90
CA SER H 208 -2.56 14.55 -22.15
C SER H 208 -2.63 15.81 -23.00
N THR H 209 -3.67 16.61 -22.79
CA THR H 209 -3.81 17.86 -23.52
C THR H 209 -3.72 19.01 -22.52
N MET H 210 -2.79 19.92 -22.77
CA MET H 210 -2.59 21.09 -21.92
C MET H 210 -2.79 22.32 -22.80
N LEU H 211 -3.76 23.17 -22.44
CA LEU H 211 -4.02 24.36 -23.22
C LEU H 211 -3.92 25.64 -22.40
N GLY H 212 -3.58 26.74 -23.07
CA GLY H 212 -3.50 28.02 -22.38
C GLY H 212 -2.44 28.04 -21.28
N VAL H 213 -2.78 28.59 -20.13
CA VAL H 213 -1.83 28.69 -19.03
C VAL H 213 -1.38 27.34 -18.51
N PHE H 214 -2.15 26.29 -18.80
CA PHE H 214 -1.75 24.95 -18.37
C PHE H 214 -0.53 24.56 -19.19
N ARG H 215 -0.39 25.12 -20.39
CA ARG H 215 0.75 24.82 -21.22
C ARG H 215 1.90 25.76 -20.97
N GLU H 216 1.60 27.06 -20.85
CA GLU H 216 2.60 28.09 -20.66
C GLU H 216 3.25 28.13 -19.27
N ASP H 217 2.43 28.15 -18.24
CA ASP H 217 2.92 28.27 -16.86
C ASP H 217 3.36 26.96 -16.22
N PRO H 218 4.65 26.85 -15.87
CA PRO H 218 5.11 25.61 -15.24
C PRO H 218 4.47 25.37 -13.88
N LYS H 219 4.21 26.45 -13.15
CA LYS H 219 3.59 26.31 -11.84
C LYS H 219 2.20 25.74 -11.99
N THR H 220 1.47 26.23 -12.99
CA THR H 220 0.13 25.76 -13.24
C THR H 220 0.07 24.27 -13.58
N ARG H 221 0.83 23.86 -14.59
CA ARG H 221 0.82 22.47 -15.03
C ARG H 221 1.24 21.50 -13.96
N GLU H 222 2.29 21.86 -13.23
CA GLU H 222 2.77 21.00 -12.17
C GLU H 222 1.70 20.81 -11.08
N GLU H 223 0.93 21.85 -10.79
CA GLU H 223 -0.13 21.81 -9.79
C GLU H 223 -1.25 20.85 -10.21
N PHE H 224 -1.73 21.01 -11.44
CA PHE H 224 -2.78 20.15 -11.95
C PHE H 224 -2.32 18.69 -11.90
N LEU H 225 -1.11 18.45 -12.40
CA LEU H 225 -0.54 17.13 -12.42
C LEU H 225 -0.42 16.51 -11.03
N THR H 226 -0.19 17.33 -10.01
CA THR H 226 -0.07 16.84 -8.64
C THR H 226 -1.43 16.58 -8.04
N LEU H 227 -2.33 17.54 -8.17
CA LEU H 227 -3.67 17.43 -7.62
C LEU H 227 -4.51 16.31 -8.24
N ILE H 228 -4.13 15.78 -9.40
CA ILE H 228 -4.93 14.71 -9.99
C ILE H 228 -4.37 13.34 -9.62
N ARG H 229 -3.21 13.33 -8.96
CA ARG H 229 -2.56 12.10 -8.56
C ARG H 229 -3.23 11.39 -7.39
N SER H 230 -2.84 10.12 -7.22
CA SER H 230 -3.32 9.23 -6.16
C SER H 230 -4.53 9.71 -5.38
N ARG I 37 20.40 -8.91 -43.92
CA ARG I 37 19.04 -9.53 -44.04
C ARG I 37 18.61 -10.15 -42.71
N PRO I 38 17.32 -10.05 -42.36
CA PRO I 38 16.85 -10.63 -41.09
C PRO I 38 16.92 -12.16 -41.08
N ARG I 39 16.88 -12.75 -39.88
CA ARG I 39 16.93 -14.20 -39.75
C ARG I 39 15.62 -14.73 -40.34
N SER I 40 15.57 -16.01 -40.66
CA SER I 40 14.35 -16.58 -41.23
C SER I 40 13.97 -17.89 -40.57
N GLU I 41 12.75 -18.36 -40.82
CA GLU I 41 12.30 -19.63 -40.24
C GLU I 41 13.17 -20.78 -40.75
N GLU I 42 13.66 -20.66 -41.98
CA GLU I 42 14.53 -21.68 -42.54
C GLU I 42 15.82 -21.70 -41.74
N ASP I 43 16.36 -20.51 -41.48
CA ASP I 43 17.59 -20.39 -40.70
C ASP I 43 17.46 -21.11 -39.34
N ASN I 44 16.28 -20.97 -38.72
CA ASN I 44 16.04 -21.59 -37.42
C ASN I 44 16.03 -23.11 -37.53
N GLU I 45 15.46 -23.63 -38.62
CA GLU I 45 15.44 -25.08 -38.81
C GLU I 45 16.85 -25.64 -39.02
N LEU I 46 17.64 -24.98 -39.86
CA LEU I 46 18.99 -25.44 -40.13
C LEU I 46 19.87 -25.38 -38.89
N ASN I 47 19.69 -24.34 -38.09
CA ASN I 47 20.51 -24.17 -36.92
C ASN I 47 20.03 -24.86 -35.64
N LEU I 48 18.77 -25.28 -35.63
CA LEU I 48 18.23 -25.93 -34.43
C LEU I 48 19.11 -27.07 -33.94
N PRO I 49 19.49 -28.00 -34.83
CA PRO I 49 20.33 -29.12 -34.40
C PRO I 49 21.66 -28.69 -33.77
N ASN I 50 22.31 -27.67 -34.31
CA ASN I 50 23.57 -27.23 -33.73
C ASN I 50 23.37 -26.68 -32.34
N LEU I 51 22.31 -25.90 -32.16
CA LEU I 51 21.99 -25.34 -30.85
C LEU I 51 21.77 -26.51 -29.91
N ALA I 52 20.82 -27.38 -30.26
CA ALA I 52 20.52 -28.55 -29.46
C ALA I 52 21.81 -29.26 -29.08
N ALA I 53 22.69 -29.43 -30.06
CA ALA I 53 23.97 -30.09 -29.85
C ALA I 53 24.81 -29.37 -28.80
N ALA I 54 24.86 -28.05 -28.92
CA ALA I 54 25.65 -27.24 -28.00
C ALA I 54 25.12 -27.27 -26.57
N TYR I 55 23.80 -27.27 -26.43
CA TYR I 55 23.20 -27.31 -25.11
C TYR I 55 23.41 -28.69 -24.48
N SER I 56 23.36 -29.73 -25.32
CA SER I 56 23.58 -31.08 -24.81
C SER I 56 25.00 -31.13 -24.26
N SER I 57 25.91 -30.52 -25.00
CA SER I 57 27.31 -30.47 -24.58
C SER I 57 27.43 -29.74 -23.25
N ILE I 58 26.67 -28.66 -23.09
CA ILE I 58 26.71 -27.86 -21.87
C ILE I 58 26.24 -28.69 -20.69
N LEU I 59 25.20 -29.49 -20.91
CA LEU I 59 24.70 -30.33 -19.84
C LEU I 59 25.84 -31.22 -19.33
N ARG I 60 26.49 -31.94 -20.25
CA ARG I 60 27.60 -32.81 -19.83
C ARG I 60 28.70 -32.03 -19.13
N SER I 61 29.12 -30.92 -19.73
CA SER I 61 30.19 -30.11 -19.14
C SER I 61 29.87 -29.58 -17.74
N LEU I 62 28.59 -29.60 -17.36
CA LEU I 62 28.20 -29.09 -16.05
C LEU I 62 28.21 -30.19 -14.99
N GLY I 63 28.18 -31.44 -15.43
CA GLY I 63 28.17 -32.55 -14.50
C GLY I 63 26.91 -33.37 -14.56
N GLU I 64 25.95 -32.91 -15.38
CA GLU I 64 24.69 -33.61 -15.52
C GLU I 64 24.71 -34.75 -16.53
N ASP I 65 23.64 -35.53 -16.50
CA ASP I 65 23.49 -36.65 -17.38
C ASP I 65 22.37 -36.33 -18.33
N PRO I 66 22.70 -36.04 -19.59
CA PRO I 66 21.70 -35.70 -20.61
C PRO I 66 20.71 -36.84 -20.88
N GLN I 67 21.00 -38.02 -20.34
CA GLN I 67 20.12 -39.17 -20.53
C GLN I 67 19.03 -39.19 -19.47
N ARG I 68 19.34 -38.64 -18.30
CA ARG I 68 18.42 -38.54 -17.19
C ARG I 68 17.01 -38.16 -17.68
N GLN I 69 15.99 -38.75 -17.07
CA GLN I 69 14.61 -38.51 -17.48
C GLN I 69 14.22 -37.07 -17.83
N GLY I 70 14.27 -36.18 -16.84
CA GLY I 70 13.87 -34.81 -17.07
C GLY I 70 14.80 -33.91 -17.85
N LEU I 71 15.81 -34.51 -18.47
CA LEU I 71 16.80 -33.75 -19.23
C LEU I 71 16.87 -34.19 -20.70
N LEU I 72 16.16 -35.25 -21.06
CA LEU I 72 16.17 -35.77 -22.42
C LEU I 72 15.84 -34.76 -23.49
N LYS I 73 14.66 -34.15 -23.39
CA LYS I 73 14.22 -33.17 -24.38
C LYS I 73 14.77 -31.76 -24.11
N THR I 74 15.57 -31.60 -23.07
CA THR I 74 16.11 -30.29 -22.73
C THR I 74 16.93 -29.62 -23.85
N PRO I 75 17.85 -30.35 -24.48
CA PRO I 75 18.62 -29.70 -25.54
C PRO I 75 17.76 -29.04 -26.62
N TRP I 76 16.59 -29.60 -26.92
CA TRP I 76 15.75 -28.99 -27.94
C TRP I 76 14.91 -27.88 -27.37
N ARG I 77 14.45 -28.07 -26.14
CA ARG I 77 13.63 -27.06 -25.50
C ARG I 77 14.41 -25.77 -25.24
N ALA I 78 15.66 -25.93 -24.82
CA ALA I 78 16.51 -24.79 -24.55
C ALA I 78 16.82 -24.05 -25.87
N ALA I 79 17.16 -24.81 -26.90
CA ALA I 79 17.46 -24.21 -28.20
C ALA I 79 16.26 -23.48 -28.75
N THR I 80 15.09 -24.12 -28.67
CA THR I 80 13.88 -23.49 -29.17
C THR I 80 13.60 -22.22 -28.38
N ALA I 81 13.80 -22.29 -27.07
CA ALA I 81 13.58 -21.16 -26.21
C ALA I 81 14.53 -20.03 -26.57
N MET I 82 15.81 -20.38 -26.75
CA MET I 82 16.81 -19.38 -27.08
C MET I 82 16.51 -18.71 -28.42
N GLN I 83 15.89 -19.44 -29.33
CA GLN I 83 15.57 -18.87 -30.64
C GLN I 83 14.42 -17.90 -30.46
N PHE I 84 13.51 -18.21 -29.55
CA PHE I 84 12.37 -17.34 -29.29
C PHE I 84 12.81 -16.04 -28.61
N PHE I 85 13.76 -16.15 -27.70
CA PHE I 85 14.26 -15.00 -26.97
C PHE I 85 14.99 -14.06 -27.91
N THR I 86 15.41 -14.58 -29.06
CA THR I 86 16.13 -13.77 -30.04
C THR I 86 15.40 -13.62 -31.38
N LYS I 87 14.09 -13.82 -31.37
CA LYS I 87 13.30 -13.70 -32.59
C LYS I 87 13.24 -12.28 -33.17
N GLY I 88 13.79 -11.31 -32.45
CA GLY I 88 13.77 -9.95 -32.95
C GLY I 88 14.67 -9.78 -34.15
N TYR I 89 15.67 -10.65 -34.24
CA TYR I 89 16.62 -10.62 -35.34
C TYR I 89 15.93 -10.96 -36.66
N GLN I 90 14.83 -11.72 -36.61
CA GLN I 90 14.14 -12.09 -37.84
C GLN I 90 13.07 -11.08 -38.26
N GLU I 91 13.20 -9.87 -37.75
CA GLU I 91 12.28 -8.80 -38.07
C GLU I 91 13.08 -7.53 -38.29
N THR I 92 12.55 -6.63 -39.11
CA THR I 92 13.22 -5.38 -39.38
C THR I 92 12.28 -4.21 -39.08
N ILE I 93 12.81 -3.18 -38.44
CA ILE I 93 12.01 -2.01 -38.08
C ILE I 93 11.32 -1.40 -39.29
N SER I 94 11.91 -1.57 -40.47
CA SER I 94 11.37 -1.03 -41.71
C SER I 94 9.88 -1.32 -41.86
N ASP I 95 9.50 -2.58 -41.66
CA ASP I 95 8.11 -2.97 -41.77
C ASP I 95 7.20 -2.10 -40.91
N VAL I 96 7.41 -2.19 -39.61
CA VAL I 96 6.63 -1.43 -38.64
C VAL I 96 6.78 0.10 -38.79
N LEU I 97 7.99 0.56 -39.06
CA LEU I 97 8.27 1.99 -39.23
C LEU I 97 7.68 2.58 -40.55
N ASN I 98 6.83 1.81 -41.23
CA ASN I 98 6.20 2.26 -42.48
C ASN I 98 4.68 2.36 -42.37
N ASP I 99 4.17 2.28 -41.14
CA ASP I 99 2.74 2.37 -40.88
C ASP I 99 2.44 3.63 -40.06
N ALA I 100 3.19 4.69 -40.34
CA ALA I 100 3.02 5.97 -39.68
C ALA I 100 1.82 6.59 -40.38
N ILE I 101 1.10 7.46 -39.69
CA ILE I 101 -0.08 8.09 -40.27
C ILE I 101 -0.01 9.60 -40.13
N PHE I 102 -0.36 10.33 -41.19
CA PHE I 102 -0.32 11.78 -41.13
C PHE I 102 -1.47 12.31 -40.29
N ASP I 103 -1.15 13.20 -39.35
CA ASP I 103 -2.14 13.77 -38.45
C ASP I 103 -1.46 14.86 -37.62
N GLU I 104 -1.84 16.11 -37.89
CA GLU I 104 -1.27 17.26 -37.19
C GLU I 104 -2.38 17.91 -36.37
N ASP I 105 -3.43 17.14 -36.14
CA ASP I 105 -4.58 17.65 -35.41
C ASP I 105 -4.58 17.21 -33.96
N HIS I 106 -3.63 16.35 -33.59
CA HIS I 106 -3.59 15.84 -32.23
C HIS I 106 -2.37 16.27 -31.44
N ASP I 107 -2.32 17.56 -31.14
CA ASP I 107 -1.22 18.14 -30.38
C ASP I 107 -1.38 17.83 -28.89
N GLU I 108 -0.98 16.63 -28.50
CA GLU I 108 -1.10 16.20 -27.11
C GLU I 108 -0.01 15.15 -26.85
N MET I 109 0.32 14.94 -25.58
CA MET I 109 1.33 13.96 -25.27
C MET I 109 0.71 12.55 -25.28
N VAL I 110 1.36 11.64 -25.99
CA VAL I 110 0.89 10.27 -26.09
C VAL I 110 1.87 9.42 -25.32
N ILE I 111 1.37 8.62 -24.41
CA ILE I 111 2.21 7.75 -23.60
C ILE I 111 1.68 6.33 -23.56
N VAL I 112 2.58 5.37 -23.68
CA VAL I 112 2.21 3.96 -23.57
C VAL I 112 3.18 3.49 -22.50
N LYS I 113 2.67 3.26 -21.30
CA LYS I 113 3.49 2.86 -20.17
C LYS I 113 3.30 1.43 -19.69
N ASP I 114 4.27 0.95 -18.94
CA ASP I 114 4.21 -0.40 -18.39
C ASP I 114 4.17 -1.48 -19.46
N ILE I 115 5.00 -1.32 -20.48
CA ILE I 115 5.08 -2.31 -21.53
C ILE I 115 6.04 -3.37 -21.02
N ASP I 116 5.55 -4.59 -20.82
CA ASP I 116 6.39 -5.68 -20.34
C ASP I 116 7.47 -5.97 -21.36
N MET I 117 8.70 -6.11 -20.89
CA MET I 117 9.77 -6.40 -21.81
C MET I 117 10.72 -7.41 -21.21
N PHE I 118 11.08 -8.39 -22.04
CA PHE I 118 11.97 -9.47 -21.64
C PHE I 118 13.12 -9.48 -22.63
N SER I 119 14.34 -9.48 -22.13
CA SER I 119 15.49 -9.48 -23.02
C SER I 119 16.61 -10.35 -22.44
N MET I 120 17.69 -10.50 -23.20
CA MET I 120 18.85 -11.28 -22.78
C MET I 120 20.08 -10.39 -22.79
N CYS I 121 20.83 -10.36 -21.69
CA CYS I 121 22.03 -9.52 -21.72
C CYS I 121 23.03 -10.24 -22.61
N GLU I 122 23.65 -9.49 -23.52
CA GLU I 122 24.60 -10.09 -24.44
C GLU I 122 25.89 -10.50 -23.74
N HIS I 123 26.13 -9.95 -22.55
CA HIS I 123 27.34 -10.26 -21.81
C HIS I 123 27.38 -11.62 -21.15
N HIS I 124 26.25 -12.04 -20.55
CA HIS I 124 26.18 -13.33 -19.86
C HIS I 124 25.10 -14.26 -20.40
N LEU I 125 24.29 -13.77 -21.33
CA LEU I 125 23.23 -14.59 -21.88
C LEU I 125 22.26 -15.03 -20.80
N VAL I 126 22.01 -14.14 -19.85
CA VAL I 126 21.06 -14.35 -18.77
C VAL I 126 20.01 -13.28 -19.06
N PRO I 127 18.74 -13.56 -18.77
CA PRO I 127 17.77 -12.50 -19.09
C PRO I 127 17.60 -11.35 -18.12
N PHE I 128 17.23 -10.18 -18.65
CA PHE I 128 16.93 -9.02 -17.83
C PHE I 128 15.51 -8.66 -18.23
N VAL I 129 14.67 -8.43 -17.24
CA VAL I 129 13.26 -8.15 -17.48
C VAL I 129 12.75 -6.97 -16.70
N GLY I 130 11.72 -6.32 -17.24
CA GLY I 130 11.17 -5.16 -16.57
C GLY I 130 10.13 -4.50 -17.43
N ARG I 131 10.07 -3.18 -17.41
CA ARG I 131 9.08 -2.47 -18.21
C ARG I 131 9.63 -1.30 -19.01
N VAL I 132 8.94 -0.96 -20.08
CA VAL I 132 9.33 0.16 -20.93
C VAL I 132 8.21 1.19 -20.97
N HIS I 133 8.57 2.46 -20.84
CA HIS I 133 7.61 3.56 -20.86
C HIS I 133 7.99 4.46 -22.03
N ILE I 134 7.05 4.67 -22.94
CA ILE I 134 7.28 5.48 -24.11
C ILE I 134 6.35 6.68 -24.14
N GLY I 135 6.88 7.80 -24.61
CA GLY I 135 6.08 9.00 -24.69
C GLY I 135 6.58 9.90 -25.80
N TYR I 136 5.67 10.61 -26.45
CA TYR I 136 6.09 11.50 -27.52
C TYR I 136 5.07 12.60 -27.77
N LEU I 137 5.53 13.65 -28.42
CA LEU I 137 4.71 14.79 -28.76
C LEU I 137 4.82 14.82 -30.28
N PRO I 138 3.71 14.53 -30.99
CA PRO I 138 3.77 14.55 -32.45
C PRO I 138 3.86 15.91 -33.08
N ASN I 139 4.30 15.91 -34.33
CA ASN I 139 4.38 17.12 -35.12
C ASN I 139 3.24 16.90 -36.11
N LYS I 140 3.55 16.23 -37.20
CA LYS I 140 2.54 15.97 -38.20
C LYS I 140 2.21 14.49 -38.36
N GLN I 141 3.03 13.62 -37.76
CA GLN I 141 2.79 12.19 -37.87
C GLN I 141 2.58 11.47 -36.54
N VAL I 142 1.70 10.48 -36.57
CA VAL I 142 1.36 9.69 -35.40
C VAL I 142 1.66 8.22 -35.68
N LEU I 143 1.68 7.40 -34.63
CA LEU I 143 1.97 5.98 -34.77
C LEU I 143 0.94 5.19 -33.96
N GLY I 144 0.47 4.08 -34.50
CA GLY I 144 -0.52 3.28 -33.81
C GLY I 144 0.02 2.79 -32.49
N LEU I 145 -0.79 2.88 -31.43
CA LEU I 145 -0.37 2.46 -30.09
C LEU I 145 0.30 1.08 -30.05
N SER I 146 -0.31 0.09 -30.70
CA SER I 146 0.25 -1.25 -30.72
C SER I 146 1.60 -1.30 -31.40
N LYS I 147 1.77 -0.42 -32.39
CA LYS I 147 3.04 -0.34 -33.14
C LYS I 147 4.19 0.07 -32.23
N LEU I 148 3.91 0.93 -31.25
CA LEU I 148 4.95 1.34 -30.32
C LEU I 148 5.48 0.12 -29.61
N ALA I 149 4.55 -0.76 -29.21
CA ALA I 149 4.89 -1.99 -28.51
C ALA I 149 5.68 -2.95 -29.39
N ARG I 150 5.32 -3.01 -30.65
CA ARG I 150 6.02 -3.89 -31.56
C ARG I 150 7.47 -3.46 -31.71
N ILE I 151 7.71 -2.15 -31.63
CA ILE I 151 9.07 -1.64 -31.73
C ILE I 151 9.88 -2.17 -30.54
N VAL I 152 9.24 -2.24 -29.39
CA VAL I 152 9.90 -2.74 -28.19
C VAL I 152 10.26 -4.21 -28.37
N GLU I 153 9.32 -4.98 -28.90
CA GLU I 153 9.55 -6.40 -29.10
C GLU I 153 10.67 -6.72 -30.09
N ILE I 154 10.73 -6.00 -31.20
CA ILE I 154 11.74 -6.23 -32.21
C ILE I 154 13.15 -6.10 -31.65
N TYR I 155 13.38 -5.05 -30.87
CA TYR I 155 14.69 -4.80 -30.30
C TYR I 155 14.97 -5.52 -28.99
N SER I 156 13.95 -5.73 -28.17
CA SER I 156 14.21 -6.38 -26.88
C SER I 156 14.47 -7.89 -27.02
N ARG I 157 13.92 -8.50 -28.07
CA ARG I 157 14.12 -9.93 -28.27
C ARG I 157 15.37 -10.15 -29.12
N ARG I 158 16.52 -9.84 -28.53
CA ARG I 158 17.82 -9.99 -29.16
C ARG I 158 18.81 -10.01 -28.03
N LEU I 159 20.07 -10.30 -28.30
CA LEU I 159 21.06 -10.25 -27.24
C LEU I 159 21.25 -8.73 -27.11
N GLN I 160 21.11 -8.19 -25.90
CA GLN I 160 21.19 -6.75 -25.72
C GLN I 160 21.97 -6.18 -24.56
N VAL I 161 21.95 -4.86 -24.51
CA VAL I 161 22.55 -4.04 -23.47
C VAL I 161 21.41 -3.04 -23.25
N GLN I 162 21.02 -2.80 -22.01
CA GLN I 162 19.89 -1.91 -21.77
C GLN I 162 19.98 -0.53 -22.43
N GLU I 163 21.16 0.10 -22.37
CA GLU I 163 21.35 1.41 -22.98
C GLU I 163 21.08 1.39 -24.47
N ARG I 164 21.59 0.37 -25.15
CA ARG I 164 21.38 0.28 -26.59
C ARG I 164 19.91 0.07 -26.90
N LEU I 165 19.27 -0.83 -26.14
CA LEU I 165 17.84 -1.12 -26.35
C LEU I 165 17.01 0.16 -26.23
N THR I 166 17.29 0.95 -25.20
CA THR I 166 16.58 2.20 -24.98
C THR I 166 16.73 3.10 -26.19
N LYS I 167 17.96 3.31 -26.63
CA LYS I 167 18.23 4.20 -27.76
C LYS I 167 17.53 3.74 -29.04
N GLN I 168 17.63 2.45 -29.36
CA GLN I 168 17.01 1.92 -30.57
C GLN I 168 15.52 2.17 -30.61
N ILE I 169 14.84 2.00 -29.49
CA ILE I 169 13.41 2.25 -29.44
C ILE I 169 13.17 3.74 -29.71
N ALA I 170 13.92 4.60 -29.03
CA ALA I 170 13.80 6.04 -29.20
C ALA I 170 14.13 6.48 -30.63
N VAL I 171 15.22 5.96 -31.17
CA VAL I 171 15.62 6.31 -32.53
C VAL I 171 14.56 5.89 -33.54
N ALA I 172 13.96 4.73 -33.30
CA ALA I 172 12.94 4.23 -34.21
C ALA I 172 11.77 5.20 -34.25
N ILE I 173 11.23 5.53 -33.08
CA ILE I 173 10.10 6.45 -33.01
C ILE I 173 10.43 7.80 -33.65
N THR I 174 11.64 8.28 -33.44
CA THR I 174 12.07 9.55 -34.01
C THR I 174 12.06 9.50 -35.53
N GLU I 175 12.77 8.53 -36.09
CA GLU I 175 12.85 8.40 -37.53
C GLU I 175 11.53 8.10 -38.22
N ALA I 176 10.60 7.50 -37.49
CA ALA I 176 9.31 7.18 -38.07
C ALA I 176 8.32 8.34 -38.02
N LEU I 177 8.45 9.21 -37.03
CA LEU I 177 7.51 10.32 -36.85
C LEU I 177 8.05 11.75 -36.91
N GLN I 178 9.36 11.94 -36.75
CA GLN I 178 9.93 13.30 -36.71
C GLN I 178 9.09 14.09 -35.69
N PRO I 179 8.94 13.55 -34.47
CA PRO I 179 8.13 14.24 -33.46
C PRO I 179 8.79 15.47 -32.85
N ALA I 180 7.98 16.24 -32.12
CA ALA I 180 8.48 17.43 -31.45
C ALA I 180 9.47 16.93 -30.39
N GLY I 181 9.18 15.73 -29.87
CA GLY I 181 10.03 15.13 -28.87
C GLY I 181 9.60 13.72 -28.53
N VAL I 182 10.46 13.01 -27.81
CA VAL I 182 10.13 11.65 -27.41
C VAL I 182 10.92 11.27 -26.15
N GLY I 183 10.32 10.41 -25.35
CA GLY I 183 10.95 9.95 -24.13
C GLY I 183 10.78 8.45 -23.99
N VAL I 184 11.86 7.79 -23.60
CA VAL I 184 11.81 6.34 -23.42
C VAL I 184 12.53 5.99 -22.13
N VAL I 185 11.83 5.34 -21.21
CA VAL I 185 12.40 4.94 -19.93
C VAL I 185 12.26 3.45 -19.77
N ILE I 186 13.36 2.78 -19.40
CA ILE I 186 13.29 1.35 -19.19
C ILE I 186 13.75 1.02 -17.78
N GLU I 187 12.94 0.21 -17.10
CA GLU I 187 13.23 -0.23 -15.73
C GLU I 187 13.27 -1.74 -15.78
N ALA I 188 14.42 -2.32 -15.47
CA ALA I 188 14.53 -3.77 -15.51
C ALA I 188 15.45 -4.33 -14.45
N THR I 189 15.29 -5.63 -14.23
CA THR I 189 16.09 -6.35 -13.26
C THR I 189 17.02 -7.22 -14.08
N HIS I 190 18.32 -7.10 -13.84
CA HIS I 190 19.29 -7.90 -14.56
C HIS I 190 19.60 -9.13 -13.72
N MET I 191 19.18 -10.30 -14.18
CA MET I 191 19.40 -11.54 -13.46
C MET I 191 20.87 -11.83 -13.18
N CYS I 192 21.76 -11.30 -14.02
CA CYS I 192 23.19 -11.54 -13.83
C CYS I 192 23.74 -10.73 -12.66
N MET I 193 22.92 -9.82 -12.14
CA MET I 193 23.34 -9.00 -11.01
C MET I 193 22.66 -9.45 -9.73
N VAL I 194 21.60 -10.25 -9.89
CA VAL I 194 20.84 -10.75 -8.75
C VAL I 194 21.25 -12.18 -8.40
N MET I 195 21.33 -13.02 -9.42
CA MET I 195 21.69 -14.42 -9.25
C MET I 195 23.19 -14.65 -9.14
N ARG I 196 24.01 -13.64 -9.42
CA ARG I 196 25.47 -13.82 -9.37
C ARG I 196 26.21 -12.50 -9.29
N GLY I 197 27.54 -12.58 -9.43
CA GLY I 197 28.38 -11.40 -9.38
C GLY I 197 28.22 -10.59 -8.10
N VAL I 198 27.82 -9.34 -8.25
CA VAL I 198 27.62 -8.44 -7.11
C VAL I 198 26.46 -8.93 -6.24
N GLN I 199 25.60 -9.76 -6.84
CA GLN I 199 24.44 -10.35 -6.17
C GLN I 199 23.64 -9.35 -5.34
N LYS I 200 23.09 -8.36 -6.03
CA LYS I 200 22.29 -7.36 -5.38
C LYS I 200 20.82 -7.58 -5.72
N MET I 201 20.10 -8.25 -4.83
CA MET I 201 18.68 -8.47 -5.05
C MET I 201 18.09 -7.09 -4.86
N ASN I 202 16.85 -6.89 -5.27
CA ASN I 202 16.21 -5.58 -5.12
C ASN I 202 16.73 -4.55 -6.11
N SER I 203 17.97 -4.75 -6.53
CA SER I 203 18.63 -3.85 -7.47
C SER I 203 17.97 -3.77 -8.84
N LYS I 204 17.78 -2.55 -9.33
CA LYS I 204 17.20 -2.33 -10.64
C LYS I 204 17.99 -1.32 -11.47
N THR I 205 17.93 -1.46 -12.78
CA THR I 205 18.61 -0.57 -13.68
C THR I 205 17.62 0.23 -14.49
N VAL I 206 17.71 1.55 -14.41
CA VAL I 206 16.81 2.41 -15.15
C VAL I 206 17.59 3.22 -16.16
N THR I 207 17.15 3.20 -17.41
CA THR I 207 17.78 3.95 -18.49
C THR I 207 16.74 4.91 -19.05
N SER I 208 17.15 6.15 -19.29
CA SER I 208 16.20 7.14 -19.78
C SER I 208 16.71 8.00 -20.93
N THR I 209 15.95 8.00 -22.03
CA THR I 209 16.29 8.80 -23.20
C THR I 209 15.25 9.87 -23.42
N MET I 210 15.70 11.12 -23.39
CA MET I 210 14.84 12.29 -23.57
C MET I 210 15.34 13.05 -24.79
N LEU I 211 14.49 13.15 -25.81
CA LEU I 211 14.85 13.83 -27.03
C LEU I 211 13.90 14.98 -27.38
N GLY I 212 14.43 15.98 -28.07
CA GLY I 212 13.61 17.10 -28.47
C GLY I 212 13.04 17.86 -27.31
N VAL I 213 11.79 18.24 -27.41
CA VAL I 213 11.17 19.01 -26.36
C VAL I 213 11.21 18.30 -25.02
N PHE I 214 11.21 16.97 -25.04
CA PHE I 214 11.28 16.21 -23.81
C PHE I 214 12.58 16.56 -23.09
N ARG I 215 13.60 16.96 -23.84
CA ARG I 215 14.85 17.33 -23.20
C ARG I 215 14.97 18.82 -22.91
N GLU I 216 14.49 19.64 -23.84
CA GLU I 216 14.55 21.08 -23.70
C GLU I 216 13.57 21.68 -22.71
N ASP I 217 12.28 21.32 -22.81
CA ASP I 217 11.24 21.89 -21.96
C ASP I 217 11.06 21.18 -20.61
N PRO I 218 11.34 21.89 -19.50
CA PRO I 218 11.18 21.29 -18.18
C PRO I 218 9.74 20.87 -17.90
N LYS I 219 8.77 21.60 -18.43
CA LYS I 219 7.36 21.27 -18.21
C LYS I 219 7.05 19.94 -18.86
N THR I 220 7.54 19.77 -20.08
CA THR I 220 7.33 18.56 -20.84
C THR I 220 7.87 17.32 -20.13
N ARG I 221 9.15 17.35 -19.79
CA ARG I 221 9.78 16.23 -19.12
C ARG I 221 9.14 15.87 -17.80
N GLU I 222 8.81 16.87 -17.00
CA GLU I 222 8.21 16.61 -15.71
C GLU I 222 6.84 15.97 -15.87
N GLU I 223 6.12 16.36 -16.92
CA GLU I 223 4.81 15.81 -17.19
C GLU I 223 4.93 14.33 -17.54
N PHE I 224 5.79 14.00 -18.49
CA PHE I 224 6.00 12.63 -18.90
C PHE I 224 6.38 11.76 -17.70
N LEU I 225 7.32 12.27 -16.92
CA LEU I 225 7.81 11.58 -15.75
C LEU I 225 6.73 11.32 -14.70
N THR I 226 5.73 12.20 -14.63
CA THR I 226 4.67 12.02 -13.66
C THR I 226 3.63 11.05 -14.20
N LEU I 227 3.25 11.25 -15.45
CA LEU I 227 2.26 10.40 -16.09
C LEU I 227 2.68 8.93 -16.26
N ILE I 228 3.96 8.63 -16.15
CA ILE I 228 4.37 7.24 -16.30
C ILE I 228 4.50 6.57 -14.95
N ARG I 229 4.31 7.34 -13.88
CA ARG I 229 4.43 6.82 -12.52
C ARG I 229 3.23 6.01 -12.05
N SER I 230 3.49 5.23 -10.99
CA SER I 230 2.50 4.36 -10.33
C SER I 230 1.24 4.05 -11.12
N ARG J 37 49.23 -0.23 0.46
CA ARG J 37 48.83 -1.52 -0.20
C ARG J 37 47.57 -2.09 0.44
N PRO J 38 46.72 -2.77 -0.34
CA PRO J 38 45.48 -3.37 0.18
C PRO J 38 45.75 -4.57 1.07
N ARG J 39 44.83 -4.83 2.00
CA ARG J 39 44.95 -5.96 2.93
C ARG J 39 44.99 -7.25 2.11
N SER J 40 45.51 -8.32 2.68
CA SER J 40 45.60 -9.58 1.94
C SER J 40 45.06 -10.77 2.73
N GLU J 41 44.85 -11.89 2.04
CA GLU J 41 44.36 -13.09 2.70
C GLU J 41 45.36 -13.53 3.78
N GLU J 42 46.65 -13.31 3.52
CA GLU J 42 47.70 -13.65 4.46
C GLU J 42 47.56 -12.80 5.72
N ASP J 43 47.33 -11.50 5.52
CA ASP J 43 47.14 -10.58 6.64
C ASP J 43 46.00 -11.06 7.54
N ASN J 44 44.94 -11.57 6.91
CA ASN J 44 43.79 -12.05 7.66
C ASN J 44 44.13 -13.27 8.51
N GLU J 45 44.95 -14.17 7.96
CA GLU J 45 45.35 -15.37 8.71
C GLU J 45 46.20 -15.01 9.92
N LEU J 46 47.17 -14.13 9.72
CA LEU J 46 48.05 -13.73 10.81
C LEU J 46 47.27 -13.00 11.91
N ASN J 47 46.33 -12.16 11.51
CA ASN J 47 45.56 -11.37 12.47
C ASN J 47 44.33 -12.02 13.09
N LEU J 48 43.84 -13.10 12.47
CA LEU J 48 42.66 -13.78 12.99
C LEU J 48 42.79 -14.13 14.48
N PRO J 49 43.94 -14.70 14.88
CA PRO J 49 44.08 -15.06 16.29
C PRO J 49 43.99 -13.86 17.24
N ASN J 50 44.58 -12.74 16.85
CA ASN J 50 44.54 -11.56 17.70
C ASN J 50 43.12 -11.06 17.84
N LEU J 51 42.38 -11.08 16.72
CA LEU J 51 40.99 -10.65 16.73
C LEU J 51 40.23 -11.58 17.68
N ALA J 52 40.34 -12.88 17.40
CA ALA J 52 39.69 -13.88 18.22
C ALA J 52 39.99 -13.62 19.70
N ALA J 53 41.26 -13.39 20.03
CA ALA J 53 41.64 -13.13 21.40
C ALA J 53 40.96 -11.89 21.98
N ALA J 54 40.89 -10.82 21.20
CA ALA J 54 40.27 -9.58 21.64
C ALA J 54 38.77 -9.75 21.91
N TYR J 55 38.08 -10.50 21.05
CA TYR J 55 36.65 -10.74 21.20
C TYR J 55 36.41 -11.64 22.41
N SER J 56 37.33 -12.58 22.64
CA SER J 56 37.21 -13.48 23.77
C SER J 56 37.35 -12.65 25.05
N SER J 57 38.22 -11.66 24.98
CA SER J 57 38.46 -10.76 26.10
C SER J 57 37.21 -9.93 26.35
N ILE J 58 36.55 -9.52 25.26
CA ILE J 58 35.36 -8.70 25.36
C ILE J 58 34.24 -9.48 26.06
N LEU J 59 34.10 -10.75 25.70
CA LEU J 59 33.08 -11.59 26.31
C LEU J 59 33.26 -11.59 27.83
N ARG J 60 34.49 -11.83 28.29
CA ARG J 60 34.72 -11.84 29.72
C ARG J 60 34.43 -10.48 30.33
N SER J 61 34.94 -9.41 29.73
CA SER J 61 34.74 -8.07 30.26
C SER J 61 33.27 -7.66 30.32
N LEU J 62 32.43 -8.36 29.57
CA LEU J 62 31.00 -8.03 29.55
C LEU J 62 30.25 -8.76 30.67
N GLY J 63 30.86 -9.83 31.17
CA GLY J 63 30.26 -10.61 32.25
C GLY J 63 29.87 -12.01 31.83
N GLU J 64 30.07 -12.32 30.55
CA GLU J 64 29.73 -13.64 30.04
C GLU J 64 30.82 -14.65 30.32
N ASP J 65 30.50 -15.91 30.06
CA ASP J 65 31.44 -16.99 30.26
C ASP J 65 31.79 -17.55 28.88
N PRO J 66 32.99 -17.22 28.38
CA PRO J 66 33.46 -17.68 27.07
C PRO J 66 33.46 -19.19 26.91
N GLN J 67 33.30 -19.89 28.02
CA GLN J 67 33.30 -21.36 28.00
C GLN J 67 31.92 -21.90 27.72
N ARG J 68 30.92 -21.11 28.08
CA ARG J 68 29.52 -21.46 27.89
C ARG J 68 29.29 -22.08 26.50
N GLN J 69 28.48 -23.14 26.45
CA GLN J 69 28.22 -23.85 25.19
C GLN J 69 28.13 -23.02 23.91
N GLY J 70 27.13 -22.14 23.82
CA GLY J 70 26.95 -21.35 22.60
C GLY J 70 27.88 -20.15 22.38
N LEU J 71 28.91 -20.04 23.22
CA LEU J 71 29.86 -18.92 23.13
C LEU J 71 31.27 -19.41 22.81
N LEU J 72 31.48 -20.72 22.77
CA LEU J 72 32.80 -21.27 22.49
C LEU J 72 33.43 -20.78 21.21
N LYS J 73 32.80 -21.08 20.08
CA LYS J 73 33.33 -20.67 18.78
C LYS J 73 33.08 -19.20 18.46
N THR J 74 32.46 -18.46 19.37
CA THR J 74 32.13 -17.06 19.11
C THR J 74 33.34 -16.18 18.79
N PRO J 75 34.42 -16.27 19.59
CA PRO J 75 35.56 -15.42 19.28
C PRO J 75 36.05 -15.54 17.83
N TRP J 76 35.94 -16.72 17.25
CA TRP J 76 36.38 -16.92 15.88
C TRP J 76 35.34 -16.46 14.89
N ARG J 77 34.08 -16.69 15.21
CA ARG J 77 33.01 -16.31 14.32
C ARG J 77 32.90 -14.79 14.26
N ALA J 78 33.05 -14.15 15.41
CA ALA J 78 32.98 -12.71 15.49
C ALA J 78 34.13 -12.10 14.70
N ALA J 79 35.33 -12.63 14.91
CA ALA J 79 36.51 -12.15 14.21
C ALA J 79 36.36 -12.32 12.71
N THR J 80 35.99 -13.52 12.28
CA THR J 80 35.82 -13.79 10.87
C THR J 80 34.77 -12.89 10.26
N ALA J 81 33.73 -12.62 11.03
CA ALA J 81 32.63 -11.78 10.59
C ALA J 81 33.13 -10.36 10.42
N MET J 82 33.87 -9.88 11.41
CA MET J 82 34.37 -8.52 11.36
C MET J 82 35.34 -8.32 10.19
N GLN J 83 36.02 -9.38 9.79
CA GLN J 83 36.96 -9.29 8.68
C GLN J 83 36.16 -9.20 7.38
N PHE J 84 35.05 -9.91 7.34
CA PHE J 84 34.21 -9.90 6.14
C PHE J 84 33.61 -8.51 5.96
N PHE J 85 33.16 -7.94 7.06
CA PHE J 85 32.57 -6.61 7.06
C PHE J 85 33.55 -5.55 6.58
N THR J 86 34.84 -5.81 6.71
CA THR J 86 35.86 -4.85 6.30
C THR J 86 36.71 -5.35 5.14
N LYS J 87 36.18 -6.30 4.39
CA LYS J 87 36.91 -6.86 3.26
C LYS J 87 37.15 -5.86 2.14
N GLY J 88 36.61 -4.66 2.29
CA GLY J 88 36.79 -3.64 1.27
C GLY J 88 38.24 -3.15 1.25
N TYR J 89 38.89 -3.24 2.41
CA TYR J 89 40.27 -2.81 2.55
C TYR J 89 41.22 -3.68 1.74
N GLN J 90 40.81 -4.89 1.37
CA GLN J 90 41.71 -5.73 0.60
C GLN J 90 41.47 -5.63 -0.90
N GLU J 91 40.85 -4.52 -1.31
CA GLU J 91 40.57 -4.27 -2.72
C GLU J 91 40.90 -2.83 -3.02
N THR J 92 41.23 -2.54 -4.27
CA THR J 92 41.54 -1.16 -4.65
C THR J 92 40.71 -0.78 -5.86
N ILE J 93 40.16 0.43 -5.82
CA ILE J 93 39.31 0.93 -6.88
C ILE J 93 39.99 0.84 -8.24
N SER J 94 41.32 0.91 -8.22
CA SER J 94 42.13 0.83 -9.43
C SER J 94 41.69 -0.29 -10.35
N ASP J 95 41.58 -1.51 -9.81
CA ASP J 95 41.17 -2.66 -10.60
C ASP J 95 39.87 -2.42 -11.36
N VAL J 96 38.83 -2.13 -10.60
CA VAL J 96 37.51 -1.89 -11.17
C VAL J 96 37.46 -0.63 -12.05
N LEU J 97 38.11 0.44 -11.60
CA LEU J 97 38.14 1.72 -12.32
C LEU J 97 38.93 1.68 -13.65
N ASN J 98 39.37 0.49 -14.06
CA ASN J 98 40.12 0.32 -15.31
C ASN J 98 39.34 -0.48 -16.35
N ASP J 99 38.07 -0.73 -16.08
CA ASP J 99 37.23 -1.48 -17.00
C ASP J 99 36.15 -0.60 -17.60
N ALA J 100 36.52 0.67 -17.82
CA ALA J 100 35.66 1.66 -18.41
C ALA J 100 35.69 1.36 -19.91
N ILE J 101 34.62 1.67 -20.63
CA ILE J 101 34.57 1.38 -22.06
C ILE J 101 34.25 2.65 -22.86
N PHE J 102 34.92 2.87 -23.97
CA PHE J 102 34.64 4.05 -24.77
C PHE J 102 33.30 3.87 -25.50
N ASP J 103 32.47 4.91 -25.41
CA ASP J 103 31.14 4.88 -26.02
C ASP J 103 30.52 6.27 -25.87
N GLU J 104 30.35 6.96 -26.99
CA GLU J 104 29.76 8.30 -26.98
C GLU J 104 28.45 8.26 -27.75
N ASP J 105 27.95 7.05 -27.95
CA ASP J 105 26.73 6.86 -28.71
C ASP J 105 25.52 6.72 -27.81
N HIS J 106 25.76 6.63 -26.50
CA HIS J 106 24.64 6.45 -25.58
C HIS J 106 24.40 7.61 -24.67
N ASP J 107 23.86 8.68 -25.26
CA ASP J 107 23.53 9.89 -24.54
C ASP J 107 22.17 9.72 -23.83
N GLU J 108 22.22 9.07 -22.67
CA GLU J 108 21.02 8.81 -21.88
C GLU J 108 21.39 8.64 -20.42
N MET J 109 20.41 8.80 -19.53
CA MET J 109 20.71 8.65 -18.13
C MET J 109 20.70 7.19 -17.72
N VAL J 110 21.75 6.80 -17.01
CA VAL J 110 21.89 5.43 -16.54
C VAL J 110 21.78 5.45 -15.03
N ILE J 111 20.83 4.68 -14.52
CA ILE J 111 20.62 4.58 -13.09
C ILE J 111 20.62 3.14 -12.61
N VAL J 112 21.24 2.90 -11.46
CA VAL J 112 21.25 1.57 -10.84
C VAL J 112 20.80 1.91 -9.43
N LYS J 113 19.55 1.61 -9.14
CA LYS J 113 18.98 1.93 -7.83
C LYS J 113 18.75 0.75 -6.93
N ASP J 114 18.52 1.05 -5.66
CA ASP J 114 18.25 0.03 -4.66
C ASP J 114 19.39 -0.98 -4.48
N ILE J 115 20.62 -0.50 -4.55
CA ILE J 115 21.76 -1.38 -4.36
C ILE J 115 21.91 -1.58 -2.85
N ASP J 116 21.69 -2.81 -2.38
CA ASP J 116 21.80 -3.09 -0.95
C ASP J 116 23.19 -2.79 -0.45
N MET J 117 23.27 -2.08 0.65
CA MET J 117 24.56 -1.78 1.19
C MET J 117 24.61 -1.96 2.71
N PHE J 118 25.67 -2.61 3.16
CA PHE J 118 25.89 -2.91 4.56
C PHE J 118 27.25 -2.37 4.91
N SER J 119 27.33 -1.58 5.97
CA SER J 119 28.59 -1.01 6.39
C SER J 119 28.65 -0.92 7.91
N MET J 120 29.83 -0.55 8.43
CA MET J 120 30.07 -0.40 9.86
C MET J 120 30.46 1.04 10.17
N CYS J 121 29.74 1.72 11.05
CA CYS J 121 30.13 3.08 11.35
C CYS J 121 31.45 3.01 12.12
N GLU J 122 32.41 3.85 11.74
CA GLU J 122 33.71 3.84 12.38
C GLU J 122 33.70 4.37 13.80
N HIS J 123 32.66 5.12 14.15
CA HIS J 123 32.57 5.68 15.48
C HIS J 123 32.22 4.67 16.57
N HIS J 124 31.24 3.79 16.32
CA HIS J 124 30.83 2.80 17.32
C HIS J 124 31.03 1.34 16.93
N LEU J 125 31.44 1.11 15.69
CA LEU J 125 31.65 -0.24 15.21
C LEU J 125 30.36 -1.04 15.19
N VAL J 126 29.25 -0.33 14.97
CA VAL J 126 27.93 -0.93 14.87
C VAL J 126 27.58 -0.73 13.41
N PRO J 127 26.88 -1.69 12.79
CA PRO J 127 26.58 -1.46 11.37
C PRO J 127 25.44 -0.50 11.02
N PHE J 128 25.55 0.13 9.87
CA PHE J 128 24.48 0.99 9.36
C PHE J 128 24.18 0.38 8.01
N VAL J 129 22.91 0.16 7.73
CA VAL J 129 22.51 -0.50 6.49
C VAL J 129 21.39 0.23 5.77
N GLY J 130 21.33 0.04 4.46
CA GLY J 130 20.32 0.71 3.66
C GLY J 130 20.54 0.50 2.18
N ARG J 131 20.27 1.50 1.38
CA ARG J 131 20.42 1.37 -0.07
C ARG J 131 21.18 2.52 -0.72
N VAL J 132 21.83 2.21 -1.84
CA VAL J 132 22.56 3.23 -2.59
C VAL J 132 21.94 3.39 -3.97
N HIS J 133 21.80 4.63 -4.41
CA HIS J 133 21.24 4.90 -5.74
C HIS J 133 22.27 5.71 -6.54
N ILE J 134 22.64 5.17 -7.69
CA ILE J 134 23.62 5.81 -8.53
C ILE J 134 23.05 6.17 -9.89
N GLY J 135 23.45 7.33 -10.38
CA GLY J 135 23.01 7.76 -11.69
C GLY J 135 24.07 8.61 -12.36
N TYR J 136 24.17 8.51 -13.67
CA TYR J 136 25.14 9.34 -14.37
C TYR J 136 24.72 9.58 -15.81
N LEU J 137 25.33 10.59 -16.40
CA LEU J 137 25.10 10.99 -17.79
C LEU J 137 26.50 10.90 -18.37
N PRO J 138 26.75 9.93 -19.26
CA PRO J 138 28.07 9.78 -19.85
C PRO J 138 28.46 10.80 -20.89
N ASN J 139 29.77 10.95 -21.07
CA ASN J 139 30.31 11.82 -22.08
C ASN J 139 30.78 10.88 -23.19
N LYS J 140 31.98 10.32 -23.01
CA LYS J 140 32.51 9.39 -24.01
C LYS J 140 32.77 8.01 -23.43
N GLN J 141 32.71 7.88 -22.11
CA GLN J 141 32.95 6.60 -21.48
C GLN J 141 31.78 6.07 -20.62
N VAL J 142 31.59 4.76 -20.67
CA VAL J 142 30.52 4.11 -19.92
C VAL J 142 31.15 3.10 -18.97
N LEU J 143 30.36 2.61 -18.01
CA LEU J 143 30.85 1.64 -17.04
C LEU J 143 29.85 0.50 -16.94
N GLY J 144 30.34 -0.74 -16.88
CA GLY J 144 29.44 -1.90 -16.77
C GLY J 144 28.57 -1.77 -15.53
N LEU J 145 27.28 -2.06 -15.68
CA LEU J 145 26.32 -1.95 -14.56
C LEU J 145 26.77 -2.64 -13.28
N SER J 146 27.28 -3.86 -13.39
CA SER J 146 27.75 -4.61 -12.22
C SER J 146 28.94 -3.94 -11.57
N LYS J 147 29.74 -3.22 -12.36
CA LYS J 147 30.91 -2.54 -11.84
C LYS J 147 30.50 -1.40 -10.91
N LEU J 148 29.35 -0.78 -11.18
CA LEU J 148 28.88 0.29 -10.33
C LEU J 148 28.64 -0.28 -8.95
N ALA J 149 28.03 -1.46 -8.92
CA ALA J 149 27.75 -2.12 -7.65
C ALA J 149 29.05 -2.48 -6.93
N ARG J 150 30.03 -2.97 -7.68
CA ARG J 150 31.29 -3.32 -7.07
C ARG J 150 31.97 -2.12 -6.42
N ILE J 151 31.78 -0.93 -6.98
CA ILE J 151 32.35 0.29 -6.39
C ILE J 151 31.73 0.49 -5.02
N VAL J 152 30.43 0.19 -4.92
CA VAL J 152 29.74 0.35 -3.67
C VAL J 152 30.28 -0.67 -2.66
N GLU J 153 30.53 -1.90 -3.10
CA GLU J 153 31.04 -2.92 -2.18
C GLU J 153 32.42 -2.63 -1.63
N ILE J 154 33.31 -2.11 -2.48
CA ILE J 154 34.67 -1.80 -2.06
C ILE J 154 34.74 -0.75 -0.93
N TYR J 155 33.93 0.30 -1.03
CA TYR J 155 33.95 1.34 0.00
C TYR J 155 33.02 1.11 1.18
N SER J 156 31.88 0.48 0.94
CA SER J 156 30.94 0.24 2.01
C SER J 156 31.43 -0.80 3.01
N ARG J 157 32.26 -1.74 2.54
CA ARG J 157 32.79 -2.77 3.42
C ARG J 157 34.11 -2.33 4.05
N ARG J 158 33.99 -1.34 4.95
CA ARG J 158 35.11 -0.74 5.67
C ARG J 158 34.48 -0.02 6.85
N LEU J 159 35.30 0.52 7.74
CA LEU J 159 34.74 1.28 8.85
C LEU J 159 34.44 2.58 8.14
N GLN J 160 33.20 3.06 8.23
CA GLN J 160 32.82 4.25 7.50
C GLN J 160 32.02 5.33 8.21
N VAL J 161 31.74 6.37 7.43
CA VAL J 161 30.94 7.51 7.84
C VAL J 161 30.13 7.65 6.56
N GLN J 162 28.81 7.77 6.68
CA GLN J 162 27.99 7.84 5.49
C GLN J 162 28.35 8.92 4.46
N GLU J 163 28.77 10.10 4.91
CA GLU J 163 29.13 11.17 3.99
C GLU J 163 30.36 10.81 3.18
N ARG J 164 31.32 10.17 3.82
CA ARG J 164 32.54 9.79 3.12
C ARG J 164 32.22 8.73 2.08
N LEU J 165 31.49 7.70 2.49
CA LEU J 165 31.11 6.61 1.58
C LEU J 165 30.43 7.19 0.33
N THR J 166 29.50 8.13 0.51
CA THR J 166 28.80 8.73 -0.61
C THR J 166 29.79 9.36 -1.57
N LYS J 167 30.62 10.26 -1.04
CA LYS J 167 31.61 10.94 -1.86
C LYS J 167 32.57 10.00 -2.59
N GLN J 168 33.09 9.00 -1.89
CA GLN J 168 34.02 8.04 -2.50
C GLN J 168 33.41 7.32 -3.69
N ILE J 169 32.13 7.00 -3.61
CA ILE J 169 31.46 6.32 -4.70
C ILE J 169 31.36 7.27 -5.87
N ALA J 170 30.92 8.49 -5.58
CA ALA J 170 30.75 9.52 -6.60
C ALA J 170 32.08 9.88 -7.26
N VAL J 171 33.13 10.03 -6.45
CA VAL J 171 34.44 10.38 -6.98
C VAL J 171 34.97 9.26 -7.86
N ALA J 172 34.73 8.01 -7.48
CA ALA J 172 35.21 6.89 -8.27
C ALA J 172 34.58 6.94 -9.65
N ILE J 173 33.26 7.10 -9.69
CA ILE J 173 32.57 7.15 -10.98
C ILE J 173 33.03 8.35 -11.80
N THR J 174 33.25 9.49 -11.15
CA THR J 174 33.70 10.69 -11.85
C THR J 174 35.06 10.48 -12.50
N GLU J 175 36.03 9.99 -11.71
CA GLU J 175 37.38 9.76 -12.21
C GLU J 175 37.49 8.64 -13.24
N ALA J 176 36.61 7.66 -13.17
CA ALA J 176 36.68 6.57 -14.12
C ALA J 176 36.02 6.89 -15.45
N LEU J 177 35.01 7.78 -15.43
CA LEU J 177 34.27 8.11 -16.64
C LEU J 177 34.27 9.54 -17.16
N GLN J 178 34.67 10.51 -16.33
CA GLN J 178 34.62 11.91 -16.75
C GLN J 178 33.23 12.12 -17.37
N PRO J 179 32.17 11.82 -16.61
CA PRO J 179 30.82 11.97 -17.15
C PRO J 179 30.33 13.42 -17.13
N ALA J 180 29.24 13.68 -17.83
CA ALA J 180 28.65 15.01 -17.87
C ALA J 180 28.11 15.30 -16.48
N GLY J 181 27.82 14.24 -15.74
CA GLY J 181 27.32 14.40 -14.40
C GLY J 181 27.10 13.08 -13.72
N VAL J 182 26.93 13.12 -12.41
CA VAL J 182 26.70 11.91 -11.63
C VAL J 182 25.95 12.24 -10.36
N GLY J 183 25.14 11.28 -9.91
CA GLY J 183 24.37 11.48 -8.69
C GLY J 183 24.45 10.24 -7.83
N VAL J 184 24.62 10.42 -6.53
CA VAL J 184 24.69 9.29 -5.62
C VAL J 184 23.92 9.60 -4.36
N VAL J 185 22.91 8.80 -4.10
CA VAL J 185 22.08 8.96 -2.91
C VAL J 185 22.12 7.69 -2.07
N ILE J 186 22.35 7.88 -0.78
CA ILE J 186 22.41 6.74 0.12
C ILE J 186 21.40 6.96 1.23
N GLU J 187 20.57 5.94 1.46
CA GLU J 187 19.56 5.97 2.49
C GLU J 187 19.87 4.78 3.39
N ALA J 188 20.13 5.05 4.67
CA ALA J 188 20.47 3.99 5.59
C ALA J 188 19.96 4.19 6.98
N THR J 189 19.99 3.10 7.75
CA THR J 189 19.57 3.14 9.13
C THR J 189 20.83 2.88 9.94
N HIS J 190 21.13 3.78 10.88
CA HIS J 190 22.31 3.60 11.70
C HIS J 190 21.89 2.93 12.98
N MET J 191 22.31 1.70 13.16
CA MET J 191 21.96 0.94 14.36
C MET J 191 22.36 1.64 15.65
N CYS J 192 23.43 2.43 15.60
CA CYS J 192 23.92 3.13 16.78
C CYS J 192 23.00 4.28 17.18
N MET J 193 22.01 4.55 16.35
CA MET J 193 21.05 5.61 16.62
C MET J 193 19.68 5.03 16.96
N VAL J 194 19.50 3.75 16.64
CA VAL J 194 18.24 3.05 16.89
C VAL J 194 18.34 2.22 18.17
N MET J 195 19.42 1.45 18.28
CA MET J 195 19.67 0.58 19.42
C MET J 195 20.23 1.27 20.64
N ARG J 196 20.62 2.54 20.51
CA ARG J 196 21.22 3.27 21.63
C ARG J 196 21.22 4.77 21.37
N GLY J 197 21.89 5.50 22.25
CA GLY J 197 22.00 6.95 22.11
C GLY J 197 20.66 7.65 22.10
N VAL J 198 20.40 8.39 21.03
CA VAL J 198 19.15 9.13 20.85
C VAL J 198 17.98 8.17 20.71
N GLN J 199 18.31 6.92 20.42
CA GLN J 199 17.31 5.86 20.25
C GLN J 199 16.08 6.28 19.46
N LYS J 200 16.30 6.63 18.19
CA LYS J 200 15.22 7.03 17.32
C LYS J 200 14.98 5.93 16.29
N MET J 201 14.00 5.07 16.57
CA MET J 201 13.67 4.01 15.64
C MET J 201 13.02 4.79 14.51
N ASN J 202 12.82 4.14 13.36
CA ASN J 202 12.20 4.81 12.21
C ASN J 202 13.11 5.82 11.54
N SER J 203 14.03 6.36 12.32
CA SER J 203 14.97 7.35 11.84
C SER J 203 15.91 6.84 10.74
N LYS J 204 16.09 7.65 9.70
CA LYS J 204 16.97 7.29 8.60
C LYS J 204 17.85 8.47 8.16
N THR J 205 19.07 8.14 7.74
CA THR J 205 20.01 9.15 7.29
C THR J 205 20.14 9.07 5.78
N VAL J 206 19.97 10.20 5.11
CA VAL J 206 20.08 10.24 3.67
C VAL J 206 21.17 11.23 3.29
N THR J 207 22.07 10.79 2.43
CA THR J 207 23.15 11.65 1.96
C THR J 207 23.05 11.70 0.45
N SER J 208 23.20 12.90 -0.11
CA SER J 208 23.06 13.07 -1.54
C SER J 208 24.18 13.89 -2.20
N THR J 209 24.81 13.30 -3.20
CA THR J 209 25.89 13.97 -3.94
C THR J 209 25.50 14.15 -5.40
N MET J 210 25.42 15.41 -5.80
CA MET J 210 25.05 15.78 -7.16
C MET J 210 26.24 16.52 -7.79
N LEU J 211 26.79 15.93 -8.85
CA LEU J 211 27.93 16.51 -9.55
C LEU J 211 27.64 16.81 -11.01
N GLY J 212 28.34 17.81 -11.54
CA GLY J 212 28.16 18.18 -12.94
C GLY J 212 26.75 18.64 -13.27
N VAL J 213 26.24 18.13 -14.39
CA VAL J 213 24.91 18.51 -14.85
C VAL J 213 23.83 18.10 -13.86
N PHE J 214 24.10 17.11 -13.02
CA PHE J 214 23.14 16.69 -12.02
C PHE J 214 22.95 17.83 -11.02
N ARG J 215 23.98 18.67 -10.84
CA ARG J 215 23.86 19.79 -9.94
C ARG J 215 23.39 21.07 -10.64
N GLU J 216 23.89 21.31 -11.84
CA GLU J 216 23.55 22.50 -12.62
C GLU J 216 22.14 22.50 -13.20
N ASP J 217 21.78 21.45 -13.90
CA ASP J 217 20.48 21.36 -14.58
C ASP J 217 19.30 20.85 -13.74
N PRO J 218 18.31 21.73 -13.47
CA PRO J 218 17.16 21.31 -12.66
C PRO J 218 16.37 20.19 -13.28
N LYS J 219 16.38 20.12 -14.62
CA LYS J 219 15.65 19.07 -15.31
C LYS J 219 16.30 17.74 -15.03
N THR J 220 17.62 17.73 -15.10
CA THR J 220 18.41 16.53 -14.86
C THR J 220 18.23 15.97 -13.44
N ARG J 221 18.43 16.84 -12.44
CA ARG J 221 18.33 16.40 -11.06
C ARG J 221 16.95 15.89 -10.69
N GLU J 222 15.93 16.57 -11.19
CA GLU J 222 14.57 16.18 -10.91
C GLU J 222 14.27 14.80 -11.49
N GLU J 223 14.79 14.54 -12.69
CA GLU J 223 14.60 13.26 -13.37
C GLU J 223 15.23 12.09 -12.61
N PHE J 224 16.48 12.27 -12.17
CA PHE J 224 17.18 11.25 -11.42
C PHE J 224 16.41 10.95 -10.13
N LEU J 225 16.07 12.01 -9.41
CA LEU J 225 15.32 11.92 -8.16
C LEU J 225 13.96 11.23 -8.34
N THR J 226 13.36 11.33 -9.51
CA THR J 226 12.08 10.69 -9.75
C THR J 226 12.31 9.23 -10.11
N LEU J 227 13.22 9.00 -11.04
CA LEU J 227 13.52 7.66 -11.48
C LEU J 227 14.08 6.74 -10.42
N ILE J 228 14.58 7.28 -9.32
CA ILE J 228 15.11 6.41 -8.26
C ILE J 228 14.06 6.14 -7.20
N ARG J 229 12.91 6.78 -7.32
CA ARG J 229 11.83 6.61 -6.34
C ARG J 229 11.07 5.28 -6.44
N SER J 230 10.32 4.98 -5.38
CA SER J 230 9.48 3.78 -5.23
C SER J 230 9.69 2.68 -6.25
N MET K 1 -35.92 -38.10 37.01
CA MET K 1 -34.79 -37.41 36.31
C MET K 1 -33.63 -38.39 36.05
N PRO K 2 -33.77 -39.24 35.03
CA PRO K 2 -32.70 -40.20 34.75
C PRO K 2 -31.47 -39.64 34.02
N TYR K 3 -31.65 -38.76 33.04
CA TYR K 3 -30.51 -38.23 32.28
C TYR K 3 -29.76 -37.02 32.86
N LEU K 4 -28.44 -37.06 32.70
CA LEU K 4 -27.57 -36.01 33.20
C LEU K 4 -26.53 -35.67 32.13
N LEU K 5 -26.18 -34.39 32.02
CA LEU K 5 -25.16 -33.93 31.06
C LEU K 5 -24.15 -33.07 31.76
N ILE K 6 -22.89 -33.48 31.73
CA ILE K 6 -21.83 -32.68 32.35
C ILE K 6 -20.72 -32.41 31.32
N SER K 7 -19.93 -31.36 31.54
CA SER K 7 -18.88 -31.02 30.59
C SER K 7 -17.71 -30.29 31.22
N THR K 8 -16.62 -30.23 30.46
CA THR K 8 -15.42 -29.53 30.88
C THR K 8 -14.76 -28.99 29.62
N GLN K 9 -14.10 -27.85 29.74
CA GLN K 9 -13.46 -27.22 28.58
C GLN K 9 -11.95 -27.40 28.42
N ILE K 10 -11.50 -27.32 27.18
CA ILE K 10 -10.08 -27.40 26.85
C ILE K 10 -9.29 -28.61 27.36
N ARG K 11 -8.95 -28.62 28.65
CA ARG K 11 -8.19 -29.73 29.23
C ARG K 11 -8.93 -30.45 30.32
N MET K 12 -8.93 -31.78 30.26
CA MET K 12 -9.67 -32.59 31.22
C MET K 12 -9.06 -32.84 32.58
N GLU K 13 -7.75 -32.75 32.72
CA GLU K 13 -7.18 -33.01 34.02
C GLU K 13 -7.35 -31.90 35.06
N VAL K 14 -8.25 -30.97 34.80
CA VAL K 14 -8.46 -29.89 35.73
C VAL K 14 -9.88 -29.37 35.51
N GLY K 15 -10.45 -28.75 36.54
CA GLY K 15 -11.79 -28.21 36.42
C GLY K 15 -11.77 -26.81 35.81
N PRO K 16 -12.88 -26.09 35.84
CA PRO K 16 -14.16 -26.48 36.42
C PRO K 16 -14.89 -27.49 35.55
N THR K 17 -15.90 -28.14 36.13
CA THR K 17 -16.72 -29.09 35.40
C THR K 17 -18.15 -28.57 35.50
N MET K 18 -18.80 -28.36 34.36
CA MET K 18 -20.18 -27.89 34.38
C MET K 18 -21.05 -29.11 34.66
N VAL K 19 -21.95 -29.00 35.64
CA VAL K 19 -22.79 -30.13 36.00
C VAL K 19 -24.29 -29.91 35.98
N GLY K 20 -24.75 -28.79 35.46
CA GLY K 20 -26.19 -28.60 35.43
C GLY K 20 -26.72 -27.26 34.95
N ASP K 21 -27.99 -27.27 34.57
CA ASP K 21 -28.68 -26.08 34.11
C ASP K 21 -29.64 -25.57 35.19
N GLU K 22 -30.43 -24.55 34.88
CA GLU K 22 -31.36 -23.99 35.85
C GLU K 22 -32.32 -24.99 36.45
N HIS K 23 -32.81 -25.91 35.63
CA HIS K 23 -33.76 -26.91 36.13
C HIS K 23 -33.14 -28.20 36.61
N SER K 24 -31.90 -28.14 37.08
CA SER K 24 -31.26 -29.34 37.56
C SER K 24 -31.74 -29.67 38.96
N ASP K 25 -31.60 -30.93 39.34
CA ASP K 25 -31.98 -31.40 40.67
C ASP K 25 -31.15 -30.64 41.70
N PRO K 26 -31.80 -29.77 42.49
CA PRO K 26 -31.10 -28.99 43.51
C PRO K 26 -30.33 -29.86 44.49
N GLU K 27 -30.92 -31.00 44.85
CA GLU K 27 -30.27 -31.88 45.80
C GLU K 27 -29.01 -32.49 45.21
N LEU K 28 -29.11 -32.97 43.98
CA LEU K 28 -27.97 -33.57 43.32
C LEU K 28 -26.87 -32.53 43.18
N MET K 29 -27.24 -31.31 42.80
CA MET K 29 -26.26 -30.25 42.65
C MET K 29 -25.55 -30.02 43.98
N GLN K 30 -26.32 -30.03 45.05
CA GLN K 30 -25.75 -29.82 46.37
C GLN K 30 -24.80 -30.97 46.75
N GLN K 31 -25.22 -32.19 46.45
CA GLN K 31 -24.40 -33.35 46.75
C GLN K 31 -23.05 -33.27 46.06
N LEU K 32 -23.03 -32.66 44.88
CA LEU K 32 -21.79 -32.52 44.12
C LEU K 32 -20.96 -31.34 44.60
N GLY K 33 -21.57 -30.46 45.39
CA GLY K 33 -20.87 -29.30 45.91
C GLY K 33 -20.81 -28.21 44.88
N ALA K 34 -21.78 -28.23 43.97
CA ALA K 34 -21.85 -27.27 42.88
C ALA K 34 -22.47 -25.94 43.27
N SER K 35 -21.98 -24.88 42.66
CA SER K 35 -22.49 -23.54 42.88
C SER K 35 -23.22 -23.15 41.61
N LYS K 36 -24.12 -22.18 41.71
CA LYS K 36 -24.88 -21.71 40.56
C LYS K 36 -24.28 -20.36 40.14
N ARG K 37 -24.16 -20.13 38.84
CA ARG K 37 -23.63 -18.85 38.35
C ARG K 37 -24.13 -18.57 36.94
N ARG K 38 -23.93 -17.34 36.52
CA ARG K 38 -24.31 -16.91 35.19
C ARG K 38 -23.14 -16.12 34.62
N VAL K 39 -22.30 -16.80 33.83
CA VAL K 39 -21.14 -16.18 33.23
C VAL K 39 -21.53 -15.09 32.24
N LEU K 40 -20.80 -13.97 32.30
CA LEU K 40 -21.03 -12.82 31.44
C LEU K 40 -21.07 -13.29 29.99
N GLY K 41 -22.14 -12.96 29.28
CA GLY K 41 -22.23 -13.36 27.90
C GLY K 41 -23.23 -14.46 27.66
N ASN K 42 -23.47 -15.27 28.68
CA ASN K 42 -24.43 -16.38 28.57
C ASN K 42 -25.77 -15.90 29.09
N ASN K 43 -26.84 -16.27 28.40
CA ASN K 43 -28.15 -15.87 28.84
C ASN K 43 -28.82 -17.05 29.54
N PHE K 44 -28.11 -17.59 30.52
CA PHE K 44 -28.61 -18.74 31.26
C PHE K 44 -27.69 -19.02 32.44
N TYR K 45 -28.23 -19.69 33.47
CA TYR K 45 -27.47 -20.04 34.66
C TYR K 45 -26.88 -21.43 34.50
N GLU K 46 -25.83 -21.72 35.24
CA GLU K 46 -25.20 -23.03 35.17
C GLU K 46 -24.73 -23.46 36.55
N TYR K 47 -24.58 -24.75 36.74
CA TYR K 47 -24.07 -25.26 38.01
C TYR K 47 -22.67 -25.77 37.67
N TYR K 48 -21.70 -25.50 38.53
CA TYR K 48 -20.35 -25.96 38.26
C TYR K 48 -19.63 -26.33 39.53
N VAL K 49 -18.50 -27.03 39.38
CA VAL K 49 -17.65 -27.43 40.50
C VAL K 49 -16.23 -27.26 40.04
N ASN K 50 -15.33 -27.06 40.97
CA ASN K 50 -13.94 -26.88 40.62
C ASN K 50 -13.21 -28.19 40.43
N ASP K 51 -13.93 -29.30 40.59
CA ASP K 51 -13.31 -30.61 40.44
C ASP K 51 -13.16 -31.00 38.97
N PRO K 52 -12.15 -31.82 38.67
CA PRO K 52 -11.92 -32.27 37.29
C PRO K 52 -13.08 -33.23 36.99
N PRO K 53 -13.37 -33.47 35.71
CA PRO K 53 -14.48 -34.38 35.42
C PRO K 53 -14.36 -35.79 36.02
N ARG K 54 -13.15 -36.30 36.16
CA ARG K 54 -12.97 -37.65 36.70
C ARG K 54 -13.57 -37.75 38.10
N ILE K 55 -13.25 -36.77 38.93
CA ILE K 55 -13.75 -36.73 40.30
C ILE K 55 -15.29 -36.66 40.28
N VAL K 56 -15.84 -35.87 39.38
CA VAL K 56 -17.29 -35.73 39.29
C VAL K 56 -17.93 -37.02 38.79
N LEU K 57 -17.21 -37.76 37.96
CA LEU K 57 -17.76 -39.02 37.44
C LEU K 57 -17.84 -40.06 38.56
N ASP K 58 -16.85 -40.09 39.43
CA ASP K 58 -16.85 -41.03 40.53
C ASP K 58 -17.99 -40.65 41.48
N LYS K 59 -18.18 -39.36 41.72
CA LYS K 59 -19.25 -38.93 42.60
C LYS K 59 -20.62 -39.33 42.06
N LEU K 60 -20.80 -39.22 40.74
CA LEU K 60 -22.09 -39.58 40.14
C LEU K 60 -22.33 -41.10 40.18
N GLU K 61 -21.25 -41.86 40.23
CA GLU K 61 -21.32 -43.32 40.31
C GLU K 61 -22.03 -43.65 41.62
N CYS K 62 -21.60 -43.00 42.69
CA CYS K 62 -22.17 -43.19 44.01
C CYS K 62 -23.64 -42.83 44.07
N ARG K 63 -24.08 -41.89 43.24
CA ARG K 63 -25.49 -41.53 43.24
C ARG K 63 -26.23 -42.32 42.18
N GLY K 64 -25.61 -43.42 41.75
CA GLY K 64 -26.23 -44.30 40.77
C GLY K 64 -26.29 -43.94 39.30
N PHE K 65 -25.28 -43.22 38.80
CA PHE K 65 -25.26 -42.85 37.38
C PHE K 65 -24.18 -43.60 36.62
N ARG K 66 -24.41 -43.77 35.32
CA ARG K 66 -23.45 -44.47 34.47
C ARG K 66 -23.24 -43.69 33.18
N VAL K 67 -21.99 -43.65 32.74
CA VAL K 67 -21.68 -42.94 31.51
C VAL K 67 -22.20 -43.75 30.33
N LEU K 68 -23.07 -43.15 29.54
CA LEU K 68 -23.61 -43.82 28.39
C LEU K 68 -22.81 -43.41 27.15
N SER K 69 -22.43 -42.14 27.10
CA SER K 69 -21.66 -41.68 25.96
C SER K 69 -20.86 -40.44 26.31
N MET K 70 -19.72 -40.28 25.65
CA MET K 70 -18.84 -39.13 25.87
C MET K 70 -18.47 -38.58 24.49
N THR K 71 -18.47 -37.26 24.35
CA THR K 71 -18.11 -36.71 23.06
C THR K 71 -17.41 -35.37 23.18
N GLY K 72 -16.81 -34.96 22.07
CA GLY K 72 -16.13 -33.69 22.05
C GLY K 72 -16.91 -32.81 21.08
N VAL K 73 -17.14 -31.57 21.47
CA VAL K 73 -17.82 -30.61 20.63
C VAL K 73 -16.98 -29.35 20.79
N GLY K 74 -16.23 -29.01 19.74
CA GLY K 74 -15.36 -27.86 19.82
C GLY K 74 -14.21 -28.27 20.73
N GLN K 75 -13.93 -27.47 21.74
CA GLN K 75 -12.85 -27.77 22.67
C GLN K 75 -13.46 -28.21 23.97
N THR K 76 -14.76 -28.52 23.93
CA THR K 76 -15.48 -28.94 25.12
C THR K 76 -15.74 -30.44 25.11
N LEU K 77 -15.54 -31.06 26.26
CA LEU K 77 -15.75 -32.48 26.42
C LEU K 77 -17.05 -32.65 27.17
N VAL K 78 -17.93 -33.48 26.63
CA VAL K 78 -19.24 -33.71 27.24
C VAL K 78 -19.53 -35.18 27.58
N TRP K 79 -20.18 -35.39 28.72
CA TRP K 79 -20.56 -36.73 29.17
C TRP K 79 -22.06 -36.85 29.35
N CYS K 80 -22.63 -37.91 28.80
CA CYS K 80 -24.05 -38.17 28.94
C CYS K 80 -24.19 -39.34 29.90
N LEU K 81 -24.75 -39.09 31.07
CA LEU K 81 -24.94 -40.14 32.06
C LEU K 81 -26.41 -40.47 32.28
N HIS K 82 -26.67 -41.72 32.64
CA HIS K 82 -28.02 -42.20 32.88
C HIS K 82 -28.16 -42.84 34.24
N LYS K 83 -29.29 -42.58 34.90
CA LYS K 83 -29.55 -43.15 36.21
C LYS K 83 -29.88 -44.62 36.01
N GLU K 84 -28.89 -45.47 36.28
CA GLU K 84 -29.04 -46.91 36.14
C GLU K 84 -28.69 -47.62 37.45
N MET L 1 -12.69 -45.68 43.17
CA MET L 1 -12.29 -44.92 41.94
C MET L 1 -12.59 -45.73 40.67
N PRO L 2 -13.86 -45.77 40.26
CA PRO L 2 -14.21 -46.52 39.06
C PRO L 2 -13.87 -45.89 37.71
N TYR L 3 -14.06 -44.58 37.56
CA TYR L 3 -13.77 -43.92 36.28
C TYR L 3 -12.35 -43.46 36.01
N LEU L 4 -11.95 -43.63 34.75
CA LEU L 4 -10.61 -43.27 34.30
C LEU L 4 -10.67 -42.55 32.95
N LEU L 5 -9.85 -41.52 32.76
CA LEU L 5 -9.80 -40.78 31.50
C LEU L 5 -8.38 -40.73 31.00
N ILE L 6 -8.14 -41.21 29.79
CA ILE L 6 -6.80 -41.16 29.22
C ILE L 6 -6.89 -40.52 27.83
N SER L 7 -5.78 -39.94 27.36
CA SER L 7 -5.77 -39.29 26.06
C SER L 7 -4.42 -39.31 25.38
N THR L 8 -4.44 -38.97 24.10
CA THR L 8 -3.24 -38.91 23.28
C THR L 8 -3.49 -37.84 22.22
N GLN L 9 -2.44 -37.13 21.81
CA GLN L 9 -2.58 -36.06 20.83
C GLN L 9 -2.17 -36.36 19.40
N ILE L 10 -2.78 -35.62 18.48
CA ILE L 10 -2.48 -35.73 17.06
C ILE L 10 -2.55 -37.10 16.39
N ARG L 11 -1.57 -37.97 16.64
CA ARG L 11 -1.57 -39.31 16.04
C ARG L 11 -1.61 -40.39 17.09
N MET L 12 -2.42 -41.42 16.86
CA MET L 12 -2.58 -42.48 17.86
C MET L 12 -1.54 -43.58 17.86
N GLU L 13 -0.89 -43.84 16.75
CA GLU L 13 0.07 -44.94 16.74
C GLU L 13 1.40 -44.65 17.44
N VAL L 14 1.43 -43.64 18.29
CA VAL L 14 2.65 -43.32 19.01
C VAL L 14 2.26 -42.54 20.25
N GLY L 15 3.09 -42.61 21.28
CA GLY L 15 2.78 -41.87 22.50
C GLY L 15 3.22 -40.43 22.38
N PRO L 16 3.24 -39.68 23.49
CA PRO L 16 2.86 -40.10 24.83
C PRO L 16 1.35 -40.21 25.03
N THR L 17 0.95 -40.93 26.08
CA THR L 17 -0.46 -41.08 26.41
C THR L 17 -0.66 -40.49 27.81
N MET L 18 -1.56 -39.51 27.93
CA MET L 18 -1.82 -38.91 29.24
C MET L 18 -2.74 -39.87 29.99
N VAL L 19 -2.36 -40.22 31.21
CA VAL L 19 -3.15 -41.18 31.97
C VAL L 19 -3.63 -40.75 33.33
N GLY L 20 -3.46 -39.48 33.69
CA GLY L 20 -3.94 -39.09 35.00
C GLY L 20 -3.67 -37.68 35.43
N ASP L 21 -4.43 -37.23 36.41
CA ASP L 21 -4.31 -35.89 36.97
C ASP L 21 -3.66 -36.00 38.34
N GLU L 22 -3.61 -34.88 39.05
CA GLU L 22 -2.97 -34.84 40.37
C GLU L 22 -3.55 -35.83 41.35
N HIS L 23 -4.88 -35.97 41.34
CA HIS L 23 -5.52 -36.88 42.27
C HIS L 23 -5.76 -38.29 41.74
N SER L 24 -4.89 -38.73 40.85
CA SER L 24 -5.03 -40.07 40.31
C SER L 24 -4.48 -41.10 41.31
N ASP L 25 -4.93 -42.33 41.16
CA ASP L 25 -4.48 -43.43 42.02
C ASP L 25 -2.98 -43.63 41.82
N PRO L 26 -2.18 -43.28 42.84
CA PRO L 26 -0.72 -43.43 42.76
C PRO L 26 -0.30 -44.82 42.34
N GLU L 27 -0.99 -45.83 42.88
CA GLU L 27 -0.64 -47.21 42.58
C GLU L 27 -0.90 -47.54 41.12
N LEU L 28 -2.07 -47.14 40.63
CA LEU L 28 -2.43 -47.40 39.25
C LEU L 28 -1.43 -46.71 38.32
N MET L 29 -1.10 -45.46 38.65
CA MET L 29 -0.15 -44.72 37.82
C MET L 29 1.18 -45.46 37.78
N GLN L 30 1.60 -45.99 38.92
CA GLN L 30 2.84 -46.72 38.99
C GLN L 30 2.77 -48.00 38.17
N GLN L 31 1.64 -48.71 38.27
CA GLN L 31 1.46 -49.95 37.51
C GLN L 31 1.60 -49.70 36.02
N LEU L 32 1.18 -48.52 35.59
CA LEU L 32 1.25 -48.18 34.17
C LEU L 32 2.65 -47.69 33.77
N GLY L 33 3.47 -47.38 34.77
CA GLY L 33 4.83 -46.90 34.52
C GLY L 33 4.83 -45.43 34.15
N ALA L 34 3.83 -44.72 34.67
CA ALA L 34 3.65 -43.30 34.39
C ALA L 34 4.46 -42.40 35.29
N SER L 35 4.92 -41.29 34.73
CA SER L 35 5.67 -40.29 35.47
C SER L 35 4.73 -39.09 35.62
N LYS L 36 5.04 -38.23 36.57
CA LYS L 36 4.24 -37.04 36.83
C LYS L 36 5.03 -35.85 36.30
N ARG L 37 4.37 -34.91 35.64
CA ARG L 37 5.04 -33.72 35.13
C ARG L 37 4.07 -32.57 35.01
N ARG L 38 4.63 -31.38 34.84
CA ARG L 38 3.84 -30.16 34.69
C ARG L 38 4.40 -29.39 33.50
N VAL L 39 3.81 -29.60 32.32
CA VAL L 39 4.25 -28.96 31.10
C VAL L 39 4.08 -27.45 31.16
N LEU L 40 5.11 -26.74 30.68
CA LEU L 40 5.12 -25.29 30.66
C LEU L 40 3.85 -24.77 30.00
N GLY L 41 3.11 -23.92 30.69
CA GLY L 41 1.90 -23.40 30.10
C GLY L 41 0.67 -23.94 30.78
N ASN L 42 0.77 -25.16 31.31
CA ASN L 42 -0.35 -25.76 32.03
C ASN L 42 -0.25 -25.45 33.52
N ASN L 43 -1.38 -25.16 34.15
CA ASN L 43 -1.37 -24.87 35.57
C ASN L 43 -1.91 -26.10 36.31
N PHE L 44 -1.28 -27.25 36.03
CA PHE L 44 -1.69 -28.49 36.65
C PHE L 44 -0.70 -29.58 36.31
N TYR L 45 -0.68 -30.63 37.13
CA TYR L 45 0.23 -31.76 36.91
C TYR L 45 -0.49 -32.86 36.15
N GLU L 46 0.28 -33.70 35.48
CA GLU L 46 -0.30 -34.78 34.69
C GLU L 46 0.56 -36.02 34.80
N TYR L 47 -0.06 -37.18 34.60
CA TYR L 47 0.69 -38.44 34.61
C TYR L 47 0.71 -38.89 33.17
N TYR L 48 1.85 -39.32 32.67
CA TYR L 48 1.94 -39.75 31.29
C TYR L 48 2.87 -40.96 31.12
N VAL L 49 2.79 -41.60 29.96
CA VAL L 49 3.64 -42.73 29.61
C VAL L 49 4.01 -42.57 28.16
N ASN L 50 5.13 -43.14 27.76
CA ASN L 50 5.57 -43.02 26.38
C ASN L 50 4.93 -44.05 25.49
N ASP L 51 4.05 -44.86 26.05
CA ASP L 51 3.38 -45.89 25.28
C ASP L 51 2.22 -45.33 24.44
N PRO L 52 1.94 -45.96 23.29
CA PRO L 52 0.83 -45.49 22.47
C PRO L 52 -0.42 -45.86 23.26
N PRO L 53 -1.57 -45.24 22.96
CA PRO L 53 -2.77 -45.57 23.71
C PRO L 53 -3.22 -47.05 23.67
N ARG L 54 -2.93 -47.74 22.57
CA ARG L 54 -3.34 -49.15 22.46
C ARG L 54 -2.71 -50.00 23.57
N ILE L 55 -1.42 -49.79 23.78
CA ILE L 55 -0.69 -50.51 24.80
C ILE L 55 -1.28 -50.18 26.18
N VAL L 56 -1.61 -48.91 26.38
CA VAL L 56 -2.17 -48.47 27.67
C VAL L 56 -3.55 -49.06 27.88
N LEU L 57 -4.30 -49.26 26.80
CA LEU L 57 -5.63 -49.85 26.93
C LEU L 57 -5.52 -51.31 27.35
N ASP L 58 -4.60 -52.05 26.74
CA ASP L 58 -4.41 -53.44 27.13
C ASP L 58 -4.00 -53.50 28.61
N LYS L 59 -3.11 -52.60 29.04
CA LYS L 59 -2.68 -52.61 30.43
C LYS L 59 -3.85 -52.37 31.40
N LEU L 60 -4.76 -51.48 31.01
CA LEU L 60 -5.90 -51.17 31.88
C LEU L 60 -6.90 -52.34 31.90
N GLU L 61 -6.89 -53.14 30.84
CA GLU L 61 -7.77 -54.30 30.76
C GLU L 61 -7.39 -55.22 31.92
N CYS L 62 -6.09 -55.46 32.05
CA CYS L 62 -5.54 -56.31 33.08
C CYS L 62 -5.87 -55.82 34.46
N ARG L 63 -6.01 -54.50 34.63
CA ARG L 63 -6.37 -53.98 35.94
C ARG L 63 -7.87 -53.83 36.04
N GLY L 64 -8.58 -54.53 35.15
CA GLY L 64 -10.04 -54.54 35.17
C GLY L 64 -10.83 -53.33 34.69
N PHE L 65 -10.34 -52.65 33.65
CA PHE L 65 -11.05 -51.50 33.13
C PHE L 65 -11.59 -51.83 31.75
N ARG L 66 -12.66 -51.15 31.37
CA ARG L 66 -13.27 -51.36 30.07
C ARG L 66 -13.57 -50.00 29.43
N VAL L 67 -13.35 -49.90 28.13
CA VAL L 67 -13.61 -48.67 27.43
C VAL L 67 -15.12 -48.50 27.31
N LEU L 68 -15.64 -47.38 27.79
CA LEU L 68 -17.06 -47.11 27.73
C LEU L 68 -17.32 -46.21 26.54
N SER L 69 -16.43 -45.25 26.33
CA SER L 69 -16.58 -44.31 25.23
C SER L 69 -15.24 -43.74 24.80
N MET L 70 -15.15 -43.33 23.54
CA MET L 70 -13.95 -42.73 22.98
C MET L 70 -14.39 -41.56 22.12
N THR L 71 -13.68 -40.45 22.22
CA THR L 71 -14.05 -39.29 21.43
C THR L 71 -12.84 -38.46 21.02
N GLY L 72 -13.08 -37.58 20.06
CA GLY L 72 -12.03 -36.69 19.62
C GLY L 72 -12.47 -35.30 20.04
N VAL L 73 -11.53 -34.53 20.57
CA VAL L 73 -11.81 -33.15 20.94
C VAL L 73 -10.58 -32.42 20.42
N GLY L 74 -10.78 -31.66 19.35
CA GLY L 74 -9.67 -30.95 18.76
C GLY L 74 -8.86 -32.02 18.08
N GLN L 75 -7.55 -32.02 18.31
CA GLN L 75 -6.68 -33.01 17.71
C GLN L 75 -6.29 -34.02 18.77
N THR L 76 -7.03 -34.01 19.88
CA THR L 76 -6.78 -34.94 20.98
C THR L 76 -7.82 -36.06 21.01
N LEU L 77 -7.35 -37.29 21.20
CA LEU L 77 -8.20 -38.46 21.27
C LEU L 77 -8.34 -38.82 22.76
N VAL L 78 -9.58 -39.00 23.22
CA VAL L 78 -9.81 -39.31 24.62
C VAL L 78 -10.61 -40.62 24.82
N TRP L 79 -10.27 -41.35 25.89
CA TRP L 79 -10.95 -42.60 26.23
C TRP L 79 -11.53 -42.55 27.65
N CYS L 80 -12.78 -42.97 27.78
CA CYS L 80 -13.43 -43.00 29.08
C CYS L 80 -13.55 -44.46 29.47
N LEU L 81 -12.81 -44.87 30.49
CA LEU L 81 -12.86 -46.25 30.95
C LEU L 81 -13.51 -46.39 32.31
N HIS L 82 -14.14 -47.53 32.53
CA HIS L 82 -14.82 -47.81 33.80
C HIS L 82 -14.36 -49.12 34.42
N LYS L 83 -14.22 -49.11 35.74
CA LYS L 83 -13.80 -50.29 36.49
C LYS L 83 -14.95 -51.28 36.54
N GLU L 84 -14.92 -52.24 35.61
CA GLU L 84 -15.94 -53.26 35.50
C GLU L 84 -15.37 -54.66 35.65
N MET M 1 -3.72 -59.44 23.85
CA MET M 1 -3.93 -58.16 23.08
C MET M 1 -5.42 -57.98 22.70
N PRO M 2 -6.25 -57.56 23.67
CA PRO M 2 -7.66 -57.38 23.36
C PRO M 2 -8.01 -56.12 22.56
N TYR M 3 -7.40 -54.97 22.88
CA TYR M 3 -7.72 -53.74 22.16
C TYR M 3 -7.04 -53.44 20.83
N LEU M 4 -7.83 -52.91 19.90
CA LEU M 4 -7.37 -52.58 18.57
C LEU M 4 -7.85 -51.18 18.16
N LEU M 5 -7.01 -50.43 17.45
CA LEU M 5 -7.36 -49.08 16.98
C LEU M 5 -7.08 -48.97 15.50
N ILE M 6 -8.10 -48.67 14.71
CA ILE M 6 -7.93 -48.50 13.27
C ILE M 6 -8.51 -47.16 12.82
N SER M 7 -8.03 -46.62 11.72
CA SER M 7 -8.52 -45.33 11.25
C SER M 7 -8.43 -45.15 9.74
N THR M 8 -9.12 -44.13 9.25
CA THR M 8 -9.11 -43.77 7.85
C THR M 8 -9.28 -42.26 7.77
N GLN M 9 -8.68 -41.64 6.76
CA GLN M 9 -8.74 -40.20 6.62
C GLN M 9 -9.73 -39.66 5.60
N ILE M 10 -10.18 -38.43 5.85
CA ILE M 10 -11.08 -37.70 4.95
C ILE M 10 -12.39 -38.36 4.53
N ARG M 11 -12.33 -39.34 3.63
CA ARG M 11 -13.54 -40.04 3.17
C ARG M 11 -13.49 -41.53 3.50
N MET M 12 -14.58 -42.06 4.04
CA MET M 12 -14.61 -43.45 4.45
C MET M 12 -14.85 -44.50 3.37
N GLU M 13 -15.48 -44.13 2.28
CA GLU M 13 -15.75 -45.13 1.26
C GLU M 13 -14.57 -45.58 0.42
N VAL M 14 -13.37 -45.27 0.89
CA VAL M 14 -12.18 -45.66 0.16
C VAL M 14 -11.03 -45.71 1.15
N GLY M 15 -10.01 -46.51 0.86
CA GLY M 15 -8.88 -46.59 1.77
C GLY M 15 -7.89 -45.47 1.53
N PRO M 16 -6.67 -45.56 2.08
CA PRO M 16 -6.18 -46.66 2.91
C PRO M 16 -6.76 -46.62 4.31
N THR M 17 -6.62 -47.74 5.02
CA THR M 17 -7.09 -47.83 6.41
C THR M 17 -5.87 -48.16 7.26
N MET M 18 -5.59 -47.35 8.27
CA MET M 18 -4.47 -47.60 9.15
C MET M 18 -4.93 -48.63 10.14
N VAL M 19 -4.16 -49.70 10.29
CA VAL M 19 -4.56 -50.78 11.19
C VAL M 19 -3.56 -51.19 12.27
N GLY M 20 -2.51 -50.40 12.48
CA GLY M 20 -1.58 -50.78 13.52
C GLY M 20 -0.29 -50.01 13.63
N ASP M 21 0.30 -50.07 14.82
CA ASP M 21 1.55 -49.41 15.10
C ASP M 21 2.68 -50.42 15.09
N GLU M 22 3.87 -49.99 15.51
CA GLU M 22 5.04 -50.85 15.52
C GLU M 22 4.88 -52.12 16.32
N HIS M 23 4.23 -52.02 17.49
CA HIS M 23 4.06 -53.19 18.34
C HIS M 23 2.77 -53.97 18.11
N SER M 24 2.23 -53.89 16.91
CA SER M 24 1.01 -54.59 16.61
C SER M 24 1.27 -56.07 16.36
N ASP M 25 0.25 -56.89 16.61
CA ASP M 25 0.33 -58.32 16.39
C ASP M 25 0.69 -58.58 14.93
N PRO M 26 1.91 -59.08 14.70
CA PRO M 26 2.38 -59.37 13.34
C PRO M 26 1.45 -60.32 12.59
N GLU M 27 0.91 -61.30 13.30
CA GLU M 27 0.04 -62.26 12.67
C GLU M 27 -1.25 -61.61 12.22
N LEU M 28 -1.86 -60.82 13.11
CA LEU M 28 -3.11 -60.13 12.79
C LEU M 28 -2.91 -59.19 11.61
N MET M 29 -1.79 -58.46 11.63
CA MET M 29 -1.48 -57.54 10.55
C MET M 29 -1.38 -58.32 9.23
N GLN M 30 -0.77 -59.50 9.28
CA GLN M 30 -0.64 -60.32 8.09
C GLN M 30 -1.99 -60.83 7.61
N GLN M 31 -2.84 -61.21 8.56
CA GLN M 31 -4.17 -61.72 8.22
C GLN M 31 -4.97 -60.66 7.49
N LEU M 32 -4.73 -59.40 7.86
CA LEU M 32 -5.44 -58.29 7.24
C LEU M 32 -4.83 -57.88 5.89
N GLY M 33 -3.64 -58.39 5.61
CA GLY M 33 -2.97 -58.09 4.37
C GLY M 33 -2.32 -56.72 4.43
N ALA M 34 -1.94 -56.31 5.64
CA ALA M 34 -1.35 -55.01 5.87
C ALA M 34 0.15 -54.98 5.66
N SER M 35 0.63 -53.84 5.17
CA SER M 35 2.05 -53.63 4.94
C SER M 35 2.49 -52.63 6.00
N LYS M 36 3.79 -52.59 6.26
CA LYS M 36 4.35 -51.68 7.25
C LYS M 36 5.03 -50.56 6.48
N ARG M 37 4.91 -49.33 6.95
CA ARG M 37 5.57 -48.22 6.28
C ARG M 37 5.82 -47.09 7.27
N ARG M 38 6.60 -46.11 6.83
CA ARG M 38 6.90 -44.94 7.65
C ARG M 38 6.81 -43.74 6.75
N VAL M 39 5.64 -43.09 6.74
CA VAL M 39 5.41 -41.93 5.91
C VAL M 39 6.30 -40.74 6.30
N LEU M 40 6.82 -40.08 5.28
CA LEU M 40 7.69 -38.93 5.47
C LEU M 40 7.03 -37.93 6.41
N GLY M 41 7.74 -37.55 7.46
CA GLY M 41 7.18 -36.58 8.39
C GLY M 41 6.77 -37.18 9.70
N ASN M 42 6.45 -38.47 9.68
CA ASN M 42 6.05 -39.19 10.89
C ASN M 42 7.28 -39.85 11.48
N ASN M 43 7.39 -39.81 12.79
CA ASN M 43 8.52 -40.45 13.44
C ASN M 43 8.04 -41.74 14.06
N PHE M 44 7.45 -42.60 13.22
CA PHE M 44 6.94 -43.88 13.67
C PHE M 44 6.47 -44.68 12.47
N TYR M 45 6.38 -46.00 12.65
CA TYR M 45 5.93 -46.89 11.60
C TYR M 45 4.45 -47.17 11.76
N GLU M 46 3.80 -47.56 10.67
CA GLU M 46 2.37 -47.86 10.72
C GLU M 46 2.07 -49.05 9.83
N TYR M 47 0.95 -49.72 10.12
CA TYR M 47 0.51 -50.83 9.29
C TYR M 47 -0.74 -50.32 8.57
N TYR M 48 -0.84 -50.54 7.28
CA TYR M 48 -2.01 -50.07 6.56
C TYR M 48 -2.47 -51.06 5.49
N VAL M 49 -3.68 -50.86 4.99
CA VAL M 49 -4.24 -51.68 3.94
C VAL M 49 -4.97 -50.73 2.99
N ASN M 50 -5.11 -51.14 1.73
CA ASN M 50 -5.77 -50.30 0.76
C ASN M 50 -7.27 -50.45 0.83
N ASP M 51 -7.75 -51.32 1.71
CA ASP M 51 -9.18 -51.54 1.84
C ASP M 51 -9.86 -50.42 2.61
N PRO M 52 -11.15 -50.17 2.30
CA PRO M 52 -11.91 -49.12 3.00
C PRO M 52 -12.14 -49.68 4.41
N PRO M 53 -12.46 -48.82 5.38
CA PRO M 53 -12.68 -49.34 6.73
C PRO M 53 -13.77 -50.39 6.88
N ARG M 54 -14.82 -50.31 6.07
CA ARG M 54 -15.90 -51.29 6.17
C ARG M 54 -15.38 -52.71 5.96
N ILE M 55 -14.57 -52.89 4.91
CA ILE M 55 -13.99 -54.18 4.60
C ILE M 55 -13.10 -54.65 5.76
N VAL M 56 -12.37 -53.72 6.35
CA VAL M 56 -11.48 -54.06 7.45
C VAL M 56 -12.25 -54.42 8.70
N LEU M 57 -13.43 -53.82 8.88
CA LEU M 57 -14.24 -54.13 10.04
C LEU M 57 -14.81 -55.55 9.92
N ASP M 58 -15.24 -55.92 8.72
CA ASP M 58 -15.76 -57.27 8.54
C ASP M 58 -14.65 -58.28 8.80
N LYS M 59 -13.44 -58.00 8.32
CA LYS M 59 -12.31 -58.91 8.52
C LYS M 59 -11.99 -59.09 10.00
N LEU M 60 -12.08 -58.02 10.77
CA LEU M 60 -11.79 -58.10 12.19
C LEU M 60 -12.91 -58.85 12.94
N GLU M 61 -14.11 -58.85 12.37
CA GLU M 61 -15.25 -59.57 12.95
C GLU M 61 -14.88 -61.04 12.99
N CYS M 62 -14.39 -61.52 11.85
CA CYS M 62 -13.98 -62.90 11.69
C CYS M 62 -12.89 -63.27 12.69
N ARG M 63 -12.03 -62.33 13.04
CA ARG M 63 -10.97 -62.64 13.99
C ARG M 63 -11.45 -62.36 15.40
N GLY M 64 -12.76 -62.23 15.57
CA GLY M 64 -13.33 -62.02 16.89
C GLY M 64 -13.26 -60.65 17.54
N PHE M 65 -13.39 -59.59 16.74
CA PHE M 65 -13.35 -58.24 17.28
C PHE M 65 -14.68 -57.55 17.11
N ARG M 66 -14.98 -56.64 18.02
CA ARG M 66 -16.23 -55.90 17.98
C ARG M 66 -15.96 -54.43 18.16
N VAL M 67 -16.69 -53.61 17.41
CA VAL M 67 -16.52 -52.18 17.54
C VAL M 67 -17.12 -51.74 18.87
N LEU M 68 -16.34 -51.04 19.68
CA LEU M 68 -16.83 -50.55 20.96
C LEU M 68 -17.20 -49.08 20.82
N SER M 69 -16.39 -48.34 20.07
CA SER M 69 -16.65 -46.93 19.87
C SER M 69 -15.99 -46.44 18.59
N MET M 70 -16.58 -45.43 17.98
CA MET M 70 -16.08 -44.82 16.75
C MET M 70 -16.11 -43.30 16.95
N THR M 71 -15.05 -42.62 16.53
CA THR M 71 -15.06 -41.18 16.69
C THR M 71 -14.34 -40.49 15.54
N GLY M 72 -14.53 -39.19 15.48
CA GLY M 72 -13.89 -38.40 14.47
C GLY M 72 -12.95 -37.46 15.20
N VAL M 73 -11.73 -37.35 14.70
CA VAL M 73 -10.76 -36.43 15.28
C VAL M 73 -10.13 -35.75 14.07
N GLY M 74 -10.46 -34.48 13.89
CA GLY M 74 -9.95 -33.75 12.74
C GLY M 74 -10.75 -34.29 11.58
N GLN M 75 -10.05 -34.71 10.53
CA GLN M 75 -10.71 -35.27 9.36
C GLN M 75 -10.46 -36.75 9.34
N THR M 76 -9.99 -37.27 10.46
CA THR M 76 -9.72 -38.69 10.58
C THR M 76 -10.81 -39.42 11.36
N LEU M 77 -11.21 -40.58 10.84
CA LEU M 77 -12.23 -41.39 11.50
C LEU M 77 -11.49 -42.53 12.20
N VAL M 78 -11.82 -42.75 13.47
CA VAL M 78 -11.17 -43.78 14.27
C VAL M 78 -12.13 -44.78 14.90
N TRP M 79 -11.73 -46.06 14.92
CA TRP M 79 -12.54 -47.14 15.50
C TRP M 79 -11.79 -47.85 16.62
N CYS M 80 -12.47 -48.06 17.75
CA CYS M 80 -11.88 -48.76 18.88
C CYS M 80 -12.54 -50.12 18.96
N LEU M 81 -11.80 -51.17 18.66
CA LEU M 81 -12.37 -52.51 18.72
C LEU M 81 -11.80 -53.34 19.86
N HIS M 82 -12.62 -54.26 20.36
CA HIS M 82 -12.23 -55.11 21.48
C HIS M 82 -12.40 -56.58 21.13
N LYS M 83 -11.45 -57.40 21.56
CA LYS M 83 -11.49 -58.84 21.33
C LYS M 83 -12.53 -59.42 22.25
N GLU M 84 -13.72 -59.65 21.70
CA GLU M 84 -14.84 -60.21 22.44
C GLU M 84 -15.33 -61.51 21.78
N MET N 1 -21.30 -60.18 5.83
CA MET N 1 -21.13 -58.70 5.84
C MET N 1 -21.87 -58.08 7.04
N PRO N 2 -21.29 -58.18 8.25
CA PRO N 2 -21.96 -57.62 9.41
C PRO N 2 -21.90 -56.09 9.58
N TYR N 3 -20.76 -55.46 9.27
CA TYR N 3 -20.64 -54.02 9.45
C TYR N 3 -21.06 -53.12 8.31
N LEU N 4 -21.68 -52.00 8.69
CA LEU N 4 -22.20 -51.02 7.76
C LEU N 4 -21.85 -49.60 8.23
N LEU N 5 -21.52 -48.72 7.28
CA LEU N 5 -21.18 -47.33 7.59
C LEU N 5 -22.01 -46.39 6.74
N ILE N 6 -22.80 -45.52 7.36
CA ILE N 6 -23.60 -44.57 6.60
C ILE N 6 -23.33 -43.16 7.13
N SER N 7 -23.54 -42.15 6.29
CA SER N 7 -23.27 -40.78 6.69
C SER N 7 -24.16 -39.76 6.00
N THR N 8 -24.13 -38.55 6.52
CA THR N 8 -24.88 -37.42 5.98
C THR N 8 -24.08 -36.14 6.30
N GLN N 9 -24.15 -35.15 5.42
CA GLN N 9 -23.42 -33.93 5.61
C GLN N 9 -24.20 -32.74 6.14
N ILE N 10 -23.48 -31.84 6.81
CA ILE N 10 -24.02 -30.60 7.35
C ILE N 10 -25.21 -30.66 8.28
N ARG N 11 -26.40 -30.94 7.74
CA ARG N 11 -27.61 -31.02 8.55
C ARG N 11 -28.27 -32.39 8.46
N MET N 12 -28.70 -32.91 9.59
CA MET N 12 -29.28 -34.25 9.60
C MET N 12 -30.74 -34.38 9.25
N GLU N 13 -31.55 -33.34 9.41
CA GLU N 13 -32.96 -33.50 9.09
C GLU N 13 -33.32 -33.56 7.61
N VAL N 14 -32.33 -33.79 6.75
CA VAL N 14 -32.57 -33.85 5.33
C VAL N 14 -31.47 -34.68 4.70
N GLY N 15 -31.74 -35.29 3.56
CA GLY N 15 -30.73 -36.10 2.90
C GLY N 15 -29.84 -35.22 2.05
N PRO N 16 -29.01 -35.80 1.18
CA PRO N 16 -28.88 -37.23 0.95
C PRO N 16 -28.10 -37.94 2.06
N THR N 17 -28.24 -39.26 2.11
CA THR N 17 -27.54 -40.08 3.09
C THR N 17 -26.67 -41.06 2.30
N MET N 18 -25.37 -41.05 2.57
CA MET N 18 -24.48 -41.96 1.88
C MET N 18 -24.63 -43.30 2.58
N VAL N 19 -24.84 -44.37 1.81
CA VAL N 19 -25.05 -45.68 2.41
C VAL N 19 -24.16 -46.81 1.92
N GLY N 20 -23.13 -46.51 1.13
CA GLY N 20 -22.28 -47.59 0.68
C GLY N 20 -21.21 -47.25 -0.32
N ASP N 21 -20.20 -48.11 -0.38
CA ASP N 21 -19.09 -47.96 -1.30
C ASP N 21 -19.25 -48.95 -2.43
N GLU N 22 -18.24 -49.03 -3.30
CA GLU N 22 -18.27 -49.92 -4.45
C GLU N 22 -18.56 -51.37 -4.10
N HIS N 23 -17.94 -51.86 -3.04
CA HIS N 23 -18.14 -53.25 -2.65
C HIS N 23 -19.29 -53.50 -1.69
N SER N 24 -20.28 -52.64 -1.71
CA SER N 24 -21.42 -52.82 -0.82
C SER N 24 -22.37 -53.89 -1.35
N ASP N 25 -23.13 -54.48 -0.44
CA ASP N 25 -24.10 -55.50 -0.77
C ASP N 25 -25.12 -54.92 -1.77
N PRO N 26 -25.07 -55.36 -3.03
CA PRO N 26 -26.00 -54.86 -4.05
C PRO N 26 -27.45 -54.98 -3.64
N GLU N 27 -27.79 -56.11 -3.01
CA GLU N 27 -29.16 -56.33 -2.59
C GLU N 27 -29.59 -55.33 -1.53
N LEU N 28 -28.74 -55.15 -0.51
CA LEU N 28 -29.04 -54.20 0.56
C LEU N 28 -29.21 -52.80 -0.02
N MET N 29 -28.30 -52.43 -0.90
CA MET N 29 -28.36 -51.10 -1.51
C MET N 29 -29.69 -50.93 -2.23
N GLN N 30 -30.12 -51.98 -2.92
CA GLN N 30 -31.37 -51.93 -3.65
C GLN N 30 -32.54 -51.82 -2.69
N GLN N 31 -32.47 -52.58 -1.59
CA GLN N 31 -33.54 -52.56 -0.60
C GLN N 31 -33.73 -51.15 -0.03
N LEU N 32 -32.63 -50.41 0.07
CA LEU N 32 -32.68 -49.06 0.62
C LEU N 32 -33.12 -48.04 -0.43
N GLY N 33 -33.12 -48.47 -1.69
CA GLY N 33 -33.51 -47.60 -2.79
C GLY N 33 -32.39 -46.66 -3.16
N ALA N 34 -31.17 -47.15 -2.97
CA ALA N 34 -29.98 -46.36 -3.25
C ALA N 34 -29.49 -46.46 -4.67
N SER N 35 -28.97 -45.34 -5.17
CA SER N 35 -28.41 -45.28 -6.51
C SER N 35 -26.90 -45.20 -6.32
N LYS N 36 -26.16 -45.53 -7.36
CA LYS N 36 -24.70 -45.50 -7.34
C LYS N 36 -24.27 -44.28 -8.16
N ARG N 37 -23.28 -43.53 -7.66
CA ARG N 37 -22.77 -42.38 -8.40
C ARG N 37 -21.33 -42.12 -8.05
N ARG N 38 -20.69 -41.27 -8.83
CA ARG N 38 -19.30 -40.90 -8.62
C ARG N 38 -19.23 -39.39 -8.74
N VAL N 39 -19.28 -38.69 -7.61
CA VAL N 39 -19.24 -37.23 -7.61
C VAL N 39 -17.92 -36.69 -8.13
N LEU N 40 -18.01 -35.62 -8.92
CA LEU N 40 -16.84 -34.97 -9.49
C LEU N 40 -15.85 -34.64 -8.38
N GLY N 41 -14.62 -35.10 -8.53
CA GLY N 41 -13.63 -34.81 -7.51
C GLY N 41 -13.27 -36.00 -6.66
N ASN N 42 -14.20 -36.95 -6.56
CA ASN N 42 -13.96 -38.17 -5.78
C ASN N 42 -13.47 -39.25 -6.73
N ASN N 43 -12.49 -40.02 -6.28
CA ASN N 43 -11.96 -41.09 -7.10
C ASN N 43 -12.54 -42.40 -6.59
N PHE N 44 -13.86 -42.45 -6.49
CA PHE N 44 -14.54 -43.63 -6.01
C PHE N 44 -16.04 -43.47 -6.17
N TYR N 45 -16.75 -44.61 -6.24
CA TYR N 45 -18.20 -44.60 -6.37
C TYR N 45 -18.84 -44.67 -5.00
N GLU N 46 -20.08 -44.21 -4.90
CA GLU N 46 -20.81 -44.23 -3.63
C GLU N 46 -22.28 -44.56 -3.87
N TYR N 47 -22.93 -45.11 -2.85
CA TYR N 47 -24.35 -45.42 -2.95
C TYR N 47 -25.02 -44.38 -2.06
N TYR N 48 -26.11 -43.79 -2.52
CA TYR N 48 -26.79 -42.77 -1.72
C TYR N 48 -28.31 -42.85 -1.88
N VAL N 49 -29.02 -42.16 -0.99
CA VAL N 49 -30.47 -42.09 -1.03
C VAL N 49 -30.83 -40.68 -0.63
N ASN N 50 -31.98 -40.20 -1.10
CA ASN N 50 -32.40 -38.86 -0.78
C ASN N 50 -33.07 -38.77 0.58
N ASP N 51 -33.15 -39.89 1.27
CA ASP N 51 -33.79 -39.90 2.58
C ASP N 51 -32.85 -39.38 3.66
N PRO N 52 -33.43 -38.76 4.71
CA PRO N 52 -32.62 -38.24 5.82
C PRO N 52 -32.08 -39.49 6.53
N PRO N 53 -31.03 -39.34 7.35
CA PRO N 53 -30.51 -40.53 8.03
C PRO N 53 -31.49 -41.30 8.93
N ARG N 54 -32.40 -40.59 9.58
CA ARG N 54 -33.37 -41.24 10.49
C ARG N 54 -34.18 -42.29 9.75
N ILE N 55 -34.68 -41.95 8.57
CA ILE N 55 -35.45 -42.87 7.76
C ILE N 55 -34.55 -44.07 7.38
N VAL N 56 -33.30 -43.80 7.04
CA VAL N 56 -32.39 -44.86 6.66
C VAL N 56 -32.07 -45.78 7.83
N LEU N 57 -32.04 -45.21 9.03
CA LEU N 57 -31.76 -46.02 10.21
C LEU N 57 -32.94 -46.97 10.47
N ASP N 58 -34.17 -46.47 10.36
CA ASP N 58 -35.33 -47.32 10.56
C ASP N 58 -35.32 -48.45 9.54
N LYS N 59 -35.00 -48.13 8.29
CA LYS N 59 -34.93 -49.15 7.25
C LYS N 59 -33.90 -50.21 7.55
N LEU N 60 -32.78 -49.83 8.13
CA LEU N 60 -31.73 -50.80 8.44
C LEU N 60 -32.14 -51.67 9.64
N GLU N 61 -32.97 -51.12 10.51
CA GLU N 61 -33.47 -51.85 11.68
C GLU N 61 -34.18 -53.08 11.15
N CYS N 62 -35.06 -52.86 10.17
CA CYS N 62 -35.83 -53.93 9.56
C CYS N 62 -34.96 -55.00 8.95
N ARG N 63 -33.80 -54.61 8.42
CA ARG N 63 -32.91 -55.60 7.83
C ARG N 63 -31.97 -56.16 8.89
N GLY N 64 -32.32 -55.93 10.15
CA GLY N 64 -31.54 -56.45 11.26
C GLY N 64 -30.24 -55.78 11.65
N PHE N 65 -30.16 -54.45 11.53
CA PHE N 65 -28.95 -53.73 11.91
C PHE N 65 -29.19 -52.89 13.14
N ARG N 66 -28.11 -52.64 13.88
CA ARG N 66 -28.18 -51.85 15.08
C ARG N 66 -27.05 -50.82 15.10
N VAL N 67 -27.37 -49.63 15.57
CA VAL N 67 -26.36 -48.59 15.65
C VAL N 67 -25.44 -48.92 16.81
N LEU N 68 -24.15 -49.04 16.53
CA LEU N 68 -23.16 -49.33 17.54
C LEU N 68 -22.51 -48.02 18.00
N SER N 69 -22.25 -47.13 17.05
CA SER N 69 -21.64 -45.87 17.38
C SER N 69 -21.97 -44.80 16.34
N MET N 70 -22.01 -43.55 16.76
CA MET N 70 -22.29 -42.42 15.88
C MET N 70 -21.26 -41.33 16.17
N THR N 71 -20.70 -40.74 15.12
CA THR N 71 -19.72 -39.70 15.38
C THR N 71 -19.77 -38.58 14.36
N GLY N 72 -19.13 -37.48 14.70
CA GLY N 72 -19.08 -36.37 13.78
C GLY N 72 -17.63 -36.26 13.37
N VAL N 73 -17.40 -36.06 12.08
CA VAL N 73 -16.06 -35.86 11.56
C VAL N 73 -16.22 -34.71 10.58
N GLY N 74 -15.71 -33.55 10.97
CA GLY N 74 -15.85 -32.38 10.12
C GLY N 74 -17.30 -31.98 10.26
N GLN N 75 -17.97 -31.78 9.14
CA GLN N 75 -19.36 -31.40 9.16
C GLN N 75 -20.18 -32.59 8.71
N THR N 76 -19.55 -33.75 8.73
CA THR N 76 -20.23 -34.98 8.33
C THR N 76 -20.56 -35.86 9.54
N LEU N 77 -21.78 -36.37 9.57
CA LEU N 77 -22.26 -37.22 10.65
C LEU N 77 -22.17 -38.67 10.15
N VAL N 78 -21.55 -39.54 10.95
CA VAL N 78 -21.39 -40.94 10.57
C VAL N 78 -21.96 -41.96 11.56
N TRP N 79 -22.54 -43.03 11.04
CA TRP N 79 -23.12 -44.09 11.87
C TRP N 79 -22.47 -45.43 11.56
N CYS N 80 -22.06 -46.15 12.61
CA CYS N 80 -21.49 -47.47 12.46
C CYS N 80 -22.54 -48.46 12.92
N LEU N 81 -23.05 -49.28 12.00
CA LEU N 81 -24.07 -50.25 12.37
C LEU N 81 -23.56 -51.67 12.23
N HIS N 82 -24.12 -52.54 13.06
CA HIS N 82 -23.73 -53.95 13.04
C HIS N 82 -24.92 -54.88 12.85
N LYS N 83 -24.70 -55.95 12.10
CA LYS N 83 -25.75 -56.94 11.85
C LYS N 83 -25.93 -57.79 13.09
N GLU N 84 -26.90 -57.42 13.90
CA GLU N 84 -27.22 -58.11 15.15
C GLU N 84 -28.65 -58.66 15.16
N MET O 1 -41.29 -47.02 14.09
CA MET O 1 -40.30 -45.90 14.13
C MET O 1 -39.40 -45.98 15.39
N PRO O 2 -38.42 -46.90 15.38
CA PRO O 2 -37.55 -47.02 16.55
C PRO O 2 -36.47 -45.93 16.73
N TYR O 3 -35.83 -45.47 15.65
CA TYR O 3 -34.78 -44.46 15.80
C TYR O 3 -35.19 -42.99 15.82
N LEU O 4 -34.50 -42.25 16.68
CA LEU O 4 -34.75 -40.83 16.87
C LEU O 4 -33.43 -40.04 16.89
N LEU O 5 -33.43 -38.84 16.33
CA LEU O 5 -32.22 -38.01 16.32
C LEU O 5 -32.58 -36.62 16.80
N ILE O 6 -31.93 -36.17 17.86
CA ILE O 6 -32.18 -34.83 18.39
C ILE O 6 -30.87 -34.08 18.55
N SER O 7 -30.92 -32.76 18.53
CA SER O 7 -29.70 -31.96 18.63
C SER O 7 -29.91 -30.60 19.27
N THR O 8 -28.80 -29.96 19.62
CA THR O 8 -28.81 -28.63 20.22
C THR O 8 -27.50 -27.97 19.81
N GLN O 9 -27.52 -26.66 19.59
CA GLN O 9 -26.35 -25.93 19.16
C GLN O 9 -25.56 -25.17 20.22
N ILE O 10 -24.26 -25.01 19.95
CA ILE O 10 -23.37 -24.25 20.81
C ILE O 10 -23.29 -24.64 22.28
N ARG O 11 -24.30 -24.29 23.07
CA ARG O 11 -24.30 -24.64 24.49
C ARG O 11 -25.45 -25.56 24.87
N MET O 12 -25.18 -26.57 25.67
CA MET O 12 -26.21 -27.53 26.03
C MET O 12 -27.14 -27.17 27.18
N GLU O 13 -26.72 -26.31 28.11
CA GLU O 13 -27.60 -25.99 29.22
C GLU O 13 -28.78 -25.08 28.90
N VAL O 14 -29.08 -24.94 27.63
CA VAL O 14 -30.19 -24.09 27.22
C VAL O 14 -30.68 -24.56 25.88
N GLY O 15 -31.93 -24.23 25.55
CA GLY O 15 -32.46 -24.63 24.26
C GLY O 15 -32.16 -23.61 23.18
N PRO O 16 -32.78 -23.74 22.01
CA PRO O 16 -33.74 -24.77 21.61
C PRO O 16 -33.10 -26.12 21.32
N THR O 17 -33.91 -27.17 21.29
CA THR O 17 -33.43 -28.51 20.99
C THR O 17 -34.23 -28.95 19.78
N MET O 18 -33.54 -29.35 18.72
CA MET O 18 -34.20 -29.81 17.50
C MET O 18 -34.61 -31.25 17.75
N VAL O 19 -35.87 -31.57 17.49
CA VAL O 19 -36.31 -32.93 17.76
C VAL O 19 -36.97 -33.68 16.63
N GLY O 20 -36.90 -33.17 15.41
CA GLY O 20 -37.51 -33.90 14.32
C GLY O 20 -37.56 -33.23 12.96
N ASP O 21 -37.70 -34.06 11.94
CA ASP O 21 -37.78 -33.61 10.56
C ASP O 21 -39.24 -33.66 10.09
N GLU O 22 -39.45 -33.39 8.81
CA GLU O 22 -40.80 -33.38 8.25
C GLU O 22 -41.57 -34.67 8.47
N HIS O 23 -40.90 -35.81 8.31
CA HIS O 23 -41.57 -37.09 8.47
C HIS O 23 -41.53 -37.66 9.87
N SER O 24 -41.40 -36.80 10.87
CA SER O 24 -41.37 -37.27 12.24
C SER O 24 -42.78 -37.63 12.73
N ASP O 25 -42.83 -38.51 13.72
CA ASP O 25 -44.08 -38.95 14.34
C ASP O 25 -44.80 -37.72 14.90
N PRO O 26 -45.92 -37.34 14.28
CA PRO O 26 -46.68 -36.17 14.74
C PRO O 26 -47.07 -36.24 16.21
N GLU O 27 -47.47 -37.43 16.64
CA GLU O 27 -47.88 -37.62 18.01
C GLU O 27 -46.71 -37.40 18.97
N LEU O 28 -45.56 -38.00 18.66
CA LEU O 28 -44.38 -37.85 19.49
C LEU O 28 -43.97 -36.38 19.55
N MET O 29 -44.02 -35.71 18.41
CA MET O 29 -43.64 -34.31 18.39
C MET O 29 -44.57 -33.52 19.30
N GLN O 30 -45.85 -33.85 19.25
CA GLN O 30 -46.83 -33.16 20.09
C GLN O 30 -46.61 -33.46 21.57
N GLN O 31 -46.27 -34.71 21.88
CA GLN O 31 -46.03 -35.08 23.27
C GLN O 31 -44.88 -34.25 23.83
N LEU O 32 -43.90 -33.95 22.99
CA LEU O 32 -42.74 -33.17 23.43
C LEU O 32 -43.02 -31.66 23.50
N GLY O 33 -44.13 -31.26 22.90
CA GLY O 33 -44.50 -29.86 22.89
C GLY O 33 -43.75 -29.10 21.81
N ALA O 34 -43.36 -29.83 20.77
CA ALA O 34 -42.59 -29.25 19.68
C ALA O 34 -43.44 -28.57 18.63
N SER O 35 -42.87 -27.50 18.07
CA SER O 35 -43.52 -26.74 17.01
C SER O 35 -42.74 -27.05 15.74
N LYS O 36 -43.36 -26.81 14.60
CA LYS O 36 -42.72 -27.06 13.31
C LYS O 36 -42.36 -25.70 12.72
N ARG O 37 -41.18 -25.60 12.11
CA ARG O 37 -40.75 -24.34 11.50
C ARG O 37 -39.76 -24.59 10.39
N ARG O 38 -39.52 -23.54 9.62
CA ARG O 38 -38.57 -23.60 8.53
C ARG O 38 -37.70 -22.35 8.62
N VAL O 39 -36.51 -22.50 9.22
CA VAL O 39 -35.61 -21.38 9.37
C VAL O 39 -35.07 -20.89 8.02
N LEU O 40 -35.00 -19.56 7.89
CA LEU O 40 -34.52 -18.91 6.68
C LEU O 40 -33.17 -19.47 6.30
N GLY O 41 -33.06 -19.96 5.07
CA GLY O 41 -31.79 -20.50 4.64
C GLY O 41 -31.80 -22.02 4.56
N ASN O 42 -32.70 -22.65 5.31
CA ASN O 42 -32.80 -24.11 5.27
C ASN O 42 -33.89 -24.48 4.29
N ASN O 43 -33.65 -25.51 3.50
CA ASN O 43 -34.66 -25.96 2.55
C ASN O 43 -35.33 -27.21 3.11
N PHE O 44 -35.83 -27.07 4.35
CA PHE O 44 -36.50 -28.17 5.03
C PHE O 44 -37.13 -27.69 6.31
N TYR O 45 -38.13 -28.43 6.78
CA TYR O 45 -38.81 -28.09 8.02
C TYR O 45 -38.19 -28.84 9.17
N GLU O 46 -38.37 -28.31 10.38
CA GLU O 46 -37.83 -28.95 11.58
C GLU O 46 -38.82 -28.82 12.75
N TYR O 47 -38.69 -29.73 13.71
CA TYR O 47 -39.52 -29.68 14.88
C TYR O 47 -38.55 -29.27 15.97
N TYR O 48 -38.96 -28.36 16.85
CA TYR O 48 -38.08 -27.92 17.92
C TYR O 48 -38.85 -27.61 19.21
N VAL O 49 -38.12 -27.48 20.31
CA VAL O 49 -38.71 -27.15 21.59
C VAL O 49 -37.74 -26.21 22.26
N ASN O 50 -38.24 -25.36 23.16
CA ASN O 50 -37.37 -24.41 23.84
C ASN O 50 -36.64 -25.03 25.01
N ASP O 51 -36.90 -26.30 25.27
CA ASP O 51 -36.26 -26.99 26.38
C ASP O 51 -34.82 -27.38 26.08
N PRO O 52 -33.98 -27.43 27.13
CA PRO O 52 -32.58 -27.81 26.95
C PRO O 52 -32.62 -29.31 26.60
N PRO O 53 -31.55 -29.84 26.02
CA PRO O 53 -31.61 -31.28 25.69
C PRO O 53 -31.85 -32.24 26.86
N ARG O 54 -31.38 -31.89 28.06
CA ARG O 54 -31.56 -32.77 29.22
C ARG O 54 -33.04 -33.04 29.47
N ILE O 55 -33.82 -31.98 29.51
CA ILE O 55 -35.26 -32.08 29.72
C ILE O 55 -35.89 -32.97 28.63
N VAL O 56 -35.45 -32.80 27.39
CA VAL O 56 -35.98 -33.58 26.29
C VAL O 56 -35.58 -35.03 26.39
N LEU O 57 -34.43 -35.30 26.97
CA LEU O 57 -33.99 -36.68 27.11
C LEU O 57 -34.84 -37.38 28.15
N ASP O 58 -35.14 -36.68 29.24
CA ASP O 58 -35.99 -37.29 30.26
C ASP O 58 -37.38 -37.56 29.67
N LYS O 59 -37.89 -36.62 28.88
CA LYS O 59 -39.20 -36.83 28.28
C LYS O 59 -39.20 -38.05 27.38
N LEU O 60 -38.13 -38.24 26.62
CA LEU O 60 -38.07 -39.38 25.70
C LEU O 60 -37.93 -40.71 26.45
N GLU O 61 -37.39 -40.65 27.66
CA GLU O 61 -37.24 -41.82 28.51
C GLU O 61 -38.63 -42.37 28.79
N CYS O 62 -39.52 -41.45 29.16
CA CYS O 62 -40.90 -41.77 29.45
C CYS O 62 -41.61 -42.40 28.26
N ARG O 63 -41.25 -42.00 27.04
CA ARG O 63 -41.88 -42.59 25.88
C ARG O 63 -41.11 -43.81 25.41
N GLY O 64 -40.26 -44.32 26.30
CA GLY O 64 -39.50 -45.53 26.01
C GLY O 64 -38.28 -45.47 25.11
N PHE O 65 -37.55 -44.37 25.12
CA PHE O 65 -36.35 -44.24 24.30
C PHE O 65 -35.10 -44.27 25.15
N ARG O 66 -34.01 -44.72 24.56
CA ARG O 66 -32.73 -44.79 25.26
C ARG O 66 -31.63 -44.20 24.39
N VAL O 67 -30.73 -43.44 25.01
CA VAL O 67 -29.63 -42.86 24.27
C VAL O 67 -28.67 -43.97 23.89
N LEU O 68 -28.39 -44.11 22.60
CA LEU O 68 -27.47 -45.12 22.10
C LEU O 68 -26.10 -44.48 21.86
N SER O 69 -26.10 -43.26 21.37
CA SER O 69 -24.85 -42.58 21.10
C SER O 69 -25.04 -41.08 21.07
N MET O 70 -24.00 -40.34 21.45
CA MET O 70 -24.03 -38.88 21.46
C MET O 70 -22.75 -38.38 20.79
N THR O 71 -22.88 -37.40 19.92
CA THR O 71 -21.68 -36.90 19.27
C THR O 71 -21.72 -35.41 19.00
N GLY O 72 -20.56 -34.87 18.70
CA GLY O 72 -20.48 -33.47 18.39
C GLY O 72 -20.11 -33.40 16.92
N VAL O 73 -20.75 -32.50 16.19
CA VAL O 73 -20.44 -32.27 14.79
C VAL O 73 -20.47 -30.75 14.69
N GLY O 74 -19.29 -30.15 14.55
CA GLY O 74 -19.22 -28.72 14.50
C GLY O 74 -19.47 -28.22 15.91
N GLN O 75 -20.39 -27.28 16.05
CA GLN O 75 -20.72 -26.75 17.36
C GLN O 75 -22.08 -27.28 17.75
N THR O 76 -22.53 -28.31 17.03
CA THR O 76 -23.81 -28.92 17.32
C THR O 76 -23.64 -30.26 18.02
N LEU O 77 -24.46 -30.46 19.05
CA LEU O 77 -24.45 -31.70 19.82
C LEU O 77 -25.62 -32.54 19.32
N VAL O 78 -25.37 -33.81 19.04
CA VAL O 78 -26.40 -34.72 18.53
C VAL O 78 -26.54 -36.01 19.35
N TRP O 79 -27.79 -36.45 19.53
CA TRP O 79 -28.09 -37.67 20.27
C TRP O 79 -28.86 -38.66 19.42
N CYS O 80 -28.43 -39.91 19.44
CA CYS O 80 -29.12 -40.95 18.69
C CYS O 80 -29.84 -41.84 19.69
N LEU O 81 -31.17 -41.81 19.67
CA LEU O 81 -31.92 -42.63 20.60
C LEU O 81 -32.65 -43.75 19.89
N HIS O 82 -32.87 -44.84 20.63
CA HIS O 82 -33.55 -46.01 20.09
C HIS O 82 -34.73 -46.43 20.98
N LYS O 83 -35.83 -46.81 20.35
CA LYS O 83 -37.03 -47.24 21.07
C LYS O 83 -36.74 -48.62 21.64
N GLU O 84 -36.39 -48.65 22.92
CA GLU O 84 -36.08 -49.89 23.62
C GLU O 84 -36.98 -50.05 24.84
N MET P 1 42.00 40.28 -26.79
CA MET P 1 40.96 39.65 -25.91
C MET P 1 39.97 40.71 -25.36
N PRO P 2 39.01 41.13 -26.19
CA PRO P 2 38.07 42.14 -25.72
C PRO P 2 36.94 41.64 -24.81
N TYR P 3 36.36 40.48 -25.12
CA TYR P 3 35.26 39.98 -24.29
C TYR P 3 35.59 39.19 -23.04
N LEU P 4 34.79 39.42 -22.01
CA LEU P 4 34.97 38.77 -20.73
C LEU P 4 33.61 38.30 -20.18
N LEU P 5 33.60 37.14 -19.51
CA LEU P 5 32.35 36.61 -18.93
C LEU P 5 32.59 36.24 -17.48
N ILE P 6 31.86 36.84 -16.57
CA ILE P 6 32.00 36.49 -15.16
C ILE P 6 30.64 36.11 -14.61
N SER P 7 30.61 35.35 -13.52
CA SER P 7 29.35 34.92 -12.93
C SER P 7 29.42 34.66 -11.43
N THR P 8 28.25 34.58 -10.81
CA THR P 8 28.13 34.31 -9.39
C THR P 8 26.83 33.52 -9.19
N GLN P 9 26.81 32.63 -8.21
CA GLN P 9 25.64 31.80 -7.96
C GLN P 9 24.74 32.19 -6.79
N ILE P 10 23.46 31.83 -6.94
CA ILE P 10 22.44 32.06 -5.91
C ILE P 10 22.22 33.47 -5.39
N ARG P 11 23.16 33.98 -4.60
CA ARG P 11 23.06 35.33 -4.05
C ARG P 11 24.22 36.23 -4.49
N MET P 12 23.92 37.45 -4.91
CA MET P 12 24.96 38.34 -5.39
C MET P 12 25.78 39.10 -4.36
N GLU P 13 25.22 39.36 -3.19
CA GLU P 13 25.98 40.12 -2.21
C GLU P 13 27.12 39.37 -1.53
N VAL P 14 27.56 38.29 -2.12
CA VAL P 14 28.65 37.52 -1.55
C VAL P 14 29.29 36.70 -2.66
N GLY P 15 30.56 36.35 -2.49
CA GLY P 15 31.22 35.54 -3.50
C GLY P 15 30.93 34.07 -3.30
N PRO P 16 31.65 33.18 -3.98
CA PRO P 16 32.71 33.49 -4.94
C PRO P 16 32.17 33.97 -6.28
N THR P 17 33.05 34.58 -7.09
CA THR P 17 32.68 35.08 -8.41
C THR P 17 33.58 34.36 -9.40
N MET P 18 33.01 33.68 -10.38
CA MET P 18 33.80 32.98 -11.38
C MET P 18 34.25 34.04 -12.39
N VAL P 19 35.55 34.09 -12.68
CA VAL P 19 36.05 35.11 -13.59
C VAL P 19 36.84 34.61 -14.78
N GLY P 20 36.87 33.31 -15.03
CA GLY P 20 37.61 32.85 -16.19
C GLY P 20 37.72 31.36 -16.41
N ASP P 21 37.99 31.00 -17.66
CA ASP P 21 38.15 29.61 -18.04
C ASP P 21 39.64 29.32 -18.22
N GLU P 22 39.97 28.13 -18.73
CA GLU P 22 41.35 27.72 -18.91
C GLU P 22 42.19 28.66 -19.77
N HIS P 23 41.61 29.16 -20.85
CA HIS P 23 42.32 30.05 -21.75
C HIS P 23 42.16 31.54 -21.43
N SER P 24 41.93 31.86 -20.17
CA SER P 24 41.79 33.25 -19.79
C SER P 24 43.14 33.91 -19.64
N ASP P 25 43.17 35.23 -19.81
CA ASP P 25 44.38 36.02 -19.71
C ASP P 25 44.98 35.82 -18.32
N PRO P 26 46.12 35.12 -18.25
CA PRO P 26 46.77 34.85 -16.96
C PRO P 26 47.06 36.13 -16.19
N GLU P 27 47.45 37.18 -16.89
CA GLU P 27 47.75 38.45 -16.23
C GLU P 27 46.50 39.08 -15.62
N LEU P 28 45.43 39.13 -16.39
CA LEU P 28 44.17 39.68 -15.90
C LEU P 28 43.66 38.87 -14.70
N MET P 29 43.80 37.55 -14.78
CA MET P 29 43.37 36.69 -13.70
C MET P 29 44.16 37.02 -12.45
N GLN P 30 45.46 37.25 -12.63
CA GLN P 30 46.32 37.57 -11.51
C GLN P 30 45.97 38.92 -10.92
N GLN P 31 45.68 39.89 -11.78
CA GLN P 31 45.32 41.23 -11.33
C GLN P 31 44.09 41.18 -10.44
N LEU P 32 43.16 40.30 -10.78
CA LEU P 32 41.93 40.14 -10.01
C LEU P 32 42.13 39.35 -8.72
N GLY P 33 43.28 38.70 -8.60
CA GLY P 33 43.56 37.90 -7.41
C GLY P 33 42.83 36.58 -7.46
N ALA P 34 42.63 36.10 -8.68
CA ALA P 34 41.91 34.85 -8.91
C ALA P 34 42.79 33.61 -8.85
N SER P 35 42.20 32.53 -8.36
CA SER P 35 42.89 31.25 -8.26
C SER P 35 42.25 30.34 -9.30
N LYS P 36 42.97 29.31 -9.70
CA LYS P 36 42.49 28.35 -10.70
C LYS P 36 42.11 27.08 -9.93
N ARG P 37 41.01 26.46 -10.31
CA ARG P 37 40.58 25.23 -9.64
C ARG P 37 39.69 24.43 -10.58
N ARG P 38 39.46 23.18 -10.19
CA ARG P 38 38.62 22.27 -10.97
C ARG P 38 37.68 21.58 -9.98
N VAL P 39 36.48 22.13 -9.83
CA VAL P 39 35.50 21.57 -8.91
C VAL P 39 35.07 20.17 -9.33
N LEU P 40 34.95 19.29 -8.33
CA LEU P 40 34.56 17.90 -8.55
C LEU P 40 33.26 17.87 -9.33
N GLY P 41 33.25 17.13 -10.43
CA GLY P 41 32.02 17.06 -11.21
C GLY P 41 32.14 17.82 -12.51
N ASN P 42 32.98 18.86 -12.52
CA ASN P 42 33.20 19.66 -13.71
C ASN P 42 34.39 19.11 -14.48
N ASN P 43 34.27 19.04 -15.79
CA ASN P 43 35.37 18.56 -16.61
C ASN P 43 36.07 19.76 -17.23
N PHE P 44 36.46 20.71 -16.40
CA PHE P 44 37.13 21.90 -16.87
C PHE P 44 37.63 22.71 -15.69
N TYR P 45 38.60 23.58 -15.93
CA TYR P 45 39.16 24.43 -14.88
C TYR P 45 38.48 25.79 -14.90
N GLU P 46 38.51 26.48 -13.76
CA GLU P 46 37.90 27.79 -13.67
C GLU P 46 38.76 28.72 -12.82
N TYR P 47 38.60 30.03 -13.02
CA TYR P 47 39.32 31.02 -12.23
C TYR P 47 38.24 31.67 -11.39
N TYR P 48 38.50 31.84 -10.09
CA TYR P 48 37.51 32.42 -9.21
C TYR P 48 38.15 33.34 -8.17
N VAL P 49 37.32 34.14 -7.52
CA VAL P 49 37.78 35.04 -6.47
C VAL P 49 36.71 35.01 -5.41
N ASN P 50 37.08 35.30 -4.17
CA ASN P 50 36.12 35.28 -3.09
C ASN P 50 35.34 36.57 -3.01
N ASP P 51 35.62 37.49 -3.91
CA ASP P 51 34.93 38.77 -3.88
C ASP P 51 33.53 38.67 -4.49
N PRO P 52 32.60 39.51 -4.01
CA PRO P 52 31.24 39.51 -4.54
C PRO P 52 31.40 40.10 -5.95
N PRO P 53 30.43 39.88 -6.84
CA PRO P 53 30.58 40.44 -8.19
C PRO P 53 30.76 41.98 -8.29
N ARG P 54 30.15 42.72 -7.37
CA ARG P 54 30.25 44.18 -7.42
C ARG P 54 31.72 44.61 -7.36
N ILE P 55 32.45 44.05 -6.39
CA ILE P 55 33.86 44.34 -6.23
C ILE P 55 34.63 43.98 -7.50
N VAL P 56 34.26 42.84 -8.12
CA VAL P 56 34.95 42.40 -9.32
C VAL P 56 34.64 43.30 -10.50
N LEU P 57 33.43 43.87 -10.51
CA LEU P 57 33.04 44.77 -11.59
C LEU P 57 33.87 46.05 -11.49
N ASP P 58 34.03 46.58 -10.28
CA ASP P 58 34.81 47.79 -10.12
C ASP P 58 36.26 47.53 -10.54
N LYS P 59 36.80 46.38 -10.18
CA LYS P 59 38.17 46.04 -10.55
C LYS P 59 38.33 45.98 -12.07
N LEU P 60 37.33 45.43 -12.75
CA LEU P 60 37.41 45.32 -14.21
C LEU P 60 37.27 46.70 -14.88
N GLU P 61 36.64 47.64 -14.18
CA GLU P 61 36.47 48.99 -14.69
C GLU P 61 37.85 49.59 -14.86
N CYS P 62 38.66 49.42 -13.81
CA CYS P 62 40.03 49.90 -13.78
C CYS P 62 40.86 49.31 -14.90
N ARG P 63 40.58 48.07 -15.29
CA ARG P 63 41.33 47.46 -16.37
C ARG P 63 40.66 47.74 -17.70
N GLY P 64 39.79 48.74 -17.72
CA GLY P 64 39.13 49.14 -18.96
C GLY P 64 37.99 48.32 -19.55
N PHE P 65 37.18 47.69 -18.69
CA PHE P 65 36.07 46.90 -19.17
C PHE P 65 34.75 47.57 -18.84
N ARG P 66 33.74 47.27 -19.65
CA ARG P 66 32.42 47.83 -19.42
C ARG P 66 31.38 46.72 -19.53
N VAL P 67 30.39 46.76 -18.65
CA VAL P 67 29.32 45.78 -18.68
C VAL P 67 28.45 46.06 -19.91
N LEU P 68 28.28 45.06 -20.76
CA LEU P 68 27.46 45.20 -21.95
C LEU P 68 26.09 44.61 -21.69
N SER P 69 26.07 43.49 -20.97
CA SER P 69 24.81 42.83 -20.66
C SER P 69 24.94 41.98 -19.41
N MET P 70 23.83 41.79 -18.72
CA MET P 70 23.79 40.96 -17.53
C MET P 70 22.54 40.11 -17.60
N THR P 71 22.66 38.84 -17.25
CA THR P 71 21.50 37.98 -17.32
C THR P 71 21.52 36.92 -16.24
N GLY P 72 20.38 36.29 -16.05
CA GLY P 72 20.28 35.23 -15.10
C GLY P 72 20.01 33.98 -15.89
N VAL P 73 20.68 32.89 -15.50
CA VAL P 73 20.46 31.60 -16.14
C VAL P 73 20.42 30.65 -14.95
N GLY P 74 19.23 30.13 -14.68
CA GLY P 74 19.09 29.24 -13.54
C GLY P 74 19.21 30.14 -12.33
N GLN P 75 20.05 29.75 -11.37
CA GLN P 75 20.23 30.55 -10.17
C GLN P 75 21.57 31.23 -10.26
N THR P 76 22.12 31.26 -11.48
CA THR P 76 23.41 31.90 -11.71
C THR P 76 23.27 33.22 -12.43
N LEU P 77 24.00 34.22 -11.94
CA LEU P 77 23.97 35.55 -12.52
C LEU P 77 25.24 35.68 -13.37
N VAL P 78 25.09 36.16 -14.60
CA VAL P 78 26.21 36.31 -15.51
C VAL P 78 26.37 37.72 -16.10
N TRP P 79 27.61 38.17 -16.24
CA TRP P 79 27.90 39.49 -16.81
C TRP P 79 28.80 39.37 -18.04
N CYS P 80 28.41 40.06 -19.10
CA CYS P 80 29.21 40.08 -20.31
C CYS P 80 29.88 41.45 -20.40
N LEU P 81 31.20 41.48 -20.24
CA LEU P 81 31.94 42.73 -20.30
C LEU P 81 32.79 42.84 -21.56
N HIS P 82 33.01 44.07 -22.00
CA HIS P 82 33.79 44.33 -23.21
C HIS P 82 34.89 45.34 -22.95
N LYS P 83 36.04 45.10 -23.56
CA LYS P 83 37.19 45.99 -23.41
C LYS P 83 36.96 47.24 -24.25
N GLU P 84 36.46 48.28 -23.58
CA GLU P 84 36.17 49.55 -24.24
C GLU P 84 36.97 50.69 -23.61
N MET Q 1 34.00 53.76 -7.02
CA MET Q 1 32.94 52.73 -6.97
C MET Q 1 31.85 53.00 -8.04
N PRO Q 2 32.16 52.71 -9.31
CA PRO Q 2 31.16 52.97 -10.35
C PRO Q 2 29.95 52.00 -10.41
N TYR Q 3 30.19 50.69 -10.22
CA TYR Q 3 29.09 49.73 -10.31
C TYR Q 3 28.25 49.47 -9.05
N LEU Q 4 26.97 49.28 -9.29
CA LEU Q 4 26.00 49.06 -8.23
C LEU Q 4 25.02 47.94 -8.65
N LEU Q 5 24.64 47.09 -7.70
CA LEU Q 5 23.68 46.00 -7.97
C LEU Q 5 22.55 46.05 -6.96
N ILE Q 6 21.32 46.19 -7.44
CA ILE Q 6 20.18 46.19 -6.52
C ILE Q 6 19.16 45.15 -6.98
N SER Q 7 18.35 44.66 -6.05
CA SER Q 7 17.35 43.66 -6.41
C SER Q 7 16.10 43.71 -5.55
N THR Q 8 15.09 42.98 -6.01
CA THR Q 8 13.82 42.88 -5.31
C THR Q 8 13.24 41.51 -5.67
N GLN Q 9 12.54 40.91 -4.73
CA GLN Q 9 11.97 39.57 -4.92
C GLN Q 9 10.49 39.51 -5.29
N ILE Q 10 10.14 38.42 -5.96
CA ILE Q 10 8.76 38.12 -6.34
C ILE Q 10 7.96 39.14 -7.12
N ARG Q 11 7.55 40.23 -6.44
CA ARG Q 11 6.77 41.29 -7.08
C ARG Q 11 7.47 42.64 -7.00
N MET Q 12 7.51 43.36 -8.12
CA MET Q 12 8.20 44.63 -8.15
C MET Q 12 7.48 45.87 -7.63
N GLU Q 13 6.17 45.88 -7.63
CA GLU Q 13 5.47 47.07 -7.14
C GLU Q 13 5.48 47.27 -5.63
N VAL Q 14 6.37 46.57 -4.94
CA VAL Q 14 6.45 46.70 -3.50
C VAL Q 14 7.85 46.29 -3.06
N GLY Q 15 8.31 46.82 -1.94
CA GLY Q 15 9.64 46.46 -1.47
C GLY Q 15 9.58 45.18 -0.67
N PRO Q 16 10.65 44.84 0.07
CA PRO Q 16 11.90 45.59 0.20
C PRO Q 16 12.80 45.47 -1.03
N THR Q 17 13.73 46.42 -1.17
CA THR Q 17 14.68 46.41 -2.28
C THR Q 17 16.07 46.28 -1.68
N MET Q 18 16.80 45.24 -2.08
CA MET Q 18 18.15 45.05 -1.57
C MET Q 18 19.05 46.01 -2.33
N VAL Q 19 19.81 46.83 -1.61
CA VAL Q 19 20.67 47.80 -2.26
C VAL Q 19 22.16 47.74 -1.95
N GLY Q 20 22.64 46.68 -1.30
CA GLY Q 20 24.06 46.62 -1.03
C GLY Q 20 24.57 45.50 -0.14
N ASP Q 21 25.86 45.22 -0.28
CA ASP Q 21 26.54 44.20 0.50
C ASP Q 21 27.36 44.84 1.60
N GLU Q 22 28.15 44.03 2.31
CA GLU Q 22 28.97 44.53 3.41
C GLU Q 22 29.92 45.66 3.03
N HIS Q 23 30.53 45.56 1.85
CA HIS Q 23 31.47 46.57 1.42
C HIS Q 23 30.87 47.69 0.59
N SER Q 24 29.59 47.96 0.79
CA SER Q 24 28.93 49.01 0.03
C SER Q 24 29.26 50.38 0.61
N ASP Q 25 29.16 51.40 -0.24
CA ASP Q 25 29.43 52.78 0.15
C ASP Q 25 28.49 53.18 1.28
N PRO Q 26 29.01 53.30 2.51
CA PRO Q 26 28.19 53.67 3.66
C PRO Q 26 27.40 54.96 3.44
N GLU Q 27 28.01 55.92 2.76
CA GLU Q 27 27.32 57.18 2.52
C GLU Q 27 26.15 56.99 1.56
N LEU Q 28 26.37 56.26 0.48
CA LEU Q 28 25.31 56.00 -0.49
C LEU Q 28 24.18 55.24 0.17
N MET Q 29 24.53 54.26 0.99
CA MET Q 29 23.53 53.45 1.67
C MET Q 29 22.68 54.35 2.55
N GLN Q 30 23.34 55.30 3.22
CA GLN Q 30 22.63 56.21 4.10
C GLN Q 30 21.74 57.14 3.31
N GLN Q 31 22.24 57.62 2.18
CA GLN Q 31 21.46 58.52 1.33
C GLN Q 31 20.17 57.84 0.91
N LEU Q 32 20.23 56.53 0.70
CA LEU Q 32 19.06 55.77 0.26
C LEU Q 32 18.14 55.44 1.45
N GLY Q 33 18.64 55.64 2.66
CA GLY Q 33 17.86 55.36 3.85
C GLY Q 33 17.84 53.86 4.15
N ALA Q 34 18.89 53.17 3.72
CA ALA Q 34 18.98 51.74 3.90
C ALA Q 34 19.54 51.31 5.24
N SER Q 35 19.03 50.18 5.73
CA SER Q 35 19.48 49.60 6.98
C SER Q 35 20.28 48.36 6.63
N LYS Q 36 21.13 47.94 7.56
CA LYS Q 36 21.99 46.76 7.37
C LYS Q 36 21.40 45.64 8.21
N ARG Q 37 21.33 44.44 7.65
CA ARG Q 37 20.81 43.31 8.39
C ARG Q 37 21.42 42.03 7.90
N ARG Q 38 21.17 40.96 8.65
CA ARG Q 38 21.67 39.64 8.30
C ARG Q 38 20.52 38.67 8.49
N VAL Q 39 19.81 38.36 7.41
CA VAL Q 39 18.68 37.45 7.49
C VAL Q 39 19.13 36.03 7.84
N LEU Q 40 18.36 35.40 8.72
CA LEU Q 40 18.62 34.05 9.17
C LEU Q 40 18.79 33.12 7.98
N GLY Q 41 19.90 32.39 7.95
CA GLY Q 41 20.13 31.49 6.85
C GLY Q 41 21.18 31.99 5.88
N ASN Q 42 21.35 33.31 5.82
CA ASN Q 42 22.36 33.91 4.94
C ASN Q 42 23.63 34.11 5.75
N ASN Q 43 24.78 33.85 5.13
CA ASN Q 43 26.03 34.03 5.83
C ASN Q 43 26.69 35.29 5.32
N PHE Q 44 25.93 36.40 5.37
CA PHE Q 44 26.41 37.69 4.92
C PHE Q 44 25.41 38.75 5.30
N TYR Q 45 25.87 39.99 5.33
CA TYR Q 45 25.02 41.14 5.65
C TYR Q 45 24.51 41.79 4.37
N GLU Q 46 23.41 42.52 4.48
CA GLU Q 46 22.84 43.18 3.31
C GLU Q 46 22.26 44.54 3.69
N TYR Q 47 22.16 45.44 2.72
CA TYR Q 47 21.58 46.75 2.94
C TYR Q 47 20.24 46.73 2.20
N TYR Q 48 19.18 47.17 2.85
CA TYR Q 48 17.87 47.15 2.20
C TYR Q 48 17.04 48.36 2.54
N VAL Q 49 15.99 48.58 1.77
CA VAL Q 49 15.06 49.68 2.00
C VAL Q 49 13.67 49.13 1.76
N ASN Q 50 12.66 49.73 2.38
CA ASN Q 50 11.30 49.27 2.22
C ASN Q 50 10.65 49.80 0.96
N ASP Q 51 11.39 50.63 0.22
CA ASP Q 51 10.86 51.21 -1.00
C ASP Q 51 10.86 50.21 -2.14
N PRO Q 52 9.93 50.38 -3.08
CA PRO Q 52 9.85 49.50 -4.24
C PRO Q 52 11.07 49.86 -5.10
N PRO Q 53 11.49 48.97 -6.01
CA PRO Q 53 12.66 49.32 -6.83
C PRO Q 53 12.56 50.62 -7.64
N ARG Q 54 11.38 50.96 -8.13
CA ARG Q 54 11.21 52.16 -8.93
C ARG Q 54 11.68 53.39 -8.15
N ILE Q 55 11.22 53.50 -6.91
CA ILE Q 55 11.61 54.61 -6.05
C ILE Q 55 13.13 54.63 -5.86
N VAL Q 56 13.73 53.45 -5.68
CA VAL Q 56 15.17 53.35 -5.50
C VAL Q 56 15.92 53.72 -6.78
N LEU Q 57 15.32 53.44 -7.93
CA LEU Q 57 15.96 53.78 -9.19
C LEU Q 57 16.01 55.28 -9.38
N ASP Q 58 14.91 55.96 -9.04
CA ASP Q 58 14.87 57.41 -9.18
C ASP Q 58 15.90 58.04 -8.24
N LYS Q 59 15.99 57.51 -7.02
CA LYS Q 59 16.96 58.06 -6.07
C LYS Q 59 18.41 57.90 -6.59
N LEU Q 60 18.70 56.77 -7.21
CA LEU Q 60 20.04 56.53 -7.73
C LEU Q 60 20.35 57.44 -8.93
N GLU Q 61 19.30 57.87 -9.62
CA GLU Q 61 19.45 58.76 -10.77
C GLU Q 61 20.07 60.05 -10.24
N CYS Q 62 19.49 60.55 -9.15
CA CYS Q 62 19.95 61.75 -8.48
C CYS Q 62 21.40 61.67 -8.04
N ARG Q 63 21.85 60.48 -7.69
CA ARG Q 63 23.23 60.33 -7.27
C ARG Q 63 24.10 59.98 -8.48
N GLY Q 64 23.56 60.19 -9.67
CA GLY Q 64 24.30 59.94 -10.90
C GLY Q 64 24.49 58.52 -11.41
N PHE Q 65 23.50 57.66 -11.21
CA PHE Q 65 23.61 56.29 -11.69
C PHE Q 65 22.65 56.03 -12.83
N ARG Q 66 23.03 55.10 -13.71
CA ARG Q 66 22.19 54.75 -14.83
C ARG Q 66 22.04 53.24 -14.93
N VAL Q 67 20.82 52.79 -15.25
CA VAL Q 67 20.57 51.37 -15.39
C VAL Q 67 21.25 50.89 -16.68
N LEU Q 68 22.15 49.93 -16.55
CA LEU Q 68 22.84 49.38 -17.70
C LEU Q 68 22.13 48.10 -18.16
N SER Q 69 21.70 47.31 -17.19
CA SER Q 69 21.01 46.08 -17.51
C SER Q 69 20.11 45.66 -16.36
N MET Q 70 19.05 44.93 -16.71
CA MET Q 70 18.10 44.42 -15.73
C MET Q 70 17.81 42.97 -16.10
N THR Q 71 17.79 42.09 -15.12
CA THR Q 71 17.52 40.70 -15.42
C THR Q 71 16.77 40.02 -14.31
N GLY Q 72 16.23 38.86 -14.64
CA GLY Q 72 15.52 38.09 -13.64
C GLY Q 72 16.35 36.85 -13.41
N VAL Q 73 16.47 36.45 -12.15
CA VAL Q 73 17.16 35.22 -11.80
C VAL Q 73 16.26 34.59 -10.73
N GLY Q 74 15.61 33.49 -11.11
CA GLY Q 74 14.68 32.86 -10.20
C GLY Q 74 13.48 33.79 -10.14
N GLN Q 75 13.04 34.13 -8.93
CA GLN Q 75 11.91 35.02 -8.77
C GLN Q 75 12.43 36.38 -8.33
N THR Q 76 13.73 36.57 -8.47
CA THR Q 76 14.37 37.82 -8.07
C THR Q 76 14.73 38.68 -9.27
N LEU Q 77 14.40 39.96 -9.18
CA LEU Q 77 14.67 40.92 -10.23
C LEU Q 77 15.93 41.67 -9.83
N VAL Q 78 16.88 41.79 -10.74
CA VAL Q 78 18.14 42.48 -10.47
C VAL Q 78 18.47 43.59 -11.47
N TRP Q 79 19.02 44.68 -10.95
CA TRP Q 79 19.42 45.84 -11.78
C TRP Q 79 20.90 46.13 -11.64
N CYS Q 80 21.57 46.31 -12.77
CA CYS Q 80 22.99 46.63 -12.77
C CYS Q 80 23.10 48.10 -13.16
N LEU Q 81 23.51 48.95 -12.22
CA LEU Q 81 23.66 50.38 -12.50
C LEU Q 81 25.12 50.83 -12.52
N HIS Q 82 25.41 51.82 -13.34
CA HIS Q 82 26.76 52.35 -13.48
C HIS Q 82 26.80 53.85 -13.23
N LYS Q 83 27.84 54.29 -12.54
CA LYS Q 83 28.02 55.71 -12.22
C LYS Q 83 28.43 56.43 -13.49
N GLU Q 84 27.45 57.05 -14.14
CA GLU Q 84 27.66 57.78 -15.39
C GLU Q 84 27.28 59.26 -15.25
N MET R 1 10.68 62.11 -11.81
CA MET R 1 10.38 60.65 -11.91
C MET R 1 10.83 60.09 -13.27
N PRO R 2 12.14 59.83 -13.42
CA PRO R 2 12.61 59.29 -14.70
C PRO R 2 12.35 57.80 -14.96
N TYR R 3 12.53 56.94 -13.95
CA TYR R 3 12.33 55.51 -14.17
C TYR R 3 10.91 54.96 -14.07
N LEU R 4 10.64 54.00 -14.95
CA LEU R 4 9.35 53.34 -15.02
C LEU R 4 9.52 51.83 -15.19
N LEU R 5 8.66 51.04 -14.53
CA LEU R 5 8.73 49.58 -14.63
C LEU R 5 7.36 49.05 -14.99
N ILE R 6 7.26 48.33 -16.10
CA ILE R 6 5.97 47.75 -16.46
C ILE R 6 6.17 46.27 -16.73
N SER R 7 5.09 45.49 -16.61
CA SER R 7 5.19 44.05 -16.83
C SER R 7 3.91 43.42 -17.35
N THR R 8 4.03 42.19 -17.82
CA THR R 8 2.90 41.42 -18.32
C THR R 8 3.22 39.95 -18.02
N GLN R 9 2.18 39.16 -17.75
CA GLN R 9 2.37 37.75 -17.42
C GLN R 9 2.10 36.75 -18.53
N ILE R 10 2.75 35.59 -18.41
CA ILE R 10 2.60 34.47 -19.33
C ILE R 10 2.80 34.70 -20.84
N ARG R 11 1.84 35.35 -21.48
CA ARG R 11 1.93 35.62 -22.92
C ARG R 11 1.90 37.11 -23.21
N MET R 12 2.77 37.56 -24.11
CA MET R 12 2.87 38.98 -24.39
C MET R 12 1.88 39.57 -25.36
N GLU R 13 1.36 38.78 -26.28
CA GLU R 13 0.44 39.34 -27.26
C GLU R 13 -0.94 39.70 -26.73
N VAL R 14 -1.08 39.79 -25.41
CA VAL R 14 -2.35 40.14 -24.82
C VAL R 14 -2.10 40.73 -23.44
N GLY R 15 -3.03 41.55 -22.98
CA GLY R 15 -2.88 42.13 -21.66
C GLY R 15 -3.38 41.19 -20.59
N PRO R 16 -3.55 41.64 -19.35
CA PRO R 16 -3.29 43.01 -18.90
C PRO R 16 -1.80 43.32 -18.75
N THR R 17 -1.47 44.60 -18.71
CA THR R 17 -0.09 45.04 -18.53
C THR R 17 -0.06 45.85 -17.24
N MET R 18 0.81 45.47 -16.31
CA MET R 18 0.92 46.20 -15.06
C MET R 18 1.78 47.41 -15.34
N VAL R 19 1.29 48.60 -14.98
CA VAL R 19 2.05 49.81 -15.26
C VAL R 19 2.38 50.73 -14.09
N GLY R 20 2.15 50.28 -12.86
CA GLY R 20 2.49 51.16 -11.75
C GLY R 20 2.15 50.68 -10.35
N ASP R 21 2.83 51.26 -9.37
CA ASP R 21 2.59 50.94 -7.97
C ASP R 21 1.82 52.09 -7.33
N GLU R 22 1.64 52.03 -6.01
CA GLU R 22 0.90 53.05 -5.29
C GLU R 22 1.41 54.47 -5.48
N HIS R 23 2.73 54.62 -5.51
CA HIS R 23 3.33 55.93 -5.65
C HIS R 23 3.63 56.33 -7.09
N SER R 24 2.91 55.75 -8.04
CA SER R 24 3.13 56.09 -9.42
C SER R 24 2.50 57.44 -9.77
N ASP R 25 3.03 58.07 -10.80
CA ASP R 25 2.55 59.37 -11.26
C ASP R 25 1.08 59.22 -11.65
N PRO R 26 0.18 59.84 -10.87
CA PRO R 26 -1.25 59.76 -11.15
C PRO R 26 -1.59 60.23 -12.56
N GLU R 27 -0.93 61.29 -13.00
CA GLU R 27 -1.22 61.81 -14.32
C GLU R 27 -0.80 60.82 -15.41
N LEU R 28 0.40 60.26 -15.28
CA LEU R 28 0.89 59.30 -16.27
C LEU R 28 -0.02 58.07 -16.30
N MET R 29 -0.45 57.63 -15.13
CA MET R 29 -1.32 56.46 -15.06
C MET R 29 -2.62 56.75 -15.78
N GLN R 30 -3.12 57.98 -15.63
CA GLN R 30 -4.36 58.37 -16.27
C GLN R 30 -4.19 58.44 -17.78
N GLN R 31 -3.05 58.97 -18.22
CA GLN R 31 -2.76 59.09 -19.64
C GLN R 31 -2.76 57.72 -20.28
N LEU R 32 -2.29 56.73 -19.55
CA LEU R 32 -2.24 55.37 -20.05
C LEU R 32 -3.61 54.70 -20.00
N GLY R 33 -4.54 55.29 -19.27
CA GLY R 33 -5.87 54.72 -19.13
C GLY R 33 -5.87 53.58 -18.15
N ALA R 34 -4.99 53.67 -17.17
CA ALA R 34 -4.84 52.63 -16.17
C ALA R 34 -5.77 52.80 -14.98
N SER R 35 -6.17 51.67 -14.42
CA SER R 35 -7.03 51.64 -13.26
C SER R 35 -6.18 51.14 -12.10
N LYS R 36 -6.61 51.44 -10.88
CA LYS R 36 -5.88 51.02 -9.69
C LYS R 36 -6.66 49.86 -9.07
N ARG R 37 -5.95 48.82 -8.63
CA ARG R 37 -6.62 47.68 -8.00
C ARG R 37 -5.67 46.98 -7.04
N ARG R 38 -6.24 46.11 -6.21
CA ARG R 38 -5.48 45.34 -5.24
C ARG R 38 -5.97 43.91 -5.35
N VAL R 39 -5.23 43.09 -6.08
CA VAL R 39 -5.62 41.70 -6.28
C VAL R 39 -5.53 40.91 -4.98
N LEU R 40 -6.51 40.02 -4.79
CA LEU R 40 -6.59 39.19 -3.60
C LEU R 40 -5.29 38.43 -3.44
N GLY R 41 -4.65 38.58 -2.29
CA GLY R 41 -3.40 37.87 -2.07
C GLY R 41 -2.21 38.78 -2.04
N ASN R 42 -2.30 39.91 -2.74
CA ASN R 42 -1.23 40.89 -2.78
C ASN R 42 -1.49 41.94 -1.71
N ASN R 43 -0.45 42.31 -0.99
CA ASN R 43 -0.59 43.32 0.05
C ASN R 43 -0.10 44.65 -0.49
N PHE R 44 -0.63 45.06 -1.64
CA PHE R 44 -0.24 46.30 -2.29
C PHE R 44 -1.17 46.58 -3.44
N TYR R 45 -1.22 47.84 -3.86
CA TYR R 45 -2.08 48.24 -4.98
C TYR R 45 -1.25 48.27 -6.26
N GLU R 46 -1.93 48.15 -7.39
CA GLU R 46 -1.26 48.17 -8.68
C GLU R 46 -2.08 48.92 -9.72
N TYR R 47 -1.41 49.47 -10.72
CA TYR R 47 -2.08 50.17 -11.81
C TYR R 47 -1.93 49.23 -13.01
N TYR R 48 -3.02 49.01 -13.73
CA TYR R 48 -2.96 48.11 -14.88
C TYR R 48 -3.82 48.62 -16.05
N VAL R 49 -3.60 48.05 -17.22
CA VAL R 49 -4.37 48.39 -18.41
C VAL R 49 -4.61 47.07 -19.13
N ASN R 50 -5.68 46.99 -19.91
CA ASN R 50 -5.99 45.77 -20.63
C ASN R 50 -5.21 45.67 -21.94
N ASP R 51 -4.39 46.67 -22.23
CA ASP R 51 -3.62 46.66 -23.46
C ASP R 51 -2.42 45.74 -23.37
N PRO R 52 -2.00 45.18 -24.51
CA PRO R 52 -0.83 44.30 -24.50
C PRO R 52 0.36 45.22 -24.25
N PRO R 53 1.49 44.69 -23.81
CA PRO R 53 2.63 45.58 -23.58
C PRO R 53 3.10 46.42 -24.78
N ARG R 54 3.02 45.88 -25.99
CA ARG R 54 3.46 46.63 -27.16
C ARG R 54 2.75 47.97 -27.26
N ILE R 55 1.43 47.95 -27.13
CA ILE R 55 0.61 49.15 -27.17
C ILE R 55 1.03 50.11 -26.06
N VAL R 56 1.35 49.57 -24.88
CA VAL R 56 1.75 50.40 -23.76
C VAL R 56 3.13 51.02 -24.00
N LEU R 57 4.00 50.28 -24.68
CA LEU R 57 5.33 50.79 -24.99
C LEU R 57 5.23 51.98 -25.96
N ASP R 58 4.36 51.86 -26.97
CA ASP R 58 4.20 52.95 -27.92
C ASP R 58 3.65 54.18 -27.21
N LYS R 59 2.71 53.99 -26.29
CA LYS R 59 2.14 55.11 -25.56
C LYS R 59 3.20 55.79 -24.70
N LEU R 60 4.11 55.02 -24.13
CA LEU R 60 5.14 55.59 -23.28
C LEU R 60 6.18 56.35 -24.11
N GLU R 61 6.31 55.96 -25.38
CA GLU R 61 7.22 56.62 -26.30
C GLU R 61 6.77 58.07 -26.42
N CYS R 62 5.47 58.23 -26.66
CA CYS R 62 4.86 59.54 -26.80
C CYS R 62 5.06 60.41 -25.58
N ARG R 63 5.12 59.79 -24.40
CA ARG R 63 5.33 60.56 -23.19
C ARG R 63 6.82 60.66 -22.89
N GLY R 64 7.65 60.38 -23.90
CA GLY R 64 9.09 60.49 -23.76
C GLY R 64 9.87 59.44 -23.00
N PHE R 65 9.47 58.18 -23.09
CA PHE R 65 10.18 57.11 -22.40
C PHE R 65 10.86 56.18 -23.39
N ARG R 66 11.96 55.59 -22.96
CA ARG R 66 12.68 54.64 -23.80
C ARG R 66 12.98 53.36 -23.03
N VAL R 67 12.90 52.23 -23.73
CA VAL R 67 13.16 50.97 -23.09
C VAL R 67 14.66 50.86 -22.90
N LEU R 68 15.10 50.69 -21.66
CA LEU R 68 16.52 50.54 -21.35
C LEU R 68 16.87 49.07 -21.24
N SER R 69 15.95 48.28 -20.70
CA SER R 69 16.18 46.85 -20.55
C SER R 69 14.87 46.10 -20.40
N MET R 70 14.86 44.86 -20.88
CA MET R 70 13.71 43.97 -20.78
C MET R 70 14.17 42.61 -20.26
N THR R 71 13.45 42.06 -19.30
CA THR R 71 13.85 40.76 -18.78
C THR R 71 12.67 39.88 -18.42
N GLY R 72 12.97 38.60 -18.22
CA GLY R 72 11.93 37.68 -17.83
C GLY R 72 12.27 37.23 -16.43
N VAL R 73 11.26 37.17 -15.57
CA VAL R 73 11.47 36.69 -14.22
C VAL R 73 10.27 35.78 -14.01
N GLY R 74 10.55 34.49 -13.97
CA GLY R 74 9.47 33.53 -13.84
C GLY R 74 8.74 33.53 -15.16
N GLN R 75 7.41 33.65 -15.12
CA GLN R 75 6.63 33.68 -16.35
C GLN R 75 6.21 35.11 -16.63
N THR R 76 6.83 36.05 -15.91
CA THR R 76 6.51 37.46 -16.07
C THR R 76 7.59 38.19 -16.87
N LEU R 77 7.13 39.03 -17.80
CA LEU R 77 8.02 39.80 -18.65
C LEU R 77 8.05 41.23 -18.09
N VAL R 78 9.24 41.77 -17.88
CA VAL R 78 9.37 43.12 -17.32
C VAL R 78 10.20 44.08 -18.19
N TRP R 79 9.75 45.33 -18.26
CA TRP R 79 10.45 46.37 -19.03
C TRP R 79 10.86 47.51 -18.13
N CYS R 80 12.12 47.94 -18.29
CA CYS R 80 12.64 49.07 -17.53
C CYS R 80 12.77 50.24 -18.49
N LEU R 81 11.96 51.27 -18.29
CA LEU R 81 12.00 52.45 -19.16
C LEU R 81 12.55 53.69 -18.45
N HIS R 82 13.19 54.55 -19.23
CA HIS R 82 13.76 55.77 -18.68
C HIS R 82 13.27 57.00 -19.44
N LYS R 83 13.04 58.08 -18.69
CA LYS R 83 12.57 59.33 -19.26
C LYS R 83 13.73 60.01 -19.96
N GLU R 84 13.83 59.80 -21.26
CA GLU R 84 14.89 60.34 -22.09
C GLU R 84 14.34 61.25 -23.20
N MET S 1 4.22 53.65 -34.79
CA MET S 1 4.42 52.33 -34.10
C MET S 1 5.91 51.98 -34.02
N PRO S 2 6.62 52.58 -33.07
CA PRO S 2 8.04 52.27 -32.96
C PRO S 2 8.43 50.91 -32.36
N TYR S 3 7.73 50.48 -31.31
CA TYR S 3 8.09 49.21 -30.67
C TYR S 3 7.51 47.93 -31.24
N LEU S 4 8.36 46.90 -31.25
CA LEU S 4 8.02 45.59 -31.78
C LEU S 4 8.50 44.50 -30.82
N LEU S 5 7.71 43.44 -30.68
CA LEU S 5 8.09 42.32 -29.82
C LEU S 5 7.94 41.01 -30.60
N ILE S 6 9.03 40.26 -30.73
CA ILE S 6 8.94 38.98 -31.41
C ILE S 6 9.51 37.88 -30.51
N SER S 7 9.12 36.64 -30.76
CA SER S 7 9.58 35.56 -29.91
C SER S 7 9.64 34.22 -30.61
N THR S 8 10.31 33.28 -29.97
CA THR S 8 10.43 31.93 -30.49
C THR S 8 10.53 30.99 -29.27
N GLN S 9 10.04 29.77 -29.43
CA GLN S 9 10.04 28.80 -28.34
C GLN S 9 11.11 27.70 -28.39
N ILE S 10 11.48 27.24 -27.20
CA ILE S 10 12.43 26.15 -27.03
C ILE S 10 13.80 26.27 -27.68
N ARG S 11 13.87 26.13 -28.99
CA ARG S 11 15.14 26.23 -29.71
C ARG S 11 15.12 27.35 -30.74
N MET S 12 16.19 28.13 -30.79
CA MET S 12 16.26 29.27 -31.70
C MET S 12 16.66 28.99 -33.15
N GLU S 13 17.41 27.93 -33.41
CA GLU S 13 17.81 27.68 -34.80
C GLU S 13 16.71 27.19 -35.73
N VAL S 14 15.47 27.33 -35.32
CA VAL S 14 14.36 26.89 -36.16
C VAL S 14 13.12 27.66 -35.74
N GLY S 15 12.18 27.83 -36.68
CA GLY S 15 10.97 28.56 -36.35
C GLY S 15 9.97 27.65 -35.65
N PRO S 16 8.70 28.07 -35.52
CA PRO S 16 8.17 29.35 -35.97
C PRO S 16 8.57 30.51 -35.08
N THR S 17 8.46 31.73 -35.61
CA THR S 17 8.78 32.92 -34.84
C THR S 17 7.50 33.75 -34.73
N MET S 18 7.10 34.11 -33.52
CA MET S 18 5.89 34.90 -33.35
C MET S 18 6.30 36.34 -33.60
N VAL S 19 5.57 37.03 -34.45
CA VAL S 19 5.93 38.39 -34.79
C VAL S 19 4.87 39.45 -34.57
N GLY S 20 3.75 39.10 -33.95
CA GLY S 20 2.74 40.12 -33.72
C GLY S 20 1.42 39.71 -33.12
N ASP S 21 0.71 40.69 -32.58
CA ASP S 21 -0.59 40.47 -31.97
C ASP S 21 -1.68 40.98 -32.93
N GLU S 22 -2.92 40.98 -32.46
CA GLU S 22 -4.05 41.42 -33.27
C GLU S 22 -3.90 42.85 -33.82
N HIS S 23 -3.40 43.76 -33.01
CA HIS S 23 -3.24 45.14 -33.45
C HIS S 23 -1.90 45.46 -34.08
N SER S 24 -1.27 44.46 -34.67
CA SER S 24 0.03 44.69 -35.30
C SER S 24 -0.15 45.32 -36.69
N ASP S 25 0.89 46.03 -37.13
CA ASP S 25 0.90 46.68 -38.43
C ASP S 25 0.65 45.64 -39.53
N PRO S 26 -0.53 45.65 -40.14
CA PRO S 26 -0.84 44.68 -41.19
C PRO S 26 0.20 44.66 -42.31
N GLU S 27 0.70 45.84 -42.67
CA GLU S 27 1.67 45.91 -43.74
C GLU S 27 2.99 45.25 -43.33
N LEU S 28 3.46 45.57 -42.12
CA LEU S 28 4.71 45.00 -41.63
C LEU S 28 4.58 43.48 -41.55
N MET S 29 3.43 43.01 -41.10
CA MET S 29 3.20 41.57 -40.98
C MET S 29 3.29 40.95 -42.35
N GLN S 30 2.72 41.62 -43.35
CA GLN S 30 2.73 41.10 -44.70
C GLN S 30 4.15 41.10 -45.26
N GLN S 31 4.90 42.16 -44.96
CA GLN S 31 6.27 42.24 -45.46
C GLN S 31 7.09 41.07 -44.94
N LEU S 32 6.80 40.64 -43.71
CA LEU S 32 7.52 39.53 -43.10
C LEU S 32 7.03 38.18 -43.61
N GLY S 33 5.87 38.17 -44.27
CA GLY S 33 5.32 36.94 -44.79
C GLY S 33 4.61 36.16 -43.69
N ALA S 34 4.10 36.90 -42.71
CA ALA S 34 3.42 36.31 -41.56
C ALA S 34 1.95 36.00 -41.78
N SER S 35 1.50 34.92 -41.16
CA SER S 35 0.11 34.51 -41.23
C SER S 35 -0.46 34.77 -39.85
N LYS S 36 -1.78 34.91 -39.78
CA LYS S 36 -2.48 35.18 -38.52
C LYS S 36 -3.17 33.89 -38.11
N ARG S 37 -3.12 33.55 -36.83
CA ARG S 37 -3.78 32.33 -36.37
C ARG S 37 -4.13 32.46 -34.90
N ARG S 38 -4.97 31.54 -34.45
CA ARG S 38 -5.39 31.49 -33.05
C ARG S 38 -5.24 30.06 -32.57
N VAL S 39 -4.12 29.78 -31.91
CA VAL S 39 -3.87 28.44 -31.43
C VAL S 39 -4.87 28.04 -30.34
N LEU S 40 -5.29 26.79 -30.40
CA LEU S 40 -6.23 26.22 -29.45
C LEU S 40 -5.70 26.44 -28.03
N GLY S 41 -6.51 27.03 -27.17
CA GLY S 41 -6.06 27.26 -25.81
C GLY S 41 -5.78 28.73 -25.53
N ASN S 42 -5.38 29.47 -26.57
CA ASN S 42 -5.10 30.89 -26.43
C ASN S 42 -6.36 31.66 -26.75
N ASN S 43 -6.60 32.73 -26.02
CA ASN S 43 -7.77 33.57 -26.26
C ASN S 43 -7.29 34.85 -26.94
N PHE S 44 -6.56 34.69 -28.03
CA PHE S 44 -6.05 35.82 -28.77
C PHE S 44 -5.45 35.34 -30.07
N TYR S 45 -5.31 36.26 -31.01
CA TYR S 45 -4.72 35.93 -32.31
C TYR S 45 -3.24 36.30 -32.30
N GLU S 46 -2.48 35.67 -33.20
CA GLU S 46 -1.04 35.92 -33.29
C GLU S 46 -0.60 35.85 -34.74
N TYR S 47 0.49 36.57 -35.03
CA TYR S 47 1.08 36.56 -36.37
C TYR S 47 2.37 35.76 -36.22
N TYR S 48 2.61 34.84 -37.14
CA TYR S 48 3.83 34.03 -37.06
C TYR S 48 4.41 33.75 -38.44
N VAL S 49 5.68 33.35 -38.46
CA VAL S 49 6.36 32.99 -39.70
C VAL S 49 7.11 31.71 -39.37
N ASN S 50 7.43 30.92 -40.40
CA ASN S 50 8.14 29.67 -40.17
C ASN S 50 9.64 29.88 -40.15
N ASP S 51 10.06 31.13 -40.29
CA ASP S 51 11.47 31.44 -40.29
C ASP S 51 12.04 31.44 -38.88
N PRO S 52 13.34 31.15 -38.75
CA PRO S 52 13.99 31.15 -37.44
C PRO S 52 14.07 32.63 -37.05
N PRO S 53 14.26 32.93 -35.76
CA PRO S 53 14.33 34.35 -35.41
C PRO S 53 15.47 35.16 -36.08
N ARG S 54 16.59 34.52 -36.36
CA ARG S 54 17.72 35.24 -37.00
C ARG S 54 17.28 35.86 -38.32
N ILE S 55 16.62 35.06 -39.15
CA ILE S 55 16.12 35.52 -40.43
C ILE S 55 15.15 36.70 -40.24
N VAL S 56 14.28 36.58 -39.24
CA VAL S 56 13.30 37.62 -38.95
C VAL S 56 13.97 38.91 -38.45
N LEU S 57 15.08 38.77 -37.75
CA LEU S 57 15.79 39.92 -37.26
C LEU S 57 16.42 40.67 -38.43
N ASP S 58 16.96 39.93 -39.40
CA ASP S 58 17.57 40.55 -40.56
C ASP S 58 16.49 41.30 -41.35
N LYS S 59 15.32 40.67 -41.51
CA LYS S 59 14.24 41.32 -42.24
C LYS S 59 13.81 42.62 -41.55
N LEU S 60 13.78 42.62 -40.22
CA LEU S 60 13.37 43.80 -39.49
C LEU S 60 14.41 44.94 -39.57
N GLU S 61 15.65 44.56 -39.84
CA GLU S 61 16.75 45.52 -39.98
C GLU S 61 16.44 46.38 -41.20
N CYS S 62 16.06 45.68 -42.27
CA CYS S 62 15.70 46.30 -43.53
C CYS S 62 14.54 47.26 -43.38
N ARG S 63 13.61 46.96 -42.48
CA ARG S 63 12.50 47.86 -42.28
C ARG S 63 12.82 48.87 -41.19
N GLY S 64 14.10 49.01 -40.89
CA GLY S 64 14.55 49.99 -39.92
C GLY S 64 14.39 49.75 -38.44
N PHE S 65 14.48 48.49 -38.00
CA PHE S 65 14.35 48.18 -36.58
C PHE S 65 15.67 47.76 -35.98
N ARG S 66 15.83 47.98 -34.69
CA ARG S 66 17.05 47.60 -34.00
C ARG S 66 16.69 46.86 -32.70
N VAL S 67 17.46 45.81 -32.40
CA VAL S 67 17.23 45.06 -31.19
C VAL S 67 17.69 45.91 -30.01
N LEU S 68 16.78 46.14 -29.08
CA LEU S 68 17.10 46.93 -27.90
C LEU S 68 17.41 46.01 -26.74
N SER S 69 16.66 44.91 -26.66
CA SER S 69 16.87 43.96 -25.59
C SER S 69 16.36 42.58 -25.96
N MET S 70 16.99 41.54 -25.42
CA MET S 70 16.58 40.17 -25.68
C MET S 70 16.53 39.47 -24.33
N THR S 71 15.49 38.68 -24.11
CA THR S 71 15.40 37.97 -22.84
C THR S 71 14.75 36.62 -22.98
N GLY S 72 14.94 35.80 -21.95
CA GLY S 72 14.33 34.49 -21.94
C GLY S 72 13.29 34.54 -20.84
N VAL S 73 12.12 33.97 -21.13
CA VAL S 73 11.05 33.88 -20.15
C VAL S 73 10.51 32.46 -20.33
N GLY S 74 10.85 31.59 -19.38
CA GLY S 74 10.44 30.21 -19.50
C GLY S 74 11.35 29.61 -20.54
N GLN S 75 10.78 28.90 -21.50
CA GLN S 75 11.56 28.31 -22.57
C GLN S 75 11.38 29.12 -23.82
N THR S 76 10.84 30.34 -23.65
CA THR S 76 10.60 31.23 -24.78
C THR S 76 11.63 32.36 -24.82
N LEU S 77 12.10 32.64 -26.03
CA LEU S 77 13.09 33.69 -26.23
C LEU S 77 12.34 34.88 -26.82
N VAL S 78 12.56 36.07 -26.24
CA VAL S 78 11.87 37.27 -26.70
C VAL S 78 12.81 38.44 -27.05
N TRP S 79 12.48 39.12 -28.15
CA TRP S 79 13.26 40.27 -28.62
C TRP S 79 12.43 41.55 -28.64
N CYS S 80 13.01 42.61 -28.07
CA CYS S 80 12.35 43.91 -28.05
C CYS S 80 13.07 44.79 -29.05
N LEU S 81 12.41 45.12 -30.17
CA LEU S 81 13.01 45.97 -31.20
C LEU S 81 12.36 47.35 -31.26
N HIS S 82 13.17 48.33 -31.66
CA HIS S 82 12.71 49.72 -31.76
C HIS S 82 12.99 50.33 -33.14
N LYS S 83 12.01 51.06 -33.66
CA LYS S 83 12.13 51.70 -34.96
C LYS S 83 13.12 52.86 -34.82
N GLU S 84 14.36 52.60 -35.20
CA GLU S 84 15.43 53.58 -35.13
C GLU S 84 16.04 53.83 -36.52
N MET T 1 23.47 40.28 -43.98
CA MET T 1 23.22 39.44 -42.77
C MET T 1 23.83 40.09 -41.51
N PRO T 2 23.16 41.11 -40.97
CA PRO T 2 23.70 41.77 -39.79
C PRO T 2 23.54 41.05 -38.45
N TYR T 3 22.40 40.38 -38.23
CA TYR T 3 22.21 39.70 -36.94
C TYR T 3 22.72 38.27 -36.82
N LEU T 4 23.23 37.98 -35.63
CA LEU T 4 23.79 36.67 -35.32
C LEU T 4 23.32 36.22 -33.94
N LEU T 5 23.03 34.93 -33.79
CA LEU T 5 22.61 34.36 -32.51
C LEU T 5 23.47 33.15 -32.15
N ILE T 6 24.16 33.20 -31.02
CA ILE T 6 24.96 32.06 -30.60
C ILE T 6 24.57 31.65 -29.17
N SER T 7 24.83 30.40 -28.81
CA SER T 7 24.47 29.94 -27.47
C SER T 7 25.36 28.84 -26.93
N THR T 8 25.25 28.61 -25.64
CA THR T 8 26.00 27.55 -24.99
C THR T 8 25.13 27.05 -23.83
N GLN T 9 25.22 25.75 -23.53
CA GLN T 9 24.42 25.15 -22.47
C GLN T 9 25.09 24.93 -21.12
N ILE T 10 24.25 24.95 -20.08
CA ILE T 10 24.69 24.70 -18.71
C ILE T 10 25.82 25.55 -18.13
N ARG T 11 27.05 25.30 -18.56
CA ARG T 11 28.19 26.06 -18.05
C ARG T 11 28.89 26.79 -19.16
N MET T 12 29.27 28.03 -18.91
CA MET T 12 29.91 28.85 -19.94
C MET T 12 31.40 28.68 -20.13
N GLU T 13 32.14 28.29 -19.09
CA GLU T 13 33.58 28.16 -19.28
C GLU T 13 34.04 26.99 -20.14
N VAL T 14 33.13 26.38 -20.89
CA VAL T 14 33.51 25.24 -21.73
C VAL T 14 32.51 25.15 -22.88
N GLY T 15 32.92 24.55 -23.99
CA GLY T 15 32.01 24.44 -25.12
C GLY T 15 31.12 23.23 -24.95
N PRO T 16 30.39 22.81 -26.00
CA PRO T 16 30.35 23.45 -27.32
C PRO T 16 29.52 24.74 -27.35
N THR T 17 29.74 25.55 -28.38
CA THR T 17 28.99 26.79 -28.56
C THR T 17 28.23 26.67 -29.89
N MET T 18 26.90 26.82 -29.85
CA MET T 18 26.13 26.74 -31.07
C MET T 18 26.28 28.10 -31.75
N VAL T 19 26.63 28.09 -33.03
CA VAL T 19 26.85 29.34 -33.73
C VAL T 19 26.06 29.54 -35.03
N GLY T 20 25.10 28.66 -35.33
CA GLY T 20 24.34 28.88 -36.54
C GLY T 20 23.32 27.83 -36.94
N ASP T 21 22.36 28.26 -37.76
CA ASP T 21 21.31 27.38 -38.25
C ASP T 21 21.60 26.99 -39.69
N GLU T 22 20.66 26.31 -40.33
CA GLU T 22 20.85 25.86 -41.70
C GLU T 22 21.17 26.98 -42.68
N HIS T 23 20.52 28.12 -42.53
CA HIS T 23 20.74 29.23 -43.43
C HIS T 23 21.79 30.22 -42.99
N SER T 24 22.75 29.75 -42.20
CA SER T 24 23.81 30.63 -41.74
C SER T 24 24.85 30.84 -42.82
N ASP T 25 25.56 31.96 -42.74
CA ASP T 25 26.60 32.31 -43.68
C ASP T 25 27.68 31.23 -43.67
N PRO T 26 27.75 30.43 -44.74
CA PRO T 26 28.73 29.35 -44.83
C PRO T 26 30.15 29.83 -44.59
N GLU T 27 30.48 31.01 -45.11
CA GLU T 27 31.82 31.53 -44.96
C GLU T 27 32.11 31.88 -43.51
N LEU T 28 31.16 32.54 -42.85
CA LEU T 28 31.35 32.90 -41.44
C LEU T 28 31.46 31.63 -40.59
N MET T 29 30.65 30.63 -40.90
CA MET T 29 30.69 29.39 -40.15
C MET T 29 32.08 28.76 -40.30
N GLN T 30 32.61 28.80 -41.52
CA GLN T 30 33.92 28.24 -41.79
C GLN T 30 35.00 29.03 -41.06
N GLN T 31 34.87 30.35 -41.05
CA GLN T 31 35.85 31.18 -40.37
C GLN T 31 35.92 30.83 -38.90
N LEU T 32 34.78 30.46 -38.33
CA LEU T 32 34.72 30.11 -36.91
C LEU T 32 35.22 28.70 -36.65
N GLY T 33 35.33 27.90 -37.71
CA GLY T 33 35.79 26.53 -37.57
C GLY T 33 34.65 25.62 -37.13
N ALA T 34 33.44 26.03 -37.46
CA ALA T 34 32.25 25.29 -37.07
C ALA T 34 31.89 24.15 -38.00
N SER T 35 31.30 23.11 -37.42
CA SER T 35 30.86 21.95 -38.17
C SER T 35 29.34 21.97 -38.12
N LYS T 36 28.73 21.30 -39.08
CA LYS T 36 27.27 21.23 -39.19
C LYS T 36 26.85 19.85 -38.70
N ARG T 37 25.81 19.78 -37.88
CA ARG T 37 25.31 18.49 -37.40
C ARG T 37 23.83 18.55 -37.10
N ARG T 38 23.24 17.38 -36.91
CA ARG T 38 21.83 17.27 -36.61
C ARG T 38 21.71 16.31 -35.43
N VAL T 39 21.62 16.86 -34.22
CA VAL T 39 21.52 16.05 -33.03
C VAL T 39 20.21 15.28 -33.00
N LEU T 40 20.29 14.01 -32.59
CA LEU T 40 19.14 13.12 -32.49
C LEU T 40 18.07 13.81 -31.64
N GLY T 41 16.86 13.88 -32.17
CA GLY T 41 15.80 14.53 -31.42
C GLY T 41 15.42 15.88 -31.99
N ASN T 42 16.39 16.55 -32.61
CA ASN T 42 16.15 17.85 -33.22
C ASN T 42 15.79 17.66 -34.68
N ASN T 43 14.81 18.43 -35.16
CA ASN T 43 14.40 18.33 -36.55
C ASN T 43 14.97 19.54 -37.27
N PHE T 44 16.28 19.70 -37.16
CA PHE T 44 16.97 20.82 -37.80
C PHE T 44 18.46 20.64 -37.65
N TYR T 45 19.22 21.32 -38.51
CA TYR T 45 20.67 21.25 -38.45
C TYR T 45 21.19 22.44 -37.68
N GLU T 46 22.40 22.31 -37.14
CA GLU T 46 23.04 23.38 -36.38
C GLU T 46 24.53 23.43 -36.70
N TYR T 47 25.15 24.59 -36.47
CA TYR T 47 26.58 24.77 -36.65
C TYR T 47 27.10 24.94 -35.23
N TYR T 48 28.19 24.27 -34.90
CA TYR T 48 28.76 24.37 -33.56
C TYR T 48 30.29 24.33 -33.58
N VAL T 49 30.89 24.71 -32.47
CA VAL T 49 32.34 24.70 -32.30
C VAL T 49 32.61 24.22 -30.90
N ASN T 50 33.78 23.63 -30.67
CA ASN T 50 34.12 23.15 -29.35
C ASN T 50 34.67 24.22 -28.44
N ASP T 51 34.74 25.44 -28.96
CA ASP T 51 35.27 26.54 -28.16
C ASP T 51 34.22 27.07 -27.19
N PRO T 52 34.68 27.63 -26.07
CA PRO T 52 33.76 28.20 -25.07
C PRO T 52 33.22 29.47 -25.72
N PRO T 53 32.09 29.99 -25.24
CA PRO T 53 31.57 31.20 -25.87
C PRO T 53 32.50 32.40 -25.88
N ARG T 54 33.33 32.56 -24.85
CA ARG T 54 34.22 33.71 -24.81
C ARG T 54 35.12 33.75 -26.03
N ILE T 55 35.72 32.61 -26.37
CA ILE T 55 36.59 32.52 -27.54
C ILE T 55 35.80 32.85 -28.80
N VAL T 56 34.55 32.41 -28.87
CA VAL T 56 33.73 32.67 -30.05
C VAL T 56 33.34 34.15 -30.14
N LEU T 57 33.23 34.81 -29.00
CA LEU T 57 32.89 36.23 -29.00
C LEU T 57 34.08 37.05 -29.52
N ASP T 58 35.29 36.69 -29.11
CA ASP T 58 36.46 37.39 -29.58
C ASP T 58 36.60 37.18 -31.09
N LYS T 59 36.33 35.98 -31.57
CA LYS T 59 36.44 35.72 -33.00
C LYS T 59 35.42 36.56 -33.77
N LEU T 60 34.21 36.70 -33.25
CA LEU T 60 33.19 37.47 -33.93
C LEU T 60 33.50 38.98 -33.92
N GLU T 61 34.29 39.41 -32.94
CA GLU T 61 34.72 40.81 -32.83
C GLU T 61 35.53 41.12 -34.09
N CYS T 62 36.47 40.23 -34.38
CA CYS T 62 37.33 40.35 -35.54
C CYS T 62 36.54 40.42 -36.83
N ARG T 63 35.40 39.76 -36.89
CA ARG T 63 34.62 39.81 -38.10
C ARG T 63 33.59 40.92 -38.03
N GLY T 64 33.84 41.87 -37.14
CA GLY T 64 32.98 43.02 -36.99
C GLY T 64 31.62 42.88 -36.32
N PHE T 65 31.53 42.02 -35.31
CA PHE T 65 30.25 41.85 -34.61
C PHE T 65 30.33 42.39 -33.19
N ARG T 66 29.20 42.86 -32.68
CA ARG T 66 29.17 43.38 -31.32
C ARG T 66 28.01 42.77 -30.56
N VAL T 67 28.23 42.47 -29.29
CA VAL T 67 27.17 41.91 -28.48
C VAL T 67 26.16 43.01 -28.14
N LEU T 68 24.92 42.79 -28.55
CA LEU T 68 23.84 43.74 -28.29
C LEU T 68 23.10 43.32 -27.02
N SER T 69 22.87 42.01 -26.86
CA SER T 69 22.17 41.54 -25.69
C SER T 69 22.54 40.08 -25.40
N MET T 70 22.49 39.72 -24.12
CA MET T 70 22.79 38.37 -23.66
C MET T 70 21.68 37.97 -22.69
N THR T 71 21.19 36.75 -22.82
CA THR T 71 20.15 36.31 -21.92
C THR T 71 20.23 34.83 -21.62
N GLY T 72 19.50 34.42 -20.58
CA GLY T 72 19.48 33.03 -20.21
C GLY T 72 18.07 32.56 -20.47
N VAL T 73 17.93 31.37 -21.04
CA VAL T 73 16.62 30.79 -21.28
C VAL T 73 16.80 29.33 -20.86
N GLY T 74 16.23 28.99 -19.72
CA GLY T 74 16.39 27.64 -19.22
C GLY T 74 17.81 27.57 -18.72
N GLN T 75 18.56 26.56 -19.16
CA GLN T 75 19.94 26.44 -18.72
C GLN T 75 20.85 26.83 -19.86
N THR T 76 20.27 27.43 -20.89
CA THR T 76 21.03 27.85 -22.05
C THR T 76 21.28 29.36 -22.05
N LEU T 77 22.53 29.72 -22.33
CA LEU T 77 22.95 31.11 -22.38
C LEU T 77 22.96 31.50 -23.86
N VAL T 78 22.33 32.64 -24.18
CA VAL T 78 22.26 33.12 -25.57
C VAL T 78 22.79 34.55 -25.77
N TRP T 79 23.47 34.77 -26.89
CA TRP T 79 24.02 36.08 -27.23
C TRP T 79 23.48 36.58 -28.56
N CYS T 80 23.05 37.83 -28.58
CA CYS T 80 22.54 38.44 -29.80
C CYS T 80 23.58 39.45 -30.25
N LEU T 81 24.24 39.16 -31.38
CA LEU T 81 25.27 40.05 -31.90
C LEU T 81 24.82 40.73 -33.19
N HIS T 82 25.32 41.95 -33.40
CA HIS T 82 24.97 42.72 -34.58
C HIS T 82 26.22 43.15 -35.34
N LYS T 83 26.15 43.12 -36.67
CA LYS T 83 27.26 43.51 -37.53
C LYS T 83 27.34 45.03 -37.50
N GLU T 84 28.25 45.53 -36.67
CA GLU T 84 28.47 46.97 -36.50
C GLU T 84 29.90 47.38 -36.85
#